data_7CWM
#
_entry.id   7CWM
#
loop_
_entity.id
_entity.type
_entity.pdbx_description
1 polymer 'Spike glycoprotein'
2 polymer 'P17 heavy chain'
3 polymer 'P17 light chain'
4 branched 2-acetamido-2-deoxy-beta-D-glucopyranose-(1-4)-2-acetamido-2-deoxy-beta-D-glucopyranose
5 non-polymer 2-acetamido-2-deoxy-beta-D-glucopyranose
#
loop_
_entity_poly.entity_id
_entity_poly.type
_entity_poly.pdbx_seq_one_letter_code
_entity_poly.pdbx_strand_id
1 'polypeptide(L)'
;MFVFLVLLPLVSSQCVNLTTRTQLPPAYTNSFTRGVYYPDKVFRSSVLHSTQDLFLPFFSNVTWFHAIHVSGTNGTKRFD
NPVLPFNDGVYFASTEKSNIIRGWIFGTTLDSKTQSLLIVNNATNVVIKVCEFQFCNDPFLGVYYHKNNKSWMESEFRVY
SSANNCTFEYVSQPFLMDLEGKQGNFKNLREFVFKNIDGYFKIYSKHTPINLVRDLPQGFSALEPLVDLPIGINITRFQT
LLALHRSYLTPGDSSSGWTAGAAAYYVGYLQPRTFLLKYNENGTITDAVDCALDPLSETKCTLKSFTVEKGIYQTSNFRV
QPTESIVRFPNITNLCPFGEVFNATRFASVYAWNRKRISNCVADYSVLYNSASFSTFKCYGVSPTKLNDLCFTNVYADSF
VIRGDEVRQIAPGQTGKIADYNYKLPDDFTGCVIAWNSNNLDSKVGGNYNYLYRLFRKSNLKPFERDISTEIYQAGSTPC
NGVEGFNCYFPLQSYGFQPTNGVGYQPYRVVVLSFELLHAPATVCGPKKSTNLVKNKCVNFNFNGLTGTGVLTESNKKFL
PFQQFGRDIADTTDAVRDPQTLEILDITPCSFGGVSVITPGTNTSNQVAVLYQDVNCTEVPVAIHADQLTPTWRVYSTGS
NVFQTRAGCLIGAEHVNNSYECDIPIGAGICASYQTQTNSPRRARSVASQSIIAYTMSLGAENSVAYSNNSIAIPTNFTI
SVTTEILPVSMTKTSVDCTMYICGDSTECSNLLLQYGSFCTQLNRALTGIAVEQDKNTQEVFAQVKQIYKTPPIKDFGGF
NFSQILPDPSKPSKRSFIEDLLFNKVTLADAGFIKQYGDCLGDIAARDLICAQKFNGLTVLPPLLTDEMIAQYTSALLAG
TITSGWTFGAGAALQIPFAMQMAYRFNGIGVTQNVLYENQKLIANQFNSAIGKIQDSLSSTASALGKLQDVVNQNAQALN
TLVKQLSSNFGAISSVLNDILSRLDKVEAEVQIDRLITGRLQSLQTYVTQQLIRAAEIRASANLAATKMSECVLGQSKRV
DFCGKGYHLMSFPQSAPHGVVFLHVTYVPAQEKNFTTAPAICHDGKAHFPREGVFVSNGTHWFVTQRNFYEPQIITTDNT
FVSGNCDVVIGIVNNTVYDPLQPELDSFKEELDKYFKNHTSPDVDLGDISGINASVVNIQKEIDRLNEVAKNLNESLIDL
QELGKYEQYIKWPWYIWLGFIAGLIAIVMVTIMLCCMTSCCSCLKGCCSCGSCCKFDEDDSEPVLKGVKLHYT
;
A,B,C
2 'polypeptide(L)'
;QQLVESGGGVVQPGRSLRLSCAASGFTFSSYAMHWVRQAPGKGLEWVAVISYDGSNKYYADSVKGRFTISRDNSKNTLYL
QMNSLRAEDTAVYYCARHATLMNNKDIWGQGTLVTVSSAS
;
G,H,I
3 'polypeptide(L)'
;GDIQLTQSPSSLSASVGDRVTITCRASQSISSYLNWYQQKPGKAPKLLIYAASSLQSGVPSRFSGSGSGTDFTLTISSLQ
PEDFATYYCQQSYSTPRTFGQGTKVEIK
;
L,J,K
#
# COMPACT_ATOMS: atom_id res chain seq x y z
N GLN A 14 54.41 -10.72 46.03
CA GLN A 14 53.60 -10.53 47.23
C GLN A 14 52.57 -11.65 47.38
N CYS A 15 51.31 -11.33 47.09
CA CYS A 15 50.19 -12.25 47.22
C CYS A 15 50.12 -12.86 48.62
N VAL A 16 50.47 -12.05 49.63
CA VAL A 16 50.27 -12.49 51.01
C VAL A 16 48.77 -12.68 51.22
N ASN A 17 48.40 -13.82 51.79
CA ASN A 17 47.01 -14.25 51.84
C ASN A 17 46.59 -14.51 53.29
N LEU A 18 45.41 -14.02 53.65
CA LEU A 18 44.73 -14.42 54.87
C LEU A 18 43.27 -14.67 54.50
N THR A 19 42.77 -15.89 54.74
CA THR A 19 41.40 -16.21 54.25
C THR A 19 40.43 -16.52 55.40
N THR A 20 40.95 -16.84 56.60
CA THR A 20 40.09 -17.19 57.78
C THR A 20 39.17 -18.37 57.47
N ARG A 21 37.88 -18.27 57.83
CA ARG A 21 36.93 -19.37 57.66
C ARG A 21 35.54 -18.95 57.22
N THR A 22 34.85 -18.19 58.07
CA THR A 22 33.39 -18.21 58.10
C THR A 22 32.79 -17.36 57.00
N GLN A 23 31.55 -17.69 56.65
CA GLN A 23 30.69 -16.85 55.81
C GLN A 23 29.65 -16.17 56.69
N LEU A 24 28.85 -16.96 57.42
CA LEU A 24 27.62 -16.59 58.12
C LEU A 24 26.51 -16.43 57.10
N PRO A 25 25.26 -16.57 57.48
CA PRO A 25 24.18 -16.17 56.59
C PRO A 25 24.32 -14.69 56.27
N PRO A 26 24.33 -14.33 54.99
CA PRO A 26 24.51 -12.91 54.64
C PRO A 26 23.38 -12.08 55.23
N ALA A 27 23.75 -11.06 55.99
CA ALA A 27 22.75 -10.22 56.63
C ALA A 27 22.12 -9.35 55.55
N TYR A 28 20.82 -9.48 55.38
CA TYR A 28 20.16 -8.78 54.29
C TYR A 28 19.55 -7.47 54.81
N THR A 29 18.98 -6.73 53.89
CA THR A 29 18.33 -5.47 54.21
C THR A 29 17.38 -5.13 53.08
N ASN A 30 16.73 -3.99 53.20
CA ASN A 30 15.69 -3.57 52.27
C ASN A 30 16.02 -2.17 51.80
N SER A 31 16.34 -2.03 50.51
CA SER A 31 16.55 -0.71 49.96
C SER A 31 15.18 -0.10 49.68
N PHE A 32 14.88 1.00 50.36
CA PHE A 32 13.52 1.52 50.36
C PHE A 32 13.29 2.31 49.09
N THR A 33 13.90 3.49 49.02
CA THR A 33 14.05 4.26 47.80
C THR A 33 15.54 4.46 47.59
N ARG A 34 16.10 3.80 46.59
CA ARG A 34 17.55 3.79 46.48
C ARG A 34 17.97 3.48 45.06
N GLY A 35 19.19 3.87 44.73
CA GLY A 35 19.78 3.52 43.45
C GLY A 35 19.12 4.14 42.24
N VAL A 36 18.68 5.39 42.34
CA VAL A 36 18.10 6.10 41.21
C VAL A 36 19.11 7.13 40.74
N TYR A 37 19.71 6.87 39.58
CA TYR A 37 20.68 7.76 38.97
C TYR A 37 20.01 8.52 37.84
N TYR A 38 20.80 9.36 37.17
CA TYR A 38 20.29 10.10 36.03
C TYR A 38 20.69 9.37 34.77
N PRO A 39 19.78 8.71 34.07
CA PRO A 39 20.17 7.97 32.87
C PRO A 39 20.12 8.81 31.60
N ASP A 40 20.73 10.00 31.63
CA ASP A 40 20.90 10.92 30.52
C ASP A 40 21.58 12.18 31.04
N LYS A 41 22.16 12.95 30.11
CA LYS A 41 22.68 14.27 30.40
C LYS A 41 21.63 15.35 30.25
N VAL A 42 20.50 15.02 29.63
CA VAL A 42 19.51 16.01 29.23
C VAL A 42 18.90 16.63 30.48
N PHE A 43 18.90 17.95 30.54
CA PHE A 43 18.33 18.68 31.66
C PHE A 43 16.83 18.78 31.50
N ARG A 44 16.09 18.28 32.50
CA ARG A 44 14.64 18.38 32.49
C ARG A 44 14.19 18.98 33.81
N SER A 45 13.05 19.67 33.78
CA SER A 45 12.57 20.44 34.92
C SER A 45 11.12 20.08 35.21
N SER A 46 10.88 19.50 36.39
CA SER A 46 9.53 19.25 36.91
C SER A 46 8.65 18.54 35.89
N VAL A 47 9.17 17.44 35.34
CA VAL A 47 8.44 16.63 34.32
C VAL A 47 8.69 15.14 34.59
N LEU A 48 8.12 14.27 33.75
CA LEU A 48 8.30 12.80 33.91
C LEU A 48 9.03 12.23 32.69
N HIS A 49 10.10 11.47 32.94
CA HIS A 49 10.89 10.84 31.85
C HIS A 49 10.93 9.31 32.08
N SER A 50 9.81 8.64 31.84
CA SER A 50 9.69 7.21 32.06
C SER A 50 10.61 6.48 31.07
N THR A 51 11.56 5.72 31.60
CA THR A 51 12.39 4.82 30.82
C THR A 51 12.46 3.46 31.48
N GLN A 52 12.72 2.45 30.67
CA GLN A 52 12.96 1.09 31.14
C GLN A 52 14.45 0.81 30.99
N ASP A 53 15.15 0.76 32.13
CA ASP A 53 16.59 0.62 32.15
C ASP A 53 16.98 -0.23 33.34
N LEU A 54 18.24 -0.65 33.36
CA LEU A 54 18.78 -1.37 34.51
C LEU A 54 18.78 -0.48 35.74
N PHE A 55 18.16 -0.96 36.81
CA PHE A 55 18.18 -0.28 38.10
C PHE A 55 18.19 -1.31 39.21
N LEU A 56 18.30 -0.84 40.45
CA LEU A 56 18.06 -1.67 41.60
C LEU A 56 16.61 -1.44 42.03
N PRO A 57 15.70 -2.39 41.80
CA PRO A 57 14.29 -2.12 42.08
C PRO A 57 14.04 -1.90 43.56
N PHE A 58 13.08 -1.01 43.85
CA PHE A 58 12.82 -0.61 45.27
C PHE A 58 12.30 -1.77 46.11
N PHE A 59 12.37 -1.63 47.43
CA PHE A 59 11.89 -2.68 48.35
C PHE A 59 12.55 -4.00 47.98
N SER A 60 13.86 -3.96 47.70
CA SER A 60 14.58 -5.17 47.25
C SER A 60 15.51 -5.71 48.34
N ASN A 61 16.10 -6.87 48.10
CA ASN A 61 17.01 -7.53 49.06
C ASN A 61 18.42 -7.08 48.76
N VAL A 62 19.04 -6.45 49.75
CA VAL A 62 20.43 -5.97 49.57
C VAL A 62 21.28 -6.66 50.64
N THR A 63 22.38 -7.26 50.25
CA THR A 63 23.19 -7.99 51.25
C THR A 63 24.11 -7.02 51.98
N TRP A 64 23.87 -6.79 53.27
CA TRP A 64 24.81 -5.95 54.07
C TRP A 64 26.00 -6.83 54.41
N PHE A 65 27.12 -6.68 53.69
CA PHE A 65 28.29 -7.59 53.86
C PHE A 65 29.18 -7.24 55.06
N HIS A 66 30.17 -8.09 55.34
CA HIS A 66 31.12 -7.85 56.47
C HIS A 66 32.57 -8.08 56.03
N ALA A 67 33.52 -7.25 56.48
CA ALA A 67 34.96 -7.49 56.20
C ALA A 67 35.75 -6.91 57.39
N ILE A 68 36.93 -7.44 57.71
CA ILE A 68 37.65 -6.94 58.93
C ILE A 68 36.56 -6.70 59.98
N HIS A 69 35.75 -7.73 60.23
CA HIS A 69 34.60 -7.62 61.13
C HIS A 69 34.99 -8.09 62.52
N VAL A 70 34.59 -7.33 63.54
CA VAL A 70 34.84 -7.71 64.92
C VAL A 70 33.54 -8.12 65.59
N SER A 71 33.48 -9.38 66.03
CA SER A 71 32.44 -9.85 66.94
C SER A 71 33.14 -10.11 68.28
N GLY A 72 32.84 -9.26 69.26
CA GLY A 72 33.71 -9.12 70.41
C GLY A 72 33.86 -10.29 71.35
N THR A 73 35.10 -10.74 71.51
CA THR A 73 35.57 -11.40 72.72
C THR A 73 36.89 -10.72 73.10
N ASN A 74 37.92 -10.90 72.28
CA ASN A 74 38.97 -9.91 72.11
C ASN A 74 39.42 -9.99 70.66
N GLY A 75 39.46 -8.84 69.99
CA GLY A 75 39.86 -8.85 68.59
C GLY A 75 38.85 -9.61 67.75
N THR A 76 39.32 -10.67 67.09
CA THR A 76 38.54 -11.52 66.18
C THR A 76 38.00 -10.68 65.01
N LYS A 77 38.93 -10.29 64.15
CA LYS A 77 38.60 -9.60 62.91
C LYS A 77 38.35 -10.62 61.80
N ARG A 78 37.18 -10.56 61.19
CA ARG A 78 36.72 -11.56 60.24
C ARG A 78 36.80 -11.00 58.83
N PHE A 79 37.72 -11.52 58.03
CA PHE A 79 37.90 -11.12 56.64
C PHE A 79 37.08 -12.06 55.77
N ASP A 80 35.90 -11.60 55.34
CA ASP A 80 34.97 -12.43 54.60
C ASP A 80 34.82 -12.08 53.12
N ASN A 81 35.37 -10.97 52.65
CA ASN A 81 34.83 -10.40 51.41
C ASN A 81 35.02 -11.33 50.23
N PRO A 82 33.94 -11.90 49.68
CA PRO A 82 34.09 -12.89 48.60
C PRO A 82 34.26 -12.23 47.24
N VAL A 83 34.82 -13.02 46.31
CA VAL A 83 34.65 -12.70 44.91
C VAL A 83 33.17 -12.82 44.57
N LEU A 84 32.62 -11.77 43.96
CA LEU A 84 31.19 -11.77 43.74
C LEU A 84 30.87 -11.62 42.26
N PRO A 85 29.88 -12.36 41.76
CA PRO A 85 29.51 -12.22 40.36
C PRO A 85 28.96 -10.83 40.09
N PHE A 86 29.14 -10.36 38.86
CA PHE A 86 28.57 -9.07 38.46
C PHE A 86 27.10 -9.19 38.10
N ASN A 87 26.70 -10.32 37.51
CA ASN A 87 25.32 -10.58 37.06
C ASN A 87 24.93 -9.47 36.08
N ASP A 88 23.72 -8.92 36.19
CA ASP A 88 23.26 -7.87 35.28
C ASP A 88 23.94 -6.53 35.54
N GLY A 89 23.74 -5.95 36.70
CA GLY A 89 24.46 -4.76 37.10
C GLY A 89 24.67 -4.79 38.59
N VAL A 90 25.48 -3.84 39.07
CA VAL A 90 25.92 -3.84 40.45
C VAL A 90 25.67 -2.48 41.09
N TYR A 91 25.18 -2.50 42.32
CA TYR A 91 25.02 -1.33 43.16
C TYR A 91 25.96 -1.48 44.35
N PHE A 92 26.36 -0.36 44.95
CA PHE A 92 27.27 -0.40 46.08
C PHE A 92 27.01 0.77 47.02
N ALA A 93 27.16 0.52 48.32
CA ALA A 93 26.94 1.55 49.33
C ALA A 93 27.84 1.27 50.52
N SER A 94 28.31 2.35 51.17
CA SER A 94 29.16 2.20 52.34
C SER A 94 29.11 3.49 53.15
N THR A 95 29.52 3.38 54.41
CA THR A 95 29.63 4.54 55.29
C THR A 95 31.10 4.88 55.50
N GLU A 96 31.78 4.08 56.33
CA GLU A 96 33.24 4.07 56.43
C GLU A 96 33.78 5.47 56.75
N LYS A 97 33.41 5.97 57.94
CA LYS A 97 33.96 7.28 58.38
C LYS A 97 35.48 7.17 58.20
N SER A 98 36.09 6.08 58.69
CA SER A 98 37.53 5.85 58.42
C SER A 98 37.59 4.97 57.18
N ASN A 99 38.06 5.51 56.06
CA ASN A 99 38.00 4.70 54.81
C ASN A 99 38.88 3.48 54.93
N ILE A 100 38.38 2.33 54.52
CA ILE A 100 39.21 1.11 54.49
C ILE A 100 38.98 0.57 53.08
N ILE A 101 38.10 1.25 52.34
CA ILE A 101 37.71 0.78 51.02
C ILE A 101 38.26 1.74 49.98
N ARG A 102 38.73 1.19 48.86
CA ARG A 102 39.38 2.01 47.85
C ARG A 102 38.73 1.79 46.49
N GLY A 103 38.77 0.55 45.99
CA GLY A 103 38.30 0.27 44.66
C GLY A 103 37.84 -1.17 44.54
N TRP A 104 37.61 -1.60 43.30
CA TRP A 104 37.10 -2.94 43.03
C TRP A 104 37.90 -3.57 41.91
N ILE A 105 37.86 -4.89 41.84
CA ILE A 105 38.75 -5.66 40.98
C ILE A 105 38.11 -6.03 39.64
N PHE A 106 36.99 -5.38 39.29
CA PHE A 106 36.03 -5.94 38.34
C PHE A 106 36.70 -6.60 37.14
N GLY A 107 36.20 -7.78 36.78
CA GLY A 107 36.79 -8.55 35.71
C GLY A 107 35.95 -9.78 35.41
N THR A 108 36.57 -10.75 34.75
CA THR A 108 35.89 -12.00 34.47
C THR A 108 36.67 -13.18 35.06
N THR A 109 37.86 -13.43 34.52
CA THR A 109 38.69 -14.51 35.07
C THR A 109 39.33 -14.13 36.39
N LEU A 110 39.38 -12.83 36.70
CA LEU A 110 40.05 -12.30 37.90
C LEU A 110 41.53 -12.67 37.84
N ASP A 111 42.06 -12.65 36.64
CA ASP A 111 43.35 -13.24 36.30
C ASP A 111 43.77 -12.62 34.98
N SER A 112 44.82 -13.16 34.37
CA SER A 112 45.10 -12.84 32.97
C SER A 112 44.09 -13.55 32.09
N LYS A 113 44.30 -13.47 30.78
CA LYS A 113 43.47 -14.00 29.70
C LYS A 113 42.26 -13.10 29.42
N THR A 114 41.92 -12.20 30.32
CA THR A 114 40.92 -11.17 30.09
C THR A 114 41.48 -9.84 30.53
N GLN A 115 40.80 -8.77 30.19
CA GLN A 115 41.20 -7.48 30.75
C GLN A 115 40.85 -7.45 32.22
N SER A 116 41.20 -6.35 32.88
CA SER A 116 40.89 -6.20 34.29
C SER A 116 40.51 -4.75 34.56
N LEU A 117 39.38 -4.57 35.25
CA LEU A 117 39.05 -3.23 35.71
C LEU A 117 39.57 -3.03 37.12
N LEU A 118 40.75 -2.43 37.18
CA LEU A 118 41.36 -2.20 38.50
C LEU A 118 41.15 -0.73 38.84
N ILE A 119 39.95 -0.40 39.28
CA ILE A 119 39.78 1.01 39.70
C ILE A 119 40.46 1.11 41.08
N VAL A 120 41.47 1.96 41.20
CA VAL A 120 42.11 2.18 42.52
C VAL A 120 42.11 3.69 42.79
N ASN A 121 41.61 4.10 43.94
CA ASN A 121 41.76 5.52 44.33
C ASN A 121 43.25 5.81 44.53
N ASN A 122 44.02 4.90 45.14
CA ASN A 122 45.44 5.21 45.47
C ASN A 122 45.43 6.39 46.45
N ALA A 123 44.25 6.80 46.93
CA ALA A 123 44.10 7.88 47.95
C ALA A 123 44.43 9.28 47.42
N THR A 124 45.66 9.51 46.94
CA THR A 124 46.04 10.90 46.51
C THR A 124 45.12 11.38 45.39
N ASN A 125 44.80 10.51 44.42
CA ASN A 125 43.94 10.88 43.29
C ASN A 125 43.47 9.57 42.64
N VAL A 126 42.19 9.42 42.37
CA VAL A 126 41.76 8.09 41.86
C VAL A 126 42.53 7.77 40.58
N VAL A 127 43.15 6.60 40.51
CA VAL A 127 43.81 6.19 39.23
C VAL A 127 43.03 5.01 38.65
N ILE A 128 42.33 5.23 37.55
CA ILE A 128 41.48 4.16 36.98
C ILE A 128 42.38 3.30 36.10
N LYS A 129 42.33 1.99 36.31
CA LYS A 129 43.13 1.13 35.44
C LYS A 129 42.24 0.08 34.81
N VAL A 130 42.30 0.03 33.48
CA VAL A 130 41.77 -1.11 32.72
C VAL A 130 42.96 -1.78 32.06
N CYS A 131 43.35 -2.94 32.56
CA CYS A 131 44.59 -3.58 32.16
C CYS A 131 44.41 -5.09 32.19
N GLU A 132 45.51 -5.82 32.08
CA GLU A 132 45.55 -7.25 32.36
C GLU A 132 46.48 -7.47 33.55
N PHE A 133 45.92 -7.89 34.67
CA PHE A 133 46.68 -8.11 35.89
C PHE A 133 46.71 -9.59 36.25
N GLN A 134 47.45 -9.90 37.30
CA GLN A 134 47.33 -11.17 38.02
C GLN A 134 46.85 -10.87 39.42
N PHE A 135 45.58 -11.14 39.69
CA PHE A 135 45.05 -10.89 41.02
C PHE A 135 45.28 -12.10 41.92
N CYS A 136 45.76 -11.82 43.13
CA CYS A 136 46.12 -12.88 44.05
C CYS A 136 44.86 -13.57 44.57
N ASN A 137 45.08 -14.57 45.43
CA ASN A 137 43.96 -15.26 46.06
C ASN A 137 43.24 -14.41 47.11
N ASP A 138 43.96 -13.52 47.78
CA ASP A 138 43.38 -12.62 48.79
C ASP A 138 43.83 -11.20 48.49
N PRO A 139 43.35 -10.61 47.40
CA PRO A 139 43.85 -9.29 47.01
C PRO A 139 43.29 -8.17 47.88
N PHE A 140 44.13 -7.17 48.12
CA PHE A 140 43.77 -5.92 48.80
C PHE A 140 45.01 -5.05 48.80
N LEU A 141 44.79 -3.74 48.98
CA LEU A 141 45.89 -2.78 48.96
C LEU A 141 46.55 -2.74 50.33
N GLY A 142 47.85 -3.03 50.36
CA GLY A 142 48.60 -2.86 51.58
C GLY A 142 49.05 -1.42 51.76
N VAL A 143 49.04 -0.97 53.01
CA VAL A 143 49.51 0.36 53.37
C VAL A 143 50.56 0.19 54.46
N TYR A 144 51.64 0.94 54.35
CA TYR A 144 52.72 0.87 55.32
C TYR A 144 53.26 2.28 55.52
N TYR A 145 54.33 2.39 56.31
CA TYR A 145 54.95 3.70 56.59
C TYR A 145 56.24 3.80 55.78
N HIS A 146 56.36 4.79 54.90
CA HIS A 146 57.53 4.91 53.99
C HIS A 146 58.83 5.12 54.79
N LYS A 147 58.80 5.93 55.85
CA LYS A 147 60.00 6.23 56.68
C LYS A 147 60.86 7.23 55.89
N ASN A 148 60.43 7.54 54.66
CA ASN A 148 61.11 8.56 53.83
C ASN A 148 59.99 9.57 53.61
N ASN A 149 60.23 10.86 53.85
CA ASN A 149 59.11 11.84 53.81
C ASN A 149 58.18 11.44 54.97
N LYS A 150 58.44 10.29 55.62
CA LYS A 150 57.68 9.91 56.80
C LYS A 150 56.20 9.85 56.54
N SER A 151 55.82 9.30 55.39
CA SER A 151 54.41 9.24 55.01
C SER A 151 53.96 7.79 55.00
N TRP A 152 52.68 7.61 54.68
CA TRP A 152 52.11 6.27 54.55
C TRP A 152 51.93 5.96 53.08
N MET A 153 52.76 5.08 52.55
CA MET A 153 52.58 4.65 51.17
C MET A 153 51.52 3.57 51.10
N GLU A 154 51.21 3.16 49.87
CA GLU A 154 50.29 2.06 49.63
C GLU A 154 50.99 1.07 48.72
N SER A 155 51.24 -0.12 49.23
CA SER A 155 51.77 -1.19 48.39
C SER A 155 50.60 -1.73 47.58
N GLU A 156 50.67 -1.56 46.27
CA GLU A 156 49.56 -1.93 45.40
C GLU A 156 49.67 -3.34 44.87
N PHE A 157 50.82 -4.00 45.07
CA PHE A 157 50.98 -5.34 44.55
C PHE A 157 50.62 -6.40 45.59
N ARG A 158 50.13 -5.98 46.76
CA ARG A 158 49.48 -6.92 47.64
C ARG A 158 48.12 -7.30 47.08
N VAL A 159 47.59 -6.48 46.16
CA VAL A 159 46.41 -6.84 45.39
C VAL A 159 46.81 -7.85 44.34
N TYR A 160 47.64 -7.41 43.40
CA TYR A 160 47.95 -8.14 42.19
C TYR A 160 49.45 -8.22 41.98
N SER A 161 49.91 -9.36 41.47
CA SER A 161 51.34 -9.52 41.21
C SER A 161 51.76 -8.78 39.95
N SER A 162 51.28 -9.23 38.80
CA SER A 162 51.70 -8.70 37.51
C SER A 162 50.82 -7.54 37.10
N ALA A 163 51.45 -6.55 36.47
CA ALA A 163 50.75 -5.49 35.75
C ALA A 163 51.43 -5.33 34.40
N ASN A 164 50.71 -5.65 33.32
CA ASN A 164 51.27 -5.63 31.98
C ASN A 164 50.14 -5.64 30.97
N ASN A 165 50.50 -5.52 29.69
CA ASN A 165 49.57 -5.60 28.55
C ASN A 165 48.56 -4.46 28.55
N CYS A 166 48.62 -3.55 29.52
CA CYS A 166 47.48 -2.73 29.90
C CYS A 166 46.83 -2.03 28.71
N THR A 167 45.51 -2.14 28.63
CA THR A 167 44.70 -1.52 27.59
C THR A 167 44.38 -0.06 27.86
N PHE A 168 44.02 0.30 29.09
CA PHE A 168 43.53 1.66 29.33
C PHE A 168 44.01 2.15 30.70
N GLU A 169 44.11 3.47 30.80
CA GLU A 169 44.53 4.15 32.03
C GLU A 169 43.82 5.49 32.09
N TYR A 170 43.49 5.92 33.31
CA TYR A 170 42.86 7.22 33.51
C TYR A 170 43.09 7.68 34.94
N VAL A 171 42.97 9.00 35.13
CA VAL A 171 43.11 9.62 36.44
C VAL A 171 42.05 10.70 36.58
N SER A 172 41.54 10.89 37.79
CA SER A 172 40.54 11.92 38.05
C SER A 172 40.63 12.35 39.51
N GLN A 173 39.80 13.32 39.88
CA GLN A 173 39.65 13.73 41.27
C GLN A 173 38.99 12.62 42.08
N PRO A 174 39.39 12.47 43.35
CA PRO A 174 39.00 11.27 44.10
C PRO A 174 37.49 11.15 44.25
N PHE A 175 36.98 9.98 43.87
CA PHE A 175 35.57 9.69 44.05
C PHE A 175 35.26 9.53 45.53
N LEU A 176 36.02 8.67 46.21
CA LEU A 176 36.01 8.57 47.65
C LEU A 176 36.55 9.88 48.21
N MET A 177 35.79 10.49 49.13
CA MET A 177 36.17 11.76 49.70
C MET A 177 35.71 11.79 51.14
N ASP A 178 36.50 12.39 52.02
CA ASP A 178 36.09 12.55 53.39
C ASP A 178 35.66 13.99 53.65
N LEU A 179 35.09 14.20 54.83
CA LEU A 179 34.81 15.52 55.38
C LEU A 179 35.23 15.50 56.83
N GLU A 180 34.55 14.63 57.58
CA GLU A 180 34.79 14.29 58.98
C GLU A 180 34.72 15.53 59.88
N GLY A 181 35.52 15.56 60.95
CA GLY A 181 35.30 16.51 62.02
C GLY A 181 33.95 16.40 62.71
N LYS A 182 33.10 15.45 62.30
CA LYS A 182 31.69 15.42 62.68
C LYS A 182 31.37 14.44 63.79
N GLN A 183 32.37 13.72 64.31
CA GLN A 183 32.18 12.71 65.37
C GLN A 183 30.96 11.83 65.08
N GLY A 184 30.79 11.48 63.82
CA GLY A 184 29.61 10.76 63.37
C GLY A 184 28.51 11.70 62.91
N ASN A 185 27.28 11.22 63.03
CA ASN A 185 26.07 11.96 62.68
C ASN A 185 25.96 12.19 61.18
N PHE A 186 27.06 11.96 60.46
CA PHE A 186 27.06 11.83 59.01
C PHE A 186 27.28 10.38 58.59
N LYS A 187 28.40 9.80 59.00
CA LYS A 187 28.88 8.49 58.58
C LYS A 187 29.36 8.57 57.14
N ASN A 188 29.07 9.69 56.48
CA ASN A 188 29.42 9.93 55.08
C ASN A 188 29.03 8.73 54.23
N LEU A 189 27.73 8.49 54.16
CA LEU A 189 27.26 7.35 53.37
C LEU A 189 27.61 7.58 51.90
N ARG A 190 28.28 6.61 51.30
CA ARG A 190 28.84 6.74 49.97
C ARG A 190 28.36 5.59 49.11
N GLU A 191 27.80 5.92 47.94
CA GLU A 191 27.21 4.95 47.04
C GLU A 191 27.89 5.01 45.69
N PHE A 192 28.04 3.85 45.06
CA PHE A 192 28.64 3.82 43.73
C PHE A 192 27.91 2.77 42.91
N VAL A 193 27.42 3.18 41.74
CA VAL A 193 26.71 2.29 40.83
C VAL A 193 27.60 2.00 39.64
N PHE A 194 27.59 0.74 39.22
CA PHE A 194 28.48 0.26 38.17
C PHE A 194 27.65 -0.50 37.16
N LYS A 195 27.55 0.02 35.95
CA LYS A 195 26.74 -0.57 34.90
C LYS A 195 27.57 -0.69 33.63
N ASN A 196 27.64 -1.90 33.09
CA ASN A 196 28.50 -2.20 31.95
C ASN A 196 27.63 -2.51 30.74
N ILE A 197 27.59 -1.60 29.78
CA ILE A 197 26.78 -1.72 28.59
C ILE A 197 27.53 -1.08 27.42
N ASP A 198 27.20 -1.53 26.21
CA ASP A 198 27.47 -0.86 24.94
C ASP A 198 28.85 -0.21 24.86
N GLY A 199 29.87 -0.89 25.38
CA GLY A 199 31.20 -0.34 25.36
C GLY A 199 31.45 0.76 26.35
N TYR A 200 30.41 1.26 27.03
CA TYR A 200 30.56 2.27 28.07
C TYR A 200 30.18 1.68 29.42
N PHE A 201 31.19 1.47 30.27
CA PHE A 201 30.99 1.18 31.66
C PHE A 201 31.04 2.51 32.41
N LYS A 202 29.91 2.92 32.95
CA LYS A 202 29.75 4.24 33.54
C LYS A 202 29.69 4.14 35.05
N ILE A 203 30.29 5.11 35.73
CA ILE A 203 30.37 5.12 37.18
C ILE A 203 29.47 6.24 37.70
N TYR A 204 28.81 5.95 38.82
CA TYR A 204 27.93 6.90 39.47
C TYR A 204 28.36 7.04 40.92
N SER A 205 27.98 8.14 41.56
CA SER A 205 28.44 8.38 42.92
C SER A 205 27.42 9.25 43.64
N LYS A 206 27.70 9.50 44.92
CA LYS A 206 26.86 10.30 45.80
C LYS A 206 27.56 10.34 47.15
N HIS A 207 27.20 11.34 47.95
CA HIS A 207 27.66 11.42 49.33
C HIS A 207 26.50 11.94 50.18
N THR A 208 26.18 11.21 51.25
CA THR A 208 25.01 11.56 52.03
C THR A 208 25.31 11.43 53.52
N PRO A 209 24.78 12.36 54.33
CA PRO A 209 24.79 12.15 55.79
C PRO A 209 23.76 11.12 56.18
N ILE A 210 24.10 10.29 57.17
CA ILE A 210 23.14 9.36 57.76
C ILE A 210 23.40 9.31 59.27
N ASN A 211 22.34 9.52 60.05
CA ASN A 211 22.42 9.44 61.50
C ASN A 211 22.05 8.05 62.04
N LEU A 212 21.51 7.17 61.20
CA LEU A 212 21.08 5.87 61.67
C LEU A 212 22.31 5.00 61.95
N VAL A 213 22.11 3.99 62.79
CA VAL A 213 23.23 3.16 63.24
C VAL A 213 23.91 2.48 62.06
N ARG A 214 23.13 1.78 61.22
CA ARG A 214 23.72 1.11 60.07
C ARG A 214 22.94 1.37 58.78
N ASP A 215 21.74 0.81 58.71
CA ASP A 215 21.04 0.63 57.44
C ASP A 215 20.50 1.96 56.92
N LEU A 216 19.86 1.91 55.76
CA LEU A 216 19.61 3.05 54.90
C LEU A 216 18.31 3.78 55.27
N PRO A 217 18.23 5.08 54.99
CA PRO A 217 16.99 5.83 55.26
C PRO A 217 15.98 5.72 54.14
N GLN A 218 14.90 6.50 54.24
CA GLN A 218 13.84 6.52 53.24
C GLN A 218 14.09 7.53 52.12
N GLY A 219 15.18 8.29 52.18
CA GLY A 219 15.42 9.34 51.22
C GLY A 219 15.87 8.83 49.87
N PHE A 220 15.71 9.68 48.86
CA PHE A 220 16.14 9.39 47.51
C PHE A 220 17.57 9.85 47.29
N SER A 221 18.34 9.06 46.56
CA SER A 221 19.73 9.36 46.26
C SER A 221 19.92 9.42 44.75
N ALA A 222 20.21 10.61 44.24
CA ALA A 222 20.46 10.75 42.81
C ALA A 222 21.95 10.69 42.53
N LEU A 223 22.32 9.87 41.54
CA LEU A 223 23.72 9.60 41.24
C LEU A 223 24.03 10.11 39.84
N GLU A 224 24.95 11.04 39.75
CA GLU A 224 25.31 11.51 38.41
C GLU A 224 26.34 10.57 37.82
N PRO A 225 26.40 10.43 36.50
CA PRO A 225 27.50 9.68 35.89
C PRO A 225 28.81 10.45 36.07
N LEU A 226 29.82 9.73 36.56
CA LEU A 226 31.12 10.36 36.73
C LEU A 226 31.85 10.44 35.40
N VAL A 227 32.26 9.29 34.86
CA VAL A 227 32.91 9.20 33.57
C VAL A 227 32.27 8.08 32.77
N ASP A 228 32.06 8.33 31.48
CA ASP A 228 31.56 7.32 30.58
C ASP A 228 32.74 6.77 29.79
N LEU A 229 33.22 5.57 30.15
CA LEU A 229 34.51 5.12 29.54
C LEU A 229 34.37 4.01 28.52
N PRO A 230 35.24 4.00 27.47
CA PRO A 230 35.26 2.90 26.51
C PRO A 230 35.92 1.73 27.25
N ILE A 231 35.11 0.72 27.59
CA ILE A 231 35.64 -0.44 28.37
C ILE A 231 35.65 -1.64 27.44
N GLY A 232 34.54 -1.90 26.77
CA GLY A 232 34.45 -2.98 25.82
C GLY A 232 34.63 -4.39 26.35
N ILE A 233 34.77 -4.57 27.67
CA ILE A 233 34.85 -5.92 28.23
C ILE A 233 33.58 -6.25 28.98
N ASN A 234 33.20 -7.52 28.94
CA ASN A 234 32.17 -8.06 29.82
C ASN A 234 32.80 -8.39 31.17
N ILE A 235 32.19 -7.91 32.24
CA ILE A 235 32.63 -8.18 33.60
C ILE A 235 31.56 -9.04 34.26
N THR A 236 31.87 -10.31 34.51
CA THR A 236 30.92 -11.20 35.16
C THR A 236 31.16 -11.41 36.64
N ARG A 237 32.27 -10.92 37.20
CA ARG A 237 32.57 -11.21 38.60
C ARG A 237 33.58 -10.18 39.12
N PHE A 238 33.61 -10.03 40.44
CA PHE A 238 34.46 -9.00 41.03
C PHE A 238 34.61 -9.27 42.53
N GLN A 239 35.37 -8.39 43.18
CA GLN A 239 35.51 -8.28 44.63
C GLN A 239 36.00 -6.87 44.92
N THR A 240 35.80 -6.40 46.15
CA THR A 240 36.20 -5.05 46.53
C THR A 240 37.68 -5.06 46.88
N LEU A 241 38.18 -3.89 47.26
CA LEU A 241 39.56 -3.72 47.69
C LEU A 241 39.60 -3.11 49.08
N LEU A 242 40.77 -3.20 49.70
CA LEU A 242 40.90 -2.86 51.11
C LEU A 242 42.19 -2.09 51.33
N ALA A 243 42.24 -1.39 52.45
CA ALA A 243 43.44 -0.70 52.91
C ALA A 243 43.72 -1.12 54.34
N LEU A 244 44.82 -1.82 54.55
CA LEU A 244 45.22 -2.32 55.86
C LEU A 244 46.64 -1.84 56.11
N HIS A 245 47.18 -2.11 57.28
CA HIS A 245 48.51 -1.62 57.63
C HIS A 245 49.25 -2.59 58.51
N ARG A 246 50.39 -2.13 59.05
CA ARG A 246 51.20 -2.95 59.93
C ARG A 246 51.24 -2.36 61.33
N SER A 247 51.26 -3.23 62.33
CA SER A 247 51.48 -2.79 63.71
C SER A 247 52.78 -3.39 64.24
N TYR A 248 53.13 -3.02 65.47
CA TYR A 248 54.39 -3.42 66.07
C TYR A 248 54.17 -3.74 67.53
N LEU A 249 55.20 -4.31 68.17
CA LEU A 249 54.98 -5.36 69.16
C LEU A 249 53.96 -4.95 70.20
N THR A 250 52.89 -5.73 70.27
CA THR A 250 51.81 -5.66 71.25
C THR A 250 51.31 -7.08 71.45
N PRO A 251 50.72 -7.38 72.62
CA PRO A 251 50.19 -8.73 72.81
C PRO A 251 48.96 -9.01 71.95
N SER A 256 51.85 -10.78 62.10
CA SER A 256 52.14 -9.34 61.84
C SER A 256 50.89 -8.50 62.13
N GLY A 257 51.04 -7.20 62.39
CA GLY A 257 49.87 -6.31 62.61
C GLY A 257 49.01 -6.17 61.36
N TRP A 258 47.69 -6.18 61.49
CA TRP A 258 46.76 -6.13 60.32
C TRP A 258 45.36 -5.67 60.74
N THR A 259 44.39 -5.64 59.80
CA THR A 259 42.96 -5.36 60.13
C THR A 259 42.67 -4.01 60.80
N ALA A 260 42.82 -2.89 60.08
CA ALA A 260 42.49 -1.55 60.63
C ALA A 260 40.97 -1.33 60.76
N GLY A 261 40.50 -0.77 61.88
CA GLY A 261 39.10 -0.48 62.12
C GLY A 261 38.15 -1.60 61.73
N ALA A 262 36.92 -1.20 61.47
CA ALA A 262 35.88 -2.12 61.02
C ALA A 262 35.49 -1.76 59.60
N ALA A 263 34.97 -2.73 58.86
CA ALA A 263 34.56 -2.53 57.48
C ALA A 263 33.29 -3.31 57.18
N ALA A 264 32.31 -2.60 56.61
CA ALA A 264 31.08 -3.21 56.13
C ALA A 264 30.52 -2.36 55.00
N TYR A 265 29.82 -3.00 54.07
CA TYR A 265 29.25 -2.28 52.95
C TYR A 265 27.99 -3.00 52.48
N TYR A 266 27.36 -2.40 51.47
CA TYR A 266 26.09 -2.85 50.92
C TYR A 266 26.26 -3.15 49.44
N VAL A 267 25.64 -4.24 48.99
CA VAL A 267 25.67 -4.64 47.59
C VAL A 267 24.29 -5.13 47.19
N GLY A 268 23.89 -4.75 45.97
CA GLY A 268 22.68 -5.25 45.37
C GLY A 268 22.84 -5.28 43.87
N TYR A 269 22.06 -6.11 43.20
CA TYR A 269 22.22 -6.29 41.76
C TYR A 269 21.15 -5.50 41.01
N LEU A 270 21.54 -4.99 39.84
CA LEU A 270 20.62 -4.21 39.03
C LEU A 270 19.67 -5.14 38.27
N GLN A 271 18.80 -4.52 37.47
CA GLN A 271 17.69 -5.23 36.83
C GLN A 271 16.91 -4.25 35.95
N PRO A 272 16.48 -4.65 34.76
CA PRO A 272 15.68 -3.74 33.94
C PRO A 272 14.31 -3.50 34.58
N ARG A 273 13.97 -2.22 34.73
CA ARG A 273 12.68 -1.80 35.27
C ARG A 273 12.33 -0.46 34.68
N THR A 274 11.04 -0.17 34.61
CA THR A 274 10.55 1.10 34.10
C THR A 274 10.28 2.03 35.28
N PHE A 275 11.12 3.05 35.44
CA PHE A 275 10.98 3.97 36.58
C PHE A 275 10.60 5.36 36.06
N LEU A 276 9.46 5.89 36.53
CA LEU A 276 9.01 7.25 36.15
C LEU A 276 9.71 8.24 37.09
N LEU A 277 11.01 8.47 36.88
CA LEU A 277 11.78 9.38 37.76
C LEU A 277 11.17 10.77 37.65
N LYS A 278 10.98 11.43 38.79
CA LYS A 278 10.41 12.81 38.76
C LYS A 278 11.55 13.79 38.98
N TYR A 279 11.89 14.57 37.96
CA TYR A 279 12.97 15.59 38.09
C TYR A 279 12.37 16.76 38.88
N ASN A 280 13.17 17.49 39.64
CA ASN A 280 12.60 18.63 40.40
C ASN A 280 12.43 19.88 39.53
N GLU A 281 11.84 20.95 40.07
CA GLU A 281 11.56 22.18 39.29
C GLU A 281 12.87 22.79 38.77
N ASN A 282 13.93 22.75 39.59
CA ASN A 282 15.25 23.29 39.19
C ASN A 282 16.09 22.15 38.60
N GLY A 283 15.45 21.01 38.32
CA GLY A 283 16.19 19.82 37.85
C GLY A 283 16.46 18.90 39.03
N THR A 284 17.12 17.76 38.81
CA THR A 284 17.44 16.78 39.89
C THR A 284 16.25 15.84 40.15
N ILE A 285 16.38 14.52 39.91
CA ILE A 285 15.27 13.59 40.28
C ILE A 285 14.99 13.73 41.79
N THR A 286 13.78 14.10 42.17
CA THR A 286 13.41 14.18 43.61
C THR A 286 12.60 12.95 44.01
N ASP A 287 12.03 12.21 43.04
CA ASP A 287 11.15 11.06 43.38
C ASP A 287 11.11 10.10 42.19
N ALA A 288 10.96 8.78 42.45
CA ALA A 288 10.95 7.80 41.38
C ALA A 288 10.04 6.66 41.80
N VAL A 289 9.38 6.06 40.83
CA VAL A 289 8.43 4.98 41.09
C VAL A 289 8.67 3.86 40.08
N ASP A 290 8.84 2.64 40.59
CA ASP A 290 8.89 1.47 39.72
C ASP A 290 7.48 1.09 39.28
N CYS A 291 7.36 0.68 38.02
CA CYS A 291 6.06 0.25 37.51
C CYS A 291 5.72 -1.15 38.02
N ALA A 292 6.63 -2.09 37.80
CA ALA A 292 6.38 -3.50 38.19
C ALA A 292 6.76 -3.71 39.66
N LEU A 293 6.57 -2.69 40.51
CA LEU A 293 6.83 -2.88 41.95
C LEU A 293 5.67 -3.69 42.55
N ASP A 294 4.45 -3.22 42.31
CA ASP A 294 3.21 -3.92 42.76
C ASP A 294 2.08 -3.40 41.86
N PRO A 295 0.95 -4.11 41.66
CA PRO A 295 -0.16 -3.57 40.88
C PRO A 295 -0.49 -2.16 41.39
N LEU A 296 -0.14 -1.86 42.64
CA LEU A 296 -0.41 -0.54 43.26
C LEU A 296 0.35 0.58 42.51
N SER A 297 1.63 0.37 42.20
CA SER A 297 2.45 1.43 41.57
C SER A 297 2.12 1.51 40.08
N GLU A 298 1.78 0.38 39.47
CA GLU A 298 1.36 0.35 38.04
C GLU A 298 0.29 1.42 37.77
N THR A 299 -0.50 1.78 38.79
CA THR A 299 -1.56 2.81 38.61
C THR A 299 -0.90 4.15 38.23
N LYS A 300 0.04 4.61 39.06
CA LYS A 300 0.77 5.88 38.81
C LYS A 300 1.59 5.75 37.51
N CYS A 301 2.20 4.59 37.29
CA CYS A 301 3.03 4.36 36.07
C CYS A 301 2.16 4.41 34.82
N THR A 302 0.94 3.85 34.89
CA THR A 302 0.03 3.84 33.70
C THR A 302 -0.57 5.23 33.50
N LEU A 303 -1.03 5.86 34.58
CA LEU A 303 -1.65 7.22 34.50
C LEU A 303 -0.56 8.26 34.24
N LYS A 304 0.71 7.88 34.45
CA LYS A 304 1.89 8.75 34.25
C LYS A 304 1.79 10.01 35.13
N SER A 305 1.29 9.87 36.36
CA SER A 305 1.15 11.01 37.29
C SER A 305 1.64 10.59 38.68
N PHE A 306 2.32 11.51 39.39
CA PHE A 306 2.83 11.23 40.76
C PHE A 306 1.65 10.98 41.71
N THR A 307 0.58 11.75 41.53
CA THR A 307 -0.64 11.64 42.38
C THR A 307 -1.79 11.05 41.56
N VAL A 308 -2.48 10.05 42.11
CA VAL A 308 -3.62 9.38 41.41
C VAL A 308 -4.93 9.83 42.07
N GLU A 309 -5.88 10.30 41.25
CA GLU A 309 -7.20 10.79 41.76
C GLU A 309 -8.10 9.61 42.12
N LYS A 310 -8.98 9.82 43.10
CA LYS A 310 -9.93 8.81 43.56
C LYS A 310 -10.72 8.25 42.39
N GLY A 311 -10.69 6.94 42.24
CA GLY A 311 -11.41 6.30 41.16
C GLY A 311 -10.77 4.98 40.80
N ILE A 312 -11.27 4.41 39.71
CA ILE A 312 -10.81 3.11 39.20
C ILE A 312 -10.05 3.35 37.91
N TYR A 313 -8.90 2.72 37.79
CA TYR A 313 -8.03 2.86 36.64
C TYR A 313 -7.68 1.48 36.11
N GLN A 314 -7.51 1.36 34.81
CA GLN A 314 -7.27 0.06 34.21
C GLN A 314 -5.79 -0.10 33.94
N THR A 315 -5.14 -0.89 34.76
CA THR A 315 -3.77 -1.34 34.63
C THR A 315 -3.69 -2.42 33.56
N SER A 316 -2.46 -2.69 33.11
CA SER A 316 -2.21 -3.67 32.06
C SER A 316 -2.88 -5.00 32.36
N ASN A 317 -3.32 -5.66 31.29
CA ASN A 317 -4.06 -6.90 31.38
C ASN A 317 -3.17 -8.01 31.92
N PHE A 318 -3.80 -9.06 32.42
CA PHE A 318 -3.09 -10.27 32.81
C PHE A 318 -3.59 -11.44 31.99
N ARG A 319 -2.76 -12.47 31.89
CA ARG A 319 -3.11 -13.68 31.18
C ARG A 319 -2.75 -14.86 32.06
N VAL A 320 -3.47 -15.94 31.83
CA VAL A 320 -3.09 -17.16 32.56
C VAL A 320 -2.08 -17.79 31.63
N GLN A 321 -1.13 -18.50 32.17
CA GLN A 321 -0.07 -19.01 31.30
C GLN A 321 -0.16 -20.53 31.23
N PRO A 322 0.29 -21.20 30.14
CA PRO A 322 0.10 -22.64 29.99
C PRO A 322 1.04 -23.44 30.87
N THR A 323 0.51 -24.52 31.43
CA THR A 323 1.32 -25.41 32.24
C THR A 323 2.23 -26.28 31.39
N GLU A 324 1.71 -26.86 30.32
CA GLU A 324 2.41 -27.90 29.58
C GLU A 324 1.89 -27.96 28.16
N SER A 325 2.63 -28.66 27.32
CA SER A 325 2.20 -28.97 25.96
C SER A 325 1.59 -30.36 25.92
N ILE A 326 0.51 -30.52 25.15
CA ILE A 326 -0.18 -31.84 25.06
C ILE A 326 -0.51 -32.13 23.58
N VAL A 327 0.51 -32.37 22.76
CA VAL A 327 0.25 -32.70 21.33
C VAL A 327 -0.50 -34.03 21.29
N ARG A 328 -1.53 -34.14 20.43
CA ARG A 328 -2.31 -35.40 20.36
C ARG A 328 -2.26 -35.97 18.94
N PHE A 329 -1.76 -37.20 18.81
CA PHE A 329 -1.67 -37.89 17.49
C PHE A 329 -2.51 -39.15 17.61
N ASN A 334 9.15 -45.15 10.48
CA ASN A 334 9.86 -45.45 9.25
C ASN A 334 11.09 -44.59 9.10
N LEU A 335 11.48 -44.38 7.85
CA LEU A 335 12.46 -43.37 7.44
C LEU A 335 12.09 -42.92 6.04
N CYS A 336 12.30 -41.65 5.77
CA CYS A 336 11.97 -41.15 4.43
C CYS A 336 13.16 -41.35 3.49
N PRO A 337 12.93 -41.77 2.24
CA PRO A 337 14.03 -42.20 1.36
C PRO A 337 14.87 -41.08 0.78
N PHE A 338 15.46 -40.26 1.65
CA PHE A 338 16.31 -39.17 1.18
C PHE A 338 17.67 -39.70 0.74
N GLY A 339 18.05 -40.87 1.25
CA GLY A 339 19.21 -41.55 0.70
C GLY A 339 18.90 -42.18 -0.65
N GLU A 340 17.62 -42.38 -0.95
CA GLU A 340 17.21 -42.91 -2.25
C GLU A 340 16.82 -41.82 -3.24
N VAL A 341 16.57 -40.61 -2.76
CA VAL A 341 16.24 -39.50 -3.64
C VAL A 341 17.48 -38.66 -3.87
N PHE A 342 18.17 -38.32 -2.79
CA PHE A 342 19.24 -37.35 -2.91
C PHE A 342 20.54 -38.00 -3.34
N ASN A 343 20.74 -39.26 -3.01
CA ASN A 343 21.85 -40.02 -3.54
C ASN A 343 21.44 -40.90 -4.73
N ALA A 344 20.37 -40.54 -5.42
CA ALA A 344 19.89 -41.34 -6.54
C ALA A 344 20.84 -41.25 -7.72
N THR A 345 20.80 -42.27 -8.58
CA THR A 345 21.83 -42.43 -9.59
C THR A 345 21.44 -41.84 -10.94
N ARG A 346 20.15 -41.55 -11.15
CA ARG A 346 19.68 -41.22 -12.50
C ARG A 346 18.46 -40.32 -12.40
N PHE A 347 18.68 -39.02 -12.55
CA PHE A 347 17.59 -38.06 -12.67
C PHE A 347 17.23 -37.88 -14.12
N ALA A 348 15.93 -37.79 -14.39
CA ALA A 348 15.50 -37.52 -15.75
C ALA A 348 15.61 -36.03 -16.05
N SER A 349 15.30 -35.68 -17.29
CA SER A 349 15.34 -34.29 -17.69
C SER A 349 14.08 -33.57 -17.24
N VAL A 350 13.90 -32.35 -17.75
CA VAL A 350 12.86 -31.48 -17.24
C VAL A 350 11.59 -31.65 -18.08
N TYR A 351 11.71 -32.28 -19.26
CA TYR A 351 10.51 -32.50 -20.06
C TYR A 351 9.69 -33.65 -19.51
N ALA A 352 10.35 -34.56 -18.78
CA ALA A 352 9.72 -35.71 -18.15
C ALA A 352 10.20 -35.93 -16.73
N TRP A 353 10.17 -34.88 -15.91
CA TRP A 353 10.75 -34.91 -14.57
C TRP A 353 10.04 -35.91 -13.65
N ASN A 354 10.85 -36.56 -12.81
CA ASN A 354 10.36 -37.58 -11.91
C ASN A 354 9.77 -36.96 -10.66
N ARG A 355 8.66 -37.52 -10.23
CA ARG A 355 7.91 -37.04 -9.07
C ARG A 355 7.63 -38.19 -8.14
N LYS A 356 7.89 -38.00 -6.85
CA LYS A 356 7.79 -39.07 -5.87
C LYS A 356 6.99 -38.54 -4.68
N ARG A 357 5.74 -38.99 -4.58
CA ARG A 357 4.90 -38.67 -3.44
C ARG A 357 5.42 -39.37 -2.21
N ILE A 358 5.76 -38.61 -1.18
CA ILE A 358 6.36 -39.16 0.02
C ILE A 358 5.52 -38.77 1.23
N SER A 359 5.22 -39.76 2.06
CA SER A 359 4.46 -39.63 3.29
C SER A 359 4.77 -40.86 4.13
N ASN A 360 4.27 -40.84 5.37
CA ASN A 360 4.29 -41.99 6.30
C ASN A 360 5.71 -42.45 6.62
N CYS A 361 6.54 -41.48 6.99
CA CYS A 361 7.93 -41.72 7.37
C CYS A 361 8.40 -40.53 8.20
N VAL A 362 9.72 -40.45 8.46
CA VAL A 362 10.24 -39.39 9.31
C VAL A 362 11.37 -38.66 8.59
N ALA A 363 11.48 -37.37 8.89
CA ALA A 363 12.35 -36.47 8.15
C ALA A 363 13.74 -36.43 8.79
N ASP A 364 14.77 -36.51 7.96
CA ASP A 364 16.15 -36.47 8.42
C ASP A 364 16.78 -35.11 8.14
N TYR A 365 16.03 -34.03 8.39
CA TYR A 365 16.36 -32.66 8.00
C TYR A 365 17.70 -32.11 8.49
N SER A 366 18.32 -32.79 9.44
CA SER A 366 19.63 -32.42 9.96
C SER A 366 20.71 -32.43 8.88
N VAL A 367 20.93 -33.58 8.24
CA VAL A 367 22.07 -33.73 7.34
C VAL A 367 21.85 -33.00 6.02
N LEU A 368 20.63 -32.55 5.77
CA LEU A 368 20.35 -31.61 4.70
C LEU A 368 21.21 -30.37 4.83
N TYR A 369 21.27 -29.83 6.05
CA TYR A 369 22.08 -28.64 6.29
C TYR A 369 23.52 -29.03 6.50
N ASN A 370 23.74 -30.24 7.04
CA ASN A 370 25.11 -30.71 7.28
C ASN A 370 25.77 -31.21 6.01
N SER A 371 25.02 -31.30 4.91
CA SER A 371 25.61 -31.70 3.62
C SER A 371 26.64 -30.67 3.16
N ALA A 372 26.19 -29.43 2.91
CA ALA A 372 27.03 -28.26 2.66
C ALA A 372 27.94 -28.41 1.43
N SER A 373 27.58 -29.31 0.53
CA SER A 373 28.20 -29.39 -0.79
C SER A 373 27.27 -28.89 -1.87
N PHE A 374 26.23 -28.14 -1.50
CA PHE A 374 25.14 -27.80 -2.39
C PHE A 374 25.24 -26.33 -2.75
N SER A 375 25.20 -26.04 -4.05
CA SER A 375 25.36 -24.68 -4.55
C SER A 375 24.25 -23.74 -4.12
N THR A 376 23.03 -24.00 -4.58
CA THR A 376 21.92 -23.08 -4.35
C THR A 376 20.84 -23.80 -3.58
N PHE A 377 20.67 -23.42 -2.32
CA PHE A 377 19.83 -24.16 -1.38
C PHE A 377 18.94 -23.13 -0.70
N LYS A 378 17.71 -22.99 -1.16
CA LYS A 378 16.85 -21.98 -0.56
C LYS A 378 15.52 -22.59 -0.16
N ASP A 389 11.18 -29.41 12.85
CA ASP A 389 10.08 -30.05 13.57
C ASP A 389 8.74 -29.73 12.94
N LEU A 390 8.59 -28.53 12.37
CA LEU A 390 7.33 -28.09 11.79
C LEU A 390 7.03 -28.90 10.55
N CYS A 391 6.10 -29.85 10.65
CA CYS A 391 6.07 -30.98 9.75
C CYS A 391 4.76 -31.06 8.97
N PHE A 392 4.68 -32.08 8.12
CA PHE A 392 3.98 -32.01 6.85
C PHE A 392 3.00 -33.17 6.69
N THR A 393 1.89 -32.90 6.00
CA THR A 393 0.92 -33.94 5.73
C THR A 393 1.40 -34.87 4.62
N ASN A 394 1.83 -34.29 3.51
CA ASN A 394 2.13 -35.05 2.30
C ASN A 394 3.06 -34.27 1.40
N VAL A 395 4.27 -34.78 1.20
CA VAL A 395 5.25 -33.98 0.48
C VAL A 395 5.41 -34.55 -0.93
N TYR A 396 5.79 -33.68 -1.83
CA TYR A 396 6.05 -34.05 -3.22
C TYR A 396 7.52 -33.77 -3.49
N ALA A 397 8.28 -34.83 -3.71
CA ALA A 397 9.69 -34.70 -4.03
C ALA A 397 9.89 -34.93 -5.51
N ASP A 398 10.10 -33.85 -6.28
CA ASP A 398 10.29 -34.02 -7.70
C ASP A 398 11.61 -33.42 -8.14
N SER A 399 12.34 -34.14 -8.98
CA SER A 399 13.70 -33.74 -9.30
C SER A 399 13.94 -33.81 -10.80
N PHE A 400 14.94 -33.04 -11.23
CA PHE A 400 15.34 -32.98 -12.63
C PHE A 400 16.74 -32.37 -12.70
N VAL A 401 17.25 -32.24 -13.92
CA VAL A 401 18.59 -31.73 -14.18
C VAL A 401 18.50 -30.59 -15.18
N ILE A 402 19.02 -29.42 -14.81
CA ILE A 402 19.01 -28.24 -15.65
C ILE A 402 20.40 -27.64 -15.69
N ARG A 403 20.53 -26.53 -16.40
CA ARG A 403 21.83 -25.91 -16.62
C ARG A 403 22.21 -24.98 -15.47
N GLY A 404 23.51 -24.69 -15.39
CA GLY A 404 24.00 -23.87 -14.30
C GLY A 404 23.66 -22.40 -14.43
N ASP A 405 23.20 -21.99 -15.62
CA ASP A 405 22.79 -20.61 -15.80
C ASP A 405 21.28 -20.44 -15.55
N GLU A 406 20.49 -21.42 -15.95
CA GLU A 406 19.04 -21.26 -15.94
C GLU A 406 18.42 -21.52 -14.57
N VAL A 407 19.22 -21.84 -13.56
CA VAL A 407 18.68 -22.28 -12.28
C VAL A 407 18.05 -21.11 -11.53
N ARG A 408 18.45 -19.89 -11.87
CA ARG A 408 17.81 -18.72 -11.28
C ARG A 408 16.40 -18.53 -11.83
N GLN A 409 16.12 -19.11 -13.01
CA GLN A 409 14.75 -19.23 -13.47
C GLN A 409 13.92 -20.05 -12.49
N ILE A 410 14.51 -21.09 -11.93
CA ILE A 410 13.81 -21.84 -10.88
C ILE A 410 13.75 -20.98 -9.64
N ALA A 411 12.58 -20.41 -9.40
CA ALA A 411 12.19 -19.57 -8.29
C ALA A 411 10.70 -19.43 -8.42
N PRO A 412 9.95 -19.47 -7.33
CA PRO A 412 8.48 -19.43 -7.44
C PRO A 412 7.98 -18.07 -7.92
N GLY A 413 7.50 -18.04 -9.15
CA GLY A 413 7.05 -16.80 -9.77
C GLY A 413 8.13 -16.05 -10.50
N GLN A 414 8.79 -16.70 -11.44
CA GLN A 414 9.72 -16.04 -12.36
C GLN A 414 9.42 -16.50 -13.78
N THR A 415 10.22 -16.01 -14.73
CA THR A 415 10.08 -16.36 -16.13
C THR A 415 11.39 -16.98 -16.60
N GLY A 416 11.46 -17.22 -17.89
CA GLY A 416 12.54 -17.98 -18.48
C GLY A 416 12.14 -19.42 -18.72
N LYS A 417 12.91 -20.07 -19.61
CA LYS A 417 12.42 -21.21 -20.40
C LYS A 417 11.99 -22.38 -19.53
N ILE A 418 12.78 -22.69 -18.50
CA ILE A 418 12.48 -23.82 -17.63
C ILE A 418 11.21 -23.57 -16.84
N ALA A 419 11.03 -22.33 -16.40
CA ALA A 419 9.77 -22.00 -15.75
C ALA A 419 8.70 -21.57 -16.73
N ASP A 420 9.00 -21.52 -18.02
CA ASP A 420 7.96 -21.08 -18.93
C ASP A 420 7.26 -22.27 -19.58
N TYR A 421 8.03 -23.27 -20.00
CA TYR A 421 7.47 -24.36 -20.77
C TYR A 421 7.84 -25.73 -20.22
N ASN A 422 8.71 -25.80 -19.23
CA ASN A 422 9.29 -27.06 -18.79
C ASN A 422 8.76 -27.50 -17.43
N TYR A 423 8.86 -26.65 -16.42
CA TYR A 423 8.48 -27.00 -15.07
C TYR A 423 8.07 -25.75 -14.32
N LYS A 424 6.89 -25.74 -13.72
CA LYS A 424 6.33 -24.49 -13.23
C LYS A 424 6.07 -24.56 -11.75
N LEU A 425 6.83 -23.78 -10.98
CA LEU A 425 6.50 -23.50 -9.60
C LEU A 425 5.23 -22.65 -9.53
N PRO A 426 4.39 -22.86 -8.50
CA PRO A 426 3.10 -22.18 -8.47
C PRO A 426 3.20 -20.71 -8.10
N ASP A 427 2.05 -20.06 -7.93
CA ASP A 427 2.04 -18.68 -7.49
C ASP A 427 2.23 -18.56 -5.98
N ASP A 428 1.76 -19.55 -5.23
CA ASP A 428 1.94 -19.60 -3.79
C ASP A 428 2.59 -20.94 -3.45
N PHE A 429 3.81 -20.89 -2.95
CA PHE A 429 4.66 -22.07 -2.86
C PHE A 429 5.23 -22.16 -1.45
N THR A 430 5.55 -23.37 -1.00
CA THR A 430 6.03 -23.59 0.35
C THR A 430 7.45 -24.14 0.38
N GLY A 431 7.78 -25.03 -0.54
CA GLY A 431 8.91 -25.93 -0.40
C GLY A 431 10.27 -25.29 -0.61
N CYS A 432 11.28 -26.15 -0.62
CA CYS A 432 12.66 -25.76 -0.76
C CYS A 432 13.18 -26.17 -2.13
N VAL A 433 14.02 -25.32 -2.70
CA VAL A 433 14.73 -25.64 -3.93
C VAL A 433 16.13 -26.05 -3.53
N ILE A 434 16.48 -27.26 -3.83
CA ILE A 434 17.81 -27.76 -3.52
C ILE A 434 18.54 -27.98 -4.83
N ALA A 435 19.72 -27.38 -4.93
CA ALA A 435 20.43 -27.32 -6.20
C ALA A 435 21.91 -27.52 -5.96
N TRP A 436 22.51 -28.42 -6.73
CA TRP A 436 23.96 -28.57 -6.69
C TRP A 436 24.44 -29.01 -8.06
N ASN A 437 25.76 -28.99 -8.21
CA ASN A 437 26.41 -29.42 -9.42
C ASN A 437 26.71 -30.91 -9.37
N SER A 438 26.50 -31.56 -10.50
CA SER A 438 26.94 -32.92 -10.71
C SER A 438 27.82 -33.03 -11.94
N ASN A 439 28.81 -32.14 -12.07
CA ASN A 439 29.63 -32.08 -13.28
C ASN A 439 30.48 -33.31 -13.46
N ASN A 440 30.91 -33.94 -12.36
CA ASN A 440 31.74 -35.12 -12.44
C ASN A 440 30.99 -36.37 -12.88
N LEU A 441 29.67 -36.32 -12.97
CA LEU A 441 28.88 -37.47 -13.37
C LEU A 441 28.20 -37.26 -14.71
N ASP A 442 27.45 -36.17 -14.86
CA ASP A 442 26.57 -35.95 -16.00
C ASP A 442 27.37 -35.64 -17.26
N SER A 443 28.15 -34.57 -17.20
CA SER A 443 28.89 -34.11 -18.38
C SER A 443 30.04 -35.07 -18.67
N LYS A 444 30.01 -35.67 -19.85
CA LYS A 444 30.96 -36.71 -20.20
C LYS A 444 31.77 -36.27 -21.41
N VAL A 445 33.02 -36.72 -21.47
CA VAL A 445 33.83 -36.51 -22.67
C VAL A 445 33.29 -37.37 -23.80
N GLY A 446 33.39 -36.85 -25.01
CA GLY A 446 32.62 -37.38 -26.12
C GLY A 446 31.22 -36.82 -26.21
N GLY A 447 30.79 -36.03 -25.23
CA GLY A 447 29.53 -35.32 -25.25
C GLY A 447 28.44 -36.01 -24.48
N ASN A 448 27.76 -35.26 -23.62
CA ASN A 448 26.52 -35.70 -22.99
C ASN A 448 25.38 -35.06 -23.76
N TYR A 449 24.52 -35.90 -24.32
CA TYR A 449 23.30 -35.46 -24.96
C TYR A 449 22.13 -36.34 -24.57
N ASN A 450 22.23 -37.02 -23.42
CA ASN A 450 21.09 -37.74 -22.86
C ASN A 450 19.99 -36.76 -22.47
N TYR A 451 20.37 -35.61 -21.92
CA TYR A 451 19.40 -34.72 -21.33
C TYR A 451 18.68 -33.90 -22.40
N LEU A 452 17.47 -33.47 -22.06
CA LEU A 452 16.58 -32.79 -22.99
C LEU A 452 15.83 -31.71 -22.22
N TYR A 453 14.98 -30.97 -22.95
CA TYR A 453 14.06 -29.99 -22.41
C TYR A 453 13.13 -29.59 -23.54
N ARG A 454 12.02 -28.97 -23.17
CA ARG A 454 11.08 -28.42 -24.15
C ARG A 454 11.36 -26.95 -24.34
N LEU A 455 11.48 -26.53 -25.60
CA LEU A 455 11.81 -25.15 -25.90
C LEU A 455 10.59 -24.33 -26.31
N PHE A 456 9.49 -24.96 -26.74
CA PHE A 456 8.34 -24.21 -27.18
C PHE A 456 7.06 -24.96 -26.85
N ARG A 457 5.98 -24.19 -26.71
CA ARG A 457 4.62 -24.66 -26.46
C ARG A 457 3.73 -23.45 -26.69
N LYS A 458 2.47 -23.69 -27.06
CA LYS A 458 1.56 -22.62 -27.44
C LYS A 458 0.93 -21.91 -26.25
N SER A 459 1.39 -22.17 -25.02
CA SER A 459 0.99 -21.40 -23.85
C SER A 459 2.05 -21.59 -22.78
N ASN A 460 2.01 -20.70 -21.78
CA ASN A 460 2.79 -20.93 -20.58
C ASN A 460 2.24 -22.14 -19.82
N LEU A 461 3.09 -22.71 -18.98
CA LEU A 461 2.82 -24.02 -18.41
C LEU A 461 2.09 -23.90 -17.09
N LYS A 462 1.07 -24.74 -16.93
CA LYS A 462 0.32 -24.81 -15.69
C LYS A 462 1.21 -25.35 -14.58
N PRO A 463 1.00 -24.94 -13.33
CA PRO A 463 1.97 -25.27 -12.27
C PRO A 463 1.99 -26.75 -11.91
N PHE A 464 3.21 -27.27 -11.76
CA PHE A 464 3.56 -28.66 -11.45
C PHE A 464 3.11 -29.67 -12.49
N GLU A 465 2.73 -29.27 -13.69
CA GLU A 465 2.29 -30.25 -14.67
C GLU A 465 3.37 -30.41 -15.74
N ARG A 466 3.87 -31.63 -15.89
CA ARG A 466 4.87 -31.92 -16.91
C ARG A 466 4.25 -31.88 -18.29
N ASP A 467 5.11 -31.97 -19.30
CA ASP A 467 4.68 -31.98 -20.69
C ASP A 467 5.52 -32.99 -21.44
N ILE A 468 4.99 -34.21 -21.58
CA ILE A 468 5.70 -35.25 -22.31
C ILE A 468 5.23 -35.33 -23.75
N SER A 469 4.22 -34.55 -24.12
CA SER A 469 3.67 -34.56 -25.46
C SER A 469 4.67 -33.96 -26.44
N THR A 470 5.35 -34.83 -27.18
CA THR A 470 6.42 -34.44 -28.08
C THR A 470 5.94 -34.20 -29.51
N GLU A 471 4.66 -33.86 -29.70
CA GLU A 471 4.14 -33.56 -31.02
C GLU A 471 4.67 -32.21 -31.51
N ILE A 472 4.52 -31.95 -32.79
CA ILE A 472 5.03 -30.74 -33.42
C ILE A 472 4.08 -29.60 -33.13
N TYR A 473 4.62 -28.48 -32.64
CA TYR A 473 3.85 -27.25 -32.52
C TYR A 473 3.96 -26.49 -33.83
N GLN A 474 2.89 -25.81 -34.21
CA GLN A 474 2.82 -25.08 -35.47
C GLN A 474 2.78 -23.58 -35.15
N ALA A 475 3.95 -22.95 -35.20
CA ALA A 475 4.04 -21.53 -34.85
C ALA A 475 3.32 -20.67 -35.88
N GLY A 476 3.69 -20.80 -37.14
CA GLY A 476 2.92 -20.21 -38.19
C GLY A 476 1.68 -21.03 -38.50
N SER A 477 0.85 -20.48 -39.38
CA SER A 477 -0.45 -21.07 -39.66
C SER A 477 -0.40 -22.28 -40.57
N THR A 478 0.74 -22.55 -41.22
CA THR A 478 0.83 -23.65 -42.18
C THR A 478 0.84 -24.99 -41.47
N PRO A 479 -0.15 -25.86 -41.68
CA PRO A 479 -0.26 -27.08 -40.87
C PRO A 479 0.77 -28.13 -41.29
N CYS A 480 1.64 -28.48 -40.35
CA CYS A 480 2.62 -29.54 -40.56
C CYS A 480 2.06 -30.92 -40.23
N ASN A 481 1.18 -30.99 -39.22
CA ASN A 481 0.36 -32.16 -38.89
C ASN A 481 1.22 -33.38 -38.58
N GLY A 482 1.98 -33.26 -37.48
CA GLY A 482 2.71 -34.38 -36.92
C GLY A 482 4.12 -34.53 -37.44
N VAL A 483 4.32 -34.42 -38.74
CA VAL A 483 5.66 -34.43 -39.32
C VAL A 483 6.19 -33.00 -39.23
N GLU A 484 7.51 -32.86 -39.28
CA GLU A 484 8.13 -31.55 -39.22
C GLU A 484 7.91 -30.81 -40.54
N GLY A 485 8.27 -29.54 -40.56
CA GLY A 485 8.17 -28.77 -41.79
C GLY A 485 8.50 -27.31 -41.65
N PHE A 486 7.80 -26.47 -42.41
CA PHE A 486 8.01 -25.02 -42.37
C PHE A 486 6.95 -24.35 -41.51
N ASN A 487 7.39 -23.31 -40.79
CA ASN A 487 6.74 -22.49 -39.78
C ASN A 487 6.59 -23.27 -38.47
N CYS A 488 6.96 -24.53 -38.47
CA CYS A 488 6.83 -25.41 -37.33
C CYS A 488 8.19 -25.98 -37.00
N TYR A 489 8.47 -26.15 -35.71
CA TYR A 489 9.73 -26.72 -35.27
C TYR A 489 9.46 -27.99 -34.50
N PHE A 490 10.54 -28.70 -34.20
CA PHE A 490 10.46 -29.81 -33.26
C PHE A 490 10.28 -29.24 -31.85
N PRO A 491 9.56 -29.93 -30.97
CA PRO A 491 9.37 -29.37 -29.62
C PRO A 491 10.61 -29.40 -28.75
N LEU A 492 11.35 -30.50 -28.73
CA LEU A 492 12.37 -30.71 -27.71
C LEU A 492 13.75 -30.36 -28.25
N GLN A 493 14.69 -30.19 -27.33
CA GLN A 493 16.08 -29.96 -27.67
C GLN A 493 16.92 -30.53 -26.55
N SER A 494 18.14 -30.92 -26.85
CA SER A 494 19.05 -31.37 -25.83
C SER A 494 19.74 -30.19 -25.15
N TYR A 495 20.54 -30.50 -24.14
CA TYR A 495 21.60 -29.64 -23.65
C TYR A 495 22.90 -30.16 -24.24
N GLY A 496 23.93 -29.31 -24.23
CA GLY A 496 25.27 -29.78 -24.56
C GLY A 496 26.13 -29.80 -23.32
N PHE A 497 26.39 -30.99 -22.77
CA PHE A 497 27.23 -31.11 -21.58
C PHE A 497 28.51 -31.85 -21.91
N GLN A 498 29.63 -31.24 -21.57
CA GLN A 498 30.97 -31.82 -21.50
C GLN A 498 31.65 -31.14 -20.32
N PRO A 499 32.70 -31.75 -19.75
CA PRO A 499 33.52 -31.03 -18.76
C PRO A 499 34.37 -29.91 -19.35
N THR A 500 34.36 -29.75 -20.68
CA THR A 500 34.95 -28.58 -21.33
C THR A 500 34.09 -27.33 -21.15
N ASN A 501 32.89 -27.46 -20.60
CA ASN A 501 32.04 -26.31 -20.36
C ASN A 501 32.62 -25.46 -19.24
N GLY A 502 32.28 -24.17 -19.24
CA GLY A 502 32.59 -23.32 -18.11
C GLY A 502 31.70 -23.61 -16.92
N VAL A 503 31.94 -22.85 -15.85
CA VAL A 503 31.26 -23.10 -14.58
C VAL A 503 29.79 -22.69 -14.67
N GLY A 504 29.47 -21.76 -15.58
CA GLY A 504 28.09 -21.35 -15.75
C GLY A 504 27.28 -22.36 -16.53
N TYR A 505 27.94 -23.29 -17.23
CA TYR A 505 27.27 -24.27 -18.06
C TYR A 505 27.32 -25.67 -17.46
N GLN A 506 27.42 -25.77 -16.14
CA GLN A 506 27.57 -27.06 -15.50
C GLN A 506 26.20 -27.61 -15.10
N PRO A 507 25.99 -28.92 -15.14
CA PRO A 507 24.67 -29.47 -14.86
C PRO A 507 24.35 -29.49 -13.38
N TYR A 508 23.18 -28.95 -13.05
CA TYR A 508 22.66 -28.99 -11.71
C TYR A 508 21.61 -30.07 -11.63
N ARG A 509 21.68 -30.86 -10.56
CA ARG A 509 20.65 -31.85 -10.27
C ARG A 509 19.69 -31.22 -9.28
N VAL A 510 18.78 -30.41 -9.77
CA VAL A 510 17.85 -29.66 -8.93
C VAL A 510 16.78 -30.63 -8.46
N VAL A 511 16.69 -30.84 -7.15
CA VAL A 511 15.57 -31.52 -6.56
C VAL A 511 14.74 -30.48 -5.83
N VAL A 512 13.43 -30.55 -6.00
CA VAL A 512 12.51 -29.59 -5.43
C VAL A 512 11.61 -30.33 -4.46
N LEU A 513 11.52 -29.81 -3.24
CA LEU A 513 10.63 -30.38 -2.25
C LEU A 513 9.45 -29.44 -2.04
N SER A 514 8.24 -29.99 -2.12
CA SER A 514 7.06 -29.17 -2.02
C SER A 514 6.16 -29.75 -0.95
N PHE A 515 5.50 -28.86 -0.21
CA PHE A 515 4.82 -29.31 1.00
C PHE A 515 3.39 -28.79 0.99
N GLU A 516 2.59 -29.29 1.93
CA GLU A 516 1.18 -28.94 1.99
C GLU A 516 0.66 -29.19 3.41
N LEU A 517 -0.65 -28.96 3.58
CA LEU A 517 -1.33 -29.17 4.86
C LEU A 517 -2.82 -29.38 4.58
N LEU A 518 -3.40 -30.40 5.22
CA LEU A 518 -4.75 -30.83 4.88
C LEU A 518 -5.49 -31.31 6.13
N HIS A 519 -6.74 -31.74 5.92
CA HIS A 519 -7.49 -32.54 6.89
C HIS A 519 -6.78 -33.85 7.25
N ALA A 520 -5.94 -34.35 6.35
CA ALA A 520 -5.04 -35.46 6.60
C ALA A 520 -4.03 -35.08 7.69
N PRO A 521 -3.59 -36.04 8.49
CA PRO A 521 -2.63 -35.71 9.54
C PRO A 521 -1.22 -35.55 8.97
N SER A 530 2.47 -39.06 22.34
CA SER A 530 1.10 -38.94 22.88
C SER A 530 1.21 -38.28 24.27
N THR A 531 0.48 -37.19 24.50
CA THR A 531 0.64 -36.48 25.79
C THR A 531 -0.66 -36.62 26.59
N ASN A 532 -0.58 -37.00 27.88
CA ASN A 532 -1.80 -37.31 28.67
C ASN A 532 -2.77 -36.14 28.67
N LEU A 533 -4.05 -36.42 28.57
CA LEU A 533 -5.02 -35.31 28.42
C LEU A 533 -5.14 -34.55 29.73
N VAL A 534 -5.18 -33.22 29.67
CA VAL A 534 -5.40 -32.44 30.93
C VAL A 534 -6.77 -31.75 30.85
N LYS A 535 -7.59 -31.93 31.88
CA LYS A 535 -8.96 -31.36 31.85
C LYS A 535 -9.00 -30.07 32.67
N ASN A 536 -9.55 -28.98 32.12
CA ASN A 536 -9.72 -27.72 32.88
C ASN A 536 -8.35 -27.16 33.32
N LYS A 537 -7.31 -27.32 32.52
CA LYS A 537 -6.04 -26.66 32.93
C LYS A 537 -5.60 -25.77 31.77
N CYS A 538 -5.14 -24.56 32.04
CA CYS A 538 -4.64 -23.78 30.87
C CYS A 538 -3.47 -24.61 30.36
N VAL A 539 -3.53 -25.05 29.11
CA VAL A 539 -2.47 -25.99 28.64
C VAL A 539 -2.24 -25.79 27.15
N ASN A 540 -0.98 -25.62 26.76
CA ASN A 540 -0.71 -25.64 25.34
C ASN A 540 -1.03 -27.04 24.81
N PHE A 541 -1.36 -27.13 23.53
CA PHE A 541 -1.76 -28.43 23.04
C PHE A 541 -1.49 -28.55 21.55
N ASN A 542 -1.44 -29.79 21.10
CA ASN A 542 -1.55 -30.15 19.70
C ASN A 542 -2.40 -31.40 19.59
N PHE A 543 -3.42 -31.35 18.73
CA PHE A 543 -4.21 -32.52 18.36
C PHE A 543 -4.11 -32.70 16.86
N ASN A 544 -3.51 -33.81 16.42
CA ASN A 544 -3.48 -34.16 15.01
C ASN A 544 -2.84 -33.08 14.16
N GLY A 545 -1.95 -32.30 14.77
CA GLY A 545 -1.36 -31.15 14.13
C GLY A 545 -2.09 -29.85 14.41
N LEU A 546 -3.39 -29.91 14.72
CA LEU A 546 -4.08 -28.72 15.16
C LEU A 546 -3.47 -28.21 16.46
N THR A 547 -3.10 -26.94 16.49
CA THR A 547 -2.44 -26.37 17.66
C THR A 547 -3.18 -25.15 18.16
N GLY A 548 -3.12 -24.96 19.47
CA GLY A 548 -3.67 -23.78 20.10
C GLY A 548 -3.39 -23.85 21.59
N THR A 549 -4.04 -22.97 22.34
CA THR A 549 -3.91 -23.01 23.79
C THR A 549 -5.27 -22.75 24.42
N GLY A 550 -5.68 -23.65 25.32
CA GLY A 550 -6.99 -23.52 25.90
C GLY A 550 -7.13 -24.34 27.15
N VAL A 551 -8.36 -24.42 27.62
CA VAL A 551 -8.72 -25.23 28.78
C VAL A 551 -9.59 -26.37 28.27
N LEU A 552 -9.05 -27.57 28.29
CA LEU A 552 -9.74 -28.73 27.72
C LEU A 552 -10.67 -29.33 28.77
N THR A 553 -11.91 -29.56 28.39
CA THR A 553 -12.92 -30.07 29.31
C THR A 553 -13.70 -31.18 28.62
N GLU A 554 -14.49 -31.91 29.41
CA GLU A 554 -15.48 -32.81 28.87
C GLU A 554 -16.67 -32.01 28.34
N SER A 555 -17.18 -32.41 27.18
CA SER A 555 -18.25 -31.68 26.54
C SER A 555 -19.21 -32.63 25.87
N ASN A 556 -20.49 -32.28 25.88
CA ASN A 556 -21.57 -33.14 25.43
C ASN A 556 -22.00 -32.88 24.00
N LYS A 557 -21.43 -31.89 23.31
CA LYS A 557 -21.75 -31.72 21.91
C LYS A 557 -21.33 -32.96 21.12
N LYS A 558 -22.14 -33.31 20.13
CA LYS A 558 -22.11 -34.66 19.56
C LYS A 558 -21.72 -34.60 18.09
N PHE A 559 -20.53 -35.10 17.77
CA PHE A 559 -20.05 -35.07 16.40
C PHE A 559 -20.72 -36.12 15.52
N LEU A 560 -20.59 -35.91 14.23
CA LEU A 560 -20.71 -36.99 13.28
C LEU A 560 -19.37 -37.69 13.14
N PRO A 561 -19.39 -39.01 12.95
CA PRO A 561 -18.15 -39.81 13.12
C PRO A 561 -16.95 -39.34 12.32
N PHE A 562 -17.11 -39.05 11.04
CA PHE A 562 -15.95 -38.71 10.21
C PHE A 562 -15.32 -37.41 10.62
N GLN A 563 -16.03 -36.59 11.38
CA GLN A 563 -15.63 -35.22 11.65
C GLN A 563 -14.37 -35.16 12.51
N GLN A 564 -13.74 -33.99 12.49
CA GLN A 564 -12.59 -33.75 13.34
C GLN A 564 -12.86 -32.61 14.30
N PHE A 565 -12.79 -31.39 13.81
CA PHE A 565 -12.98 -30.20 14.62
C PHE A 565 -14.45 -29.98 14.94
N GLY A 566 -14.69 -29.18 15.97
CA GLY A 566 -15.84 -28.30 15.99
C GLY A 566 -15.37 -26.88 15.74
N ARG A 567 -16.34 -26.00 15.49
CA ARG A 567 -16.04 -24.58 15.35
C ARG A 567 -17.21 -23.76 15.82
N ASP A 568 -16.92 -22.49 16.12
CA ASP A 568 -17.89 -21.53 16.60
C ASP A 568 -18.21 -20.55 15.47
N ILE A 569 -19.07 -19.58 15.79
CA ILE A 569 -19.50 -18.59 14.80
C ILE A 569 -18.30 -17.84 14.24
N ALA A 570 -17.26 -17.66 15.05
CA ALA A 570 -16.16 -16.74 14.73
C ALA A 570 -15.03 -17.40 13.97
N ASP A 571 -15.17 -18.65 13.55
CA ASP A 571 -14.12 -19.42 12.89
C ASP A 571 -12.94 -19.69 13.82
N THR A 572 -13.17 -19.61 15.11
CA THR A 572 -12.25 -20.13 16.11
C THR A 572 -12.35 -21.64 16.14
N THR A 573 -11.38 -22.29 16.75
CA THR A 573 -11.50 -23.73 16.98
C THR A 573 -12.09 -23.92 18.37
N ASP A 574 -13.39 -24.25 18.42
CA ASP A 574 -14.12 -24.30 19.68
C ASP A 574 -14.01 -25.64 20.40
N ALA A 575 -14.15 -26.74 19.67
CA ALA A 575 -14.25 -28.05 20.27
C ALA A 575 -13.53 -29.05 19.38
N VAL A 576 -12.74 -29.91 20.00
CA VAL A 576 -11.99 -30.91 19.25
C VAL A 576 -12.24 -32.27 19.87
N ARG A 577 -11.98 -33.30 19.09
CA ARG A 577 -12.18 -34.67 19.53
C ARG A 577 -10.81 -35.31 19.75
N ASP A 578 -10.63 -35.92 20.90
CA ASP A 578 -9.37 -36.57 21.22
C ASP A 578 -9.19 -37.70 20.23
N PRO A 579 -8.18 -37.73 19.33
CA PRO A 579 -8.04 -38.90 18.43
C PRO A 579 -7.83 -40.26 19.13
N GLN A 580 -6.94 -40.34 20.13
CA GLN A 580 -6.62 -41.66 20.75
C GLN A 580 -7.85 -42.26 21.44
N THR A 581 -8.60 -41.47 22.21
CA THR A 581 -9.87 -41.96 22.83
C THR A 581 -10.94 -40.98 22.40
N LEU A 582 -11.92 -41.42 21.61
CA LEU A 582 -12.83 -40.44 21.05
C LEU A 582 -13.63 -39.81 22.17
N GLU A 583 -13.47 -38.50 22.33
CA GLU A 583 -14.28 -37.75 23.28
C GLU A 583 -14.32 -36.31 22.80
N ILE A 584 -15.39 -35.62 23.17
CA ILE A 584 -15.64 -34.28 22.69
C ILE A 584 -15.05 -33.32 23.71
N LEU A 585 -13.98 -32.65 23.33
CA LEU A 585 -13.24 -31.79 24.25
C LEU A 585 -13.44 -30.34 23.83
N ASP A 586 -14.02 -29.55 24.71
CA ASP A 586 -14.07 -28.12 24.48
C ASP A 586 -12.68 -27.52 24.49
N ILE A 587 -12.55 -26.36 23.87
CA ILE A 587 -11.38 -25.54 23.99
C ILE A 587 -11.85 -24.16 24.43
N THR A 588 -11.54 -23.79 25.65
CA THR A 588 -11.72 -22.42 26.12
C THR A 588 -10.33 -21.89 26.43
N PRO A 589 -9.80 -20.92 25.69
CA PRO A 589 -8.50 -20.38 26.02
C PRO A 589 -8.53 -19.77 27.41
N CYS A 590 -7.38 -19.87 28.08
CA CYS A 590 -7.31 -19.49 29.48
C CYS A 590 -7.84 -18.09 29.69
N SER A 591 -8.55 -17.91 30.79
CA SER A 591 -9.22 -16.65 31.05
C SER A 591 -8.22 -15.52 31.14
N PHE A 592 -8.69 -14.31 30.82
CA PHE A 592 -7.88 -13.13 30.98
C PHE A 592 -8.82 -11.95 31.11
N GLY A 593 -8.30 -10.85 31.64
CA GLY A 593 -9.12 -9.69 31.85
C GLY A 593 -8.28 -8.51 32.26
N GLY A 594 -8.89 -7.33 32.17
CA GLY A 594 -8.20 -6.13 32.58
C GLY A 594 -8.04 -6.09 34.09
N VAL A 595 -6.81 -5.86 34.54
CA VAL A 595 -6.61 -5.49 35.92
C VAL A 595 -7.16 -4.09 36.13
N SER A 596 -7.88 -3.88 37.21
CA SER A 596 -8.37 -2.56 37.56
C SER A 596 -7.93 -2.24 38.97
N VAL A 597 -7.16 -1.17 39.13
CA VAL A 597 -6.69 -0.78 40.45
C VAL A 597 -7.71 0.18 41.02
N ILE A 598 -8.45 -0.26 42.02
CA ILE A 598 -9.41 0.59 42.70
C ILE A 598 -8.69 1.27 43.84
N THR A 599 -8.70 2.59 43.84
CA THR A 599 -8.06 3.32 44.89
C THR A 599 -8.85 4.56 45.25
N PRO A 600 -8.88 4.93 46.52
CA PRO A 600 -9.21 6.31 46.85
C PRO A 600 -8.07 7.17 46.36
N GLY A 601 -8.14 8.49 46.53
CA GLY A 601 -6.97 9.27 46.11
C GLY A 601 -5.77 8.89 46.97
N THR A 602 -4.54 8.99 46.43
CA THR A 602 -3.32 8.64 47.20
C THR A 602 -3.28 9.54 48.45
N ASN A 603 -3.59 10.83 48.22
CA ASN A 603 -3.89 11.85 49.25
C ASN A 603 -4.56 11.18 50.46
N THR A 604 -5.56 10.29 50.29
CA THR A 604 -6.08 9.73 51.53
C THR A 604 -5.35 8.45 51.94
N SER A 605 -4.86 7.67 50.97
CA SER A 605 -4.24 6.41 51.33
C SER A 605 -3.30 5.93 50.23
N ASN A 606 -2.42 5.03 50.62
CA ASN A 606 -1.61 4.26 49.69
C ASN A 606 -2.19 2.88 49.42
N GLN A 607 -3.35 2.58 49.98
CA GLN A 607 -3.91 1.24 49.91
C GLN A 607 -4.77 1.11 48.67
N VAL A 608 -4.61 0.00 47.96
CA VAL A 608 -5.37 -0.25 46.74
C VAL A 608 -6.10 -1.57 46.88
N ALA A 609 -7.22 -1.69 46.19
CA ALA A 609 -7.96 -2.94 46.09
C ALA A 609 -8.04 -3.30 44.62
N VAL A 610 -7.39 -4.37 44.24
CA VAL A 610 -7.31 -4.72 42.83
C VAL A 610 -8.53 -5.52 42.43
N LEU A 611 -9.06 -5.22 41.26
CA LEU A 611 -10.15 -5.97 40.67
C LEU A 611 -9.64 -6.68 39.42
N TYR A 612 -9.54 -8.00 39.47
CA TYR A 612 -9.34 -8.76 38.26
C TYR A 612 -10.70 -8.94 37.59
N GLN A 613 -10.84 -8.43 36.37
CA GLN A 613 -12.13 -8.45 35.73
C GLN A 613 -12.39 -9.79 35.06
N ASP A 614 -13.59 -10.32 35.29
CA ASP A 614 -14.11 -11.44 34.52
C ASP A 614 -13.22 -12.67 34.62
N VAL A 615 -12.87 -13.04 35.85
CA VAL A 615 -12.25 -14.34 36.12
C VAL A 615 -12.90 -14.91 37.36
N ASN A 616 -13.00 -16.23 37.40
CA ASN A 616 -13.36 -16.90 38.63
C ASN A 616 -12.15 -16.76 39.55
N CYS A 617 -12.37 -16.78 40.87
CA CYS A 617 -11.22 -16.52 41.73
C CYS A 617 -10.54 -17.85 42.00
N THR A 618 -9.53 -18.15 41.20
CA THR A 618 -8.52 -19.16 41.44
C THR A 618 -7.19 -18.59 40.96
N GLU A 619 -7.14 -18.28 39.66
CA GLU A 619 -5.92 -18.00 38.91
C GLU A 619 -5.09 -16.87 39.50
N VAL A 620 -5.62 -16.14 40.46
CA VAL A 620 -4.82 -15.25 41.28
C VAL A 620 -3.52 -15.89 41.72
N ASN A 641 -7.07 -10.60 51.27
CA ASN A 641 -8.49 -10.92 51.33
C ASN A 641 -9.10 -10.98 49.93
N VAL A 642 -9.94 -11.98 49.68
CA VAL A 642 -10.50 -12.23 48.37
C VAL A 642 -12.02 -12.21 48.46
N PHE A 643 -12.66 -11.53 47.51
CA PHE A 643 -14.11 -11.47 47.41
C PHE A 643 -14.52 -11.65 45.96
N GLN A 644 -15.24 -12.72 45.68
CA GLN A 644 -15.78 -12.95 44.34
C GLN A 644 -16.94 -12.00 44.09
N THR A 645 -17.10 -11.57 42.85
CA THR A 645 -18.12 -10.60 42.50
C THR A 645 -18.88 -11.06 41.27
N ARG A 646 -19.81 -10.23 40.83
CA ARG A 646 -20.39 -10.40 39.52
C ARG A 646 -19.49 -9.85 38.42
N ALA A 647 -18.72 -8.81 38.73
CA ALA A 647 -17.87 -8.18 37.72
C ALA A 647 -16.58 -8.97 37.51
N GLY A 648 -15.98 -9.45 38.59
CA GLY A 648 -14.73 -10.16 38.48
C GLY A 648 -14.21 -10.54 39.84
N CYS A 649 -12.92 -10.83 39.90
CA CYS A 649 -12.30 -11.25 41.15
C CYS A 649 -11.69 -10.02 41.81
N LEU A 650 -12.25 -9.63 42.95
CA LEU A 650 -11.88 -8.39 43.63
C LEU A 650 -11.02 -8.74 44.83
N ILE A 651 -9.78 -8.27 44.83
CA ILE A 651 -8.81 -8.58 45.87
C ILE A 651 -8.53 -7.34 46.68
N GLY A 652 -8.60 -7.46 48.00
CA GLY A 652 -8.10 -6.41 48.85
C GLY A 652 -9.14 -5.50 49.44
N ALA A 653 -10.42 -5.81 49.29
CA ALA A 653 -11.46 -5.03 49.90
C ALA A 653 -12.48 -5.96 50.56
N GLU A 654 -12.63 -5.83 51.86
CA GLU A 654 -13.59 -6.66 52.58
C GLU A 654 -15.00 -6.32 52.14
N HIS A 655 -15.80 -7.36 51.94
CA HIS A 655 -17.19 -7.17 51.55
C HIS A 655 -17.95 -6.47 52.67
N VAL A 656 -18.98 -5.73 52.30
CA VAL A 656 -19.87 -5.08 53.27
C VAL A 656 -21.31 -5.33 52.85
N ASN A 657 -22.17 -5.67 53.81
CA ASN A 657 -23.58 -5.79 53.50
C ASN A 657 -24.26 -4.44 53.35
N ASN A 658 -24.35 -3.67 54.43
CA ASN A 658 -25.17 -2.46 54.44
C ASN A 658 -24.73 -1.53 53.33
N SER A 659 -25.66 -1.20 52.44
CA SER A 659 -25.33 -0.57 51.18
C SER A 659 -25.50 0.93 51.27
N TYR A 660 -24.57 1.65 50.66
CA TYR A 660 -24.53 3.09 50.75
C TYR A 660 -24.60 3.66 49.33
N GLU A 661 -24.66 4.97 49.23
CA GLU A 661 -24.69 5.55 47.90
C GLU A 661 -23.38 5.30 47.19
N CYS A 662 -23.44 5.23 45.86
CA CYS A 662 -22.27 4.82 45.11
C CYS A 662 -21.16 5.84 45.26
N ASP A 663 -19.93 5.35 45.18
CA ASP A 663 -18.77 6.18 45.42
C ASP A 663 -17.77 6.03 44.28
N ILE A 664 -17.17 4.86 44.16
CA ILE A 664 -16.34 4.52 43.02
C ILE A 664 -17.04 3.38 42.28
N PRO A 665 -17.66 3.62 41.13
CA PRO A 665 -18.32 2.54 40.41
C PRO A 665 -17.32 1.49 39.98
N ILE A 666 -17.79 0.25 39.92
CA ILE A 666 -16.94 -0.87 39.52
C ILE A 666 -17.62 -1.63 38.40
N GLY A 667 -18.74 -2.26 38.73
CA GLY A 667 -19.56 -2.93 37.74
C GLY A 667 -20.67 -3.69 38.42
N ALA A 668 -21.73 -4.02 37.68
CA ALA A 668 -22.85 -4.78 38.20
C ALA A 668 -23.35 -4.21 39.52
N GLY A 669 -23.30 -2.89 39.65
CA GLY A 669 -23.77 -2.25 40.86
C GLY A 669 -22.96 -2.59 42.09
N ILE A 670 -21.65 -2.57 41.98
CA ILE A 670 -20.74 -2.75 43.11
C ILE A 670 -19.91 -1.48 43.20
N CYS A 671 -20.08 -0.73 44.28
CA CYS A 671 -19.40 0.54 44.43
C CYS A 671 -18.52 0.49 45.68
N ALA A 672 -17.26 0.85 45.52
CA ALA A 672 -16.27 0.78 46.58
C ALA A 672 -15.99 2.18 47.12
N SER A 673 -15.90 2.28 48.45
CA SER A 673 -15.53 3.51 49.11
C SER A 673 -14.49 3.20 50.18
N TYR A 674 -13.83 4.24 50.66
CA TYR A 674 -12.62 4.01 51.44
C TYR A 674 -12.89 3.69 52.90
N GLN A 675 -13.87 4.35 53.51
CA GLN A 675 -13.96 4.38 54.97
C GLN A 675 -14.23 2.99 55.53
N THR A 676 -13.95 2.84 56.83
CA THR A 676 -14.36 1.65 57.59
C THR A 676 -15.77 1.19 57.22
N SER A 689 -7.22 1.42 61.08
CA SER A 689 -8.67 1.57 61.13
C SER A 689 -9.29 1.28 59.78
N GLN A 690 -9.36 2.31 58.94
CA GLN A 690 -10.10 2.22 57.70
C GLN A 690 -9.47 1.26 56.72
N SER A 691 -10.31 0.69 55.86
CA SER A 691 -9.88 -0.19 54.79
C SER A 691 -10.86 -0.06 53.64
N ILE A 692 -10.36 -0.23 52.41
CA ILE A 692 -11.23 -0.17 51.24
C ILE A 692 -12.29 -1.25 51.36
N ILE A 693 -13.54 -0.86 51.17
CA ILE A 693 -14.63 -1.84 51.20
C ILE A 693 -15.24 -1.93 49.82
N ALA A 694 -16.20 -2.84 49.67
CA ALA A 694 -16.96 -2.98 48.44
C ALA A 694 -18.33 -3.49 48.81
N TYR A 695 -19.35 -3.00 48.14
CA TYR A 695 -20.71 -3.34 48.53
C TYR A 695 -21.63 -3.15 47.35
N THR A 696 -22.79 -3.80 47.41
CA THR A 696 -23.79 -3.60 46.38
C THR A 696 -24.24 -2.16 46.38
N MET A 697 -24.18 -1.52 45.22
CA MET A 697 -24.54 -0.12 45.12
C MET A 697 -25.98 0.08 45.55
N SER A 698 -26.18 0.96 46.52
CA SER A 698 -27.52 1.34 46.90
C SER A 698 -27.98 2.48 46.01
N LEU A 699 -29.24 2.44 45.62
CA LEU A 699 -29.79 3.45 44.71
C LEU A 699 -30.55 4.45 45.55
N GLY A 700 -30.00 5.66 45.66
CA GLY A 700 -30.67 6.70 46.40
C GLY A 700 -30.97 6.27 47.82
N ALA A 701 -31.92 6.99 48.42
CA ALA A 701 -32.43 6.67 49.74
C ALA A 701 -33.92 6.38 49.62
N GLU A 702 -34.35 5.25 50.16
CA GLU A 702 -35.72 4.83 49.98
C GLU A 702 -36.70 5.83 50.59
N ASN A 703 -37.83 6.00 49.91
CA ASN A 703 -38.97 6.73 50.43
C ASN A 703 -40.23 6.04 49.96
N SER A 704 -41.26 6.07 50.79
CA SER A 704 -42.59 5.61 50.39
C SER A 704 -43.54 6.74 50.69
N VAL A 705 -44.08 7.34 49.64
CA VAL A 705 -44.92 8.53 49.81
C VAL A 705 -46.22 8.10 50.45
N ALA A 706 -46.57 8.70 51.58
CA ALA A 706 -47.85 8.39 52.18
C ALA A 706 -48.93 8.95 51.28
N TYR A 707 -49.80 8.06 50.80
CA TYR A 707 -50.69 8.41 49.71
C TYR A 707 -52.08 7.95 50.03
N SER A 708 -53.05 8.79 49.75
CA SER A 708 -54.44 8.36 49.78
C SER A 708 -55.24 9.30 48.93
N ASN A 709 -56.39 8.81 48.49
CA ASN A 709 -57.19 9.48 47.48
C ASN A 709 -57.68 10.86 47.92
N ASN A 710 -57.73 11.14 49.21
CA ASN A 710 -58.05 12.48 49.68
C ASN A 710 -56.83 13.27 50.13
N SER A 711 -55.63 12.72 50.02
CA SER A 711 -54.46 13.32 50.66
C SER A 711 -53.69 14.19 49.69
N ILE A 712 -53.55 15.48 49.99
CA ILE A 712 -52.73 16.38 49.19
C ILE A 712 -51.73 17.07 50.10
N ALA A 713 -50.56 17.37 49.54
CA ALA A 713 -49.48 18.03 50.28
C ALA A 713 -49.05 19.27 49.52
N ILE A 714 -49.33 20.43 50.10
CA ILE A 714 -49.03 21.72 49.49
C ILE A 714 -47.84 22.33 50.21
N PRO A 715 -46.80 22.74 49.51
CA PRO A 715 -45.70 23.42 50.18
C PRO A 715 -46.12 24.80 50.66
N THR A 716 -45.76 25.12 51.90
CA THR A 716 -46.08 26.43 52.45
C THR A 716 -44.95 27.43 52.26
N ASN A 717 -43.80 26.98 51.79
CA ASN A 717 -42.64 27.85 51.79
C ASN A 717 -41.64 27.30 50.80
N PHE A 718 -40.71 28.16 50.39
CA PHE A 718 -39.85 27.85 49.26
C PHE A 718 -38.42 28.22 49.57
N THR A 719 -37.54 27.78 48.71
CA THR A 719 -36.16 28.22 48.69
C THR A 719 -35.79 28.60 47.28
N ILE A 720 -34.81 29.48 47.15
CA ILE A 720 -34.31 29.94 45.87
C ILE A 720 -32.88 29.45 45.76
N SER A 721 -32.64 28.48 44.91
CA SER A 721 -31.31 27.90 44.76
C SER A 721 -30.69 28.40 43.47
N VAL A 722 -29.39 28.61 43.50
CA VAL A 722 -28.62 29.00 42.32
C VAL A 722 -27.70 27.83 42.00
N THR A 723 -27.88 27.22 40.84
CA THR A 723 -27.16 26.02 40.48
C THR A 723 -26.31 26.29 39.25
N THR A 724 -24.99 26.25 39.43
CA THR A 724 -24.07 26.36 38.32
C THR A 724 -24.30 25.23 37.33
N GLU A 725 -24.29 25.57 36.05
CA GLU A 725 -24.33 24.59 34.98
C GLU A 725 -23.26 24.94 33.97
N ILE A 726 -22.44 23.97 33.62
CA ILE A 726 -21.19 24.21 32.91
C ILE A 726 -21.25 23.47 31.59
N LEU A 727 -20.88 24.16 30.51
CA LEU A 727 -20.95 23.60 29.19
C LEU A 727 -19.70 23.97 28.40
N PRO A 728 -19.17 23.07 27.59
CA PRO A 728 -18.19 23.48 26.60
C PRO A 728 -18.90 24.22 25.48
N VAL A 729 -18.16 25.11 24.82
CA VAL A 729 -18.74 25.87 23.73
C VAL A 729 -17.83 25.72 22.52
N SER A 730 -16.60 26.15 22.64
CA SER A 730 -15.62 25.98 21.60
C SER A 730 -14.46 25.14 22.11
N MET A 731 -13.70 24.60 21.17
CA MET A 731 -12.48 23.88 21.47
C MET A 731 -11.33 24.61 20.81
N THR A 732 -10.13 24.35 21.30
CA THR A 732 -8.96 25.06 20.79
C THR A 732 -8.83 24.88 19.29
N LYS A 733 -8.76 25.98 18.57
CA LYS A 733 -8.66 25.92 17.12
C LYS A 733 -7.22 25.60 16.75
N THR A 734 -7.04 24.48 16.07
CA THR A 734 -5.72 24.07 15.64
C THR A 734 -5.71 23.87 14.13
N SER A 735 -4.57 24.14 13.53
CA SER A 735 -4.37 23.91 12.11
C SER A 735 -2.98 23.32 11.94
N VAL A 736 -2.89 22.20 11.25
CA VAL A 736 -1.65 21.45 11.12
C VAL A 736 -1.14 21.60 9.70
N ASP A 737 0.17 21.73 9.56
CA ASP A 737 0.80 21.81 8.25
C ASP A 737 1.16 20.39 7.84
N CYS A 738 0.44 19.87 6.85
CA CYS A 738 0.58 18.46 6.51
C CYS A 738 1.93 18.16 5.89
N THR A 739 2.36 18.97 4.93
CA THR A 739 3.63 18.71 4.28
C THR A 739 4.79 18.78 5.26
N MET A 740 4.77 19.77 6.15
CA MET A 740 5.86 19.87 7.10
C MET A 740 5.79 18.79 8.15
N TYR A 741 4.62 18.63 8.79
CA TYR A 741 4.51 17.63 9.85
C TYR A 741 4.98 16.27 9.37
N ILE A 742 4.60 15.90 8.17
CA ILE A 742 5.05 14.62 7.64
C ILE A 742 6.52 14.69 7.27
N CYS A 743 6.85 15.55 6.33
CA CYS A 743 8.23 15.67 5.85
C CYS A 743 8.81 16.94 6.43
N GLY A 744 9.67 16.80 7.45
CA GLY A 744 10.42 17.95 7.94
C GLY A 744 11.55 18.30 6.99
N ASP A 745 11.58 19.55 6.52
CA ASP A 745 12.76 20.12 5.88
C ASP A 745 13.45 19.20 4.87
N SER A 746 12.69 18.38 4.17
CA SER A 746 13.25 17.45 3.19
C SER A 746 12.41 17.48 1.94
N THR A 747 13.00 17.92 0.84
CA THR A 747 12.32 17.79 -0.44
C THR A 747 12.20 16.33 -0.82
N GLU A 748 13.18 15.52 -0.45
CA GLU A 748 13.16 14.09 -0.75
C GLU A 748 11.85 13.48 -0.28
N CYS A 749 11.54 13.67 1.00
CA CYS A 749 10.26 13.22 1.52
C CYS A 749 9.13 14.02 0.90
N SER A 750 9.33 15.33 0.72
CA SER A 750 8.24 16.17 0.23
C SER A 750 7.77 15.74 -1.14
N ASN A 751 8.69 15.31 -2.01
CA ASN A 751 8.30 14.84 -3.33
C ASN A 751 7.47 13.57 -3.22
N LEU A 752 7.88 12.63 -2.37
CA LEU A 752 7.11 11.40 -2.20
C LEU A 752 5.68 11.69 -1.78
N LEU A 753 5.49 12.69 -0.92
CA LEU A 753 4.14 13.00 -0.44
C LEU A 753 3.21 13.32 -1.59
N LEU A 754 3.74 13.91 -2.66
CA LEU A 754 2.92 14.23 -3.82
C LEU A 754 2.29 13.00 -4.44
N GLN A 755 2.88 11.83 -4.21
CA GLN A 755 2.36 10.61 -4.79
C GLN A 755 1.17 10.06 -4.02
N TYR A 756 0.85 10.62 -2.86
CA TYR A 756 -0.40 10.33 -2.18
C TYR A 756 -1.48 11.35 -2.51
N GLY A 757 -1.18 12.31 -3.38
CA GLY A 757 -2.22 13.18 -3.88
C GLY A 757 -2.73 14.14 -2.85
N SER A 758 -4.05 14.14 -2.70
CA SER A 758 -4.78 15.21 -2.02
C SER A 758 -4.92 14.99 -0.52
N PHE A 759 -4.33 13.92 0.02
CA PHE A 759 -4.34 13.73 1.47
C PHE A 759 -3.90 14.99 2.19
N CYS A 760 -2.73 15.51 1.82
CA CYS A 760 -2.19 16.68 2.49
C CYS A 760 -3.18 17.83 2.45
N THR A 761 -3.77 18.09 1.30
CA THR A 761 -4.70 19.23 1.20
C THR A 761 -6.02 18.94 1.90
N GLN A 762 -6.59 17.75 1.71
CA GLN A 762 -7.89 17.49 2.30
C GLN A 762 -7.85 17.47 3.82
N LEU A 763 -6.68 17.29 4.41
CA LEU A 763 -6.58 17.43 5.86
C LEU A 763 -6.78 18.87 6.28
N ASN A 764 -6.10 19.80 5.61
CA ASN A 764 -6.34 21.21 5.89
C ASN A 764 -7.80 21.58 5.63
N ARG A 765 -8.36 21.08 4.53
CA ARG A 765 -9.78 21.32 4.30
C ARG A 765 -10.62 20.75 5.44
N ALA A 766 -10.20 19.63 6.01
CA ALA A 766 -10.93 19.07 7.14
C ALA A 766 -10.80 19.96 8.37
N LEU A 767 -9.57 20.23 8.80
CA LEU A 767 -9.35 20.96 10.04
C LEU A 767 -9.91 22.37 9.95
N THR A 768 -9.83 22.99 8.78
CA THR A 768 -10.40 24.32 8.63
C THR A 768 -11.90 24.29 8.88
N GLY A 769 -12.58 23.27 8.37
CA GLY A 769 -14.00 23.13 8.66
C GLY A 769 -14.29 23.15 10.14
N ILE A 770 -13.50 22.41 10.92
CA ILE A 770 -13.56 22.53 12.37
C ILE A 770 -13.27 23.97 12.79
N ALA A 771 -12.06 24.43 12.49
CA ALA A 771 -11.59 25.72 12.99
C ALA A 771 -12.58 26.85 12.66
N VAL A 772 -13.22 26.78 11.50
CA VAL A 772 -14.20 27.80 11.16
C VAL A 772 -15.37 27.77 12.12
N GLU A 773 -16.02 26.60 12.23
CA GLU A 773 -17.26 26.56 12.99
C GLU A 773 -17.04 26.76 14.48
N GLN A 774 -15.81 26.58 14.97
CA GLN A 774 -15.55 26.91 16.35
C GLN A 774 -15.90 28.36 16.65
N ASP A 775 -15.47 29.27 15.80
CA ASP A 775 -15.85 30.65 15.93
C ASP A 775 -17.28 30.90 15.49
N LYS A 776 -17.92 29.91 14.86
CA LYS A 776 -19.36 29.97 14.67
C LYS A 776 -20.10 29.56 15.93
N ASN A 777 -19.62 28.52 16.60
CA ASN A 777 -20.20 28.13 17.88
C ASN A 777 -20.20 29.31 18.84
N THR A 778 -19.00 29.79 19.19
CA THR A 778 -18.88 30.95 20.06
C THR A 778 -19.71 32.12 19.56
N GLN A 779 -19.93 32.19 18.26
CA GLN A 779 -20.77 33.25 17.71
C GLN A 779 -22.23 33.01 18.04
N GLU A 780 -22.71 31.78 17.83
CA GLU A 780 -24.11 31.48 18.07
C GLU A 780 -24.45 31.63 19.52
N VAL A 781 -23.64 31.06 20.40
CA VAL A 781 -23.90 31.08 21.83
C VAL A 781 -23.95 32.50 22.34
N PHE A 782 -22.81 33.20 22.31
CA PHE A 782 -22.67 34.41 23.10
C PHE A 782 -23.41 35.58 22.49
N ALA A 783 -23.24 35.80 21.19
CA ALA A 783 -23.87 36.99 20.61
C ALA A 783 -25.16 36.55 19.94
N GLN A 784 -26.23 36.62 20.71
CA GLN A 784 -27.58 36.61 20.20
C GLN A 784 -28.23 37.97 20.29
N VAL A 785 -27.53 38.94 20.86
CA VAL A 785 -28.10 40.23 21.21
C VAL A 785 -27.61 41.26 20.21
N LYS A 786 -28.53 42.12 19.76
CA LYS A 786 -28.18 43.07 18.71
C LYS A 786 -27.22 44.14 19.22
N GLN A 787 -27.45 44.63 20.44
CA GLN A 787 -26.70 45.75 20.97
C GLN A 787 -25.95 45.30 22.22
N ILE A 788 -24.95 46.07 22.59
CA ILE A 788 -24.27 45.87 23.87
C ILE A 788 -24.93 46.78 24.88
N TYR A 789 -25.70 46.20 25.79
CA TYR A 789 -26.24 46.93 26.92
C TYR A 789 -25.20 47.00 28.02
N LYS A 790 -25.32 48.02 28.85
CA LYS A 790 -24.48 48.06 30.04
C LYS A 790 -25.33 48.47 31.23
N THR A 791 -25.00 47.89 32.38
CA THR A 791 -25.75 48.15 33.59
C THR A 791 -25.80 49.65 33.88
N PRO A 792 -26.84 50.12 34.54
CA PRO A 792 -26.89 51.52 34.91
C PRO A 792 -25.80 51.85 35.90
N PRO A 793 -25.49 53.13 36.10
CA PRO A 793 -24.40 53.45 37.03
C PRO A 793 -24.67 53.01 38.45
N ILE A 794 -25.90 53.13 38.93
CA ILE A 794 -26.24 52.85 40.31
C ILE A 794 -27.09 51.60 40.39
N LYS A 795 -26.79 50.73 41.34
CA LYS A 795 -27.44 49.44 41.48
C LYS A 795 -28.46 49.53 42.61
N ASP A 796 -29.74 49.57 42.25
CA ASP A 796 -30.82 49.27 43.19
C ASP A 796 -31.72 48.26 42.51
N PHE A 797 -31.62 47.00 42.91
CA PHE A 797 -32.44 45.94 42.37
C PHE A 797 -33.53 45.48 43.32
N GLY A 798 -33.68 46.12 44.46
CA GLY A 798 -34.60 45.66 45.47
C GLY A 798 -33.98 44.76 46.49
N GLY A 799 -32.66 44.80 46.64
CA GLY A 799 -31.96 43.95 47.58
C GLY A 799 -31.13 42.85 46.96
N PHE A 800 -31.28 42.58 45.67
CA PHE A 800 -30.50 41.53 45.04
C PHE A 800 -29.14 42.12 44.70
N ASN A 801 -28.08 41.42 45.07
CA ASN A 801 -26.73 41.97 44.95
C ASN A 801 -26.03 41.28 43.79
N PHE A 802 -25.86 42.00 42.69
CA PHE A 802 -25.24 41.45 41.49
C PHE A 802 -23.77 41.81 41.36
N SER A 803 -23.21 42.53 42.32
CA SER A 803 -21.79 42.87 42.24
C SER A 803 -20.95 41.61 42.07
N GLN A 804 -21.43 40.48 42.57
CA GLN A 804 -20.79 39.21 42.29
C GLN A 804 -20.69 38.97 40.79
N ILE A 805 -21.83 38.97 40.10
CA ILE A 805 -21.91 38.54 38.72
C ILE A 805 -21.74 39.66 37.70
N LEU A 806 -21.76 40.89 38.11
CA LEU A 806 -21.62 41.92 37.10
C LEU A 806 -20.16 42.24 36.83
N PRO A 807 -19.85 42.78 35.65
CA PRO A 807 -18.46 43.08 35.33
C PRO A 807 -17.82 43.92 36.42
N ASP A 808 -16.56 43.61 36.69
CA ASP A 808 -15.82 44.28 37.75
C ASP A 808 -15.21 45.54 37.17
N PRO A 809 -15.67 46.73 37.55
CA PRO A 809 -15.13 47.95 36.94
C PRO A 809 -13.67 48.18 37.20
N SER A 810 -13.10 47.54 38.22
CA SER A 810 -11.72 47.76 38.62
C SER A 810 -10.76 46.74 38.05
N LYS A 811 -11.22 45.80 37.30
CA LYS A 811 -10.22 44.95 36.67
C LYS A 811 -9.82 45.53 35.32
N PRO A 812 -8.56 45.37 34.92
CA PRO A 812 -8.16 45.86 33.58
C PRO A 812 -8.94 45.20 32.46
N SER A 813 -9.05 43.87 32.49
CA SER A 813 -10.01 43.17 31.66
C SER A 813 -11.26 43.00 32.51
N LYS A 814 -12.33 43.66 32.13
CA LYS A 814 -13.48 43.69 33.01
C LYS A 814 -14.19 42.36 32.91
N ARG A 815 -14.19 41.62 34.01
CA ARG A 815 -14.81 40.31 34.11
C ARG A 815 -15.35 40.18 35.52
N SER A 816 -16.57 39.67 35.63
CA SER A 816 -17.23 39.61 36.92
C SER A 816 -16.39 38.82 37.90
N PHE A 817 -16.54 39.16 39.19
CA PHE A 817 -15.73 38.55 40.23
C PHE A 817 -15.72 37.03 40.10
N ILE A 818 -16.85 36.44 39.74
CA ILE A 818 -16.92 35.00 39.62
C ILE A 818 -16.02 34.51 38.50
N GLU A 819 -16.10 35.14 37.33
CA GLU A 819 -15.38 34.61 36.18
C GLU A 819 -13.90 34.46 36.44
N ASP A 820 -13.34 35.29 37.33
CA ASP A 820 -11.93 35.13 37.68
C ASP A 820 -11.69 33.81 38.39
N LEU A 821 -12.62 33.41 39.26
CA LEU A 821 -12.51 32.10 39.88
C LEU A 821 -12.40 31.01 38.83
N LEU A 822 -13.11 31.16 37.72
CA LEU A 822 -13.12 30.15 36.68
C LEU A 822 -11.80 30.14 35.91
N PHE A 823 -11.35 31.31 35.47
CA PHE A 823 -10.14 31.37 34.67
C PHE A 823 -8.90 30.92 35.43
N ASN A 824 -8.97 30.88 36.76
CA ASN A 824 -7.85 30.34 37.51
C ASN A 824 -7.88 28.82 37.54
N LYS A 825 -9.07 28.24 37.71
CA LYS A 825 -9.19 26.79 37.76
C LYS A 825 -8.71 26.17 36.45
N VAL A 826 -9.33 26.56 35.34
CA VAL A 826 -8.93 26.03 34.04
C VAL A 826 -7.53 26.54 33.70
N THR A 827 -6.82 25.76 32.90
CA THR A 827 -5.49 26.15 32.44
C THR A 827 -5.40 26.09 30.92
N ASP A 848 7.11 23.68 26.86
CA ASP A 848 5.70 23.49 27.20
C ASP A 848 4.89 23.07 25.97
N LEU A 849 3.57 23.20 26.05
CA LEU A 849 2.74 22.94 24.83
C LEU A 849 2.70 24.26 24.06
N ILE A 850 3.31 25.31 24.62
CA ILE A 850 3.27 26.67 24.00
C ILE A 850 3.95 26.71 22.63
N CYS A 851 5.12 26.08 22.46
CA CYS A 851 5.86 26.19 21.17
C CYS A 851 6.27 24.82 20.64
N ALA A 852 6.37 23.81 21.50
CA ALA A 852 6.71 22.44 21.13
C ALA A 852 5.85 21.95 19.97
N GLN A 853 4.55 21.89 20.18
CA GLN A 853 3.64 21.64 19.07
C GLN A 853 3.97 22.55 17.90
N LYS A 854 4.14 23.83 18.17
CA LYS A 854 4.40 24.82 17.13
C LYS A 854 5.74 24.61 16.45
N PHE A 855 6.56 23.68 16.94
CA PHE A 855 7.74 23.30 16.19
C PHE A 855 7.37 22.68 14.85
N ASN A 856 6.56 21.62 14.89
CA ASN A 856 6.42 20.71 13.76
C ASN A 856 5.31 21.11 12.80
N GLY A 857 4.68 22.26 13.00
CA GLY A 857 3.55 22.64 12.19
C GLY A 857 2.23 22.44 12.86
N LEU A 858 2.22 22.17 14.17
CA LEU A 858 0.98 22.14 14.93
C LEU A 858 0.77 23.54 15.47
N THR A 859 -0.22 24.23 14.94
CA THR A 859 -0.43 25.62 15.28
C THR A 859 -1.74 25.77 16.04
N VAL A 860 -1.75 26.72 16.96
CA VAL A 860 -2.95 27.06 17.70
C VAL A 860 -3.38 28.44 17.23
N LEU A 861 -4.45 28.49 16.48
CA LEU A 861 -4.88 29.78 15.98
C LEU A 861 -5.67 30.51 17.07
N PRO A 862 -5.58 31.83 17.10
CA PRO A 862 -6.31 32.57 18.12
C PRO A 862 -7.79 32.50 17.86
N PRO A 863 -8.60 32.28 18.89
CA PRO A 863 -10.04 32.34 18.72
C PRO A 863 -10.45 33.75 18.30
N LEU A 864 -11.33 33.81 17.31
CA LEU A 864 -11.72 35.10 16.73
C LEU A 864 -12.08 36.11 17.81
N LEU A 865 -12.79 35.68 18.84
CA LEU A 865 -13.26 36.57 19.89
C LEU A 865 -12.33 36.48 21.08
N THR A 866 -11.70 37.59 21.42
CA THR A 866 -10.89 37.62 22.63
C THR A 866 -11.76 37.43 23.86
N ASP A 867 -11.16 36.93 24.92
CA ASP A 867 -11.89 36.71 26.15
C ASP A 867 -12.53 37.99 26.66
N GLU A 868 -11.86 39.12 26.47
CA GLU A 868 -12.44 40.39 26.90
C GLU A 868 -13.72 40.69 26.15
N MET A 869 -13.81 40.26 24.89
CA MET A 869 -15.04 40.44 24.16
C MET A 869 -16.12 39.52 24.67
N ILE A 870 -15.78 38.26 24.90
CA ILE A 870 -16.74 37.32 25.46
C ILE A 870 -17.34 37.87 26.74
N ALA A 871 -16.52 38.54 27.54
CA ALA A 871 -17.01 39.16 28.75
C ALA A 871 -17.84 40.41 28.50
N GLN A 872 -17.80 40.97 27.29
CA GLN A 872 -18.73 42.06 27.01
C GLN A 872 -20.10 41.53 26.62
N TYR A 873 -20.14 40.49 25.78
CA TYR A 873 -21.41 39.82 25.53
C TYR A 873 -22.06 39.41 26.83
N THR A 874 -21.41 38.50 27.57
CA THR A 874 -21.99 38.04 28.83
C THR A 874 -22.21 39.18 29.81
N SER A 875 -21.67 40.37 29.55
CA SER A 875 -22.15 41.54 30.26
C SER A 875 -23.46 42.04 29.67
N ALA A 876 -23.52 42.16 28.35
CA ALA A 876 -24.74 42.61 27.69
C ALA A 876 -25.91 41.71 28.06
N LEU A 877 -25.82 40.43 27.69
CA LEU A 877 -26.86 39.47 28.03
C LEU A 877 -27.25 39.57 29.48
N LEU A 878 -26.27 39.75 30.35
CA LEU A 878 -26.57 39.93 31.76
C LEU A 878 -27.04 41.33 32.08
N ALA A 879 -26.65 42.32 31.30
CA ALA A 879 -27.17 43.66 31.58
C ALA A 879 -28.62 43.79 31.14
N GLY A 880 -28.98 43.20 30.01
CA GLY A 880 -30.36 43.28 29.57
C GLY A 880 -31.27 42.40 30.39
N THR A 881 -30.79 41.23 30.79
CA THR A 881 -31.59 40.34 31.62
C THR A 881 -32.03 41.03 32.89
N ILE A 882 -31.13 41.79 33.49
CA ILE A 882 -31.44 42.42 34.76
C ILE A 882 -32.40 43.58 34.56
N THR A 883 -32.05 44.51 33.69
CA THR A 883 -32.85 45.72 33.53
C THR A 883 -34.11 45.44 32.72
N SER A 884 -33.95 44.84 31.55
CA SER A 884 -34.98 44.80 30.53
C SER A 884 -35.86 43.57 30.57
N GLY A 885 -35.68 42.69 31.54
CA GLY A 885 -36.47 41.48 31.58
C GLY A 885 -36.07 40.54 30.46
N TRP A 886 -37.04 39.87 29.88
CA TRP A 886 -36.78 38.99 28.75
C TRP A 886 -37.03 39.64 27.40
N THR A 887 -37.51 40.88 27.38
CA THR A 887 -37.95 41.45 26.12
C THR A 887 -36.81 41.79 25.19
N PHE A 888 -35.58 41.88 25.69
CA PHE A 888 -34.50 42.30 24.81
C PHE A 888 -34.17 41.23 23.78
N GLY A 889 -34.54 39.98 24.04
CA GLY A 889 -34.37 38.95 23.03
C GLY A 889 -35.39 39.02 21.92
N ALA A 890 -36.55 39.62 22.18
CA ALA A 890 -37.61 39.74 21.20
C ALA A 890 -37.61 41.06 20.46
N GLY A 891 -36.65 41.92 20.71
CA GLY A 891 -36.68 43.23 20.08
C GLY A 891 -35.92 44.24 20.92
N ALA A 892 -36.30 45.50 20.79
CA ALA A 892 -35.72 46.55 21.60
C ALA A 892 -35.95 46.26 23.07
N ALA A 893 -34.88 46.39 23.87
CA ALA A 893 -34.99 46.12 25.30
C ALA A 893 -35.95 47.12 25.94
N LEU A 894 -36.68 46.66 26.94
CA LEU A 894 -37.68 47.48 27.61
C LEU A 894 -37.32 47.55 29.09
N GLN A 895 -36.92 48.73 29.55
CA GLN A 895 -36.60 48.84 30.96
C GLN A 895 -37.83 48.52 31.79
N ILE A 896 -37.65 47.67 32.79
CA ILE A 896 -38.74 47.30 33.68
C ILE A 896 -38.15 47.15 35.07
N PRO A 897 -38.85 47.56 36.12
CA PRO A 897 -38.31 47.42 37.46
C PRO A 897 -38.02 45.98 37.77
N PHE A 898 -36.81 45.71 38.24
CA PHE A 898 -36.40 44.32 38.39
C PHE A 898 -37.36 43.58 39.33
N ALA A 899 -37.76 44.22 40.41
CA ALA A 899 -38.73 43.58 41.31
C ALA A 899 -40.06 43.34 40.61
N MET A 900 -40.39 44.14 39.60
CA MET A 900 -41.55 43.84 38.79
C MET A 900 -41.25 42.88 37.66
N GLN A 901 -39.98 42.59 37.41
CA GLN A 901 -39.67 41.47 36.56
C GLN A 901 -39.98 40.17 37.26
N MET A 902 -39.45 40.00 38.48
CA MET A 902 -39.65 38.76 39.21
C MET A 902 -41.10 38.48 39.55
N ALA A 903 -41.98 39.46 39.45
CA ALA A 903 -43.38 39.13 39.59
C ALA A 903 -43.86 38.31 38.41
N TYR A 904 -43.33 38.59 37.22
CA TYR A 904 -43.70 37.78 36.08
C TYR A 904 -43.12 36.39 36.20
N ARG A 905 -41.82 36.30 36.43
CA ARG A 905 -41.16 35.01 36.45
C ARG A 905 -41.74 34.08 37.51
N PHE A 906 -42.48 34.61 38.49
CA PHE A 906 -43.30 33.74 39.32
C PHE A 906 -44.57 33.32 38.62
N ASN A 907 -45.27 34.25 37.96
CA ASN A 907 -46.41 33.85 37.17
C ASN A 907 -46.04 32.79 36.15
N GLY A 908 -44.80 32.83 35.66
CA GLY A 908 -44.36 31.81 34.74
C GLY A 908 -44.42 30.42 35.36
N ILE A 909 -44.01 30.30 36.62
CA ILE A 909 -43.97 29.02 37.30
C ILE A 909 -45.25 28.75 38.10
N GLY A 910 -46.23 29.62 38.00
CA GLY A 910 -47.50 29.36 38.63
C GLY A 910 -47.66 29.92 40.03
N VAL A 911 -46.63 30.53 40.58
CA VAL A 911 -46.72 31.19 41.87
C VAL A 911 -47.24 32.59 41.64
N THR A 912 -48.39 32.91 42.22
CA THR A 912 -48.96 34.23 42.03
C THR A 912 -48.01 35.30 42.56
N GLN A 913 -47.93 36.41 41.83
CA GLN A 913 -46.99 37.46 42.13
C GLN A 913 -47.14 38.04 43.52
N ASN A 914 -48.30 37.91 44.15
CA ASN A 914 -48.44 38.44 45.50
C ASN A 914 -47.50 37.77 46.47
N VAL A 915 -46.92 36.64 46.09
CA VAL A 915 -45.89 36.02 46.98
C VAL A 915 -44.65 36.92 47.01
N LEU A 916 -44.11 37.30 45.85
CA LEU A 916 -42.87 38.10 45.81
C LEU A 916 -43.06 39.49 46.46
N TYR A 917 -44.16 40.19 46.16
CA TYR A 917 -44.33 41.57 46.67
C TYR A 917 -44.37 41.55 48.20
N GLU A 918 -44.67 40.39 48.77
CA GLU A 918 -44.73 40.22 50.22
C GLU A 918 -43.45 39.63 50.77
N ASN A 919 -42.83 38.71 50.04
CA ASN A 919 -41.63 38.04 50.51
C ASN A 919 -40.34 38.66 49.97
N GLN A 920 -40.43 39.81 49.30
CA GLN A 920 -39.28 40.34 48.57
C GLN A 920 -38.01 40.35 49.42
N LYS A 921 -38.08 40.96 50.61
CA LYS A 921 -36.89 41.03 51.47
C LYS A 921 -36.29 39.66 51.72
N LEU A 922 -37.14 38.71 52.10
CA LEU A 922 -36.66 37.35 52.29
C LEU A 922 -36.02 36.81 51.02
N ILE A 923 -36.72 36.90 49.91
CA ILE A 923 -36.20 36.36 48.65
C ILE A 923 -34.87 37.03 48.31
N ALA A 924 -34.72 38.31 48.69
CA ALA A 924 -33.45 38.98 48.47
C ALA A 924 -32.32 38.22 49.14
N ASN A 925 -32.46 37.96 50.43
CA ASN A 925 -31.38 37.31 51.18
C ASN A 925 -31.10 35.93 50.64
N GLN A 926 -32.16 35.14 50.43
CA GLN A 926 -31.96 33.80 49.87
C GLN A 926 -31.20 33.87 48.56
N PHE A 927 -31.50 34.86 47.73
CA PHE A 927 -30.75 35.00 46.50
C PHE A 927 -29.28 35.28 46.80
N ASN A 928 -29.02 36.36 47.55
CA ASN A 928 -27.65 36.78 47.79
C ASN A 928 -26.86 35.67 48.45
N SER A 929 -27.38 35.11 49.54
CA SER A 929 -26.68 34.04 50.23
C SER A 929 -26.50 32.83 49.32
N ALA A 930 -27.36 32.67 48.33
CA ALA A 930 -27.14 31.62 47.35
C ALA A 930 -25.98 31.97 46.44
N ILE A 931 -25.89 33.22 46.01
CA ILE A 931 -24.78 33.61 45.15
C ILE A 931 -23.45 33.40 45.85
N GLY A 932 -23.39 33.75 47.14
CA GLY A 932 -22.14 33.61 47.86
C GLY A 932 -21.58 32.21 47.78
N LYS A 933 -22.40 31.21 48.07
CA LYS A 933 -21.94 29.83 48.06
C LYS A 933 -21.49 29.39 46.68
N ILE A 934 -21.92 30.08 45.63
CA ILE A 934 -21.44 29.73 44.30
C ILE A 934 -19.94 29.98 44.20
N GLN A 935 -19.46 31.02 44.89
CA GLN A 935 -18.03 31.28 44.94
C GLN A 935 -17.29 30.07 45.49
N ASP A 936 -17.65 29.64 46.70
CA ASP A 936 -16.93 28.57 47.35
C ASP A 936 -17.15 27.24 46.64
N SER A 937 -18.36 27.03 46.11
CA SER A 937 -18.59 25.86 45.27
C SER A 937 -17.54 25.75 44.19
N LEU A 938 -17.21 26.87 43.56
CA LEU A 938 -16.10 26.92 42.62
C LEU A 938 -14.77 27.04 43.35
N SER A 939 -14.72 27.87 44.38
CA SER A 939 -13.44 28.22 44.99
C SER A 939 -12.78 27.01 45.65
N SER A 940 -13.58 26.19 46.34
CA SER A 940 -13.05 25.15 47.21
C SER A 940 -12.97 23.78 46.52
N THR A 941 -13.45 23.65 45.29
CA THR A 941 -13.41 22.38 44.59
C THR A 941 -13.04 22.62 43.13
N ALA A 942 -12.05 21.89 42.64
CA ALA A 942 -11.56 22.05 41.28
C ALA A 942 -12.20 21.07 40.29
N SER A 943 -13.08 20.20 40.74
CA SER A 943 -13.70 19.21 39.87
C SER A 943 -14.99 19.67 39.22
N ALA A 944 -15.54 20.82 39.64
CA ALA A 944 -16.77 21.31 39.04
C ALA A 944 -16.58 21.62 37.56
N LEU A 945 -15.40 22.10 37.20
CA LEU A 945 -15.10 22.50 35.84
C LEU A 945 -14.58 21.36 34.99
N GLY A 946 -14.63 20.13 35.50
CA GLY A 946 -14.09 19.00 34.77
C GLY A 946 -14.52 18.97 33.31
N LYS A 947 -15.79 19.28 33.05
CA LYS A 947 -16.28 19.27 31.68
C LYS A 947 -15.39 20.11 30.77
N LEU A 948 -15.19 21.38 31.13
CA LEU A 948 -14.21 22.20 30.43
C LEU A 948 -12.82 21.57 30.51
N GLN A 949 -12.40 21.23 31.72
CA GLN A 949 -11.05 20.72 31.90
C GLN A 949 -10.80 19.47 31.07
N ASP A 950 -11.83 18.66 30.88
CA ASP A 950 -11.67 17.46 30.06
C ASP A 950 -11.47 17.84 28.60
N VAL A 951 -12.24 18.81 28.11
CA VAL A 951 -12.09 19.25 26.72
C VAL A 951 -10.66 19.73 26.47
N VAL A 952 -10.18 20.63 27.32
CA VAL A 952 -8.85 21.19 27.13
C VAL A 952 -7.79 20.10 27.17
N ASN A 953 -7.92 19.17 28.11
CA ASN A 953 -6.95 18.09 28.21
C ASN A 953 -6.95 17.23 26.95
N GLN A 954 -8.11 16.74 26.55
CA GLN A 954 -8.17 15.85 25.40
C GLN A 954 -7.56 16.47 24.16
N ASN A 955 -7.76 17.77 23.99
CA ASN A 955 -7.11 18.46 22.88
C ASN A 955 -5.60 18.42 23.05
N ALA A 956 -5.11 18.92 24.17
CA ALA A 956 -3.67 18.85 24.43
C ALA A 956 -3.19 17.40 24.50
N GLN A 957 -4.08 16.48 24.88
CA GLN A 957 -3.72 15.07 24.87
C GLN A 957 -3.31 14.63 23.47
N ALA A 958 -4.27 14.64 22.54
CA ALA A 958 -3.99 14.09 21.21
C ALA A 958 -2.81 14.80 20.56
N LEU A 959 -2.65 16.09 20.82
CA LEU A 959 -1.48 16.79 20.28
C LEU A 959 -0.19 16.14 20.76
N ASN A 960 -0.07 15.90 22.07
CA ASN A 960 1.08 15.16 22.57
C ASN A 960 1.23 13.84 21.84
N THR A 961 0.17 13.04 21.79
CA THR A 961 0.21 11.79 21.06
C THR A 961 0.62 12.02 19.62
N LEU A 962 0.02 13.02 18.96
CA LEU A 962 0.35 13.30 17.58
C LEU A 962 1.82 13.64 17.43
N VAL A 963 2.37 14.38 18.39
CA VAL A 963 3.79 14.70 18.35
C VAL A 963 4.62 13.45 18.56
N LYS A 964 4.33 12.71 19.62
CA LYS A 964 5.12 11.52 19.92
C LYS A 964 5.13 10.53 18.76
N GLN A 965 4.13 10.59 17.89
CA GLN A 965 4.17 9.73 16.71
C GLN A 965 5.32 10.08 15.80
N LEU A 966 5.87 11.29 15.90
CA LEU A 966 7.03 11.62 15.07
C LEU A 966 8.24 10.79 15.44
N SER A 967 8.34 10.37 16.70
CA SER A 967 9.51 9.66 17.16
C SER A 967 9.41 8.15 17.00
N SER A 968 8.35 7.65 16.37
CA SER A 968 8.17 6.22 16.22
C SER A 968 8.75 5.73 14.90
N ASN A 969 9.33 4.54 14.92
CA ASN A 969 10.01 4.03 13.74
C ASN A 969 9.03 3.67 12.64
N PHE A 970 7.85 3.16 13.00
CA PHE A 970 6.87 2.69 12.02
C PHE A 970 7.47 1.69 11.06
N GLY A 971 8.43 0.90 11.54
CA GLY A 971 9.12 -0.05 10.73
C GLY A 971 10.32 0.50 9.99
N ALA A 972 10.42 1.81 9.85
CA ALA A 972 11.58 2.40 9.22
C ALA A 972 12.78 2.32 10.16
N ILE A 973 13.98 2.48 9.59
CA ILE A 973 15.20 2.30 10.35
C ILE A 973 15.38 3.34 11.44
N SER A 974 14.80 4.53 11.28
CA SER A 974 14.88 5.54 12.33
C SER A 974 13.75 6.52 12.16
N SER A 975 13.49 7.27 13.23
CA SER A 975 12.41 8.26 13.22
C SER A 975 12.87 9.64 12.80
N VAL A 976 14.17 9.84 12.60
CA VAL A 976 14.68 11.11 12.10
C VAL A 976 14.71 11.03 10.59
N LEU A 977 13.94 11.89 9.94
CA LEU A 977 13.76 11.79 8.50
C LEU A 977 15.08 11.96 7.75
N ASN A 978 15.99 12.72 8.37
CA ASN A 978 17.33 12.98 7.78
C ASN A 978 18.08 11.65 7.69
N ASP A 979 18.27 10.97 8.83
CA ASP A 979 18.97 9.65 8.86
C ASP A 979 18.16 8.64 8.04
N ILE A 980 16.83 8.69 8.15
CA ILE A 980 15.96 7.73 7.39
C ILE A 980 16.13 7.93 5.88
N LEU A 981 16.22 9.18 5.42
CA LEU A 981 16.31 9.41 3.94
C LEU A 981 17.73 9.73 3.45
N SER A 982 18.44 10.68 4.07
CA SER A 982 19.79 11.05 3.57
C SER A 982 20.82 9.93 3.72
N ARG A 983 20.86 9.26 4.89
CA ARG A 983 21.85 8.17 5.11
C ARG A 983 21.56 7.00 4.17
N LEU A 984 20.27 6.67 3.99
CA LEU A 984 19.85 5.55 3.11
C LEU A 984 20.12 5.90 1.64
N ASP A 985 20.37 4.89 0.81
CA ASP A 985 20.64 5.14 -0.63
C ASP A 985 19.40 5.77 -1.27
N LYS A 986 19.59 6.76 -2.15
CA LYS A 986 18.47 7.46 -2.81
C LYS A 986 17.57 6.44 -3.51
N VAL A 987 17.96 5.16 -3.46
CA VAL A 987 17.18 4.06 -4.10
C VAL A 987 16.38 3.31 -3.05
N GLU A 988 17.05 2.88 -1.99
CA GLU A 988 16.43 2.10 -0.93
C GLU A 988 15.72 2.99 0.07
N ALA A 989 16.32 4.12 0.41
CA ALA A 989 15.72 5.02 1.40
C ALA A 989 14.31 5.44 1.00
N GLU A 990 13.99 5.40 -0.29
CA GLU A 990 12.62 5.65 -0.71
C GLU A 990 11.64 4.74 0.02
N VAL A 991 11.92 3.44 -0.01
CA VAL A 991 11.00 2.48 0.61
C VAL A 991 10.92 2.74 2.11
N GLN A 992 12.04 3.09 2.73
CA GLN A 992 12.03 3.40 4.15
C GLN A 992 11.09 4.57 4.44
N ILE A 993 11.30 5.69 3.76
CA ILE A 993 10.53 6.88 4.06
C ILE A 993 9.04 6.64 3.88
N ASP A 994 8.68 5.71 2.99
CA ASP A 994 7.28 5.31 2.91
C ASP A 994 6.75 4.90 4.26
N ARG A 995 7.43 3.96 4.92
CA ARG A 995 6.96 3.51 6.21
C ARG A 995 6.87 4.65 7.21
N LEU A 996 7.73 5.65 7.11
CA LEU A 996 7.52 6.85 7.90
C LEU A 996 6.27 7.59 7.42
N ILE A 997 6.23 7.91 6.12
CA ILE A 997 5.10 8.68 5.61
C ILE A 997 3.80 7.93 5.85
N THR A 998 3.71 6.70 5.34
CA THR A 998 2.52 5.91 5.53
C THR A 998 2.13 5.88 7.00
N GLY A 999 3.11 5.71 7.87
CA GLY A 999 2.84 5.76 9.28
C GLY A 999 2.35 7.13 9.72
N ARG A 1000 3.14 8.16 9.45
CA ARG A 1000 2.77 9.49 9.90
C ARG A 1000 1.50 9.96 9.21
N LEU A 1001 1.46 9.86 7.89
CA LEU A 1001 0.28 10.32 7.15
C LEU A 1001 -0.99 9.65 7.67
N GLN A 1002 -0.91 8.35 7.94
CA GLN A 1002 -2.01 7.71 8.65
C GLN A 1002 -2.24 8.37 10.01
N SER A 1003 -1.16 8.60 10.75
CA SER A 1003 -1.29 9.11 12.10
C SER A 1003 -1.96 10.47 12.14
N LEU A 1004 -1.89 11.23 11.05
CA LEU A 1004 -2.69 12.44 10.99
C LEU A 1004 -4.17 12.11 10.87
N GLN A 1005 -4.52 11.25 9.91
CA GLN A 1005 -5.92 10.94 9.70
C GLN A 1005 -6.56 10.42 10.98
N THR A 1006 -5.80 9.67 11.77
CA THR A 1006 -6.28 9.33 13.10
C THR A 1006 -6.57 10.58 13.90
N TYR A 1007 -5.59 11.48 14.00
CA TYR A 1007 -5.82 12.70 14.77
C TYR A 1007 -6.95 13.52 14.18
N VAL A 1008 -6.95 13.70 12.87
CA VAL A 1008 -7.99 14.51 12.24
C VAL A 1008 -9.35 13.92 12.52
N THR A 1009 -9.49 12.62 12.29
CA THR A 1009 -10.78 11.99 12.52
C THR A 1009 -11.24 12.16 13.95
N GLN A 1010 -10.32 12.06 14.90
CA GLN A 1010 -10.68 12.31 16.29
C GLN A 1010 -11.24 13.70 16.46
N GLN A 1011 -10.55 14.70 15.92
CA GLN A 1011 -11.01 16.08 16.08
C GLN A 1011 -12.40 16.25 15.47
N LEU A 1012 -12.60 15.73 14.26
CA LEU A 1012 -13.92 15.80 13.64
C LEU A 1012 -14.98 15.22 14.55
N ILE A 1013 -14.75 14.01 15.04
CA ILE A 1013 -15.71 13.38 15.94
C ILE A 1013 -15.87 14.22 17.20
N ARG A 1014 -14.74 14.62 17.80
CA ARG A 1014 -14.81 15.37 19.04
C ARG A 1014 -15.48 16.71 18.83
N ALA A 1015 -15.17 17.39 17.71
CA ALA A 1015 -15.84 18.65 17.43
C ALA A 1015 -17.34 18.46 17.27
N ALA A 1016 -17.73 17.35 16.63
CA ALA A 1016 -19.16 17.10 16.47
C ALA A 1016 -19.85 16.94 17.80
N GLU A 1017 -19.14 16.50 18.83
CA GLU A 1017 -19.71 16.53 20.17
C GLU A 1017 -19.86 17.96 20.66
N ILE A 1018 -18.78 18.73 20.61
CA ILE A 1018 -18.84 20.13 21.00
C ILE A 1018 -19.92 20.85 20.21
N ARG A 1019 -19.97 20.61 18.89
CA ARG A 1019 -21.02 21.19 18.08
C ARG A 1019 -22.39 20.87 18.64
N ALA A 1020 -22.56 19.68 19.19
CA ALA A 1020 -23.82 19.35 19.84
C ALA A 1020 -23.96 20.08 21.17
N SER A 1021 -22.87 20.14 21.94
CA SER A 1021 -22.93 20.86 23.21
C SER A 1021 -23.13 22.35 22.98
N ALA A 1022 -22.55 22.90 21.91
CA ALA A 1022 -22.72 24.31 21.64
C ALA A 1022 -24.18 24.66 21.44
N ASN A 1023 -24.90 23.85 20.65
CA ASN A 1023 -26.31 24.09 20.45
C ASN A 1023 -27.08 24.01 21.76
N LEU A 1024 -26.71 23.07 22.62
CA LEU A 1024 -27.34 23.00 23.92
C LEU A 1024 -27.17 24.31 24.67
N ALA A 1025 -25.98 24.90 24.62
CA ALA A 1025 -25.80 26.21 25.21
C ALA A 1025 -26.66 27.25 24.50
N ALA A 1026 -26.48 27.37 23.19
CA ALA A 1026 -27.26 28.34 22.42
C ALA A 1026 -28.75 28.15 22.63
N THR A 1027 -29.18 26.93 22.90
CA THR A 1027 -30.57 26.70 23.25
C THR A 1027 -30.87 27.27 24.63
N LYS A 1028 -30.05 26.93 25.62
CA LYS A 1028 -30.25 27.48 26.94
C LYS A 1028 -30.13 29.00 26.92
N MET A 1029 -29.04 29.50 26.32
CA MET A 1029 -28.84 30.94 26.26
C MET A 1029 -30.07 31.64 25.70
N SER A 1030 -30.66 31.09 24.66
CA SER A 1030 -31.86 31.69 24.09
C SER A 1030 -33.05 31.47 24.99
N GLU A 1031 -33.33 30.23 25.35
CA GLU A 1031 -34.55 29.95 26.09
C GLU A 1031 -34.42 30.31 27.55
N CYS A 1032 -33.33 29.88 28.18
CA CYS A 1032 -33.22 30.01 29.62
C CYS A 1032 -32.86 31.43 30.02
N VAL A 1033 -31.71 31.92 29.54
CA VAL A 1033 -31.31 33.29 29.86
C VAL A 1033 -32.28 34.30 29.27
N LEU A 1034 -32.42 34.30 27.94
CA LEU A 1034 -33.19 35.37 27.30
C LEU A 1034 -34.66 35.27 27.61
N GLY A 1035 -35.21 34.07 27.71
CA GLY A 1035 -36.60 33.92 28.08
C GLY A 1035 -36.75 33.34 29.47
N GLN A 1036 -37.88 32.70 29.72
CA GLN A 1036 -38.05 31.86 30.90
C GLN A 1036 -38.50 30.50 30.42
N SER A 1037 -37.84 29.45 30.89
CA SER A 1037 -38.07 28.12 30.36
C SER A 1037 -39.20 27.42 31.10
N LYS A 1038 -40.11 26.84 30.34
CA LYS A 1038 -41.15 25.97 30.87
C LYS A 1038 -40.76 24.51 30.81
N ARG A 1039 -39.57 24.20 30.31
CA ARG A 1039 -39.13 22.82 30.15
C ARG A 1039 -38.57 22.32 31.47
N VAL A 1040 -39.19 21.30 32.04
CA VAL A 1040 -38.82 20.87 33.37
C VAL A 1040 -37.41 20.34 33.36
N ASP A 1041 -36.57 20.84 34.25
CA ASP A 1041 -35.21 20.39 34.46
C ASP A 1041 -34.37 20.50 33.20
N PHE A 1042 -34.75 21.38 32.29
CA PHE A 1042 -33.84 21.76 31.22
C PHE A 1042 -32.84 22.79 31.72
N CYS A 1043 -33.31 23.74 32.51
CA CYS A 1043 -32.47 24.75 33.13
C CYS A 1043 -31.90 24.30 34.47
N GLY A 1044 -32.10 23.06 34.86
CA GLY A 1044 -31.63 22.63 36.16
C GLY A 1044 -32.78 22.48 37.14
N LYS A 1045 -32.54 21.63 38.13
CA LYS A 1045 -33.61 21.13 38.98
C LYS A 1045 -34.39 22.27 39.62
N GLY A 1046 -35.71 22.15 39.59
CA GLY A 1046 -36.61 23.13 40.16
C GLY A 1046 -37.32 23.93 39.09
N TYR A 1047 -38.34 24.66 39.53
CA TYR A 1047 -38.98 25.64 38.68
C TYR A 1047 -37.99 26.76 38.41
N HIS A 1048 -37.87 27.14 37.15
CA HIS A 1048 -36.83 28.08 36.74
C HIS A 1048 -37.31 29.51 36.75
N LEU A 1049 -36.51 30.40 37.31
CA LEU A 1049 -36.82 31.82 37.30
C LEU A 1049 -36.01 32.54 36.24
N MET A 1050 -34.69 32.59 36.40
CA MET A 1050 -33.87 33.28 35.43
C MET A 1050 -32.49 32.64 35.44
N SER A 1051 -31.71 32.92 34.40
CA SER A 1051 -30.36 32.38 34.30
C SER A 1051 -29.39 33.49 33.99
N PHE A 1052 -28.19 33.35 34.53
CA PHE A 1052 -27.12 34.34 34.37
C PHE A 1052 -25.96 33.69 33.66
N PRO A 1053 -25.68 34.05 32.41
CA PRO A 1053 -24.53 33.45 31.74
C PRO A 1053 -23.25 33.98 32.32
N GLN A 1054 -22.22 33.13 32.33
CA GLN A 1054 -20.89 33.53 32.74
C GLN A 1054 -19.90 32.82 31.84
N SER A 1055 -18.92 33.55 31.33
CA SER A 1055 -17.97 32.94 30.43
C SER A 1055 -16.95 32.13 31.21
N ALA A 1056 -16.42 31.10 30.56
CA ALA A 1056 -15.33 30.30 31.08
C ALA A 1056 -14.52 29.83 29.91
N PRO A 1057 -13.23 29.51 30.11
CA PRO A 1057 -12.36 29.31 28.96
C PRO A 1057 -12.88 28.23 28.04
N HIS A 1058 -13.06 28.58 26.77
CA HIS A 1058 -13.61 27.66 25.79
C HIS A 1058 -14.89 27.02 26.30
N GLY A 1059 -15.72 27.79 26.96
CA GLY A 1059 -16.94 27.24 27.52
C GLY A 1059 -17.84 28.35 28.01
N VAL A 1060 -18.92 27.97 28.66
CA VAL A 1060 -19.84 28.93 29.26
C VAL A 1060 -20.43 28.30 30.50
N VAL A 1061 -20.79 29.15 31.46
CA VAL A 1061 -21.32 28.71 32.74
C VAL A 1061 -22.57 29.51 33.04
N PHE A 1062 -23.66 28.82 33.33
CA PHE A 1062 -24.93 29.44 33.62
C PHE A 1062 -25.19 29.35 35.11
N LEU A 1063 -25.72 30.43 35.68
CA LEU A 1063 -26.19 30.41 37.05
C LEU A 1063 -27.71 30.43 36.98
N HIS A 1064 -28.32 29.29 37.27
CA HIS A 1064 -29.76 29.14 37.15
C HIS A 1064 -30.39 29.49 38.49
N VAL A 1065 -31.20 30.53 38.52
CA VAL A 1065 -31.91 30.90 39.73
C VAL A 1065 -33.26 30.20 39.69
N THR A 1066 -33.45 29.21 40.56
CA THR A 1066 -34.61 28.35 40.47
C THR A 1066 -35.39 28.40 41.76
N TYR A 1067 -36.64 27.99 41.68
CA TYR A 1067 -37.61 28.09 42.75
C TYR A 1067 -37.94 26.69 43.25
N VAL A 1068 -37.49 26.36 44.44
CA VAL A 1068 -37.69 25.02 44.99
C VAL A 1068 -38.58 25.13 46.22
N PRO A 1069 -39.76 24.52 46.24
CA PRO A 1069 -40.60 24.56 47.43
C PRO A 1069 -39.99 23.79 48.58
N ALA A 1070 -40.45 24.11 49.79
CA ALA A 1070 -39.82 23.53 50.98
C ALA A 1070 -40.76 22.76 51.89
N GLN A 1071 -41.57 23.48 52.67
CA GLN A 1071 -42.24 22.91 53.83
C GLN A 1071 -43.66 22.50 53.47
N GLU A 1072 -44.02 21.27 53.81
CA GLU A 1072 -45.28 20.68 53.43
C GLU A 1072 -46.22 20.61 54.60
N LYS A 1073 -47.53 20.67 54.31
CA LYS A 1073 -48.54 20.41 55.31
C LYS A 1073 -49.61 19.51 54.72
N ASN A 1074 -49.75 18.31 55.27
CA ASN A 1074 -50.78 17.39 54.83
C ASN A 1074 -52.14 18.05 54.92
N PHE A 1075 -52.90 18.00 53.82
CA PHE A 1075 -54.23 18.56 53.77
C PHE A 1075 -55.20 17.54 53.18
N THR A 1076 -56.33 17.37 53.84
CA THR A 1076 -57.44 16.69 53.20
C THR A 1076 -57.95 17.56 52.06
N THR A 1077 -58.13 16.95 50.91
CA THR A 1077 -58.53 17.67 49.72
C THR A 1077 -59.81 17.09 49.15
N ALA A 1078 -60.45 17.87 48.28
CA ALA A 1078 -61.59 17.39 47.53
C ALA A 1078 -61.52 17.98 46.14
N PRO A 1079 -61.86 17.21 45.11
CA PRO A 1079 -61.80 17.75 43.75
C PRO A 1079 -62.89 18.78 43.46
N ALA A 1080 -63.95 18.80 44.24
CA ALA A 1080 -65.08 19.67 43.93
C ALA A 1080 -65.88 19.89 45.20
N ILE A 1081 -66.77 20.87 45.17
CA ILE A 1081 -67.61 21.16 46.32
C ILE A 1081 -69.05 21.35 45.85
N CYS A 1082 -69.95 20.51 46.34
CA CYS A 1082 -71.37 20.76 46.14
C CYS A 1082 -71.77 21.99 46.93
N HIS A 1083 -72.50 22.89 46.29
CA HIS A 1083 -73.11 23.93 47.10
C HIS A 1083 -74.60 23.72 47.17
N ASP A 1084 -75.30 24.06 46.10
CA ASP A 1084 -76.74 23.88 46.04
C ASP A 1084 -77.12 22.59 45.36
N GLY A 1085 -76.15 21.75 45.06
CA GLY A 1085 -76.31 20.66 44.12
C GLY A 1085 -75.58 20.91 42.83
N LYS A 1086 -75.27 22.17 42.53
CA LYS A 1086 -74.26 22.45 41.54
C LYS A 1086 -72.91 22.04 42.09
N ALA A 1087 -71.96 21.86 41.18
CA ALA A 1087 -70.59 21.58 41.58
C ALA A 1087 -69.76 22.83 41.34
N HIS A 1088 -68.78 23.06 42.20
CA HIS A 1088 -67.88 24.19 42.07
C HIS A 1088 -66.46 23.67 41.93
N PHE A 1089 -65.79 24.04 40.87
CA PHE A 1089 -64.44 23.55 40.80
C PHE A 1089 -63.48 24.73 40.90
N PRO A 1090 -62.28 24.53 41.44
CA PRO A 1090 -61.35 25.65 41.59
C PRO A 1090 -60.99 26.21 40.22
N ARG A 1091 -61.09 27.53 40.07
CA ARG A 1091 -60.71 28.12 38.80
C ARG A 1091 -59.22 27.89 38.54
N GLU A 1092 -58.38 28.17 39.53
CA GLU A 1092 -56.96 27.91 39.44
C GLU A 1092 -56.50 27.41 40.79
N GLY A 1093 -55.64 26.40 40.79
CA GLY A 1093 -55.28 25.74 42.02
C GLY A 1093 -56.32 24.71 42.40
N VAL A 1094 -56.40 24.42 43.70
CA VAL A 1094 -57.27 23.36 44.20
C VAL A 1094 -57.87 23.70 45.56
N PHE A 1095 -58.92 22.96 45.89
CA PHE A 1095 -59.51 23.01 47.21
C PHE A 1095 -58.68 22.22 48.18
N VAL A 1096 -58.56 22.73 49.40
CA VAL A 1096 -58.01 21.97 50.51
C VAL A 1096 -58.77 22.36 51.76
N SER A 1097 -58.60 21.56 52.82
CA SER A 1097 -59.33 21.84 54.10
C SER A 1097 -58.43 21.54 55.29
N ASN A 1098 -57.98 22.59 56.00
CA ASN A 1098 -57.16 22.40 57.22
C ASN A 1098 -57.99 21.67 58.27
N GLY A 1099 -59.27 22.04 58.41
CA GLY A 1099 -60.19 21.39 59.38
C GLY A 1099 -61.57 21.30 58.77
N THR A 1100 -62.48 22.21 59.15
CA THR A 1100 -63.80 22.21 58.47
C THR A 1100 -63.78 23.18 57.28
N HIS A 1101 -63.12 24.33 57.40
CA HIS A 1101 -63.17 25.38 56.34
C HIS A 1101 -62.41 24.99 55.06
N TRP A 1102 -63.13 24.57 54.01
CA TRP A 1102 -62.57 24.26 52.68
C TRP A 1102 -61.90 25.52 52.10
N PHE A 1103 -60.59 25.44 51.83
CA PHE A 1103 -59.81 26.54 51.29
C PHE A 1103 -59.40 26.21 49.88
N VAL A 1104 -59.70 27.09 48.98
CA VAL A 1104 -59.10 27.07 47.65
C VAL A 1104 -57.76 27.76 47.75
N THR A 1105 -56.78 27.26 47.01
CA THR A 1105 -55.47 27.89 47.05
C THR A 1105 -54.72 27.54 45.77
N GLN A 1106 -53.69 28.32 45.51
CA GLN A 1106 -52.80 28.04 44.40
C GLN A 1106 -51.96 26.80 44.69
N ARG A 1107 -51.49 26.17 43.63
CA ARG A 1107 -50.91 24.85 43.77
C ARG A 1107 -49.55 24.87 44.47
N ASN A 1108 -48.62 25.67 43.98
CA ASN A 1108 -47.22 25.54 44.35
C ASN A 1108 -46.82 26.38 45.56
N PHE A 1109 -47.76 27.05 46.20
CA PHE A 1109 -47.48 27.76 47.43
C PHE A 1109 -48.78 27.81 48.22
N TYR A 1110 -48.66 27.80 49.53
CA TYR A 1110 -49.84 27.72 50.37
C TYR A 1110 -50.29 29.12 50.75
N GLU A 1111 -51.43 29.53 50.20
CA GLU A 1111 -52.06 30.79 50.55
C GLU A 1111 -53.55 30.55 50.63
N PRO A 1112 -54.04 30.08 51.76
CA PRO A 1112 -55.45 29.72 51.86
C PRO A 1112 -56.33 30.93 51.66
N GLN A 1113 -57.46 30.70 51.00
CA GLN A 1113 -58.38 31.78 50.69
C GLN A 1113 -59.81 31.28 50.86
N ILE A 1114 -60.66 32.10 51.46
CA ILE A 1114 -62.05 31.74 51.59
C ILE A 1114 -62.63 31.49 50.21
N ILE A 1115 -63.51 30.51 50.11
CA ILE A 1115 -64.03 30.08 48.82
C ILE A 1115 -65.20 30.97 48.45
N THR A 1116 -65.09 31.65 47.33
CA THR A 1116 -66.18 32.44 46.79
C THR A 1116 -66.31 32.12 45.32
N THR A 1117 -67.47 32.47 44.76
CA THR A 1117 -67.75 32.14 43.37
C THR A 1117 -66.71 32.72 42.43
N ASP A 1118 -66.00 33.77 42.82
CA ASP A 1118 -64.94 34.26 41.97
C ASP A 1118 -63.72 33.36 42.00
N ASN A 1119 -63.67 32.40 42.90
CA ASN A 1119 -62.61 31.40 42.88
C ASN A 1119 -63.00 30.14 42.12
N THR A 1120 -64.28 29.97 41.78
CA THR A 1120 -64.76 28.68 41.31
C THR A 1120 -65.77 28.87 40.20
N PHE A 1121 -65.68 28.03 39.18
CA PHE A 1121 -66.66 28.00 38.12
C PHE A 1121 -67.55 26.77 38.29
N VAL A 1122 -68.82 26.93 38.00
CA VAL A 1122 -69.80 25.87 38.19
C VAL A 1122 -69.77 24.96 36.97
N SER A 1123 -69.97 23.66 37.20
CA SER A 1123 -70.14 22.73 36.08
C SER A 1123 -70.98 21.56 36.52
N GLY A 1124 -71.79 21.06 35.59
CA GLY A 1124 -72.60 19.88 35.84
C GLY A 1124 -73.40 19.98 37.11
N ASN A 1125 -73.46 18.88 37.85
CA ASN A 1125 -74.05 18.86 39.17
C ASN A 1125 -73.42 17.70 39.95
N CYS A 1126 -73.96 17.42 41.13
CA CYS A 1126 -73.20 16.65 42.12
C CYS A 1126 -73.04 15.17 41.81
N ASP A 1127 -74.09 14.50 41.36
CA ASP A 1127 -74.12 13.04 41.41
C ASP A 1127 -72.97 12.38 40.66
N VAL A 1128 -72.24 13.10 39.82
CA VAL A 1128 -71.22 12.52 38.98
C VAL A 1128 -69.85 12.57 39.65
N VAL A 1129 -69.36 13.77 39.95
CA VAL A 1129 -67.97 13.93 40.37
C VAL A 1129 -67.68 13.06 41.56
N ILE A 1130 -66.63 12.23 41.44
CA ILE A 1130 -66.25 11.35 42.53
C ILE A 1130 -65.61 12.17 43.64
N GLY A 1131 -66.02 11.89 44.88
CA GLY A 1131 -65.36 12.50 46.01
C GLY A 1131 -65.69 13.95 46.24
N ILE A 1132 -66.73 14.47 45.60
CA ILE A 1132 -67.15 15.82 45.90
C ILE A 1132 -67.67 15.89 47.34
N VAL A 1133 -67.50 17.03 47.97
CA VAL A 1133 -67.82 17.18 49.39
C VAL A 1133 -68.76 18.34 49.59
N ASN A 1134 -69.46 18.34 50.71
CA ASN A 1134 -70.34 19.43 51.05
C ASN A 1134 -69.56 20.64 51.57
N ASN A 1135 -70.07 21.82 51.27
CA ASN A 1135 -69.63 23.06 51.88
C ASN A 1135 -70.58 24.14 51.41
N THR A 1136 -70.35 25.37 51.87
CA THR A 1136 -71.07 26.54 51.41
C THR A 1136 -70.07 27.49 50.78
N VAL A 1137 -70.25 27.78 49.50
CA VAL A 1137 -69.35 28.68 48.80
C VAL A 1137 -69.87 30.09 48.99
N TYR A 1138 -69.11 30.89 49.70
CA TYR A 1138 -69.54 32.22 50.06
C TYR A 1138 -69.74 33.07 48.82
N ASP A 1139 -70.70 33.97 48.88
CA ASP A 1139 -70.97 34.87 47.77
C ASP A 1139 -70.35 36.23 48.04
N PRO A 1140 -69.54 36.76 47.12
CA PRO A 1140 -69.17 38.17 47.25
C PRO A 1140 -70.37 39.09 47.21
N LEU A 1141 -71.32 38.81 46.33
CA LEU A 1141 -72.38 39.76 46.05
C LEU A 1141 -73.41 39.80 47.16
N GLN A 1142 -73.90 38.63 47.59
CA GLN A 1142 -74.97 38.54 48.59
C GLN A 1142 -74.83 39.49 49.77
N PRO A 1143 -73.69 39.60 50.45
CA PRO A 1143 -73.61 40.57 51.54
C PRO A 1143 -73.76 42.00 51.08
N GLU A 1144 -73.18 42.33 49.92
CA GLU A 1144 -73.28 43.68 49.40
C GLU A 1144 -74.72 44.12 49.29
N LEU A 1145 -75.63 43.17 49.07
CA LEU A 1145 -77.03 43.50 48.88
C LEU A 1145 -77.60 44.26 50.06
N ASP A 1146 -77.67 43.59 51.23
CA ASP A 1146 -78.84 43.75 52.09
C ASP A 1146 -79.22 45.20 52.33
N SER A 1147 -78.26 46.10 52.31
CA SER A 1147 -78.63 47.50 52.37
C SER A 1147 -79.20 47.92 51.01
N GLN B 14 -9.18 -62.61 -21.35
CA GLN B 14 -10.63 -62.43 -21.42
C GLN B 14 -10.99 -61.37 -22.45
N CYS B 15 -11.38 -60.19 -21.94
CA CYS B 15 -11.80 -59.07 -22.78
C CYS B 15 -12.94 -59.46 -23.72
N VAL B 16 -13.82 -60.35 -23.24
CA VAL B 16 -15.03 -60.66 -24.00
C VAL B 16 -15.85 -59.39 -24.12
N ASN B 17 -16.37 -59.12 -25.32
CA ASN B 17 -17.02 -57.80 -25.53
C ASN B 17 -18.34 -57.87 -26.30
N LEU B 18 -19.34 -57.08 -25.87
CA LEU B 18 -20.65 -57.01 -26.58
C LEU B 18 -21.08 -55.55 -26.61
N THR B 19 -20.65 -54.78 -27.61
CA THR B 19 -20.95 -53.32 -27.62
C THR B 19 -22.45 -53.05 -27.67
N THR B 20 -23.20 -53.73 -28.56
CA THR B 20 -24.68 -53.58 -28.61
C THR B 20 -25.06 -52.09 -28.59
N ARG B 21 -24.46 -51.28 -29.47
CA ARG B 21 -24.70 -49.81 -29.44
C ARG B 21 -26.18 -49.51 -29.70
N THR B 22 -26.72 -48.51 -29.00
CA THR B 22 -28.17 -48.16 -29.15
C THR B 22 -28.31 -46.66 -29.41
N GLN B 23 -29.37 -46.26 -30.13
CA GLN B 23 -29.59 -44.83 -30.48
C GLN B 23 -30.47 -44.13 -29.42
N LEU B 24 -31.03 -42.96 -29.74
CA LEU B 24 -31.94 -42.17 -28.84
C LEU B 24 -31.16 -41.15 -28.01
N PRO B 25 -31.76 -40.03 -27.59
CA PRO B 25 -31.04 -38.97 -26.84
C PRO B 25 -30.86 -39.30 -25.34
N PRO B 26 -29.77 -38.88 -24.64
CA PRO B 26 -29.68 -39.18 -23.20
C PRO B 26 -30.85 -38.56 -22.47
N ALA B 27 -31.55 -39.40 -21.71
CA ALA B 27 -32.73 -38.94 -20.98
C ALA B 27 -32.24 -38.10 -19.82
N TYR B 28 -32.64 -36.84 -19.78
CA TYR B 28 -32.15 -35.94 -18.77
C TYR B 28 -33.11 -35.87 -17.60
N THR B 29 -32.71 -35.11 -16.59
CA THR B 29 -33.53 -34.91 -15.41
C THR B 29 -33.04 -33.66 -14.71
N ASN B 30 -33.67 -33.35 -13.58
CA ASN B 30 -33.41 -32.12 -12.86
C ASN B 30 -33.13 -32.48 -11.41
N SER B 31 -31.89 -32.25 -10.98
CA SER B 31 -31.58 -32.46 -9.57
C SER B 31 -32.07 -31.25 -8.80
N PHE B 32 -33.01 -31.48 -7.89
CA PHE B 32 -33.72 -30.36 -7.28
C PHE B 32 -32.87 -29.78 -6.17
N THR B 33 -32.78 -30.53 -5.07
CA THR B 33 -31.80 -30.29 -4.02
C THR B 33 -30.98 -31.57 -3.89
N ARG B 34 -29.73 -31.53 -4.32
CA ARG B 34 -28.98 -32.77 -4.43
C ARG B 34 -27.49 -32.49 -4.38
N GLY B 35 -26.73 -33.52 -4.02
CA GLY B 35 -25.28 -33.45 -4.08
C GLY B 35 -24.65 -32.47 -3.11
N VAL B 36 -25.19 -32.37 -1.90
CA VAL B 36 -24.60 -31.51 -0.86
C VAL B 36 -23.93 -32.42 0.17
N TYR B 37 -22.61 -32.41 0.17
CA TYR B 37 -21.82 -33.20 1.09
C TYR B 37 -21.28 -32.28 2.18
N TYR B 38 -20.52 -32.86 3.10
CA TYR B 38 -19.90 -32.08 4.15
C TYR B 38 -18.47 -31.77 3.74
N PRO B 39 -18.14 -30.54 3.37
CA PRO B 39 -16.78 -30.25 2.94
C PRO B 39 -15.85 -29.84 4.08
N ASP B 40 -15.85 -30.62 5.16
CA ASP B 40 -14.99 -30.49 6.33
C ASP B 40 -15.37 -31.56 7.34
N LYS B 41 -14.47 -31.82 8.27
CA LYS B 41 -14.74 -32.67 9.43
C LYS B 41 -15.29 -31.87 10.60
N VAL B 42 -15.20 -30.55 10.54
CA VAL B 42 -15.49 -29.69 11.68
C VAL B 42 -16.98 -29.78 11.99
N PHE B 43 -17.29 -30.05 13.26
CA PHE B 43 -18.66 -30.15 13.70
C PHE B 43 -19.22 -28.76 13.97
N ARG B 44 -20.31 -28.43 13.29
CA ARG B 44 -20.99 -27.16 13.50
C ARG B 44 -22.46 -27.42 13.78
N SER B 45 -23.08 -26.52 14.54
CA SER B 45 -24.44 -26.71 15.03
C SER B 45 -25.27 -25.47 14.72
N SER B 46 -26.30 -25.65 13.89
CA SER B 46 -27.30 -24.61 13.62
C SER B 46 -26.66 -23.27 13.28
N VAL B 47 -25.75 -23.27 12.32
CA VAL B 47 -25.11 -22.05 11.84
C VAL B 47 -25.20 -22.04 10.32
N LEU B 48 -25.07 -20.86 9.73
CA LEU B 48 -25.04 -20.76 8.28
C LEU B 48 -23.61 -20.56 7.81
N HIS B 49 -23.03 -21.59 7.22
CA HIS B 49 -21.65 -21.57 6.78
C HIS B 49 -21.63 -21.48 5.25
N SER B 50 -20.67 -20.73 4.72
CA SER B 50 -20.61 -20.45 3.30
C SER B 50 -19.21 -20.71 2.77
N THR B 51 -19.09 -21.64 1.83
CA THR B 51 -17.86 -21.87 1.10
C THR B 51 -18.13 -21.95 -0.39
N GLN B 52 -17.11 -21.66 -1.17
CA GLN B 52 -17.14 -21.81 -2.62
C GLN B 52 -16.28 -23.02 -2.97
N ASP B 53 -16.95 -24.10 -3.38
CA ASP B 53 -16.30 -25.37 -3.64
C ASP B 53 -16.99 -26.05 -4.81
N LEU B 54 -16.36 -27.10 -5.32
CA LEU B 54 -16.97 -27.92 -6.36
C LEU B 54 -18.23 -28.59 -5.82
N PHE B 55 -19.35 -28.40 -6.51
CA PHE B 55 -20.59 -29.08 -6.19
C PHE B 55 -21.35 -29.34 -7.48
N LEU B 56 -22.47 -30.05 -7.35
CA LEU B 56 -23.43 -30.15 -8.44
C LEU B 56 -24.48 -29.08 -8.21
N PRO B 57 -24.51 -28.01 -8.97
CA PRO B 57 -25.44 -26.91 -8.68
C PRO B 57 -26.88 -27.35 -8.84
N PHE B 58 -27.76 -26.77 -7.99
CA PHE B 58 -29.18 -27.18 -7.95
C PHE B 58 -29.90 -26.88 -9.27
N PHE B 59 -31.05 -27.52 -9.47
CA PHE B 59 -31.82 -27.34 -10.73
C PHE B 59 -30.88 -27.62 -11.90
N SER B 60 -30.10 -28.70 -11.79
CA SER B 60 -29.09 -29.00 -12.85
C SER B 60 -29.57 -30.10 -13.79
N ASN B 61 -28.95 -30.17 -14.96
CA ASN B 61 -29.28 -31.21 -15.97
C ASN B 61 -28.47 -32.45 -15.61
N VAL B 62 -29.17 -33.53 -15.28
CA VAL B 62 -28.49 -34.77 -14.86
C VAL B 62 -28.91 -35.87 -15.82
N THR B 63 -27.97 -36.63 -16.34
CA THR B 63 -28.34 -37.62 -17.36
C THR B 63 -28.76 -38.94 -16.71
N TRP B 64 -30.03 -39.31 -16.83
CA TRP B 64 -30.49 -40.63 -16.31
C TRP B 64 -30.08 -41.67 -17.35
N PHE B 65 -28.87 -42.23 -17.19
CA PHE B 65 -28.33 -43.23 -18.16
C PHE B 65 -28.84 -44.63 -17.80
N HIS B 66 -28.79 -45.57 -18.75
CA HIS B 66 -29.14 -46.98 -18.43
C HIS B 66 -28.00 -47.89 -18.88
N ALA B 67 -27.33 -48.58 -17.96
CA ALA B 67 -26.27 -49.54 -18.35
C ALA B 67 -26.89 -50.71 -19.12
N ILE B 68 -28.01 -51.25 -18.64
CA ILE B 68 -28.74 -52.34 -19.37
C ILE B 68 -30.19 -51.87 -19.49
N HIS B 69 -30.77 -51.89 -20.69
CA HIS B 69 -32.13 -51.31 -20.82
C HIS B 69 -33.08 -52.18 -21.65
N VAL B 70 -34.01 -52.89 -21.00
CA VAL B 70 -35.01 -53.62 -21.75
C VAL B 70 -36.10 -52.66 -22.22
N SER B 71 -36.27 -52.56 -23.53
CA SER B 71 -37.43 -51.92 -24.14
C SER B 71 -38.24 -53.04 -24.79
N GLY B 72 -39.38 -53.34 -24.21
CA GLY B 72 -40.03 -54.62 -24.45
C GLY B 72 -40.56 -54.92 -25.83
N THR B 73 -40.05 -56.01 -26.40
CA THR B 73 -40.76 -56.80 -27.40
C THR B 73 -40.63 -58.25 -26.96
N ASN B 74 -39.42 -58.81 -27.00
CA ASN B 74 -39.00 -59.86 -26.10
C ASN B 74 -37.52 -59.64 -25.82
N GLY B 75 -37.15 -59.61 -24.55
CA GLY B 75 -35.74 -59.39 -24.23
C GLY B 75 -35.31 -58.00 -24.65
N THR B 76 -34.31 -57.94 -25.54
CA THR B 76 -33.71 -56.71 -26.04
C THR B 76 -33.09 -55.89 -24.90
N LYS B 77 -32.00 -56.44 -24.37
CA LYS B 77 -31.21 -55.77 -23.36
C LYS B 77 -30.14 -54.90 -24.04
N ARG B 78 -30.15 -53.61 -23.71
CA ARG B 78 -29.34 -52.62 -24.39
C ARG B 78 -28.18 -52.20 -23.49
N PHE B 79 -26.97 -52.60 -23.86
CA PHE B 79 -25.75 -52.26 -23.12
C PHE B 79 -25.19 -50.99 -23.72
N ASP B 80 -25.44 -49.85 -23.07
CA ASP B 80 -25.03 -48.56 -23.61
C ASP B 80 -23.88 -47.87 -22.87
N ASN B 81 -23.44 -48.38 -21.72
CA ASN B 81 -22.72 -47.49 -20.80
C ASN B 81 -21.42 -46.98 -21.41
N PRO B 82 -21.30 -45.71 -21.72
CA PRO B 82 -20.11 -45.19 -22.40
C PRO B 82 -18.98 -44.91 -21.43
N VAL B 83 -17.76 -44.87 -21.98
CA VAL B 83 -16.67 -44.19 -21.29
C VAL B 83 -17.01 -42.72 -21.19
N LEU B 84 -16.94 -42.17 -19.99
CA LEU B 84 -17.39 -40.82 -19.81
C LEU B 84 -16.28 -39.95 -19.26
N PRO B 85 -16.14 -38.71 -19.75
CA PRO B 85 -15.11 -37.82 -19.21
C PRO B 85 -15.40 -37.48 -17.77
N PHE B 86 -14.34 -37.22 -17.01
CA PHE B 86 -14.50 -36.80 -15.61
C PHE B 86 -14.82 -35.32 -15.51
N ASN B 87 -14.27 -34.50 -16.40
CA ASN B 87 -14.45 -33.04 -16.43
C ASN B 87 -13.99 -32.48 -15.08
N ASP B 88 -14.73 -31.57 -14.47
CA ASP B 88 -14.35 -30.99 -13.18
C ASP B 88 -14.53 -31.95 -12.02
N GLY B 89 -15.76 -32.37 -11.75
CA GLY B 89 -16.02 -33.40 -10.77
C GLY B 89 -17.21 -34.20 -11.21
N VAL B 90 -17.46 -35.29 -10.48
CA VAL B 90 -18.47 -36.26 -10.89
C VAL B 90 -19.40 -36.56 -9.72
N TYR B 91 -20.69 -36.64 -10.02
CA TYR B 91 -21.73 -37.07 -9.10
C TYR B 91 -22.31 -38.37 -9.64
N PHE B 92 -22.87 -39.18 -8.75
CA PHE B 92 -23.45 -40.46 -9.15
C PHE B 92 -24.62 -40.84 -8.25
N ALA B 93 -25.62 -41.46 -8.85
CA ALA B 93 -26.80 -41.89 -8.10
C ALA B 93 -27.39 -43.11 -8.76
N SER B 94 -27.95 -44.01 -7.94
CA SER B 94 -28.57 -45.22 -8.46
C SER B 94 -29.55 -45.76 -7.42
N THR B 95 -30.45 -46.63 -7.89
CA THR B 95 -31.39 -47.32 -7.01
C THR B 95 -30.97 -48.78 -6.88
N GLU B 96 -31.24 -49.57 -7.92
CA GLU B 96 -30.68 -50.92 -8.06
C GLU B 96 -30.99 -51.79 -6.85
N LYS B 97 -32.29 -52.02 -6.63
CA LYS B 97 -32.69 -52.92 -5.52
C LYS B 97 -31.83 -54.18 -5.64
N SER B 98 -31.70 -54.73 -6.86
CA SER B 98 -30.78 -55.86 -7.07
C SER B 98 -29.49 -55.27 -7.63
N ASN B 99 -28.39 -55.39 -6.90
CA ASN B 99 -27.15 -54.70 -7.36
C ASN B 99 -26.68 -55.27 -8.69
N ILE B 100 -26.29 -54.40 -9.59
CA ILE B 100 -25.69 -54.88 -10.87
C ILE B 100 -24.48 -53.98 -11.03
N ILE B 101 -24.36 -53.00 -10.12
CA ILE B 101 -23.29 -52.01 -10.19
C ILE B 101 -22.33 -52.26 -9.05
N ARG B 102 -21.04 -52.10 -9.32
CA ARG B 102 -20.03 -52.42 -8.33
C ARG B 102 -19.09 -51.24 -8.12
N GLY B 103 -18.39 -50.83 -9.19
CA GLY B 103 -17.38 -49.80 -9.07
C GLY B 103 -17.20 -49.08 -10.39
N TRP B 104 -16.14 -48.28 -10.46
CA TRP B 104 -15.89 -47.46 -11.63
C TRP B 104 -14.42 -47.58 -12.01
N ILE B 105 -14.10 -47.26 -13.26
CA ILE B 105 -12.81 -47.55 -13.85
C ILE B 105 -11.85 -46.36 -13.80
N PHE B 106 -12.17 -45.33 -12.99
CA PHE B 106 -11.67 -43.98 -13.19
C PHE B 106 -10.19 -43.96 -13.57
N GLY B 107 -9.88 -43.14 -14.58
CA GLY B 107 -8.52 -43.06 -15.09
C GLY B 107 -8.40 -41.97 -16.11
N THR B 108 -7.36 -42.07 -16.93
CA THR B 108 -7.15 -41.10 -18.00
C THR B 108 -7.09 -41.81 -19.35
N THR B 109 -6.04 -42.61 -19.56
CA THR B 109 -5.92 -43.36 -20.81
C THR B 109 -6.87 -44.55 -20.83
N LEU B 110 -7.38 -44.96 -19.67
CA LEU B 110 -8.22 -46.16 -19.53
C LEU B 110 -7.44 -47.39 -20.01
N ASP B 111 -6.15 -47.36 -19.72
CA ASP B 111 -5.17 -48.26 -20.31
C ASP B 111 -3.95 -48.21 -19.38
N SER B 112 -2.83 -48.78 -19.83
CA SER B 112 -1.56 -48.51 -19.19
C SER B 112 -1.11 -47.10 -19.55
N LYS B 113 0.13 -46.77 -19.16
CA LYS B 113 0.80 -45.48 -19.31
C LYS B 113 0.31 -44.47 -18.28
N THR B 114 -0.81 -44.70 -17.60
CA THR B 114 -1.25 -43.90 -16.48
C THR B 114 -1.65 -44.86 -15.37
N GLN B 115 -1.87 -44.30 -14.18
CA GLN B 115 -2.43 -45.14 -13.13
C GLN B 115 -3.88 -45.44 -13.46
N SER B 116 -4.51 -46.24 -12.60
CA SER B 116 -5.92 -46.57 -12.80
C SER B 116 -6.60 -46.63 -11.45
N LEU B 117 -7.75 -45.95 -11.34
CA LEU B 117 -8.56 -46.09 -10.16
C LEU B 117 -9.60 -47.18 -10.38
N LEU B 118 -9.42 -48.29 -9.68
CA LEU B 118 -10.29 -49.42 -9.86
C LEU B 118 -11.00 -49.72 -8.55
N ILE B 119 -12.27 -49.36 -8.52
CA ILE B 119 -13.05 -49.60 -7.28
C ILE B 119 -13.81 -50.90 -7.51
N VAL B 120 -13.46 -51.96 -6.78
CA VAL B 120 -14.31 -53.17 -6.93
C VAL B 120 -14.96 -53.45 -5.57
N ASN B 121 -16.28 -53.35 -5.53
CA ASN B 121 -16.98 -53.75 -4.28
C ASN B 121 -17.29 -55.23 -4.42
N ASN B 122 -16.25 -56.05 -4.62
CA ASN B 122 -16.47 -57.51 -4.68
C ASN B 122 -17.02 -57.92 -3.31
N ALA B 123 -18.11 -58.68 -3.28
CA ALA B 123 -18.70 -58.99 -1.97
C ALA B 123 -17.68 -59.81 -1.15
N THR B 124 -17.61 -59.56 0.15
CA THR B 124 -18.17 -58.33 0.76
C THR B 124 -17.06 -57.29 0.92
N ASN B 125 -15.81 -57.71 0.72
CA ASN B 125 -14.70 -56.75 0.98
C ASN B 125 -14.40 -55.98 -0.30
N VAL B 126 -14.87 -54.74 -0.35
CA VAL B 126 -14.51 -53.90 -1.53
C VAL B 126 -12.99 -53.80 -1.47
N VAL B 127 -12.30 -54.08 -2.58
CA VAL B 127 -10.83 -53.88 -2.56
C VAL B 127 -10.52 -52.67 -3.45
N ILE B 128 -10.62 -51.46 -2.90
CA ILE B 128 -10.23 -50.36 -3.76
C ILE B 128 -8.85 -50.63 -4.32
N LYS B 129 -8.64 -50.25 -5.57
CA LYS B 129 -7.36 -50.45 -6.24
C LYS B 129 -6.99 -49.19 -7.01
N VAL B 130 -5.80 -48.68 -6.72
CA VAL B 130 -5.16 -47.68 -7.56
C VAL B 130 -3.91 -48.34 -8.14
N CYS B 131 -3.94 -48.67 -9.42
CA CYS B 131 -2.91 -49.49 -10.03
C CYS B 131 -2.73 -49.04 -11.47
N GLU B 132 -1.98 -49.84 -12.24
CA GLU B 132 -1.93 -49.72 -13.70
C GLU B 132 -2.51 -51.01 -14.28
N PHE B 133 -3.65 -50.89 -14.95
CA PHE B 133 -4.31 -52.04 -15.54
C PHE B 133 -4.34 -51.92 -17.06
N GLN B 134 -4.85 -52.97 -17.69
CA GLN B 134 -5.27 -52.91 -19.09
C GLN B 134 -6.78 -53.12 -19.12
N PHE B 135 -7.54 -52.06 -19.35
CA PHE B 135 -8.97 -52.18 -19.41
C PHE B 135 -9.43 -52.52 -20.83
N CYS B 136 -10.32 -53.50 -20.92
CA CYS B 136 -10.75 -54.01 -22.21
C CYS B 136 -11.63 -52.98 -22.91
N ASN B 137 -12.09 -53.33 -24.10
CA ASN B 137 -12.99 -52.46 -24.85
C ASN B 137 -14.39 -52.43 -24.25
N ASP B 138 -14.84 -53.52 -23.62
CA ASP B 138 -16.15 -53.59 -22.98
C ASP B 138 -15.97 -54.13 -21.57
N PRO B 139 -15.36 -53.37 -20.67
CA PRO B 139 -15.05 -53.90 -19.34
C PRO B 139 -16.28 -53.97 -18.45
N PHE B 140 -16.31 -55.01 -17.61
CA PHE B 140 -17.31 -55.21 -16.56
C PHE B 140 -16.94 -56.49 -15.83
N LEU B 141 -17.44 -56.61 -14.61
CA LEU B 141 -17.13 -57.76 -13.76
C LEU B 141 -18.03 -58.92 -14.14
N GLY B 142 -17.42 -60.04 -14.53
CA GLY B 142 -18.18 -61.25 -14.77
C GLY B 142 -18.41 -61.99 -13.45
N VAL B 143 -19.60 -62.59 -13.34
CA VAL B 143 -19.97 -63.42 -12.21
C VAL B 143 -20.42 -64.76 -12.73
N TYR B 144 -19.98 -65.82 -12.08
CA TYR B 144 -20.32 -67.18 -12.49
C TYR B 144 -20.54 -68.01 -11.22
N TYR B 145 -20.73 -69.31 -11.40
CA TYR B 145 -21.00 -70.24 -10.32
C TYR B 145 -19.87 -71.25 -10.20
N HIS B 146 -19.22 -71.30 -9.03
CA HIS B 146 -17.99 -72.13 -8.89
C HIS B 146 -18.22 -73.64 -8.86
N LYS B 147 -19.35 -74.13 -8.33
CA LYS B 147 -19.68 -75.58 -8.28
C LYS B 147 -18.85 -76.20 -7.15
N ASN B 148 -17.81 -75.49 -6.71
CA ASN B 148 -17.00 -75.95 -5.54
C ASN B 148 -17.38 -75.03 -4.38
N ASN B 149 -18.08 -75.57 -3.37
CA ASN B 149 -18.56 -74.76 -2.22
C ASN B 149 -19.85 -74.04 -2.64
N LYS B 150 -20.35 -74.30 -3.85
CA LYS B 150 -21.64 -73.74 -4.32
C LYS B 150 -21.67 -72.21 -4.16
N SER B 151 -20.60 -71.52 -4.59
CA SER B 151 -20.53 -70.04 -4.38
C SER B 151 -20.42 -69.29 -5.71
N TRP B 152 -21.11 -68.17 -5.84
CA TRP B 152 -21.00 -67.34 -7.04
C TRP B 152 -19.73 -66.52 -6.95
N MET B 153 -18.72 -66.86 -7.72
CA MET B 153 -17.51 -66.05 -7.76
C MET B 153 -17.73 -64.87 -8.68
N GLU B 154 -16.72 -64.01 -8.73
CA GLU B 154 -16.70 -62.88 -9.65
C GLU B 154 -15.39 -62.94 -10.42
N SER B 155 -15.48 -63.14 -11.73
CA SER B 155 -14.31 -63.07 -12.58
C SER B 155 -14.02 -61.58 -12.80
N GLU B 156 -12.87 -61.13 -12.29
CA GLU B 156 -12.55 -59.72 -12.32
C GLU B 156 -11.74 -59.33 -13.55
N PHE B 157 -11.28 -60.30 -14.33
CA PHE B 157 -10.50 -59.97 -15.51
C PHE B 157 -11.35 -59.87 -16.76
N ARG B 158 -12.67 -60.02 -16.62
CA ARG B 158 -13.56 -59.62 -17.70
C ARG B 158 -13.59 -58.10 -17.81
N VAL B 159 -13.20 -57.41 -16.73
CA VAL B 159 -12.98 -55.97 -16.77
C VAL B 159 -11.68 -55.71 -17.51
N TYR B 160 -10.58 -56.14 -16.90
CA TYR B 160 -9.24 -55.77 -17.32
C TYR B 160 -8.37 -57.01 -17.47
N SER B 161 -7.49 -56.98 -18.47
CA SER B 161 -6.60 -58.11 -18.68
C SER B 161 -5.46 -58.10 -17.67
N SER B 162 -4.57 -57.11 -17.77
CA SER B 162 -3.37 -57.06 -16.96
C SER B 162 -3.64 -56.32 -15.65
N ALA B 163 -3.01 -56.81 -14.59
CA ALA B 163 -2.89 -56.09 -13.33
C ALA B 163 -1.44 -56.17 -12.87
N ASN B 164 -0.77 -55.02 -12.84
CA ASN B 164 0.65 -54.97 -12.52
C ASN B 164 1.02 -53.54 -12.16
N ASN B 165 2.28 -53.34 -11.75
CA ASN B 165 2.87 -52.04 -11.45
C ASN B 165 2.20 -51.36 -10.27
N CYS B 166 1.19 -51.97 -9.65
CA CYS B 166 0.19 -51.27 -8.86
C CYS B 166 0.80 -50.34 -7.82
N THR B 167 0.29 -49.10 -7.80
CA THR B 167 0.71 -48.08 -6.86
C THR B 167 0.05 -48.18 -5.50
N PHE B 168 -1.26 -48.44 -5.44
CA PHE B 168 -1.96 -48.37 -4.16
C PHE B 168 -3.02 -49.45 -4.09
N GLU B 169 -3.34 -49.84 -2.85
CA GLU B 169 -4.35 -50.84 -2.57
C GLU B 169 -4.99 -50.50 -1.23
N TYR B 170 -6.29 -50.80 -1.11
CA TYR B 170 -6.99 -50.56 0.14
C TYR B 170 -8.23 -51.44 0.20
N VAL B 171 -8.71 -51.67 1.42
CA VAL B 171 -9.91 -52.47 1.67
C VAL B 171 -10.72 -51.77 2.77
N SER B 172 -12.05 -51.85 2.66
CA SER B 172 -12.93 -51.27 3.67
C SER B 172 -14.23 -52.05 3.70
N GLN B 173 -15.13 -51.64 4.60
CA GLN B 173 -16.48 -52.17 4.64
C GLN B 173 -17.28 -51.71 3.42
N PRO B 174 -18.17 -52.55 2.91
CA PRO B 174 -18.76 -52.30 1.60
C PRO B 174 -19.55 -51.00 1.57
N PHE B 175 -19.22 -50.16 0.58
CA PHE B 175 -19.95 -48.93 0.37
C PHE B 175 -21.35 -49.23 -0.15
N LEU B 176 -21.41 -50.02 -1.21
CA LEU B 176 -22.67 -50.59 -1.68
C LEU B 176 -23.18 -51.55 -0.61
N MET B 177 -24.42 -51.38 -0.21
CA MET B 177 -25.00 -52.20 0.85
C MET B 177 -26.47 -52.39 0.53
N ASP B 178 -27.00 -53.57 0.82
CA ASP B 178 -28.42 -53.80 0.64
C ASP B 178 -29.11 -53.80 1.99
N LEU B 179 -30.44 -53.82 1.94
CA LEU B 179 -31.31 -54.05 3.09
C LEU B 179 -32.39 -55.03 2.64
N GLU B 180 -33.17 -54.58 1.67
CA GLU B 180 -34.21 -55.30 0.96
C GLU B 180 -35.27 -55.85 1.92
N GLY B 181 -35.86 -57.00 1.60
CA GLY B 181 -37.08 -57.43 2.25
C GLY B 181 -38.26 -56.50 2.09
N LYS B 182 -38.10 -55.39 1.36
CA LYS B 182 -39.05 -54.29 1.34
C LYS B 182 -39.97 -54.28 0.13
N GLN B 183 -39.84 -55.25 -0.78
CA GLN B 183 -40.64 -55.32 -2.01
C GLN B 183 -40.77 -53.96 -2.68
N GLY B 184 -39.68 -53.21 -2.67
CA GLY B 184 -39.67 -51.84 -3.16
C GLY B 184 -39.95 -50.85 -2.04
N ASN B 185 -40.51 -49.71 -2.43
CA ASN B 185 -40.90 -48.62 -1.53
C ASN B 185 -39.69 -47.95 -0.89
N PHE B 186 -38.51 -48.59 -1.02
CA PHE B 186 -37.23 -47.96 -0.77
C PHE B 186 -36.48 -47.70 -2.07
N LYS B 187 -36.21 -48.77 -2.82
CA LYS B 187 -35.37 -48.78 -4.01
C LYS B 187 -33.92 -48.61 -3.60
N ASN B 188 -33.70 -48.29 -2.33
CA ASN B 188 -32.37 -48.06 -1.76
C ASN B 188 -31.56 -47.14 -2.66
N LEU B 189 -32.02 -45.90 -2.77
CA LEU B 189 -31.33 -44.95 -3.61
C LEU B 189 -29.95 -44.69 -3.04
N ARG B 190 -28.93 -44.86 -3.87
CA ARG B 190 -27.54 -44.83 -3.43
C ARG B 190 -26.78 -43.83 -4.28
N GLU B 191 -26.08 -42.91 -3.62
CA GLU B 191 -25.37 -41.82 -4.27
C GLU B 191 -23.89 -41.87 -3.90
N PHE B 192 -23.05 -41.54 -4.86
CA PHE B 192 -21.62 -41.50 -4.62
C PHE B 192 -21.01 -40.31 -5.34
N VAL B 193 -20.30 -39.48 -4.59
CA VAL B 193 -19.66 -38.30 -5.15
C VAL B 193 -18.16 -38.54 -5.19
N PHE B 194 -17.54 -38.12 -6.30
CA PHE B 194 -16.14 -38.38 -6.56
C PHE B 194 -15.48 -37.07 -6.96
N LYS B 195 -14.56 -36.59 -6.14
CA LYS B 195 -13.90 -35.31 -6.36
C LYS B 195 -12.40 -35.50 -6.22
N ASN B 196 -11.65 -35.11 -7.25
CA ASN B 196 -10.22 -35.34 -7.30
C ASN B 196 -9.50 -34.01 -7.21
N ILE B 197 -8.86 -33.75 -6.08
CA ILE B 197 -8.15 -32.52 -5.81
C ILE B 197 -6.92 -32.82 -4.96
N ASP B 198 -5.93 -31.93 -5.05
CA ASP B 198 -4.84 -31.78 -4.09
C ASP B 198 -4.28 -33.09 -3.56
N GLY B 199 -4.14 -34.08 -4.44
CA GLY B 199 -3.64 -35.37 -4.01
C GLY B 199 -4.61 -36.22 -3.23
N TYR B 200 -5.76 -35.66 -2.86
CA TYR B 200 -6.80 -36.42 -2.16
C TYR B 200 -8.03 -36.54 -3.06
N PHE B 201 -8.27 -37.74 -3.56
CA PHE B 201 -9.53 -38.09 -4.19
C PHE B 201 -10.41 -38.70 -3.11
N LYS B 202 -11.48 -37.99 -2.76
CA LYS B 202 -12.32 -38.35 -1.63
C LYS B 202 -13.65 -38.90 -2.12
N ILE B 203 -14.15 -39.90 -1.41
CA ILE B 203 -15.38 -40.58 -1.78
C ILE B 203 -16.47 -40.20 -0.78
N TYR B 204 -17.68 -40.03 -1.28
CA TYR B 204 -18.83 -39.69 -0.45
C TYR B 204 -19.93 -40.69 -0.75
N SER B 205 -20.87 -40.84 0.17
CA SER B 205 -21.90 -41.86 0.02
C SER B 205 -23.16 -41.42 0.74
N LYS B 206 -24.20 -42.24 0.63
CA LYS B 206 -25.50 -42.02 1.23
C LYS B 206 -26.38 -43.20 0.85
N HIS B 207 -27.43 -43.41 1.64
CA HIS B 207 -28.45 -44.40 1.32
C HIS B 207 -29.80 -43.83 1.69
N THR B 208 -30.73 -43.85 0.75
CA THR B 208 -32.00 -43.20 0.97
C THR B 208 -33.15 -44.05 0.44
N PRO B 209 -34.27 -44.09 1.15
CA PRO B 209 -35.49 -44.67 0.59
C PRO B 209 -36.10 -43.72 -0.44
N ILE B 210 -36.64 -44.28 -1.52
CA ILE B 210 -37.41 -43.49 -2.48
C ILE B 210 -38.59 -44.33 -2.95
N ASN B 211 -39.79 -43.76 -2.86
CA ASN B 211 -41.01 -44.41 -3.34
C ASN B 211 -41.36 -44.04 -4.76
N LEU B 212 -40.70 -43.04 -5.35
CA LEU B 212 -41.05 -42.62 -6.69
C LEU B 212 -40.57 -43.66 -7.71
N VAL B 213 -41.19 -43.63 -8.88
CA VAL B 213 -40.91 -44.66 -9.88
C VAL B 213 -39.44 -44.65 -10.29
N ARG B 214 -38.93 -43.48 -10.68
CA ARG B 214 -37.53 -43.38 -11.07
C ARG B 214 -36.81 -42.21 -10.42
N ASP B 215 -37.17 -41.00 -10.84
CA ASP B 215 -36.34 -39.83 -10.62
C ASP B 215 -36.40 -39.38 -9.16
N LEU B 216 -35.66 -38.31 -8.85
CA LEU B 216 -35.26 -37.95 -7.50
C LEU B 216 -36.30 -37.10 -6.79
N PRO B 217 -36.36 -37.15 -5.46
CA PRO B 217 -37.29 -36.31 -4.71
C PRO B 217 -36.75 -34.92 -4.44
N GLN B 218 -37.46 -34.15 -3.62
CA GLN B 218 -37.08 -32.80 -3.24
C GLN B 218 -36.19 -32.74 -2.02
N GLY B 219 -35.90 -33.88 -1.39
CA GLY B 219 -35.17 -33.90 -0.14
C GLY B 219 -33.69 -33.65 -0.31
N PHE B 220 -33.04 -33.25 0.77
CA PHE B 220 -31.62 -33.00 0.81
C PHE B 220 -30.88 -34.29 1.19
N SER B 221 -29.74 -34.51 0.55
CA SER B 221 -28.92 -35.68 0.81
C SER B 221 -27.53 -35.24 1.25
N ALA B 222 -27.18 -35.50 2.50
CA ALA B 222 -25.86 -35.16 2.99
C ALA B 222 -24.93 -36.36 2.87
N LEU B 223 -23.74 -36.13 2.32
CA LEU B 223 -22.80 -37.20 2.02
C LEU B 223 -21.54 -36.99 2.85
N GLU B 224 -21.24 -37.94 3.70
CA GLU B 224 -20.01 -37.80 4.45
C GLU B 224 -18.83 -38.30 3.62
N PRO B 225 -17.63 -37.77 3.83
CA PRO B 225 -16.45 -38.36 3.18
C PRO B 225 -16.18 -39.74 3.75
N LEU B 226 -16.01 -40.71 2.86
CA LEU B 226 -15.69 -42.05 3.31
C LEU B 226 -14.22 -42.16 3.67
N VAL B 227 -13.34 -42.09 2.67
CA VAL B 227 -11.91 -42.12 2.87
C VAL B 227 -11.28 -40.99 2.05
N ASP B 228 -10.31 -40.33 2.64
CA ASP B 228 -9.53 -39.31 1.95
C ASP B 228 -8.21 -39.92 1.53
N LEU B 229 -8.06 -40.28 0.25
CA LEU B 229 -6.86 -41.09 -0.10
C LEU B 229 -5.83 -40.38 -0.95
N PRO B 230 -4.52 -40.69 -0.75
CA PRO B 230 -3.46 -40.14 -1.60
C PRO B 230 -3.64 -40.79 -2.97
N ILE B 231 -4.04 -40.00 -3.96
CA ILE B 231 -4.30 -40.54 -5.31
C ILE B 231 -3.26 -39.94 -6.24
N GLY B 232 -3.06 -38.62 -6.16
CA GLY B 232 -2.05 -37.94 -6.95
C GLY B 232 -2.17 -38.06 -8.45
N ILE B 233 -3.21 -38.69 -8.98
CA ILE B 233 -3.39 -38.75 -10.43
C ILE B 233 -4.56 -37.86 -10.84
N ASN B 234 -4.44 -37.26 -12.03
CA ASN B 234 -5.56 -36.61 -12.68
C ASN B 234 -6.38 -37.66 -13.40
N ILE B 235 -7.69 -37.66 -13.17
CA ILE B 235 -8.62 -38.57 -13.83
C ILE B 235 -9.50 -37.72 -14.74
N THR B 236 -9.33 -37.86 -16.05
CA THR B 236 -10.15 -37.11 -16.99
C THR B 236 -11.30 -37.91 -17.61
N ARG B 237 -11.39 -39.22 -17.36
CA ARG B 237 -12.41 -40.01 -18.04
C ARG B 237 -12.61 -41.31 -17.27
N PHE B 238 -13.77 -41.93 -17.48
CA PHE B 238 -14.12 -43.12 -16.72
C PHE B 238 -15.30 -43.83 -17.38
N GLN B 239 -15.70 -44.94 -16.76
CA GLN B 239 -16.91 -45.69 -17.05
C GLN B 239 -17.23 -46.50 -15.81
N THR B 240 -18.48 -46.92 -15.67
CA THR B 240 -18.91 -47.70 -14.50
C THR B 240 -18.55 -49.17 -14.72
N LEU B 241 -18.89 -49.99 -13.74
CA LEU B 241 -18.67 -51.43 -13.81
C LEU B 241 -19.99 -52.15 -13.58
N LEU B 242 -20.00 -53.44 -13.94
CA LEU B 242 -21.22 -54.21 -13.99
C LEU B 242 -20.99 -55.59 -13.40
N ALA B 243 -22.09 -56.23 -13.03
CA ALA B 243 -22.07 -57.62 -12.58
C ALA B 243 -23.12 -58.38 -13.39
N LEU B 244 -22.66 -59.32 -14.22
CA LEU B 244 -23.53 -60.11 -15.07
C LEU B 244 -23.21 -61.58 -14.78
N HIS B 245 -23.93 -62.50 -15.41
CA HIS B 245 -23.73 -63.90 -15.13
C HIS B 245 -23.98 -64.76 -16.36
N ARG B 246 -24.04 -66.07 -16.15
CA ARG B 246 -24.27 -67.01 -17.25
C ARG B 246 -25.59 -67.73 -17.04
N SER B 247 -26.28 -68.01 -18.14
CA SER B 247 -27.46 -68.85 -18.10
C SER B 247 -27.23 -70.12 -18.93
N TYR B 248 -28.21 -71.01 -18.91
CA TYR B 248 -28.09 -72.30 -19.56
C TYR B 248 -29.40 -72.66 -20.24
N LEU B 249 -29.39 -73.72 -21.04
CA LEU B 249 -30.14 -73.74 -22.29
C LEU B 249 -31.60 -73.35 -22.08
N THR B 250 -31.97 -72.27 -22.77
CA THR B 250 -33.32 -71.73 -22.86
C THR B 250 -33.45 -71.09 -24.23
N PRO B 251 -34.68 -71.00 -24.77
CA PRO B 251 -34.80 -70.35 -26.09
C PRO B 251 -34.55 -68.85 -26.03
N SER B 256 -24.88 -66.97 -24.71
CA SER B 256 -25.14 -67.38 -23.30
C SER B 256 -25.97 -66.31 -22.59
N GLY B 257 -26.44 -66.60 -21.38
CA GLY B 257 -27.21 -65.61 -20.60
C GLY B 257 -26.35 -64.44 -20.20
N TRP B 258 -26.93 -63.22 -20.16
CA TRP B 258 -26.17 -61.99 -19.83
C TRP B 258 -27.15 -60.92 -19.33
N THR B 259 -26.65 -59.74 -18.94
CA THR B 259 -27.53 -58.60 -18.58
C THR B 259 -28.56 -58.92 -17.48
N ALA B 260 -28.12 -59.49 -16.36
CA ALA B 260 -29.02 -59.77 -15.21
C ALA B 260 -29.88 -58.54 -14.87
N GLY B 261 -31.20 -58.71 -14.76
CA GLY B 261 -32.10 -57.63 -14.42
C GLY B 261 -31.96 -56.41 -15.32
N ALA B 262 -32.36 -55.27 -14.77
CA ALA B 262 -32.25 -53.99 -15.45
C ALA B 262 -31.27 -53.12 -14.69
N ALA B 263 -30.66 -52.16 -15.39
CA ALA B 263 -29.68 -51.27 -14.80
C ALA B 263 -29.84 -49.86 -15.37
N ALA B 264 -29.93 -48.89 -14.45
CA ALA B 264 -29.93 -47.48 -14.81
C ALA B 264 -29.37 -46.69 -13.64
N TYR B 265 -28.75 -45.55 -13.97
CA TYR B 265 -28.17 -44.70 -12.93
C TYR B 265 -28.18 -43.25 -13.39
N TYR B 266 -27.71 -42.39 -12.50
CA TYR B 266 -27.71 -40.95 -12.69
C TYR B 266 -26.28 -40.42 -12.60
N VAL B 267 -25.95 -39.49 -13.48
CA VAL B 267 -24.64 -38.86 -13.50
C VAL B 267 -24.81 -37.36 -13.75
N GLY B 268 -24.01 -36.58 -13.03
CA GLY B 268 -23.93 -35.15 -13.25
C GLY B 268 -22.54 -34.67 -12.90
N TYR B 269 -22.14 -33.53 -13.46
CA TYR B 269 -20.78 -33.05 -13.27
C TYR B 269 -20.76 -31.94 -12.23
N LEU B 270 -19.67 -31.89 -11.46
CA LEU B 270 -19.53 -30.89 -10.42
C LEU B 270 -19.10 -29.55 -11.03
N GLN B 271 -18.92 -28.56 -10.17
CA GLN B 271 -18.73 -27.17 -10.58
C GLN B 271 -18.50 -26.30 -9.35
N PRO B 272 -17.58 -25.35 -9.39
CA PRO B 272 -17.41 -24.46 -8.23
C PRO B 272 -18.63 -23.56 -8.05
N ARG B 273 -19.16 -23.56 -6.83
CA ARG B 273 -20.30 -22.72 -6.46
C ARG B 273 -20.21 -22.43 -4.98
N THR B 274 -20.78 -21.30 -4.58
CA THR B 274 -20.80 -20.90 -3.18
C THR B 274 -22.14 -21.32 -2.59
N PHE B 275 -22.11 -22.26 -1.64
CA PHE B 275 -23.29 -22.68 -0.92
C PHE B 275 -23.30 -22.10 0.49
N LEU B 276 -24.48 -21.71 0.95
CA LEU B 276 -24.70 -21.47 2.36
C LEU B 276 -25.22 -22.76 2.99
N LEU B 277 -24.57 -23.18 4.07
CA LEU B 277 -24.81 -24.49 4.66
C LEU B 277 -25.48 -24.29 6.02
N LYS B 278 -26.68 -24.84 6.17
CA LYS B 278 -27.38 -24.76 7.44
C LYS B 278 -27.24 -26.08 8.17
N TYR B 279 -26.41 -26.11 9.20
CA TYR B 279 -26.30 -27.27 10.06
C TYR B 279 -27.51 -27.34 10.99
N ASN B 280 -27.74 -28.52 11.55
CA ASN B 280 -28.80 -28.68 12.52
C ASN B 280 -28.19 -28.68 13.93
N GLU B 281 -29.04 -28.76 14.95
CA GLU B 281 -28.53 -28.86 16.34
C GLU B 281 -27.56 -30.05 16.43
N ASN B 282 -27.78 -31.09 15.59
CA ASN B 282 -26.91 -32.29 15.61
C ASN B 282 -25.88 -32.22 14.47
N GLY B 283 -25.83 -31.10 13.73
CA GLY B 283 -24.85 -30.93 12.65
C GLY B 283 -25.31 -31.55 11.33
N THR B 284 -26.56 -32.02 11.28
CA THR B 284 -27.11 -32.62 10.02
C THR B 284 -27.59 -31.50 9.08
N ILE B 285 -26.84 -31.23 8.01
CA ILE B 285 -27.20 -30.17 7.10
C ILE B 285 -28.50 -30.53 6.39
N THR B 286 -29.50 -29.66 6.48
CA THR B 286 -30.68 -29.79 5.65
C THR B 286 -30.64 -28.78 4.50
N ASP B 287 -30.93 -27.52 4.77
CA ASP B 287 -31.05 -26.52 3.72
C ASP B 287 -29.67 -26.06 3.29
N ALA B 288 -29.41 -26.19 1.99
CA ALA B 288 -28.29 -25.55 1.31
C ALA B 288 -28.84 -24.70 0.20
N VAL B 289 -28.17 -23.58 -0.07
CA VAL B 289 -28.61 -22.64 -1.11
C VAL B 289 -27.40 -22.23 -1.93
N ASP B 290 -27.53 -22.36 -3.26
CA ASP B 290 -26.52 -21.82 -4.15
C ASP B 290 -26.69 -20.32 -4.29
N CYS B 291 -25.56 -19.60 -4.34
CA CYS B 291 -25.62 -18.15 -4.52
C CYS B 291 -25.86 -17.72 -5.94
N ALA B 292 -25.20 -18.37 -6.90
CA ALA B 292 -25.32 -17.97 -8.32
C ALA B 292 -26.56 -18.55 -8.99
N LEU B 293 -27.39 -19.34 -8.29
CA LEU B 293 -28.50 -20.04 -9.00
C LEU B 293 -29.41 -19.06 -9.74
N ASP B 294 -29.87 -18.02 -9.06
CA ASP B 294 -30.74 -17.02 -9.73
C ASP B 294 -30.46 -15.66 -9.08
N PRO B 295 -30.91 -14.50 -9.61
CA PRO B 295 -30.70 -13.25 -8.89
C PRO B 295 -31.36 -13.23 -7.51
N LEU B 296 -32.30 -14.13 -7.27
CA LEU B 296 -32.93 -14.21 -5.95
C LEU B 296 -32.04 -14.97 -4.98
N SER B 297 -31.38 -16.03 -5.46
CA SER B 297 -30.55 -16.86 -4.60
C SER B 297 -29.28 -16.15 -4.14
N GLU B 298 -28.82 -15.15 -4.87
CA GLU B 298 -27.56 -14.50 -4.53
C GLU B 298 -27.69 -13.51 -3.38
N THR B 299 -28.92 -13.04 -3.15
CA THR B 299 -29.21 -12.10 -2.04
C THR B 299 -29.27 -12.88 -0.72
N LYS B 300 -29.83 -14.09 -0.76
CA LYS B 300 -29.95 -14.91 0.47
C LYS B 300 -28.53 -15.25 0.97
N CYS B 301 -27.52 -15.04 0.11
CA CYS B 301 -26.17 -15.44 0.49
C CYS B 301 -25.61 -14.19 1.12
N THR B 302 -26.21 -13.05 0.78
CA THR B 302 -25.77 -11.79 1.41
C THR B 302 -26.32 -11.70 2.84
N LEU B 303 -27.58 -12.07 3.06
CA LEU B 303 -28.11 -12.05 4.44
C LEU B 303 -27.68 -13.31 5.23
N LYS B 304 -27.11 -14.33 4.59
CA LYS B 304 -26.71 -15.57 5.25
C LYS B 304 -27.91 -16.31 5.82
N SER B 305 -29.12 -15.77 5.70
CA SER B 305 -30.30 -16.37 6.31
C SER B 305 -31.17 -17.07 5.27
N PHE B 306 -31.83 -18.14 5.69
CA PHE B 306 -32.87 -18.74 4.86
C PHE B 306 -34.18 -18.00 4.95
N THR B 307 -34.38 -17.18 5.97
CA THR B 307 -35.52 -16.28 6.05
C THR B 307 -35.09 -14.94 5.50
N VAL B 308 -35.85 -14.41 4.56
CA VAL B 308 -35.58 -13.14 3.93
C VAL B 308 -36.73 -12.20 4.25
N GLU B 309 -36.43 -11.19 5.05
CA GLU B 309 -37.47 -10.29 5.51
C GLU B 309 -37.98 -9.43 4.38
N LYS B 310 -39.26 -9.06 4.47
CA LYS B 310 -39.88 -8.22 3.47
C LYS B 310 -39.10 -6.92 3.30
N GLY B 311 -38.69 -6.64 2.07
CA GLY B 311 -37.95 -5.44 1.79
C GLY B 311 -37.09 -5.61 0.56
N ILE B 312 -36.25 -4.61 0.33
CA ILE B 312 -35.36 -4.57 -0.81
C ILE B 312 -33.93 -4.74 -0.32
N TYR B 313 -33.18 -5.62 -0.99
CA TYR B 313 -31.82 -5.94 -0.63
C TYR B 313 -30.93 -5.76 -1.86
N GLN B 314 -29.70 -5.36 -1.64
CA GLN B 314 -28.82 -5.08 -2.75
C GLN B 314 -27.88 -6.26 -2.95
N THR B 315 -28.16 -7.02 -3.99
CA THR B 315 -27.34 -8.11 -4.51
C THR B 315 -26.16 -7.54 -5.28
N SER B 316 -25.17 -8.40 -5.54
CA SER B 316 -23.95 -7.99 -6.21
C SER B 316 -24.25 -7.27 -7.51
N ASN B 317 -23.39 -6.33 -7.85
CA ASN B 317 -23.55 -5.47 -9.00
C ASN B 317 -23.41 -6.27 -10.28
N PHE B 318 -23.91 -5.71 -11.37
CA PHE B 318 -23.70 -6.29 -12.68
C PHE B 318 -22.99 -5.28 -13.56
N ARG B 319 -22.33 -5.78 -14.59
CA ARG B 319 -21.63 -4.95 -15.54
C ARG B 319 -22.00 -5.40 -16.94
N VAL B 320 -21.93 -4.43 -17.83
CA VAL B 320 -22.15 -4.76 -19.24
C VAL B 320 -20.76 -5.14 -19.67
N GLN B 321 -20.65 -6.07 -20.59
CA GLN B 321 -19.31 -6.55 -20.91
C GLN B 321 -19.00 -6.18 -22.37
N PRO B 322 -17.72 -6.13 -22.80
CA PRO B 322 -17.39 -5.62 -24.13
C PRO B 322 -17.59 -6.68 -25.20
N THR B 323 -18.10 -6.24 -26.34
CA THR B 323 -18.27 -7.12 -27.49
C THR B 323 -16.95 -7.43 -28.17
N GLU B 324 -16.14 -6.41 -28.42
CA GLU B 324 -14.98 -6.54 -29.28
C GLU B 324 -13.96 -5.47 -28.92
N SER B 325 -12.75 -5.64 -29.44
CA SER B 325 -11.70 -4.65 -29.35
C SER B 325 -11.66 -3.83 -30.63
N ILE B 326 -11.38 -2.55 -30.51
CA ILE B 326 -11.28 -1.66 -31.65
C ILE B 326 -9.88 -1.07 -31.64
N VAL B 327 -9.01 -1.50 -32.54
CA VAL B 327 -7.68 -0.83 -32.62
C VAL B 327 -7.81 0.23 -33.72
N ARG B 328 -7.40 1.47 -33.44
CA ARG B 328 -7.43 2.51 -34.51
C ARG B 328 -6.12 3.30 -34.57
N PHE B 329 -5.49 3.30 -35.75
CA PHE B 329 -4.24 4.10 -35.94
C PHE B 329 -4.50 5.00 -37.14
N ASN B 334 4.58 9.82 -42.76
CA ASN B 334 5.29 9.78 -44.03
C ASN B 334 5.21 8.39 -44.65
N LEU B 335 6.22 8.08 -45.46
CA LEU B 335 6.51 6.74 -45.94
C LEU B 335 8.01 6.64 -46.15
N CYS B 336 8.55 5.47 -45.87
CA CYS B 336 10.00 5.31 -46.06
C CYS B 336 10.30 4.91 -47.49
N PRO B 337 11.35 5.45 -48.12
CA PRO B 337 11.56 5.28 -49.57
C PRO B 337 12.10 3.91 -49.98
N PHE B 338 11.37 2.86 -49.63
CA PHE B 338 11.78 1.51 -50.02
C PHE B 338 11.48 1.25 -51.49
N GLY B 339 10.53 2.00 -52.05
CA GLY B 339 10.36 1.99 -53.48
C GLY B 339 11.45 2.76 -54.19
N GLU B 340 12.15 3.63 -53.46
CA GLU B 340 13.28 4.38 -54.02
C GLU B 340 14.62 3.74 -53.72
N VAL B 341 14.68 2.82 -52.77
CA VAL B 341 15.91 2.13 -52.45
C VAL B 341 15.90 0.76 -53.13
N PHE B 342 14.80 0.05 -52.97
CA PHE B 342 14.78 -1.34 -53.40
C PHE B 342 14.47 -1.47 -54.88
N ASN B 343 13.71 -0.53 -55.43
CA ASN B 343 13.52 -0.46 -56.86
C ASN B 343 14.43 0.57 -57.51
N ALA B 344 15.56 0.89 -56.88
CA ALA B 344 16.47 1.89 -57.43
C ALA B 344 17.17 1.36 -58.68
N THR B 345 17.63 2.30 -59.51
CA THR B 345 18.06 1.93 -60.86
C THR B 345 19.56 1.74 -60.96
N ARG B 346 20.33 2.19 -59.98
CA ARG B 346 21.78 2.26 -60.12
C ARG B 346 22.44 2.14 -58.76
N PHE B 347 22.90 0.94 -58.41
CA PHE B 347 23.69 0.74 -57.22
C PHE B 347 25.16 0.85 -57.58
N ALA B 348 25.92 1.49 -56.70
CA ALA B 348 27.35 1.58 -56.91
C ALA B 348 28.02 0.28 -56.49
N SER B 349 29.34 0.23 -56.70
CA SER B 349 30.09 -0.94 -56.29
C SER B 349 30.40 -0.90 -54.81
N VAL B 350 31.28 -1.80 -54.39
CA VAL B 350 31.51 -1.99 -52.97
C VAL B 350 32.68 -1.13 -52.50
N TYR B 351 33.47 -0.58 -53.43
CA TYR B 351 34.56 0.29 -53.02
C TYR B 351 34.03 1.67 -52.66
N ALA B 352 32.87 2.03 -53.19
CA ALA B 352 32.21 3.31 -52.94
C ALA B 352 30.72 3.15 -52.70
N TRP B 353 30.33 2.23 -51.81
CA TRP B 353 28.94 1.87 -51.61
C TRP B 353 28.10 3.03 -51.07
N ASN B 354 26.87 3.09 -51.55
CA ASN B 354 25.95 4.17 -51.21
C ASN B 354 25.28 3.88 -49.89
N ARG B 355 25.15 4.93 -49.07
CA ARG B 355 24.58 4.85 -47.75
C ARG B 355 23.52 5.92 -47.60
N LYS B 356 22.36 5.53 -47.08
CA LYS B 356 21.21 6.43 -46.99
C LYS B 356 20.65 6.35 -45.58
N ARG B 357 20.90 7.39 -44.80
CA ARG B 357 20.32 7.49 -43.47
C ARG B 357 18.83 7.74 -43.58
N ILE B 358 18.05 6.85 -42.99
CA ILE B 358 16.59 6.92 -43.11
C ILE B 358 15.99 6.97 -41.71
N SER B 359 15.07 7.91 -41.51
CA SER B 359 14.33 8.14 -40.29
C SER B 359 13.11 8.95 -40.66
N ASN B 360 12.23 9.14 -39.67
CA ASN B 360 11.05 10.04 -39.74
C ASN B 360 10.09 9.63 -40.86
N CYS B 361 9.74 8.35 -40.87
CA CYS B 361 8.81 7.78 -41.83
C CYS B 361 8.27 6.47 -41.26
N VAL B 362 7.57 5.69 -42.09
CA VAL B 362 6.95 4.47 -41.60
C VAL B 362 7.37 3.29 -42.47
N ALA B 363 7.46 2.13 -41.83
CA ALA B 363 8.04 0.95 -42.45
C ALA B 363 6.97 0.12 -43.15
N ASP B 364 7.27 -0.30 -44.37
CA ASP B 364 6.36 -1.11 -45.17
C ASP B 364 6.79 -2.58 -45.18
N TYR B 365 7.19 -3.10 -44.02
CA TYR B 365 7.81 -4.41 -43.84
C TYR B 365 7.04 -5.61 -44.37
N SER B 366 5.76 -5.43 -44.67
CA SER B 366 4.93 -6.48 -45.23
C SER B 366 5.45 -6.98 -46.58
N VAL B 367 5.57 -6.10 -47.58
CA VAL B 367 5.88 -6.53 -48.94
C VAL B 367 7.33 -6.94 -49.09
N LEU B 368 8.16 -6.65 -48.08
CA LEU B 368 9.49 -7.22 -47.98
C LEU B 368 9.42 -8.74 -48.01
N TYR B 369 8.51 -9.30 -47.22
CA TYR B 369 8.35 -10.75 -47.18
C TYR B 369 7.48 -11.21 -48.33
N ASN B 370 6.58 -10.34 -48.78
CA ASN B 370 5.69 -10.69 -49.89
C ASN B 370 6.39 -10.55 -51.24
N SER B 371 7.61 -10.01 -51.26
CA SER B 371 8.37 -9.92 -52.50
C SER B 371 8.71 -11.30 -53.04
N ALA B 372 9.48 -12.08 -52.27
CA ALA B 372 9.74 -13.52 -52.50
C ALA B 372 10.41 -13.81 -53.84
N SER B 373 11.06 -12.80 -54.42
CA SER B 373 11.94 -12.97 -55.57
C SER B 373 13.41 -12.84 -55.17
N PHE B 374 13.70 -12.93 -53.87
CA PHE B 374 15.00 -12.58 -53.33
C PHE B 374 15.73 -13.84 -52.93
N SER B 375 16.97 -13.99 -53.41
CA SER B 375 17.76 -15.19 -53.17
C SER B 375 18.10 -15.41 -51.70
N THR B 376 18.88 -14.51 -51.13
CA THR B 376 19.39 -14.71 -49.76
C THR B 376 18.90 -13.57 -48.90
N PHE B 377 17.99 -13.87 -48.00
CA PHE B 377 17.26 -12.86 -47.24
C PHE B 377 17.32 -13.28 -45.77
N LYS B 378 18.24 -12.72 -45.00
CA LYS B 378 18.37 -13.14 -43.62
C LYS B 378 18.34 -11.93 -42.69
N CYS B 379 18.08 -12.20 -41.43
CA CYS B 379 17.90 -11.13 -40.46
C CYS B 379 18.52 -11.55 -39.13
N TYR B 380 18.55 -10.59 -38.21
CA TYR B 380 19.18 -10.75 -36.90
C TYR B 380 18.40 -9.91 -35.90
N GLY B 381 18.99 -9.73 -34.72
CA GLY B 381 18.41 -8.92 -33.67
C GLY B 381 17.26 -9.57 -32.95
N VAL B 382 16.11 -9.71 -33.61
CA VAL B 382 15.01 -10.59 -33.19
C VAL B 382 14.32 -10.93 -34.49
N SER B 383 13.46 -11.97 -34.48
CA SER B 383 12.88 -12.68 -35.62
C SER B 383 12.31 -11.78 -36.71
N PRO B 384 12.33 -12.21 -37.99
CA PRO B 384 11.79 -11.34 -39.05
C PRO B 384 10.29 -11.13 -38.99
N THR B 385 9.54 -12.10 -38.48
CA THR B 385 8.10 -11.88 -38.30
C THR B 385 7.86 -10.90 -37.16
N LYS B 386 8.79 -10.83 -36.21
CA LYS B 386 8.59 -9.95 -35.07
C LYS B 386 8.95 -8.51 -35.40
N LEU B 387 9.70 -8.28 -36.47
CA LEU B 387 10.22 -6.94 -36.68
C LEU B 387 9.23 -6.01 -37.36
N ASN B 388 8.02 -6.48 -37.66
CA ASN B 388 7.00 -5.67 -38.30
C ASN B 388 6.63 -4.46 -37.45
N ASP B 389 6.55 -4.64 -36.14
CA ASP B 389 6.17 -3.56 -35.25
C ASP B 389 7.33 -3.07 -34.40
N LEU B 390 8.24 -3.97 -34.04
CA LEU B 390 9.36 -3.63 -33.17
C LEU B 390 10.31 -2.71 -33.92
N CYS B 391 10.29 -1.42 -33.58
CA CYS B 391 10.75 -0.40 -34.51
C CYS B 391 11.90 0.42 -33.94
N PHE B 392 12.36 1.37 -34.74
CA PHE B 392 13.75 1.77 -34.80
C PHE B 392 13.91 3.27 -34.66
N THR B 393 15.02 3.68 -34.04
CA THR B 393 15.30 5.11 -33.91
C THR B 393 15.81 5.69 -35.22
N ASN B 394 16.79 5.04 -35.83
CA ASN B 394 17.49 5.59 -36.98
C ASN B 394 18.17 4.49 -37.77
N VAL B 395 17.72 4.28 -39.00
CA VAL B 395 18.21 3.13 -39.74
C VAL B 395 19.20 3.61 -40.78
N TYR B 396 20.12 2.72 -41.13
CA TYR B 396 21.10 2.98 -42.16
C TYR B 396 20.87 1.98 -43.27
N ALA B 397 20.46 2.47 -44.43
CA ALA B 397 20.22 1.62 -45.59
C ALA B 397 21.37 1.80 -46.56
N ASP B 398 22.28 0.83 -46.62
CA ASP B 398 23.41 0.95 -47.53
C ASP B 398 23.46 -0.24 -48.46
N SER B 399 23.70 0.03 -49.74
CA SER B 399 23.58 -1.02 -50.75
C SER B 399 24.77 -1.00 -51.68
N PHE B 400 24.99 -2.16 -52.30
CA PHE B 400 26.09 -2.35 -53.26
C PHE B 400 25.80 -3.60 -54.07
N VAL B 401 26.71 -3.91 -54.98
CA VAL B 401 26.58 -5.04 -55.90
C VAL B 401 27.83 -5.90 -55.81
N ILE B 402 27.66 -7.18 -55.50
CA ILE B 402 28.77 -8.11 -55.38
C ILE B 402 28.45 -9.37 -56.17
N ARG B 403 29.36 -10.33 -56.12
CA ARG B 403 29.24 -11.54 -56.92
C ARG B 403 28.38 -12.58 -56.25
N GLY B 404 27.91 -13.54 -57.04
CA GLY B 404 27.02 -14.56 -56.52
C GLY B 404 27.72 -15.60 -55.68
N ASP B 405 29.06 -15.63 -55.72
CA ASP B 405 29.80 -16.56 -54.88
C ASP B 405 30.20 -15.91 -53.56
N GLU B 406 30.55 -14.62 -53.60
CA GLU B 406 31.15 -13.98 -52.43
C GLU B 406 30.11 -13.52 -51.42
N VAL B 407 28.82 -13.74 -51.67
CA VAL B 407 27.78 -13.16 -50.83
C VAL B 407 27.74 -13.85 -49.48
N ARG B 408 28.24 -15.07 -49.39
CA ARG B 408 28.34 -15.75 -48.11
C ARG B 408 29.42 -15.12 -47.24
N GLN B 409 30.37 -14.41 -47.86
CA GLN B 409 31.26 -13.55 -47.10
C GLN B 409 30.47 -12.47 -46.36
N ILE B 410 29.43 -11.94 -46.99
CA ILE B 410 28.56 -11.00 -46.30
C ILE B 410 27.77 -11.77 -45.26
N ALA B 411 28.18 -11.63 -44.02
CA ALA B 411 27.61 -12.20 -42.81
C ALA B 411 28.35 -11.50 -41.69
N PRO B 412 27.67 -11.13 -40.61
CA PRO B 412 28.34 -10.37 -39.54
C PRO B 412 29.37 -11.23 -38.81
N GLY B 413 30.64 -10.92 -39.03
CA GLY B 413 31.72 -11.68 -38.43
C GLY B 413 32.18 -12.85 -39.27
N GLN B 414 32.56 -12.60 -40.52
CA GLN B 414 33.20 -13.59 -41.36
C GLN B 414 34.41 -12.97 -42.04
N THR B 415 35.08 -13.75 -42.86
CA THR B 415 36.24 -13.29 -43.61
C THR B 415 35.97 -13.45 -45.10
N GLY B 416 37.00 -13.20 -45.89
CA GLY B 416 36.86 -13.11 -47.33
C GLY B 416 36.77 -11.66 -47.78
N LYS B 417 37.05 -11.48 -49.08
CA LYS B 417 37.58 -10.21 -49.61
C LYS B 417 36.63 -9.04 -49.37
N ILE B 418 35.34 -9.26 -49.61
CA ILE B 418 34.34 -8.21 -49.46
C ILE B 418 34.22 -7.80 -48.00
N ALA B 419 34.28 -8.76 -47.10
CA ALA B 419 34.30 -8.41 -45.70
C ALA B 419 35.70 -8.13 -45.18
N ASP B 420 36.72 -8.25 -46.01
CA ASP B 420 38.06 -8.00 -45.49
C ASP B 420 38.52 -6.60 -45.81
N TYR B 421 38.28 -6.14 -47.03
CA TYR B 421 38.83 -4.87 -47.46
C TYR B 421 37.79 -3.95 -48.08
N ASN B 422 36.57 -4.42 -48.28
CA ASN B 422 35.59 -3.70 -49.08
C ASN B 422 34.47 -3.13 -48.21
N TYR B 423 33.81 -3.95 -47.42
CA TYR B 423 32.66 -3.53 -46.62
C TYR B 423 32.56 -4.42 -45.40
N LYS B 424 32.50 -3.83 -44.22
CA LYS B 424 32.66 -4.61 -43.00
C LYS B 424 31.45 -4.50 -42.10
N LEU B 425 30.73 -5.61 -41.96
CA LEU B 425 29.74 -5.75 -40.91
C LEU B 425 30.42 -5.78 -39.56
N PRO B 426 29.78 -5.24 -38.52
CA PRO B 426 30.47 -5.11 -37.23
C PRO B 426 30.54 -6.42 -36.46
N ASP B 427 31.04 -6.35 -35.22
CA ASP B 427 31.07 -7.54 -34.39
C ASP B 427 29.73 -7.83 -33.75
N ASP B 428 28.95 -6.79 -33.47
CA ASP B 428 27.61 -6.94 -32.93
C ASP B 428 26.66 -6.19 -33.84
N PHE B 429 25.77 -6.90 -34.50
CA PHE B 429 24.99 -6.38 -35.62
C PHE B 429 23.53 -6.69 -35.39
N THR B 430 22.65 -5.87 -35.95
CA THR B 430 21.22 -6.03 -35.76
C THR B 430 20.48 -6.32 -37.06
N GLY B 431 20.88 -5.70 -38.16
CA GLY B 431 20.05 -5.56 -39.33
C GLY B 431 19.91 -6.81 -40.17
N CYS B 432 19.27 -6.63 -41.31
CA CYS B 432 18.99 -7.69 -42.26
C CYS B 432 19.86 -7.54 -43.48
N VAL B 433 20.29 -8.67 -44.02
CA VAL B 433 20.99 -8.71 -45.29
C VAL B 433 19.97 -9.15 -46.33
N ILE B 434 19.73 -8.30 -47.28
CA ILE B 434 18.81 -8.60 -48.36
C ILE B 434 19.59 -8.74 -49.64
N ALA B 435 19.42 -9.86 -50.32
CA ALA B 435 20.27 -10.22 -51.43
C ALA B 435 19.43 -10.87 -52.52
N TRP B 436 19.60 -10.39 -53.74
CA TRP B 436 18.97 -11.04 -54.89
C TRP B 436 19.84 -10.84 -56.11
N ASN B 437 19.47 -11.56 -57.16
CA ASN B 437 20.14 -11.48 -58.44
C ASN B 437 19.53 -10.38 -59.29
N SER B 438 20.39 -9.66 -59.98
CA SER B 438 19.99 -8.74 -61.02
C SER B 438 20.69 -9.05 -62.32
N ASN B 439 20.69 -10.30 -62.74
CA ASN B 439 21.47 -10.73 -63.91
C ASN B 439 20.91 -10.14 -65.20
N ASN B 440 19.60 -9.91 -65.25
CA ASN B 440 18.99 -9.36 -66.45
C ASN B 440 19.27 -7.88 -66.65
N LEU B 441 19.88 -7.21 -65.68
CA LEU B 441 20.17 -5.78 -65.79
C LEU B 441 21.67 -5.51 -65.84
N ASP B 442 22.42 -6.02 -64.86
CA ASP B 442 23.81 -5.66 -64.67
C ASP B 442 24.70 -6.28 -65.73
N SER B 443 24.69 -7.61 -65.82
CA SER B 443 25.56 -8.31 -66.75
C SER B 443 25.08 -8.12 -68.18
N LYS B 444 25.93 -7.52 -69.00
CA LYS B 444 25.56 -7.13 -70.34
C LYS B 444 26.45 -7.86 -71.34
N VAL B 445 25.88 -8.15 -72.52
CA VAL B 445 26.67 -8.69 -73.62
C VAL B 445 27.61 -7.61 -74.13
N GLY B 446 28.79 -8.03 -74.58
CA GLY B 446 29.88 -7.10 -74.77
C GLY B 446 30.66 -6.82 -73.51
N GLY B 447 30.22 -7.31 -72.36
CA GLY B 447 30.94 -7.23 -71.10
C GLY B 447 30.46 -6.10 -70.22
N ASN B 448 30.22 -6.43 -68.95
CA ASN B 448 30.00 -5.43 -67.90
C ASN B 448 31.30 -5.31 -67.14
N TYR B 449 31.86 -4.11 -67.14
CA TYR B 449 33.03 -3.78 -66.34
C TYR B 449 32.86 -2.43 -65.66
N ASN B 450 31.62 -1.99 -65.49
CA ASN B 450 31.34 -0.81 -64.68
C ASN B 450 31.72 -1.06 -63.22
N TYR B 451 31.45 -2.27 -62.73
CA TYR B 451 31.59 -2.53 -61.32
C TYR B 451 33.03 -2.77 -60.93
N LEU B 452 33.33 -2.50 -59.67
CA LEU B 452 34.69 -2.55 -59.14
C LEU B 452 34.65 -3.09 -57.72
N TYR B 453 35.83 -3.21 -57.11
CA TYR B 453 36.02 -3.58 -55.72
C TYR B 453 37.48 -3.34 -55.39
N ARG B 454 37.78 -3.30 -54.10
CA ARG B 454 39.15 -3.19 -53.64
C ARG B 454 39.66 -4.58 -53.28
N LEU B 455 40.84 -4.92 -53.79
CA LEU B 455 41.41 -6.24 -53.57
C LEU B 455 42.48 -6.25 -52.49
N PHE B 456 43.07 -5.09 -52.16
CA PHE B 456 44.14 -5.08 -51.18
C PHE B 456 44.11 -3.78 -50.39
N ARG B 457 44.63 -3.86 -49.17
CA ARG B 457 44.79 -2.75 -48.22
C ARG B 457 45.71 -3.28 -47.13
N LYS B 458 46.43 -2.38 -46.47
CA LYS B 458 47.44 -2.76 -45.50
C LYS B 458 46.86 -3.10 -44.12
N SER B 459 45.53 -3.19 -43.99
CA SER B 459 44.92 -3.70 -42.78
C SER B 459 43.51 -4.18 -43.13
N ASN B 460 42.93 -4.96 -42.22
CA ASN B 460 41.51 -5.26 -42.33
C ASN B 460 40.69 -4.00 -42.08
N LEU B 461 39.46 -4.02 -42.57
CA LEU B 461 38.67 -2.81 -42.67
C LEU B 461 37.83 -2.60 -41.42
N LYS B 462 37.83 -1.35 -40.96
CA LYS B 462 37.01 -0.97 -39.81
C LYS B 462 35.54 -1.06 -40.19
N PRO B 463 34.64 -1.35 -39.24
CA PRO B 463 33.25 -1.67 -39.59
C PRO B 463 32.47 -0.46 -40.09
N PHE B 464 31.71 -0.68 -41.17
CA PHE B 464 30.89 0.28 -41.90
C PHE B 464 31.65 1.44 -42.52
N GLU B 465 32.97 1.38 -42.64
CA GLU B 465 33.69 2.50 -43.22
C GLU B 465 34.16 2.11 -44.62
N ARG B 466 33.73 2.88 -45.61
CA ARG B 466 34.14 2.64 -46.99
C ARG B 466 35.60 3.04 -47.18
N ASP B 467 36.12 2.72 -48.36
CA ASP B 467 37.50 3.03 -48.71
C ASP B 467 37.52 3.48 -50.16
N ILE B 468 37.47 4.79 -50.37
CA ILE B 468 37.51 5.33 -51.72
C ILE B 468 38.93 5.74 -52.11
N SER B 469 39.88 5.64 -51.18
CA SER B 469 41.25 6.03 -51.42
C SER B 469 41.91 5.05 -52.40
N THR B 470 42.02 5.46 -53.65
CA THR B 470 42.53 4.61 -54.71
C THR B 470 44.02 4.75 -54.94
N GLU B 471 44.77 5.16 -53.93
CA GLU B 471 46.22 5.26 -54.04
C GLU B 471 46.85 3.88 -54.08
N ILE B 472 48.11 3.82 -54.48
CA ILE B 472 48.82 2.57 -54.63
C ILE B 472 49.29 2.10 -53.26
N TYR B 473 49.00 0.84 -52.94
CA TYR B 473 49.58 0.21 -51.75
C TYR B 473 50.90 -0.42 -52.13
N GLN B 474 51.85 -0.38 -51.20
CA GLN B 474 53.20 -0.89 -51.45
C GLN B 474 53.40 -2.14 -50.59
N ALA B 475 53.20 -3.31 -51.22
CA ALA B 475 53.29 -4.57 -50.48
C ALA B 475 54.71 -4.85 -50.06
N GLY B 476 55.63 -4.85 -51.01
CA GLY B 476 57.04 -4.87 -50.68
C GLY B 476 57.52 -3.50 -50.27
N SER B 477 58.77 -3.47 -49.83
CA SER B 477 59.33 -2.26 -49.23
C SER B 477 59.73 -1.21 -50.27
N THR B 478 59.78 -1.55 -51.55
CA THR B 478 60.25 -0.62 -52.57
C THR B 478 59.21 0.46 -52.84
N PRO B 479 59.52 1.73 -52.57
CA PRO B 479 58.48 2.77 -52.65
C PRO B 479 58.13 3.12 -54.09
N CYS B 480 56.87 2.90 -54.44
CA CYS B 480 56.35 3.28 -55.75
C CYS B 480 55.85 4.72 -55.78
N ASN B 481 55.29 5.19 -54.66
CA ASN B 481 54.96 6.60 -54.41
C ASN B 481 53.98 7.14 -55.45
N GLY B 482 52.77 6.58 -55.43
CA GLY B 482 51.66 7.09 -56.20
C GLY B 482 51.53 6.48 -57.58
N VAL B 483 52.62 6.36 -58.32
CA VAL B 483 52.61 5.69 -59.61
C VAL B 483 52.75 4.20 -59.33
N GLU B 484 52.34 3.38 -60.28
CA GLU B 484 52.46 1.93 -60.14
C GLU B 484 53.91 1.50 -60.29
N GLY B 485 54.19 0.24 -60.00
CA GLY B 485 55.53 -0.26 -60.18
C GLY B 485 55.74 -1.69 -59.71
N PHE B 486 56.92 -1.98 -59.17
CA PHE B 486 57.25 -3.31 -58.68
C PHE B 486 57.11 -3.35 -57.16
N ASN B 487 56.63 -4.52 -56.69
CA ASN B 487 56.24 -4.90 -55.33
C ASN B 487 54.93 -4.25 -54.93
N CYS B 488 54.40 -3.39 -55.78
CA CYS B 488 53.18 -2.65 -55.51
C CYS B 488 52.20 -2.92 -56.64
N TYR B 489 50.92 -3.00 -56.28
CA TYR B 489 49.89 -3.23 -57.28
C TYR B 489 48.92 -2.06 -57.26
N PHE B 490 48.03 -2.07 -58.24
CA PHE B 490 46.90 -1.15 -58.21
C PHE B 490 45.93 -1.62 -57.14
N PRO B 491 45.22 -0.69 -56.47
CA PRO B 491 44.28 -1.15 -55.42
C PRO B 491 43.04 -1.84 -55.95
N LEU B 492 42.40 -1.32 -56.98
CA LEU B 492 41.07 -1.75 -57.35
C LEU B 492 41.11 -2.75 -58.50
N GLN B 493 40.01 -3.45 -58.68
CA GLN B 493 39.84 -4.37 -59.79
C GLN B 493 38.35 -4.41 -60.13
N SER B 494 38.04 -4.72 -61.37
CA SER B 494 36.65 -4.89 -61.76
C SER B 494 36.17 -6.29 -61.41
N TYR B 495 34.88 -6.52 -61.66
CA TYR B 495 34.32 -7.85 -61.84
C TYR B 495 34.17 -8.08 -63.33
N GLY B 496 34.04 -9.34 -63.73
CA GLY B 496 33.67 -9.65 -65.10
C GLY B 496 32.24 -10.16 -65.16
N PHE B 497 31.30 -9.34 -65.61
CA PHE B 497 29.92 -9.76 -65.72
C PHE B 497 29.48 -9.79 -67.17
N GLN B 498 28.94 -10.94 -67.58
CA GLN B 498 28.19 -11.17 -68.80
C GLN B 498 27.10 -12.18 -68.45
N PRO B 499 26.02 -12.26 -69.23
CA PRO B 499 25.07 -13.37 -69.04
C PRO B 499 25.60 -14.74 -69.47
N THR B 500 26.82 -14.79 -70.03
CA THR B 500 27.51 -16.04 -70.28
C THR B 500 28.07 -16.64 -68.99
N ASN B 501 28.02 -15.92 -67.88
CA ASN B 501 28.48 -16.47 -66.61
C ASN B 501 27.54 -17.55 -66.12
N GLY B 502 28.07 -18.44 -65.29
CA GLY B 502 27.22 -19.40 -64.59
C GLY B 502 26.44 -18.76 -63.47
N VAL B 503 25.64 -19.58 -62.79
CA VAL B 503 24.73 -19.08 -61.78
C VAL B 503 25.49 -18.64 -60.54
N GLY B 504 26.69 -19.19 -60.32
CA GLY B 504 27.48 -18.78 -59.18
C GLY B 504 28.17 -17.45 -59.40
N TYR B 505 28.24 -16.99 -60.65
CA TYR B 505 28.92 -15.75 -60.99
C TYR B 505 27.95 -14.64 -61.36
N GLN B 506 26.73 -14.69 -60.84
CA GLN B 506 25.72 -13.71 -61.20
C GLN B 506 25.73 -12.53 -60.23
N PRO B 507 25.45 -11.32 -60.68
CA PRO B 507 25.54 -10.17 -59.79
C PRO B 507 24.36 -10.08 -58.84
N TYR B 508 24.69 -9.92 -57.56
CA TYR B 508 23.70 -9.69 -56.54
C TYR B 508 23.70 -8.21 -56.19
N ARG B 509 22.50 -7.65 -56.07
CA ARG B 509 22.34 -6.29 -55.59
C ARG B 509 22.03 -6.36 -54.11
N VAL B 510 23.06 -6.53 -53.30
CA VAL B 510 22.91 -6.69 -51.87
C VAL B 510 22.62 -5.34 -51.25
N VAL B 511 21.46 -5.20 -50.66
CA VAL B 511 21.15 -4.05 -49.82
C VAL B 511 21.15 -4.54 -48.38
N VAL B 512 21.78 -3.77 -47.51
CA VAL B 512 21.93 -4.11 -46.11
C VAL B 512 21.20 -3.06 -45.30
N LEU B 513 20.34 -3.52 -44.40
CA LEU B 513 19.64 -2.63 -43.50
C LEU B 513 20.20 -2.79 -42.10
N SER B 514 20.55 -1.68 -41.48
CA SER B 514 21.18 -1.74 -40.17
C SER B 514 20.41 -0.84 -39.24
N PHE B 515 20.28 -1.26 -37.98
CA PHE B 515 19.36 -0.60 -37.08
C PHE B 515 20.08 -0.27 -35.78
N GLU B 516 19.40 0.52 -34.94
CA GLU B 516 20.00 0.97 -33.69
C GLU B 516 18.89 1.38 -32.72
N LEU B 517 19.31 1.88 -31.56
CA LEU B 517 18.40 2.35 -30.52
C LEU B 517 19.14 3.34 -29.63
N LEU B 518 18.50 4.48 -29.33
CA LEU B 518 19.18 5.59 -28.68
C LEU B 518 18.22 6.31 -27.73
N HIS B 519 18.75 7.36 -27.07
CA HIS B 519 17.95 8.38 -26.39
C HIS B 519 16.96 9.06 -27.33
N ALA B 520 17.27 9.11 -28.63
CA ALA B 520 16.37 9.53 -29.68
C ALA B 520 15.16 8.61 -29.73
N PRO B 521 13.99 9.12 -30.11
CA PRO B 521 12.80 8.27 -30.18
C PRO B 521 12.82 7.42 -31.44
N ALA B 522 11.85 6.50 -31.48
CA ALA B 522 11.67 5.62 -32.63
C ALA B 522 11.08 6.44 -33.77
N THR B 523 11.95 7.17 -34.48
CA THR B 523 11.48 8.08 -35.51
C THR B 523 10.96 7.35 -36.75
N VAL B 524 11.50 6.19 -37.07
CA VAL B 524 10.97 5.35 -38.13
C VAL B 524 10.26 4.16 -37.51
N CYS B 525 8.97 4.01 -37.81
CA CYS B 525 8.23 2.99 -37.09
C CYS B 525 7.06 2.49 -37.94
N GLY B 526 6.85 1.18 -37.89
CA GLY B 526 5.80 0.55 -38.63
C GLY B 526 4.43 0.82 -38.02
N PRO B 527 3.39 0.21 -38.61
CA PRO B 527 2.01 0.42 -38.17
C PRO B 527 1.69 -0.20 -36.82
N THR B 531 -8.84 -1.61 -36.73
CA THR B 531 -10.03 -2.49 -36.71
C THR B 531 -11.31 -1.65 -36.84
N ASN B 532 -12.32 -2.18 -37.52
CA ASN B 532 -13.55 -1.38 -37.80
C ASN B 532 -14.10 -0.83 -36.49
N LEU B 533 -14.47 0.44 -36.50
CA LEU B 533 -14.97 1.15 -35.30
C LEU B 533 -16.38 0.64 -34.95
N VAL B 534 -16.71 0.63 -33.66
CA VAL B 534 -18.05 0.17 -33.19
C VAL B 534 -18.82 1.37 -32.66
N LYS B 535 -20.07 1.56 -33.11
CA LYS B 535 -20.89 2.72 -32.68
C LYS B 535 -22.15 2.23 -31.96
N ASN B 536 -22.45 2.84 -30.80
CA ASN B 536 -23.65 2.52 -29.98
C ASN B 536 -23.62 1.05 -29.54
N LYS B 537 -22.47 0.58 -29.04
CA LYS B 537 -22.34 -0.78 -28.57
C LYS B 537 -21.09 -0.87 -27.70
N CYS B 538 -21.23 -1.50 -26.54
CA CYS B 538 -20.09 -1.62 -25.63
C CYS B 538 -18.93 -2.30 -26.33
N VAL B 539 -17.78 -1.64 -26.33
CA VAL B 539 -16.60 -2.15 -27.01
C VAL B 539 -15.37 -1.81 -26.19
N ASN B 540 -14.47 -2.77 -26.07
CA ASN B 540 -13.10 -2.43 -25.75
C ASN B 540 -12.51 -1.67 -26.93
N PHE B 541 -11.53 -0.82 -26.65
CA PHE B 541 -11.01 0.00 -27.74
C PHE B 541 -9.57 0.38 -27.49
N ASN B 542 -8.91 0.76 -28.59
CA ASN B 542 -7.66 1.50 -28.55
C ASN B 542 -7.71 2.54 -29.66
N PHE B 543 -7.42 3.79 -29.31
CA PHE B 543 -7.22 4.87 -30.27
C PHE B 543 -5.82 5.42 -30.06
N ASN B 544 -4.96 5.29 -31.07
CA ASN B 544 -3.64 5.92 -31.05
C ASN B 544 -2.83 5.48 -29.84
N GLY B 545 -3.12 4.30 -29.31
CA GLY B 545 -2.53 3.81 -28.10
C GLY B 545 -3.34 4.11 -26.86
N LEU B 546 -4.19 5.14 -26.88
CA LEU B 546 -5.12 5.36 -25.79
C LEU B 546 -6.07 4.18 -25.69
N THR B 547 -6.18 3.59 -24.50
CA THR B 547 -7.02 2.42 -24.33
C THR B 547 -8.03 2.65 -23.21
N GLY B 548 -9.19 2.02 -23.38
CA GLY B 548 -10.21 2.02 -22.35
C GLY B 548 -11.38 1.18 -22.83
N THR B 549 -12.49 1.27 -22.12
CA THR B 549 -13.69 0.57 -22.54
C THR B 549 -14.90 1.47 -22.35
N GLY B 550 -15.69 1.63 -23.40
CA GLY B 550 -16.80 2.54 -23.33
C GLY B 550 -17.80 2.30 -24.42
N VAL B 551 -18.75 3.22 -24.53
CA VAL B 551 -19.76 3.22 -25.57
C VAL B 551 -19.49 4.41 -26.46
N LEU B 552 -19.01 4.15 -27.67
CA LEU B 552 -18.61 5.22 -28.58
C LEU B 552 -19.82 5.73 -29.35
N THR B 553 -20.00 7.04 -29.37
CA THR B 553 -21.13 7.66 -30.02
C THR B 553 -20.67 8.85 -30.84
N GLU B 554 -21.58 9.36 -31.67
CA GLU B 554 -21.36 10.64 -32.32
C GLU B 554 -21.59 11.76 -31.32
N SER B 555 -20.72 12.77 -31.35
CA SER B 555 -20.78 13.85 -30.39
C SER B 555 -20.44 15.17 -31.07
N ASN B 556 -21.09 16.23 -30.61
CA ASN B 556 -21.00 17.54 -31.24
C ASN B 556 -19.99 18.47 -30.58
N LYS B 557 -19.33 18.05 -29.51
CA LYS B 557 -18.29 18.89 -28.94
C LYS B 557 -17.17 19.07 -29.96
N LYS B 558 -16.59 20.26 -29.99
CA LYS B 558 -15.82 20.74 -31.13
C LYS B 558 -14.38 20.97 -30.73
N PHE B 559 -13.47 20.15 -31.22
CA PHE B 559 -12.06 20.26 -30.89
C PHE B 559 -11.39 21.43 -31.61
N LEU B 560 -10.24 21.81 -31.08
CA LEU B 560 -9.25 22.51 -31.87
C LEU B 560 -8.40 21.51 -32.63
N PRO B 561 -7.97 21.85 -33.84
CA PRO B 561 -7.42 20.83 -34.76
C PRO B 561 -6.28 20.00 -34.20
N PHE B 562 -5.29 20.62 -33.59
CA PHE B 562 -4.12 19.86 -33.15
C PHE B 562 -4.45 18.88 -32.04
N GLN B 563 -5.60 19.04 -31.39
CA GLN B 563 -5.92 18.32 -30.18
C GLN B 563 -6.11 16.83 -30.45
N GLN B 564 -6.06 16.06 -29.37
CA GLN B 564 -6.32 14.64 -29.46
C GLN B 564 -7.51 14.26 -28.58
N PHE B 565 -7.29 14.18 -27.28
CA PHE B 565 -8.32 13.79 -26.34
C PHE B 565 -9.29 14.93 -26.08
N GLY B 566 -10.45 14.57 -25.55
CA GLY B 566 -11.16 15.41 -24.62
C GLY B 566 -11.01 14.84 -23.22
N ARG B 567 -11.38 15.64 -22.23
CA ARG B 567 -11.41 15.15 -20.86
C ARG B 567 -12.52 15.85 -20.08
N ASP B 568 -12.88 15.23 -18.97
CA ASP B 568 -13.92 15.71 -18.08
C ASP B 568 -13.28 16.29 -16.83
N ILE B 569 -14.12 16.73 -15.90
CA ILE B 569 -13.65 17.32 -14.66
C ILE B 569 -12.77 16.35 -13.89
N ALA B 570 -13.05 15.06 -14.01
CA ALA B 570 -12.47 14.05 -13.14
C ALA B 570 -11.16 13.46 -13.68
N ASP B 571 -10.61 14.01 -14.76
CA ASP B 571 -9.42 13.49 -15.42
C ASP B 571 -9.65 12.10 -16.02
N THR B 572 -10.91 11.75 -16.25
CA THR B 572 -11.26 10.63 -17.08
C THR B 572 -11.04 10.99 -18.54
N THR B 573 -11.01 9.99 -19.41
CA THR B 573 -10.98 10.28 -20.84
C THR B 573 -12.42 10.27 -21.34
N ASP B 574 -12.98 11.47 -21.55
CA ASP B 574 -14.40 11.61 -21.87
C ASP B 574 -14.71 11.46 -23.35
N ALA B 575 -13.92 12.10 -24.21
CA ALA B 575 -14.24 12.18 -25.62
C ALA B 575 -12.95 12.10 -26.40
N VAL B 576 -12.96 11.31 -27.47
CA VAL B 576 -11.78 11.12 -28.30
C VAL B 576 -12.16 11.35 -29.75
N ARG B 577 -11.16 11.64 -30.56
CA ARG B 577 -11.37 11.89 -31.97
C ARG B 577 -10.83 10.71 -32.75
N ASP B 578 -11.64 10.19 -33.66
CA ASP B 578 -11.22 9.06 -34.46
C ASP B 578 -10.06 9.50 -35.32
N PRO B 579 -8.83 8.93 -35.21
CA PRO B 579 -7.74 9.33 -36.12
C PRO B 579 -8.02 9.23 -37.62
N GLN B 580 -8.46 8.06 -38.11
CA GLN B 580 -8.63 7.89 -39.59
C GLN B 580 -9.68 8.83 -40.18
N THR B 581 -10.86 8.91 -39.57
CA THR B 581 -11.91 9.86 -40.05
C THR B 581 -12.17 10.82 -38.90
N LEU B 582 -11.75 12.08 -39.03
CA LEU B 582 -11.86 12.93 -37.87
C LEU B 582 -13.32 13.06 -37.47
N GLU B 583 -13.64 12.61 -36.27
CA GLU B 583 -14.97 12.81 -35.73
C GLU B 583 -14.86 12.76 -34.22
N ILE B 584 -15.80 13.44 -33.57
CA ILE B 584 -15.74 13.60 -32.12
C ILE B 584 -16.56 12.48 -31.51
N LEU B 585 -15.89 11.55 -30.85
CA LEU B 585 -16.53 10.36 -30.33
C LEU B 585 -16.54 10.42 -28.82
N ASP B 586 -17.73 10.43 -28.23
CA ASP B 586 -17.81 10.31 -26.78
C ASP B 586 -17.32 8.95 -26.33
N ILE B 587 -16.95 8.87 -25.07
CA ILE B 587 -16.70 7.61 -24.39
C ILE B 587 -17.56 7.60 -23.15
N THR B 588 -18.57 6.76 -23.14
CA THR B 588 -19.32 6.45 -21.93
C THR B 588 -19.08 4.99 -21.61
N PRO B 589 -18.39 4.66 -20.53
CA PRO B 589 -18.20 3.25 -20.21
C PRO B 589 -19.55 2.58 -19.98
N CYS B 590 -19.61 1.31 -20.34
CA CYS B 590 -20.87 0.59 -20.35
C CYS B 590 -21.56 0.71 -19.01
N SER B 591 -22.88 0.86 -19.06
CA SER B 591 -23.65 1.11 -17.86
C SER B 591 -23.50 -0.03 -16.87
N PHE B 592 -23.67 0.29 -15.60
CA PHE B 592 -23.68 -0.73 -14.56
C PHE B 592 -24.45 -0.16 -13.38
N GLY B 593 -24.88 -1.04 -12.52
CA GLY B 593 -25.67 -0.61 -11.38
C GLY B 593 -25.89 -1.76 -10.42
N GLY B 594 -26.31 -1.41 -9.21
CA GLY B 594 -26.60 -2.41 -8.21
C GLY B 594 -27.85 -3.18 -8.58
N VAL B 595 -27.74 -4.51 -8.59
CA VAL B 595 -28.93 -5.33 -8.60
C VAL B 595 -29.62 -5.19 -7.25
N SER B 596 -30.94 -5.03 -7.27
CA SER B 596 -31.72 -4.98 -6.05
C SER B 596 -32.81 -6.03 -6.16
N VAL B 597 -32.82 -6.98 -5.24
CA VAL B 597 -33.83 -8.01 -5.24
C VAL B 597 -34.98 -7.52 -4.37
N ILE B 598 -36.10 -7.19 -4.99
CA ILE B 598 -37.28 -6.78 -4.27
C ILE B 598 -38.09 -8.02 -3.97
N THR B 599 -38.36 -8.25 -2.70
CA THR B 599 -39.13 -9.40 -2.32
C THR B 599 -40.04 -9.07 -1.16
N PRO B 600 -41.24 -9.64 -1.12
CA PRO B 600 -41.94 -9.74 0.15
C PRO B 600 -41.18 -10.71 1.01
N GLY B 601 -41.59 -10.92 2.25
CA GLY B 601 -40.89 -11.92 3.06
C GLY B 601 -40.90 -13.26 2.36
N THR B 602 -39.78 -13.98 2.47
CA THR B 602 -39.76 -15.34 1.98
C THR B 602 -40.89 -16.15 2.62
N ASN B 603 -41.41 -15.66 3.73
CA ASN B 603 -42.59 -16.22 4.36
C ASN B 603 -43.75 -16.29 3.38
N THR B 604 -44.11 -15.16 2.78
CA THR B 604 -45.31 -15.10 1.96
C THR B 604 -45.08 -15.68 0.57
N SER B 605 -43.88 -15.57 0.02
CA SER B 605 -43.67 -16.04 -1.34
C SER B 605 -42.20 -16.32 -1.58
N ASN B 606 -41.96 -17.11 -2.63
CA ASN B 606 -40.64 -17.30 -3.21
C ASN B 606 -40.39 -16.41 -4.41
N GLN B 607 -41.33 -15.55 -4.74
CA GLN B 607 -41.27 -14.77 -5.96
C GLN B 607 -40.53 -13.47 -5.70
N VAL B 608 -39.62 -13.11 -6.59
CA VAL B 608 -38.85 -11.88 -6.46
C VAL B 608 -39.04 -11.05 -7.70
N ALA B 609 -38.90 -9.74 -7.55
CA ALA B 609 -38.91 -8.79 -8.66
C ALA B 609 -37.59 -8.06 -8.62
N VAL B 610 -36.75 -8.28 -9.61
CA VAL B 610 -35.41 -7.70 -9.58
C VAL B 610 -35.46 -6.30 -10.15
N LEU B 611 -34.73 -5.40 -9.51
CA LEU B 611 -34.55 -4.03 -9.99
C LEU B 611 -33.10 -3.85 -10.39
N TYR B 612 -32.84 -3.71 -11.69
CA TYR B 612 -31.55 -3.24 -12.12
C TYR B 612 -31.53 -1.73 -12.01
N GLN B 613 -30.64 -1.20 -11.19
CA GLN B 613 -30.63 0.23 -10.93
C GLN B 613 -29.91 0.99 -12.03
N ASP B 614 -30.54 2.05 -12.50
CA ASP B 614 -29.89 3.06 -13.34
C ASP B 614 -29.33 2.44 -14.62
N VAL B 615 -30.16 1.71 -15.33
CA VAL B 615 -29.87 1.29 -16.68
C VAL B 615 -31.14 1.46 -17.51
N ASN B 616 -30.96 1.79 -18.78
CA ASN B 616 -32.07 1.71 -19.70
C ASN B 616 -32.36 0.24 -19.93
N CYS B 617 -33.60 -0.11 -20.26
CA CYS B 617 -33.89 -1.53 -20.34
C CYS B 617 -33.56 -2.01 -21.74
N THR B 618 -32.35 -2.51 -21.90
CA THR B 618 -31.93 -3.33 -23.01
C THR B 618 -31.02 -4.42 -22.45
N GLU B 619 -29.92 -3.99 -21.83
CA GLU B 619 -28.78 -4.82 -21.47
C GLU B 619 -29.15 -6.01 -20.60
N VAL B 620 -30.37 -6.08 -20.10
CA VAL B 620 -30.90 -7.29 -19.53
C VAL B 620 -30.58 -8.52 -20.38
N ASN B 641 -41.55 -10.28 -17.45
CA ASN B 641 -42.16 -8.98 -17.65
C ASN B 641 -41.19 -7.85 -17.30
N VAL B 642 -41.16 -6.81 -18.12
CA VAL B 642 -40.21 -5.71 -17.97
C VAL B 642 -40.97 -4.40 -17.85
N PHE B 643 -40.56 -3.58 -16.90
CA PHE B 643 -41.13 -2.26 -16.69
C PHE B 643 -40.01 -1.26 -16.46
N GLN B 644 -39.88 -0.29 -17.35
CA GLN B 644 -38.90 0.78 -17.19
C GLN B 644 -39.39 1.74 -16.11
N THR B 645 -38.46 2.33 -15.37
CA THR B 645 -38.79 3.18 -14.25
C THR B 645 -37.97 4.45 -14.32
N ARG B 646 -38.17 5.30 -13.32
CA ARG B 646 -37.24 6.40 -13.09
C ARG B 646 -35.99 5.94 -12.37
N ALA B 647 -36.12 4.94 -11.51
CA ALA B 647 -34.99 4.47 -10.72
C ALA B 647 -34.08 3.56 -11.52
N GLY B 648 -34.65 2.67 -12.32
CA GLY B 648 -33.86 1.73 -13.07
C GLY B 648 -34.74 0.78 -13.82
N CYS B 649 -34.17 -0.34 -14.23
CA CYS B 649 -34.90 -1.33 -15.02
C CYS B 649 -35.45 -2.37 -14.05
N LEU B 650 -36.76 -2.42 -13.92
CA LEU B 650 -37.44 -3.27 -12.94
C LEU B 650 -38.04 -4.45 -13.66
N ILE B 651 -37.58 -5.65 -13.31
CA ILE B 651 -37.98 -6.88 -13.97
C ILE B 651 -38.82 -7.71 -13.00
N GLY B 652 -39.97 -8.17 -13.45
CA GLY B 652 -40.71 -9.16 -12.71
C GLY B 652 -41.87 -8.64 -11.89
N ALA B 653 -42.23 -7.38 -12.05
CA ALA B 653 -43.39 -6.85 -11.36
C ALA B 653 -44.23 -6.04 -12.34
N GLU B 654 -45.47 -6.48 -12.54
CA GLU B 654 -46.35 -5.75 -13.45
C GLU B 654 -46.67 -4.37 -12.88
N HIS B 655 -46.65 -3.38 -13.77
CA HIS B 655 -46.97 -2.02 -13.38
C HIS B 655 -48.42 -1.94 -12.93
N VAL B 656 -48.71 -1.00 -12.03
CA VAL B 656 -50.07 -0.73 -11.59
C VAL B 656 -50.28 0.77 -11.59
N ASN B 657 -51.45 1.19 -12.09
CA ASN B 657 -51.79 2.61 -12.01
C ASN B 657 -52.21 3.02 -10.61
N ASN B 658 -53.35 2.52 -10.14
CA ASN B 658 -53.96 3.01 -8.92
C ASN B 658 -52.98 2.90 -7.78
N SER B 659 -52.69 4.03 -7.15
CA SER B 659 -51.55 4.14 -6.24
C SER B 659 -52.01 3.97 -4.80
N TYR B 660 -51.20 3.26 -4.03
CA TYR B 660 -51.54 2.91 -2.66
C TYR B 660 -50.46 3.45 -1.76
N GLU B 661 -50.64 3.30 -0.45
CA GLU B 661 -49.61 3.77 0.45
C GLU B 661 -48.35 2.94 0.27
N CYS B 662 -47.22 3.55 0.55
CA CYS B 662 -45.95 2.90 0.26
C CYS B 662 -45.79 1.65 1.11
N ASP B 663 -45.07 0.68 0.55
CA ASP B 663 -44.92 -0.61 1.19
C ASP B 663 -43.45 -1.00 1.27
N ILE B 664 -42.85 -1.26 0.12
CA ILE B 664 -41.42 -1.46 0.01
C ILE B 664 -40.87 -0.32 -0.83
N PRO B 665 -40.18 0.65 -0.25
CA PRO B 665 -39.63 1.74 -1.05
C PRO B 665 -38.61 1.22 -2.03
N ILE B 666 -38.52 1.90 -3.17
CA ILE B 666 -37.58 1.52 -4.22
C ILE B 666 -36.75 2.74 -4.61
N GLY B 667 -37.42 3.72 -5.19
CA GLY B 667 -36.79 4.98 -5.51
C GLY B 667 -37.73 5.84 -6.33
N ALA B 668 -37.48 7.14 -6.36
CA ALA B 668 -38.29 8.07 -7.15
C ALA B 668 -39.78 7.88 -6.89
N GLY B 669 -40.13 7.53 -5.66
CA GLY B 669 -41.52 7.32 -5.31
C GLY B 669 -42.17 6.16 -6.03
N ILE B 670 -41.49 5.03 -6.10
CA ILE B 670 -42.04 3.80 -6.64
C ILE B 670 -42.00 2.78 -5.51
N CYS B 671 -43.15 2.34 -5.05
CA CYS B 671 -43.24 1.42 -3.93
C CYS B 671 -43.92 0.14 -4.37
N ALA B 672 -43.30 -0.99 -4.09
CA ALA B 672 -43.77 -2.30 -4.51
C ALA B 672 -44.40 -3.03 -3.33
N SER B 673 -45.53 -3.67 -3.59
CA SER B 673 -46.18 -4.51 -2.60
C SER B 673 -46.59 -5.82 -3.26
N TYR B 674 -46.92 -6.81 -2.44
CA TYR B 674 -47.02 -8.16 -2.97
C TYR B 674 -48.36 -8.47 -3.63
N GLN B 675 -49.46 -7.97 -3.07
CA GLN B 675 -50.77 -8.49 -3.41
C GLN B 675 -51.11 -8.22 -4.88
N THR B 676 -52.10 -8.97 -5.37
CA THR B 676 -52.71 -8.70 -6.68
C THR B 676 -52.92 -7.20 -6.91
N SER B 689 -52.53 -16.45 -8.40
CA SER B 689 -53.24 -15.21 -8.15
C SER B 689 -52.28 -14.05 -8.03
N GLN B 690 -51.79 -13.84 -6.81
CA GLN B 690 -51.01 -12.64 -6.52
C GLN B 690 -49.68 -12.63 -7.24
N SER B 691 -49.19 -11.41 -7.49
CA SER B 691 -47.90 -11.19 -8.10
C SER B 691 -47.37 -9.86 -7.60
N ILE B 692 -46.04 -9.77 -7.48
CA ILE B 692 -45.41 -8.54 -7.06
C ILE B 692 -45.77 -7.42 -8.04
N ILE B 693 -46.24 -6.30 -7.51
CA ILE B 693 -46.56 -5.17 -8.37
C ILE B 693 -45.61 -4.03 -8.05
N ALA B 694 -45.72 -2.95 -8.80
CA ALA B 694 -44.97 -1.74 -8.55
C ALA B 694 -45.80 -0.57 -9.03
N TYR B 695 -45.76 0.53 -8.29
CA TYR B 695 -46.64 1.63 -8.60
C TYR B 695 -46.05 2.91 -8.04
N THR B 696 -46.50 4.03 -8.59
CA THR B 696 -46.09 5.31 -8.04
C THR B 696 -46.57 5.44 -6.62
N MET B 697 -45.65 5.75 -5.72
CA MET B 697 -46.00 5.86 -4.31
C MET B 697 -47.06 6.92 -4.11
N SER B 698 -48.16 6.54 -3.49
CA SER B 698 -49.17 7.50 -3.11
C SER B 698 -48.81 8.06 -1.75
N LEU B 699 -49.04 9.36 -1.57
CA LEU B 699 -48.68 10.03 -0.33
C LEU B 699 -49.95 10.16 0.48
N GLY B 700 -50.04 9.40 1.57
CA GLY B 700 -51.19 9.50 2.43
C GLY B 700 -52.49 9.26 1.69
N ALA B 701 -53.57 9.72 2.30
CA ALA B 701 -54.89 9.70 1.70
C ALA B 701 -55.38 11.13 1.57
N GLU B 702 -55.83 11.50 0.38
CA GLU B 702 -56.20 12.88 0.14
C GLU B 702 -57.36 13.31 1.02
N ASN B 703 -57.30 14.55 1.47
CA ASN B 703 -58.42 15.23 2.12
C ASN B 703 -58.43 16.68 1.68
N SER B 704 -59.62 17.25 1.59
CA SER B 704 -59.77 18.68 1.35
C SER B 704 -60.68 19.20 2.46
N VAL B 705 -60.12 20.01 3.35
CA VAL B 705 -60.87 20.46 4.51
C VAL B 705 -61.92 21.44 4.04
N ALA B 706 -63.18 21.16 4.36
CA ALA B 706 -64.22 22.11 4.01
C ALA B 706 -64.03 23.34 4.87
N TYR B 707 -63.82 24.47 4.22
CA TYR B 707 -63.32 25.65 4.91
C TYR B 707 -64.14 26.85 4.49
N SER B 708 -64.50 27.68 5.47
CA SER B 708 -65.05 28.97 5.15
C SER B 708 -64.85 29.87 6.35
N ASN B 709 -64.89 31.16 6.08
CA ASN B 709 -64.49 32.17 7.07
C ASN B 709 -65.35 32.17 8.31
N ASN B 710 -66.56 31.62 8.24
CA ASN B 710 -67.37 31.47 9.44
C ASN B 710 -67.39 30.04 9.99
N SER B 711 -66.65 29.12 9.40
CA SER B 711 -66.80 27.71 9.71
C SER B 711 -65.77 27.25 10.72
N ILE B 712 -66.24 26.76 11.88
CA ILE B 712 -65.36 26.20 12.88
C ILE B 712 -65.84 24.79 13.22
N ALA B 713 -64.89 23.93 13.57
CA ALA B 713 -65.18 22.53 13.91
C ALA B 713 -64.57 22.23 15.27
N ILE B 714 -65.42 22.02 16.26
CA ILE B 714 -65.01 21.76 17.63
C ILE B 714 -65.23 20.29 17.94
N PRO B 715 -64.24 19.57 18.43
CA PRO B 715 -64.46 18.18 18.82
C PRO B 715 -65.34 18.11 20.06
N THR B 716 -66.32 17.22 20.02
CA THR B 716 -67.20 17.01 21.16
C THR B 716 -66.73 15.91 22.07
N ASN B 717 -65.72 15.16 21.67
CA ASN B 717 -65.38 13.95 22.40
C ASN B 717 -63.95 13.58 22.05
N PHE B 718 -63.35 12.76 22.90
CA PHE B 718 -61.92 12.52 22.82
C PHE B 718 -61.63 11.05 22.99
N THR B 719 -60.39 10.69 22.70
CA THR B 719 -59.86 9.39 23.02
C THR B 719 -58.52 9.57 23.72
N ILE B 720 -58.16 8.59 24.52
CA ILE B 720 -56.89 8.59 25.24
C ILE B 720 -56.07 7.44 24.69
N SER B 721 -55.03 7.77 23.95
CA SER B 721 -54.20 6.75 23.32
C SER B 721 -52.89 6.64 24.09
N VAL B 722 -52.37 5.42 24.17
CA VAL B 722 -51.07 5.15 24.78
C VAL B 722 -50.16 4.69 23.67
N THR B 723 -49.11 5.44 23.40
CA THR B 723 -48.23 5.17 22.28
C THR B 723 -46.83 4.87 22.78
N THR B 724 -46.40 3.62 22.58
CA THR B 724 -45.04 3.24 22.90
C THR B 724 -44.05 4.07 22.09
N GLU B 725 -43.00 4.52 22.74
CA GLU B 725 -41.90 5.19 22.08
C GLU B 725 -40.60 4.58 22.59
N ILE B 726 -39.74 4.18 21.67
CA ILE B 726 -38.61 3.31 21.98
C ILE B 726 -37.34 4.04 21.62
N LEU B 727 -36.37 4.03 22.53
CA LEU B 727 -35.13 4.75 22.34
C LEU B 727 -33.96 3.89 22.80
N PRO B 728 -32.85 3.91 22.10
CA PRO B 728 -31.62 3.38 22.67
C PRO B 728 -31.10 4.33 23.72
N VAL B 729 -30.38 3.78 24.68
CA VAL B 729 -29.82 4.60 25.75
C VAL B 729 -28.33 4.32 25.85
N SER B 730 -27.98 3.08 26.12
CA SER B 730 -26.59 2.67 26.15
C SER B 730 -26.36 1.59 25.11
N MET B 731 -25.10 1.40 24.76
CA MET B 731 -24.68 0.33 23.89
C MET B 731 -23.72 -0.56 24.67
N THR B 732 -23.57 -1.79 24.20
CA THR B 732 -22.75 -2.76 24.91
C THR B 732 -21.34 -2.22 25.11
N LYS B 733 -20.89 -2.19 26.36
CA LYS B 733 -19.57 -1.68 26.67
C LYS B 733 -18.54 -2.74 26.33
N THR B 734 -17.65 -2.41 25.40
CA THR B 734 -16.59 -3.34 25.02
C THR B 734 -15.24 -2.68 25.21
N SER B 735 -14.26 -3.50 25.53
CA SER B 735 -12.89 -3.05 25.66
C SER B 735 -12.00 -4.11 25.03
N VAL B 736 -11.15 -3.69 24.11
CA VAL B 736 -10.33 -4.60 23.33
C VAL B 736 -8.89 -4.50 23.79
N ASP B 737 -8.21 -5.63 23.85
CA ASP B 737 -6.81 -5.67 24.21
C ASP B 737 -6.01 -5.55 22.91
N CYS B 738 -5.36 -4.41 22.73
CA CYS B 738 -4.73 -4.12 21.45
C CYS B 738 -3.53 -5.02 21.21
N THR B 739 -2.65 -5.16 22.21
CA THR B 739 -1.46 -5.97 22.01
C THR B 739 -1.82 -7.42 21.74
N MET B 740 -2.80 -7.96 22.45
CA MET B 740 -3.16 -9.35 22.22
C MET B 740 -3.91 -9.51 20.91
N TYR B 741 -4.95 -8.71 20.68
CA TYR B 741 -5.73 -8.85 19.47
C TYR B 741 -4.85 -8.81 18.24
N ILE B 742 -3.87 -7.91 18.23
CA ILE B 742 -2.96 -7.84 17.10
C ILE B 742 -2.00 -9.02 17.14
N CYS B 743 -1.20 -9.09 18.18
CA CYS B 743 -0.20 -10.15 18.29
C CYS B 743 -0.69 -11.15 19.33
N GLY B 744 -1.16 -12.30 18.86
CA GLY B 744 -1.49 -13.39 19.76
C GLY B 744 -0.22 -14.07 20.25
N ASP B 745 -0.05 -14.14 21.57
CA ASP B 745 0.93 -15.04 22.19
C ASP B 745 2.30 -15.06 21.51
N SER B 746 2.73 -13.94 20.96
CA SER B 746 4.01 -13.87 20.29
C SER B 746 4.73 -12.60 20.71
N THR B 747 5.87 -12.76 21.36
CA THR B 747 6.71 -11.60 21.62
C THR B 747 7.28 -11.06 20.33
N GLU B 748 7.55 -11.94 19.37
CA GLU B 748 8.07 -11.52 18.08
C GLU B 748 7.20 -10.44 17.47
N CYS B 749 5.91 -10.72 17.35
CA CYS B 749 4.98 -9.71 16.89
C CYS B 749 4.85 -8.59 17.92
N SER B 750 4.85 -8.95 19.20
CA SER B 750 4.63 -7.94 20.23
C SER B 750 5.70 -6.87 20.21
N ASN B 751 6.95 -7.26 19.94
CA ASN B 751 8.01 -6.27 19.86
C ASN B 751 7.81 -5.33 18.68
N LEU B 752 7.43 -5.87 17.53
CA LEU B 752 7.18 -5.04 16.37
C LEU B 752 6.12 -3.98 16.66
N LEU B 753 5.08 -4.35 17.41
CA LEU B 753 4.01 -3.41 17.70
C LEU B 753 4.53 -2.17 18.39
N LEU B 754 5.59 -2.30 19.19
CA LEU B 754 6.17 -1.15 19.86
C LEU B 754 6.67 -0.11 18.88
N GLN B 755 6.96 -0.51 17.66
CA GLN B 755 7.48 0.42 16.67
C GLN B 755 6.39 1.27 16.04
N TYR B 756 5.12 0.98 16.31
CA TYR B 756 4.02 1.87 15.97
C TYR B 756 3.63 2.76 17.12
N GLY B 757 4.34 2.68 18.23
CA GLY B 757 4.15 3.65 19.29
C GLY B 757 2.82 3.50 20.00
N SER B 758 2.10 4.61 20.07
CA SER B 758 0.98 4.77 20.97
C SER B 758 -0.35 4.33 20.38
N PHE B 759 -0.35 3.77 19.17
CA PHE B 759 -1.58 3.22 18.62
C PHE B 759 -2.26 2.30 19.61
N CYS B 760 -1.52 1.31 20.11
CA CYS B 760 -2.09 0.33 21.01
C CYS B 760 -2.73 1.02 22.21
N THR B 761 -2.03 1.97 22.81
CA THR B 761 -2.59 2.62 24.00
C THR B 761 -3.73 3.56 23.65
N GLN B 762 -3.58 4.37 22.62
CA GLN B 762 -4.62 5.35 22.32
C GLN B 762 -5.93 4.68 21.91
N LEU B 763 -5.90 3.43 21.49
CA LEU B 763 -7.14 2.72 21.23
C LEU B 763 -7.88 2.45 22.52
N ASN B 764 -7.18 1.94 23.54
CA ASN B 764 -7.81 1.78 24.85
C ASN B 764 -8.30 3.11 25.38
N ARG B 765 -7.50 4.17 25.24
CA ARG B 765 -7.97 5.49 25.65
C ARG B 765 -9.23 5.87 24.88
N ALA B 766 -9.32 5.47 23.62
CA ALA B 766 -10.53 5.75 22.85
C ALA B 766 -11.71 4.96 23.37
N LEU B 767 -11.58 3.64 23.42
CA LEU B 767 -12.72 2.80 23.79
C LEU B 767 -13.17 3.07 25.21
N THR B 768 -12.23 3.35 26.10
CA THR B 768 -12.62 3.67 27.47
C THR B 768 -13.49 4.91 27.51
N GLY B 769 -13.16 5.93 26.71
CA GLY B 769 -14.01 7.10 26.61
C GLY B 769 -15.44 6.74 26.27
N ILE B 770 -15.62 5.85 25.29
CA ILE B 770 -16.94 5.29 25.04
C ILE B 770 -17.45 4.59 26.29
N ALA B 771 -16.75 3.54 26.71
CA ALA B 771 -17.23 2.68 27.79
C ALA B 771 -17.60 3.49 29.03
N VAL B 772 -16.86 4.55 29.32
CA VAL B 772 -17.19 5.38 30.48
C VAL B 772 -18.56 6.03 30.29
N GLU B 773 -18.71 6.79 29.21
CA GLU B 773 -19.92 7.58 29.07
C GLU B 773 -21.16 6.73 28.86
N GLN B 774 -21.00 5.47 28.47
CA GLN B 774 -22.17 4.60 28.39
C GLN B 774 -22.86 4.52 29.73
N ASP B 775 -22.10 4.31 30.79
CA ASP B 775 -22.66 4.33 32.12
C ASP B 775 -22.96 5.75 32.59
N LYS B 776 -22.50 6.76 31.86
CA LYS B 776 -22.99 8.11 32.10
C LYS B 776 -24.34 8.34 31.43
N ASN B 777 -24.51 7.82 30.21
CA ASN B 777 -25.81 7.88 29.56
C ASN B 777 -26.88 7.26 30.45
N THR B 778 -26.74 5.97 30.72
CA THR B 778 -27.67 5.28 31.60
C THR B 778 -27.84 6.01 32.92
N GLN B 779 -26.81 6.72 33.35
CA GLN B 779 -26.91 7.49 34.58
C GLN B 779 -27.81 8.71 34.38
N GLU B 780 -27.59 9.45 33.30
CA GLU B 780 -28.36 10.66 33.07
C GLU B 780 -29.83 10.34 32.87
N VAL B 781 -30.11 9.37 32.02
CA VAL B 781 -31.48 9.00 31.69
C VAL B 781 -32.23 8.57 32.93
N PHE B 782 -31.83 7.43 33.50
CA PHE B 782 -32.70 6.75 34.45
C PHE B 782 -32.72 7.44 35.82
N ALA B 783 -31.56 7.79 36.35
CA ALA B 783 -31.56 8.35 37.69
C ALA B 783 -31.47 9.86 37.55
N GLN B 784 -32.64 10.49 37.51
CA GLN B 784 -32.79 11.92 37.74
C GLN B 784 -33.42 12.19 39.08
N VAL B 785 -33.80 11.15 39.81
CA VAL B 785 -34.61 11.29 41.00
C VAL B 785 -33.72 11.05 42.22
N LYS B 786 -33.90 11.88 43.23
CA LYS B 786 -33.03 11.84 44.38
C LYS B 786 -33.25 10.57 45.21
N GLN B 787 -34.50 10.18 45.39
CA GLN B 787 -34.86 9.09 46.26
C GLN B 787 -35.52 7.99 45.45
N ILE B 788 -35.56 6.79 46.00
CA ILE B 788 -36.34 5.70 45.43
C ILE B 788 -37.69 5.70 46.10
N TYR B 789 -38.71 6.12 45.37
CA TYR B 789 -40.08 6.00 45.81
C TYR B 789 -40.59 4.61 45.52
N LYS B 790 -41.57 4.17 46.29
CA LYS B 790 -42.25 2.93 45.96
C LYS B 790 -43.74 3.12 46.11
N THR B 791 -44.49 2.47 45.24
CA THR B 791 -45.93 2.59 45.23
C THR B 791 -46.49 2.23 46.60
N PRO B 792 -47.62 2.79 46.98
CA PRO B 792 -48.25 2.42 48.23
C PRO B 792 -48.69 0.96 48.20
N PRO B 793 -48.98 0.37 49.34
CA PRO B 793 -49.38 -1.04 49.34
C PRO B 793 -50.65 -1.30 48.56
N ILE B 794 -51.64 -0.42 48.66
CA ILE B 794 -52.95 -0.64 48.06
C ILE B 794 -53.14 0.33 46.90
N LYS B 795 -53.67 -0.19 45.80
CA LYS B 795 -53.83 0.59 44.58
C LYS B 795 -55.28 1.03 44.45
N ASP B 796 -55.55 2.30 44.70
CA ASP B 796 -56.79 2.93 44.24
C ASP B 796 -56.40 4.21 43.53
N PHE B 797 -56.47 4.18 42.21
CA PHE B 797 -56.14 5.34 41.40
C PHE B 797 -57.37 6.01 40.80
N GLY B 798 -58.56 5.54 41.13
CA GLY B 798 -59.75 6.05 40.50
C GLY B 798 -60.20 5.23 39.31
N GLY B 799 -59.75 3.99 39.21
CA GLY B 799 -60.09 3.15 38.09
C GLY B 799 -58.97 2.87 37.11
N PHE B 800 -57.85 3.58 37.21
CA PHE B 800 -56.74 3.35 36.31
C PHE B 800 -55.96 2.16 36.84
N ASN B 801 -55.68 1.18 35.98
CA ASN B 801 -55.07 -0.06 36.42
C ASN B 801 -53.62 -0.07 36.01
N PHE B 802 -52.72 0.10 36.97
CA PHE B 802 -51.29 0.13 36.69
C PHE B 802 -50.60 -1.19 36.95
N SER B 803 -51.33 -2.22 37.35
CA SER B 803 -50.68 -3.52 37.58
C SER B 803 -49.92 -3.97 36.35
N GLN B 804 -50.34 -3.52 35.17
CA GLN B 804 -49.56 -3.74 33.96
C GLN B 804 -48.16 -3.17 34.11
N ILE B 805 -48.08 -1.87 34.39
CA ILE B 805 -46.82 -1.15 34.33
C ILE B 805 -46.06 -1.09 35.65
N LEU B 806 -46.69 -1.47 36.74
CA LEU B 806 -45.94 -1.37 37.98
C LEU B 806 -45.11 -2.62 38.23
N PRO B 807 -44.05 -2.51 39.03
CA PRO B 807 -43.21 -3.68 39.29
C PRO B 807 -44.03 -4.85 39.76
N ASP B 808 -43.65 -6.03 39.29
CA ASP B 808 -44.39 -7.25 39.60
C ASP B 808 -43.86 -7.80 40.90
N PRO B 809 -44.63 -7.77 41.98
CA PRO B 809 -44.09 -8.22 43.28
C PRO B 809 -43.71 -9.68 43.30
N SER B 810 -44.22 -10.49 42.38
CA SER B 810 -43.99 -11.92 42.38
C SER B 810 -42.86 -12.35 41.46
N LYS B 811 -42.24 -11.46 40.79
CA LYS B 811 -41.08 -11.93 40.05
C LYS B 811 -39.83 -11.84 40.93
N PRO B 812 -38.88 -12.76 40.76
CA PRO B 812 -37.64 -12.66 41.55
C PRO B 812 -36.88 -11.38 41.27
N SER B 813 -36.68 -11.05 40.00
CA SER B 813 -36.24 -9.71 39.61
C SER B 813 -37.51 -8.93 39.34
N LYS B 814 -37.79 -7.92 40.16
CA LYS B 814 -39.08 -7.27 40.06
C LYS B 814 -39.05 -6.35 38.85
N ARG B 815 -39.86 -6.67 37.86
CA ARG B 815 -39.97 -5.91 36.63
C ARG B 815 -41.42 -5.99 36.19
N SER B 816 -41.96 -4.85 35.78
CA SER B 816 -43.37 -4.78 35.44
C SER B 816 -43.71 -5.77 34.34
N PHE B 817 -44.95 -6.25 34.36
CA PHE B 817 -45.39 -7.27 33.42
C PHE B 817 -44.97 -6.95 32.00
N ILE B 818 -45.05 -5.68 31.62
CA ILE B 818 -44.69 -5.30 30.27
C ILE B 818 -43.21 -5.55 30.01
N GLU B 819 -42.35 -5.11 30.94
CA GLU B 819 -40.92 -5.17 30.67
C GLU B 819 -40.46 -6.58 30.32
N ASP B 820 -41.14 -7.60 30.85
CA ASP B 820 -40.78 -8.96 30.47
C ASP B 820 -41.06 -9.22 29.00
N LEU B 821 -42.15 -8.67 28.47
CA LEU B 821 -42.39 -8.78 27.04
C LEU B 821 -41.20 -8.24 26.26
N LEU B 822 -40.58 -7.19 26.76
CA LEU B 822 -39.47 -6.56 26.05
C LEU B 822 -38.21 -7.41 26.13
N PHE B 823 -37.85 -7.86 27.34
CA PHE B 823 -36.62 -8.62 27.49
C PHE B 823 -36.65 -9.94 26.76
N ASN B 824 -37.83 -10.43 26.38
CA ASN B 824 -37.89 -11.63 25.58
C ASN B 824 -37.63 -11.32 24.11
N LYS B 825 -38.19 -10.22 23.60
CA LYS B 825 -37.99 -9.87 22.21
C LYS B 825 -36.53 -9.63 21.90
N VAL B 826 -35.91 -8.71 22.62
CA VAL B 826 -34.50 -8.43 22.43
C VAL B 826 -33.67 -9.63 22.89
N THR B 827 -32.50 -9.79 22.27
CA THR B 827 -31.59 -10.85 22.66
C THR B 827 -30.21 -10.30 22.97
N ASP B 848 -20.61 -19.31 20.66
CA ASP B 848 -21.50 -18.17 20.52
C ASP B 848 -20.72 -16.86 20.49
N LEU B 849 -21.39 -15.73 20.70
CA LEU B 849 -20.66 -14.45 20.83
C LEU B 849 -20.26 -14.34 22.30
N ILE B 850 -20.67 -15.31 23.12
CA ILE B 850 -20.42 -15.25 24.59
C ILE B 850 -18.92 -15.32 24.92
N CYS B 851 -18.13 -16.18 24.26
CA CYS B 851 -16.70 -16.33 24.66
C CYS B 851 -15.79 -16.21 23.44
N ALA B 852 -16.30 -16.47 22.24
CA ALA B 852 -15.55 -16.38 20.99
C ALA B 852 -14.81 -15.04 20.89
N GLN B 853 -15.57 -13.94 20.89
CA GLN B 853 -14.95 -12.62 21.01
C GLN B 853 -13.95 -12.61 22.15
N LYS B 854 -14.37 -13.12 23.31
CA LYS B 854 -13.55 -13.11 24.50
C LYS B 854 -12.31 -13.98 24.37
N PHE B 855 -12.19 -14.74 23.28
CA PHE B 855 -10.93 -15.42 23.00
C PHE B 855 -9.81 -14.41 22.79
N ASN B 856 -10.00 -13.51 21.83
CA ASN B 856 -8.90 -12.75 21.26
C ASN B 856 -8.63 -11.44 21.98
N GLY B 857 -9.31 -11.18 23.09
CA GLY B 857 -9.18 -9.91 23.75
C GLY B 857 -10.32 -8.97 23.49
N LEU B 858 -11.40 -9.45 22.91
CA LEU B 858 -12.62 -8.65 22.78
C LEU B 858 -13.46 -8.95 24.00
N THR B 859 -13.57 -7.98 24.89
CA THR B 859 -14.23 -8.19 26.16
C THR B 859 -15.51 -7.37 26.21
N VAL B 860 -16.51 -7.91 26.90
CA VAL B 860 -17.76 -7.21 27.14
C VAL B 860 -17.81 -6.90 28.62
N LEU B 861 -17.64 -5.65 28.95
CA LEU B 861 -17.65 -5.30 30.36
C LEU B 861 -19.09 -5.18 30.84
N PRO B 862 -19.34 -5.52 32.09
CA PRO B 862 -20.69 -5.43 32.60
C PRO B 862 -21.12 -3.99 32.74
N PRO B 863 -22.33 -3.66 32.32
CA PRO B 863 -22.85 -2.31 32.55
C PRO B 863 -22.93 -2.04 34.04
N LEU B 864 -22.47 -0.85 34.43
CA LEU B 864 -22.39 -0.52 35.85
C LEU B 864 -23.69 -0.83 36.58
N LEU B 865 -24.82 -0.54 35.95
CA LEU B 865 -26.13 -0.72 36.59
C LEU B 865 -26.73 -2.02 36.11
N THR B 866 -26.98 -2.94 37.03
CA THR B 866 -27.67 -4.16 36.68
C THR B 866 -29.10 -3.85 36.25
N ASP B 867 -29.66 -4.74 35.44
CA ASP B 867 -31.02 -4.55 34.98
C ASP B 867 -32.00 -4.43 36.14
N GLU B 868 -31.76 -5.16 37.22
CA GLU B 868 -32.63 -5.06 38.38
C GLU B 868 -32.60 -3.66 38.97
N MET B 869 -31.46 -3.00 38.88
CA MET B 869 -31.40 -1.61 39.35
C MET B 869 -32.16 -0.69 38.42
N ILE B 870 -31.96 -0.86 37.12
CA ILE B 870 -32.69 -0.06 36.15
C ILE B 870 -34.18 -0.16 36.41
N ALA B 871 -34.65 -1.34 36.77
CA ALA B 871 -36.05 -1.52 37.10
C ALA B 871 -36.43 -0.91 38.43
N GLN B 872 -35.47 -0.56 39.29
CA GLN B 872 -35.86 0.19 40.48
C GLN B 872 -36.02 1.67 40.18
N TYR B 873 -35.11 2.25 39.41
CA TYR B 873 -35.32 3.60 38.94
C TYR B 873 -36.67 3.73 38.25
N THR B 874 -36.85 3.02 37.14
CA THR B 874 -38.11 3.11 36.43
C THR B 874 -39.29 2.69 37.28
N SER B 875 -39.06 2.08 38.44
CA SER B 875 -40.12 1.99 39.43
C SER B 875 -40.29 3.32 40.16
N ALA B 876 -39.18 3.88 40.64
CA ALA B 876 -39.24 5.16 41.34
C ALA B 876 -39.91 6.21 40.48
N LEU B 877 -39.29 6.54 39.33
CA LEU B 877 -39.85 7.50 38.40
C LEU B 877 -41.33 7.22 38.17
N LEU B 878 -41.68 5.96 38.03
CA LEU B 878 -43.08 5.62 37.86
C LEU B 878 -43.85 5.64 39.17
N ALA B 879 -43.19 5.43 40.30
CA ALA B 879 -43.92 5.53 41.55
C ALA B 879 -44.22 6.97 41.91
N GLY B 880 -43.28 7.87 41.67
CA GLY B 880 -43.51 9.27 41.98
C GLY B 880 -44.46 9.91 40.99
N THR B 881 -44.36 9.53 39.72
CA THR B 881 -45.27 10.08 38.71
C THR B 881 -46.71 9.82 39.09
N ILE B 882 -47.00 8.62 39.59
CA ILE B 882 -48.36 8.24 39.90
C ILE B 882 -48.85 8.97 41.14
N THR B 883 -48.11 8.84 42.24
CA THR B 883 -48.56 9.40 43.50
C THR B 883 -48.36 10.90 43.55
N SER B 884 -47.15 11.36 43.25
CA SER B 884 -46.71 12.71 43.58
C SER B 884 -46.89 13.70 42.44
N GLY B 885 -47.49 13.30 41.33
CA GLY B 885 -47.63 14.23 40.23
C GLY B 885 -46.30 14.50 39.59
N TRP B 886 -46.09 15.75 39.17
CA TRP B 886 -44.81 16.13 38.59
C TRP B 886 -43.88 16.79 39.59
N THR B 887 -44.31 16.99 40.82
CA THR B 887 -43.52 17.81 41.74
C THR B 887 -42.27 17.10 42.21
N PHE B 888 -42.17 15.78 42.07
CA PHE B 888 -41.01 15.11 42.60
C PHE B 888 -39.76 15.44 41.82
N GLY B 889 -39.89 15.89 40.57
CA GLY B 889 -38.74 16.35 39.84
C GLY B 889 -38.24 17.71 40.27
N ALA B 890 -39.10 18.52 40.88
CA ALA B 890 -38.74 19.85 41.33
C ALA B 890 -38.35 19.90 42.80
N GLY B 891 -38.31 18.78 43.49
CA GLY B 891 -38.04 18.82 44.91
C GLY B 891 -38.63 17.60 45.59
N ALA B 892 -38.93 17.77 46.87
CA ALA B 892 -39.58 16.71 47.63
C ALA B 892 -40.91 16.36 46.99
N ALA B 893 -41.15 15.07 46.80
CA ALA B 893 -42.40 14.62 46.21
C ALA B 893 -43.58 15.03 47.07
N LEU B 894 -44.69 15.36 46.43
CA LEU B 894 -45.89 15.81 47.13
C LEU B 894 -47.03 14.87 46.79
N GLN B 895 -47.49 14.09 47.77
CA GLN B 895 -48.61 13.21 47.48
C GLN B 895 -49.80 14.03 47.06
N ILE B 896 -50.44 13.61 45.98
CA ILE B 896 -51.62 14.29 45.48
C ILE B 896 -52.55 13.21 44.93
N PRO B 897 -53.87 13.33 45.11
CA PRO B 897 -54.76 12.31 44.59
C PRO B 897 -54.62 12.20 43.09
N PHE B 898 -54.44 10.98 42.60
CA PHE B 898 -54.12 10.82 41.19
C PHE B 898 -55.21 11.42 40.32
N ALA B 899 -56.47 11.22 40.69
CA ALA B 899 -57.55 11.82 39.93
C ALA B 899 -57.48 13.34 39.98
N MET B 900 -56.92 13.91 41.04
CA MET B 900 -56.66 15.34 41.07
C MET B 900 -55.36 15.71 40.40
N GLN B 901 -54.51 14.74 40.09
CA GLN B 901 -53.41 15.02 39.19
C GLN B 901 -53.92 15.25 37.79
N MET B 902 -54.71 14.32 37.27
CA MET B 902 -55.19 14.42 35.91
C MET B 902 -56.07 15.63 35.66
N ALA B 903 -56.58 16.27 36.71
CA ALA B 903 -57.26 17.52 36.47
C ALA B 903 -56.28 18.59 36.04
N TYR B 904 -55.05 18.55 36.57
CA TYR B 904 -54.06 19.52 36.12
C TYR B 904 -53.64 19.21 34.69
N ARG B 905 -53.25 17.96 34.44
CA ARG B 905 -52.72 17.62 33.13
C ARG B 905 -53.73 17.87 32.02
N PHE B 906 -55.02 18.03 32.34
CA PHE B 906 -55.94 18.58 31.35
C PHE B 906 -55.80 20.09 31.23
N ASN B 907 -55.72 20.79 32.36
CA ASN B 907 -55.46 22.23 32.27
C ASN B 907 -54.19 22.50 31.49
N GLY B 908 -53.22 21.60 31.55
CA GLY B 908 -52.02 21.78 30.75
C GLY B 908 -52.32 21.83 29.28
N ILE B 909 -53.22 20.97 28.80
CA ILE B 909 -53.54 20.90 27.38
C ILE B 909 -54.75 21.75 27.03
N GLY B 910 -55.27 22.52 27.98
CA GLY B 910 -56.34 23.43 27.67
C GLY B 910 -57.73 22.89 27.86
N VAL B 911 -57.88 21.63 28.21
CA VAL B 911 -59.19 21.06 28.52
C VAL B 911 -59.48 21.36 29.98
N THR B 912 -60.57 22.08 30.23
CA THR B 912 -60.91 22.41 31.60
C THR B 912 -61.17 21.15 32.40
N GLN B 913 -60.71 21.17 33.65
CA GLN B 913 -60.75 20.01 34.52
C GLN B 913 -62.15 19.46 34.72
N ASN B 914 -63.19 20.27 34.55
CA ASN B 914 -64.54 19.74 34.72
C ASN B 914 -64.83 18.61 33.74
N VAL B 915 -64.02 18.47 32.69
CA VAL B 915 -64.21 17.31 31.78
C VAL B 915 -63.87 16.02 32.53
N LEU B 916 -62.69 15.95 33.16
CA LEU B 916 -62.26 14.70 33.83
C LEU B 916 -63.18 14.34 35.01
N TYR B 917 -63.53 15.32 35.85
CA TYR B 917 -64.33 14.99 37.07
C TYR B 917 -65.68 14.39 36.65
N GLU B 918 -66.09 14.65 35.41
CA GLU B 918 -67.35 14.14 34.89
C GLU B 918 -67.15 12.89 34.07
N ASN B 919 -66.06 12.80 33.32
CA ASN B 919 -65.79 11.66 32.46
C ASN B 919 -64.87 10.63 33.08
N GLN B 920 -64.56 10.75 34.37
CA GLN B 920 -63.52 9.94 34.97
C GLN B 920 -63.69 8.45 34.65
N LYS B 921 -64.88 7.91 34.93
CA LYS B 921 -65.11 6.49 34.70
C LYS B 921 -64.80 6.11 33.26
N LEU B 922 -65.32 6.88 32.31
CA LEU B 922 -65.01 6.64 30.91
C LEU B 922 -63.51 6.68 30.66
N ILE B 923 -62.86 7.76 31.11
CA ILE B 923 -61.43 7.90 30.87
C ILE B 923 -60.68 6.75 31.49
N ALA B 924 -61.18 6.22 32.60
CA ALA B 924 -60.56 5.04 33.20
C ALA B 924 -60.50 3.90 32.20
N ASN B 925 -61.64 3.53 31.63
CA ASN B 925 -61.68 2.39 30.73
C ASN B 925 -60.81 2.63 29.50
N GLN B 926 -60.94 3.80 28.90
CA GLN B 926 -60.11 4.10 27.73
C GLN B 926 -58.64 3.95 28.06
N PHE B 927 -58.23 4.38 29.26
CA PHE B 927 -56.85 4.19 29.66
C PHE B 927 -56.52 2.71 29.73
N ASN B 928 -57.26 1.97 30.54
CA ASN B 928 -56.96 0.56 30.77
C ASN B 928 -56.96 -0.22 29.47
N SER B 929 -58.03 -0.08 28.69
CA SER B 929 -58.11 -0.78 27.42
C SER B 929 -57.01 -0.35 26.49
N ALA B 930 -56.49 0.86 26.66
CA ALA B 930 -55.32 1.27 25.88
C ALA B 930 -54.08 0.54 26.35
N ILE B 931 -53.91 0.39 27.67
CA ILE B 931 -52.74 -0.31 28.17
C ILE B 931 -52.73 -1.74 27.68
N GLY B 932 -53.89 -2.39 27.68
CA GLY B 932 -53.94 -3.77 27.24
C GLY B 932 -53.34 -3.98 25.87
N LYS B 933 -53.77 -3.17 24.90
CA LYS B 933 -53.28 -3.32 23.54
C LYS B 933 -51.79 -3.08 23.43
N ILE B 934 -51.19 -2.39 24.40
CA ILE B 934 -49.75 -2.20 24.37
C ILE B 934 -49.05 -3.55 24.51
N GLN B 935 -49.64 -4.44 25.29
CA GLN B 935 -49.11 -5.80 25.41
C GLN B 935 -49.01 -6.45 24.04
N ASP B 936 -50.14 -6.54 23.35
CA ASP B 936 -50.18 -7.27 22.08
C ASP B 936 -49.40 -6.52 21.01
N SER B 937 -49.43 -5.19 21.04
CA SER B 937 -48.58 -4.41 20.15
C SER B 937 -47.13 -4.88 20.25
N LEU B 938 -46.67 -5.14 21.47
CA LEU B 938 -45.36 -5.73 21.65
C LEU B 938 -45.42 -7.24 21.48
N SER B 939 -46.47 -7.88 21.99
CA SER B 939 -46.49 -9.33 22.06
C SER B 939 -46.54 -9.95 20.68
N SER B 940 -47.35 -9.38 19.78
CA SER B 940 -47.66 -10.01 18.51
C SER B 940 -46.77 -9.55 17.37
N THR B 941 -45.87 -8.60 17.60
CA THR B 941 -44.98 -8.10 16.55
C THR B 941 -43.60 -7.86 17.13
N ALA B 942 -42.58 -8.42 16.47
CA ALA B 942 -41.21 -8.31 16.93
C ALA B 942 -40.44 -7.16 16.30
N SER B 943 -41.06 -6.39 15.41
CA SER B 943 -40.37 -5.30 14.74
C SER B 943 -40.48 -3.96 15.47
N ALA B 944 -41.30 -3.87 16.51
CA ALA B 944 -41.43 -2.61 17.24
C ALA B 944 -40.11 -2.23 17.90
N LEU B 945 -39.37 -3.22 18.36
CA LEU B 945 -38.12 -3.00 19.07
C LEU B 945 -36.92 -2.90 18.15
N GLY B 946 -37.15 -2.84 16.84
CA GLY B 946 -36.05 -2.81 15.90
C GLY B 946 -34.97 -1.81 16.27
N LYS B 947 -35.36 -0.63 16.76
CA LYS B 947 -34.38 0.37 17.14
C LYS B 947 -33.36 -0.20 18.11
N LEU B 948 -33.83 -0.77 19.21
CA LEU B 948 -32.94 -1.51 20.09
C LEU B 948 -32.28 -2.66 19.36
N GLN B 949 -33.07 -3.48 18.69
CA GLN B 949 -32.53 -4.67 18.04
C GLN B 949 -31.45 -4.29 17.03
N ASP B 950 -31.58 -3.15 16.38
CA ASP B 950 -30.55 -2.73 15.43
C ASP B 950 -29.27 -2.37 16.15
N VAL B 951 -29.37 -1.67 17.28
CA VAL B 951 -28.18 -1.32 18.05
C VAL B 951 -27.42 -2.57 18.46
N VAL B 952 -28.13 -3.54 19.06
CA VAL B 952 -27.47 -4.74 19.54
C VAL B 952 -26.82 -5.48 18.39
N ASN B 953 -27.52 -5.58 17.26
CA ASN B 953 -26.96 -6.29 16.11
C ASN B 953 -25.69 -5.62 15.62
N GLN B 954 -25.76 -4.32 15.35
CA GLN B 954 -24.61 -3.62 14.77
C GLN B 954 -23.38 -3.77 15.66
N ASN B 955 -23.58 -3.77 16.98
CA ASN B 955 -22.45 -4.02 17.87
C ASN B 955 -21.91 -5.43 17.65
N ALA B 956 -22.77 -6.43 17.81
CA ALA B 956 -22.35 -7.80 17.54
C ALA B 956 -21.91 -7.97 16.10
N GLN B 957 -22.46 -7.17 15.19
CA GLN B 957 -22.01 -7.21 13.80
C GLN B 957 -20.53 -6.93 13.71
N ALA B 958 -20.13 -5.70 14.03
CA ALA B 958 -18.75 -5.29 13.84
C ALA B 958 -17.79 -6.21 14.58
N LEU B 959 -18.19 -6.71 15.74
CA LEU B 959 -17.34 -7.65 16.45
C LEU B 959 -17.07 -8.88 15.60
N ASN B 960 -18.10 -9.47 15.02
CA ASN B 960 -17.88 -10.57 14.08
C ASN B 960 -16.92 -10.15 12.99
N THR B 961 -17.20 -9.04 12.32
CA THR B 961 -16.29 -8.53 11.31
C THR B 961 -14.89 -8.36 11.87
N LEU B 962 -14.79 -7.74 13.04
CA LEU B 962 -13.48 -7.51 13.64
C LEU B 962 -12.77 -8.83 13.88
N VAL B 963 -13.51 -9.85 14.31
CA VAL B 963 -12.90 -11.16 14.51
C VAL B 963 -12.47 -11.75 13.18
N LYS B 964 -13.38 -11.79 12.21
CA LYS B 964 -13.06 -12.40 10.92
C LYS B 964 -11.84 -11.75 10.28
N GLN B 965 -11.54 -10.51 10.63
CA GLN B 965 -10.33 -9.89 10.12
C GLN B 965 -9.08 -10.61 10.60
N LEU B 966 -9.16 -11.37 11.68
CA LEU B 966 -8.00 -12.12 12.13
C LEU B 966 -7.61 -13.19 11.12
N SER B 967 -8.57 -13.72 10.39
CA SER B 967 -8.32 -14.82 9.48
C SER B 967 -7.93 -14.38 8.08
N SER B 968 -7.76 -13.08 7.85
CA SER B 968 -7.43 -12.60 6.52
C SER B 968 -5.92 -12.47 6.35
N ASN B 969 -5.44 -12.78 5.15
CA ASN B 969 -4.01 -12.79 4.90
C ASN B 969 -3.41 -11.40 4.94
N PHE B 970 -4.16 -10.40 4.45
CA PHE B 970 -3.65 -9.03 4.33
C PHE B 970 -2.35 -8.98 3.55
N GLY B 971 -2.18 -9.89 2.60
CA GLY B 971 -0.98 -10.00 1.83
C GLY B 971 0.10 -10.85 2.46
N ALA B 972 0.01 -11.12 3.75
CA ALA B 972 0.95 -12.03 4.38
C ALA B 972 0.68 -13.46 3.96
N ILE B 973 1.69 -14.32 4.15
CA ILE B 973 1.61 -15.69 3.68
C ILE B 973 0.53 -16.50 4.39
N SER B 974 0.18 -16.14 5.62
CA SER B 974 -0.90 -16.84 6.31
C SER B 974 -1.45 -15.95 7.40
N SER B 975 -2.65 -16.30 7.87
CA SER B 975 -3.31 -15.52 8.91
C SER B 975 -3.02 -16.03 10.30
N VAL B 976 -2.31 -17.13 10.44
CA VAL B 976 -1.88 -17.62 11.74
C VAL B 976 -0.53 -17.00 12.06
N LEU B 977 -0.48 -16.21 13.13
CA LEU B 977 0.71 -15.45 13.42
C LEU B 977 1.92 -16.34 13.66
N ASN B 978 1.69 -17.57 14.12
CA ASN B 978 2.80 -18.46 14.41
C ASN B 978 3.34 -19.12 13.15
N ASP B 979 2.47 -19.41 12.17
CA ASP B 979 2.92 -20.07 10.95
C ASP B 979 3.98 -19.25 10.24
N ILE B 980 3.78 -17.95 10.14
CA ILE B 980 4.81 -17.09 9.57
C ILE B 980 6.10 -17.22 10.37
N LEU B 981 5.98 -17.37 11.68
CA LEU B 981 7.18 -17.58 12.48
C LEU B 981 7.70 -19.01 12.33
N SER B 982 6.81 -19.97 12.13
CA SER B 982 7.26 -21.35 12.03
C SER B 982 7.97 -21.61 10.71
N ARG B 983 7.34 -21.23 9.59
CA ARG B 983 7.91 -21.57 8.29
C ARG B 983 9.18 -20.78 8.03
N LEU B 984 9.12 -19.47 8.21
CA LEU B 984 10.16 -18.58 7.71
C LEU B 984 11.13 -18.20 8.81
N ASP B 985 12.39 -18.03 8.42
CA ASP B 985 13.36 -17.40 9.30
C ASP B 985 12.90 -15.98 9.60
N LYS B 986 13.08 -15.51 10.83
CA LYS B 986 12.52 -14.22 11.25
C LYS B 986 12.87 -13.08 10.31
N VAL B 987 14.14 -12.93 9.88
CA VAL B 987 14.50 -11.69 9.15
C VAL B 987 13.57 -11.36 8.01
N GLU B 988 13.08 -12.36 7.28
CA GLU B 988 12.04 -12.11 6.30
C GLU B 988 10.68 -12.05 6.96
N ALA B 989 10.41 -12.94 7.91
CA ALA B 989 9.12 -12.98 8.57
C ALA B 989 8.75 -11.64 9.20
N GLU B 990 9.75 -10.81 9.51
CA GLU B 990 9.46 -9.47 9.99
C GLU B 990 8.57 -8.73 9.00
N VAL B 991 8.97 -8.71 7.74
CA VAL B 991 8.21 -7.98 6.73
C VAL B 991 6.81 -8.57 6.59
N GLN B 992 6.70 -9.89 6.68
CA GLN B 992 5.39 -10.52 6.61
C GLN B 992 4.49 -10.03 7.73
N ILE B 993 4.95 -10.15 8.98
CA ILE B 993 4.11 -9.81 10.12
C ILE B 993 3.66 -8.36 10.05
N ASP B 994 4.45 -7.49 9.42
CA ASP B 994 3.99 -6.13 9.17
C ASP B 994 2.64 -6.14 8.46
N ARG B 995 2.56 -6.85 7.34
CA ARG B 995 1.31 -6.88 6.60
C ARG B 995 0.17 -7.41 7.45
N LEU B 996 0.45 -8.34 8.38
CA LEU B 996 -0.57 -8.70 9.35
C LEU B 996 -0.85 -7.53 10.28
N ILE B 997 0.19 -7.02 10.94
CA ILE B 997 0.00 -5.95 11.90
C ILE B 997 -0.64 -4.74 11.22
N THR B 998 0.01 -4.22 10.19
CA THR B 998 -0.54 -3.08 9.46
C THR B 998 -2.00 -3.34 9.09
N GLY B 999 -2.29 -4.54 8.62
CA GLY B 999 -3.65 -4.89 8.32
C GLY B 999 -4.51 -4.89 9.56
N ARG B 1000 -4.13 -5.68 10.57
CA ARG B 1000 -4.96 -5.78 11.76
C ARG B 1000 -5.01 -4.46 12.50
N LEU B 1001 -3.85 -3.85 12.75
CA LEU B 1001 -3.82 -2.59 13.48
C LEU B 1001 -4.71 -1.56 12.81
N GLN B 1002 -4.67 -1.48 11.49
CA GLN B 1002 -5.64 -0.67 10.78
C GLN B 1002 -7.05 -1.16 11.08
N SER B 1003 -7.26 -2.47 11.02
CA SER B 1003 -8.61 -3.01 11.16
C SER B 1003 -9.21 -2.68 12.52
N LEU B 1004 -8.38 -2.43 13.52
CA LEU B 1004 -8.91 -1.92 14.78
C LEU B 1004 -9.40 -0.49 14.61
N GLN B 1005 -8.55 0.38 14.07
CA GLN B 1005 -8.93 1.78 13.94
C GLN B 1005 -10.23 1.91 13.17
N THR B 1006 -10.45 1.05 12.16
CA THR B 1006 -11.75 0.99 11.53
C THR B 1006 -12.82 0.69 12.55
N TYR B 1007 -12.65 -0.39 13.32
CA TYR B 1007 -13.65 -0.75 14.31
C TYR B 1007 -13.81 0.34 15.35
N VAL B 1008 -12.69 0.85 15.86
CA VAL B 1008 -12.77 1.89 16.89
C VAL B 1008 -13.50 3.10 16.36
N THR B 1009 -13.12 3.56 15.18
CA THR B 1009 -13.77 4.75 14.63
C THR B 1009 -15.26 4.53 14.46
N GLN B 1010 -15.66 3.33 14.03
CA GLN B 1010 -17.08 3.03 13.94
C GLN B 1010 -17.76 3.21 15.30
N GLN B 1011 -17.16 2.63 16.33
CA GLN B 1011 -17.77 2.71 17.65
C GLN B 1011 -17.90 4.15 18.10
N LEU B 1012 -16.84 4.94 17.93
CA LEU B 1012 -16.89 6.36 18.28
C LEU B 1012 -18.05 7.04 17.57
N ILE B 1013 -18.13 6.86 16.25
CA ILE B 1013 -19.22 7.46 15.50
C ILE B 1013 -20.55 6.92 15.98
N ARG B 1014 -20.66 5.60 16.12
CA ARG B 1014 -21.92 5.02 16.53
C ARG B 1014 -22.29 5.44 17.94
N ALA B 1015 -21.32 5.50 18.85
CA ALA B 1015 -21.62 5.97 20.19
C ALA B 1015 -22.10 7.41 20.17
N ALA B 1016 -21.51 8.23 19.30
CA ALA B 1016 -21.94 9.62 19.22
C ALA B 1016 -23.39 9.72 18.79
N GLU B 1017 -23.89 8.74 18.04
CA GLU B 1017 -25.32 8.69 17.76
C GLU B 1017 -26.10 8.35 19.03
N ILE B 1018 -25.72 7.27 19.69
CA ILE B 1018 -26.36 6.90 20.95
C ILE B 1018 -26.29 8.05 21.93
N ARG B 1019 -25.11 8.67 22.04
CA ARG B 1019 -24.98 9.84 22.90
C ARG B 1019 -26.02 10.89 22.56
N ALA B 1020 -26.35 11.04 21.28
CA ALA B 1020 -27.42 11.96 20.91
C ALA B 1020 -28.77 11.39 21.29
N SER B 1021 -28.98 10.10 21.05
CA SER B 1021 -30.25 9.49 21.41
C SER B 1021 -30.43 9.48 22.92
N ALA B 1022 -29.35 9.30 23.68
CA ALA B 1022 -29.47 9.30 25.13
C ALA B 1022 -30.01 10.62 25.63
N ASN B 1023 -29.49 11.74 25.12
CA ASN B 1023 -29.98 13.05 25.52
C ASN B 1023 -31.45 13.19 25.18
N LEU B 1024 -31.85 12.68 24.01
CA LEU B 1024 -33.26 12.72 23.66
C LEU B 1024 -34.10 12.02 24.72
N ALA B 1025 -33.64 10.87 25.20
CA ALA B 1025 -34.33 10.21 26.29
C ALA B 1025 -34.30 11.08 27.54
N ALA B 1026 -33.10 11.44 27.99
CA ALA B 1026 -32.97 12.27 29.18
C ALA B 1026 -33.77 13.54 29.07
N THR B 1027 -33.95 14.04 27.85
CA THR B 1027 -34.83 15.18 27.66
C THR B 1027 -36.28 14.78 27.88
N LYS B 1028 -36.72 13.70 27.24
CA LYS B 1028 -38.08 13.23 27.44
C LYS B 1028 -38.30 12.85 28.89
N MET B 1029 -37.40 12.03 29.44
CA MET B 1029 -37.53 11.61 30.83
C MET B 1029 -37.72 12.80 31.75
N SER B 1030 -36.96 13.86 31.53
CA SER B 1030 -37.12 15.04 32.36
C SER B 1030 -38.40 15.77 32.02
N GLU B 1031 -38.59 16.12 30.75
CA GLU B 1031 -39.73 16.96 30.40
C GLU B 1031 -41.02 16.16 30.36
N CYS B 1032 -41.00 15.02 29.69
CA CYS B 1032 -42.23 14.30 29.41
C CYS B 1032 -42.69 13.55 30.66
N VAL B 1033 -41.87 12.62 31.16
CA VAL B 1033 -42.23 11.88 32.36
C VAL B 1033 -42.34 12.80 33.57
N LEU B 1034 -41.25 13.48 33.92
CA LEU B 1034 -41.24 14.21 35.18
C LEU B 1034 -42.15 15.42 35.13
N GLY B 1035 -42.24 16.10 33.99
CA GLY B 1035 -43.16 17.21 33.87
C GLY B 1035 -44.32 16.88 32.98
N GLN B 1036 -44.92 17.89 32.38
CA GLN B 1036 -45.86 17.72 31.28
C GLN B 1036 -45.38 18.58 30.13
N SER B 1037 -45.29 17.99 28.95
CA SER B 1037 -44.67 18.67 27.82
C SER B 1037 -45.69 19.50 27.06
N LYS B 1038 -45.31 20.74 26.76
CA LYS B 1038 -46.07 21.60 25.88
C LYS B 1038 -45.55 21.56 24.45
N ARG B 1039 -44.52 20.76 24.18
CA ARG B 1039 -43.91 20.70 22.87
C ARG B 1039 -44.73 19.76 22.00
N VAL B 1040 -45.30 20.27 20.92
CA VAL B 1040 -46.22 19.47 20.13
C VAL B 1040 -45.46 18.31 19.49
N ASP B 1041 -45.97 17.10 19.69
CA ASP B 1041 -45.46 15.89 19.09
C ASP B 1041 -44.01 15.63 19.44
N PHE B 1042 -43.55 16.18 20.56
CA PHE B 1042 -42.29 15.74 21.12
C PHE B 1042 -42.48 14.45 21.90
N CYS B 1043 -43.57 14.37 22.66
CA CYS B 1043 -43.93 13.17 23.39
C CYS B 1043 -44.76 12.20 22.57
N GLY B 1044 -44.94 12.45 21.28
CA GLY B 1044 -45.79 11.58 20.51
C GLY B 1044 -47.12 12.23 20.19
N LYS B 1045 -47.72 11.77 19.10
CA LYS B 1045 -48.84 12.47 18.49
C LYS B 1045 -49.97 12.69 19.49
N GLY B 1046 -50.51 13.89 19.49
CA GLY B 1046 -51.60 14.28 20.36
C GLY B 1046 -51.14 15.19 21.48
N TYR B 1047 -52.13 15.78 22.15
CA TYR B 1047 -51.86 16.52 23.36
C TYR B 1047 -51.40 15.54 24.43
N HIS B 1048 -50.32 15.88 25.12
CA HIS B 1048 -49.68 14.95 26.03
C HIS B 1048 -50.19 15.10 27.45
N LEU B 1049 -50.49 13.97 28.09
CA LEU B 1049 -50.90 14.00 29.48
C LEU B 1049 -49.76 13.58 30.38
N MET B 1050 -49.31 12.33 30.28
CA MET B 1050 -48.23 11.85 31.12
C MET B 1050 -47.50 10.75 30.39
N SER B 1051 -46.31 10.43 30.87
CA SER B 1051 -45.52 9.37 30.26
C SER B 1051 -45.03 8.42 31.33
N PHE B 1052 -44.94 7.16 30.96
CA PHE B 1052 -44.52 6.09 31.85
C PHE B 1052 -43.24 5.47 31.31
N PRO B 1053 -42.11 5.66 31.95
CA PRO B 1053 -40.89 5.03 31.45
C PRO B 1053 -40.93 3.54 31.71
N GLN B 1054 -40.31 2.79 30.81
CA GLN B 1054 -40.16 1.35 30.98
C GLN B 1054 -38.79 0.99 30.44
N SER B 1055 -38.06 0.17 31.19
CA SER B 1055 -36.71 -0.19 30.76
C SER B 1055 -36.79 -1.27 29.69
N ALA B 1056 -35.79 -1.27 28.82
CA ALA B 1056 -35.61 -2.31 27.82
C ALA B 1056 -34.12 -2.46 27.62
N PRO B 1057 -33.66 -3.62 27.14
CA PRO B 1057 -32.21 -3.90 27.18
C PRO B 1057 -31.44 -2.84 26.41
N HIS B 1058 -30.49 -2.23 27.09
CA HIS B 1058 -29.69 -1.16 26.52
C HIS B 1058 -30.58 -0.11 25.86
N GLY B 1059 -31.69 0.21 26.51
CA GLY B 1059 -32.60 1.17 25.95
C GLY B 1059 -33.64 1.56 26.96
N VAL B 1060 -34.63 2.34 26.50
CA VAL B 1060 -35.74 2.72 27.35
C VAL B 1060 -36.97 2.86 26.49
N VAL B 1061 -38.14 2.61 27.08
CA VAL B 1061 -39.41 2.65 26.37
C VAL B 1061 -40.38 3.49 27.17
N PHE B 1062 -40.98 4.47 26.52
CA PHE B 1062 -41.93 5.37 27.15
C PHE B 1062 -43.32 5.00 26.70
N LEU B 1063 -44.26 5.04 27.62
CA LEU B 1063 -45.67 4.90 27.30
C LEU B 1063 -46.28 6.27 27.45
N HIS B 1064 -46.60 6.91 26.34
CA HIS B 1064 -47.10 8.27 26.36
C HIS B 1064 -48.62 8.22 26.39
N VAL B 1065 -49.22 8.73 27.46
CA VAL B 1065 -50.66 8.79 27.55
C VAL B 1065 -51.08 10.14 27.02
N THR B 1066 -51.73 10.14 25.86
CA THR B 1066 -52.00 11.36 25.13
C THR B 1066 -53.49 11.53 24.93
N TYR B 1067 -53.89 12.76 24.65
CA TYR B 1067 -55.29 13.16 24.55
C TYR B 1067 -55.59 13.51 23.10
N VAL B 1068 -56.37 12.68 22.43
CA VAL B 1068 -56.67 12.89 21.02
C VAL B 1068 -58.17 13.15 20.89
N PRO B 1069 -58.58 14.30 20.39
CA PRO B 1069 -60.01 14.56 20.20
C PRO B 1069 -60.60 13.68 19.10
N ALA B 1070 -61.93 13.54 19.13
CA ALA B 1070 -62.56 12.59 18.22
C ALA B 1070 -63.63 13.20 17.33
N GLN B 1071 -64.81 13.47 17.88
CA GLN B 1071 -66.01 13.69 17.09
C GLN B 1071 -66.25 15.18 16.90
N GLU B 1072 -66.46 15.60 15.66
CA GLU B 1072 -66.57 17.00 15.30
C GLU B 1072 -68.01 17.36 15.02
N LYS B 1073 -68.35 18.63 15.26
CA LYS B 1073 -69.62 19.17 14.82
C LYS B 1073 -69.40 20.54 14.21
N ASN B 1074 -69.71 20.67 12.92
CA ASN B 1074 -69.61 21.93 12.23
C ASN B 1074 -70.42 22.99 12.96
N PHE B 1075 -69.79 24.12 13.26
CA PHE B 1075 -70.45 25.23 13.93
C PHE B 1075 -70.16 26.52 13.17
N THR B 1076 -71.20 27.30 12.94
CA THR B 1076 -71.01 28.68 12.54
C THR B 1076 -70.41 29.43 13.71
N THR B 1077 -69.36 30.18 13.44
CA THR B 1077 -68.65 30.90 14.49
C THR B 1077 -68.61 32.38 14.18
N ALA B 1078 -68.29 33.17 15.20
CA ALA B 1078 -68.04 34.58 15.02
C ALA B 1078 -66.91 34.99 15.95
N PRO B 1079 -66.01 35.85 15.51
CA PRO B 1079 -64.90 36.26 16.38
C PRO B 1079 -65.33 37.15 17.52
N ALA B 1080 -66.50 37.78 17.44
CA ALA B 1080 -66.90 38.74 18.45
C ALA B 1080 -68.41 38.89 18.39
N ILE B 1081 -68.97 39.52 19.42
CA ILE B 1081 -70.40 39.73 19.48
C ILE B 1081 -70.67 41.17 19.90
N CYS B 1082 -71.34 41.94 19.04
CA CYS B 1082 -71.84 43.23 19.45
C CYS B 1082 -72.95 43.04 20.47
N HIS B 1083 -72.89 43.78 21.56
CA HIS B 1083 -74.08 43.80 22.40
C HIS B 1083 -74.77 45.14 22.31
N ASP B 1084 -74.21 46.13 22.97
CA ASP B 1084 -74.77 47.47 22.94
C ASP B 1084 -74.09 48.34 21.90
N GLY B 1085 -73.22 47.76 21.08
CA GLY B 1085 -72.26 48.48 20.30
C GLY B 1085 -70.85 48.33 20.81
N LYS B 1086 -70.71 47.93 22.07
CA LYS B 1086 -69.45 47.39 22.51
C LYS B 1086 -69.24 46.04 21.86
N ALA B 1087 -67.99 45.60 21.85
CA ALA B 1087 -67.67 44.27 21.35
C ALA B 1087 -67.34 43.39 22.54
N HIS B 1088 -67.71 42.12 22.46
CA HIS B 1088 -67.41 41.16 23.51
C HIS B 1088 -66.56 40.05 22.92
N PHE B 1089 -65.40 39.82 23.51
CA PHE B 1089 -64.63 38.73 22.93
C PHE B 1089 -64.52 37.61 23.96
N PRO B 1090 -64.43 36.36 23.54
CA PRO B 1090 -64.36 35.26 24.49
C PRO B 1090 -63.11 35.39 25.35
N ARG B 1091 -63.30 35.30 26.67
CA ARG B 1091 -62.12 35.37 27.54
C ARG B 1091 -61.19 34.19 27.28
N GLU B 1092 -61.73 32.99 27.21
CA GLU B 1092 -60.98 31.81 26.85
C GLU B 1092 -61.84 30.92 25.98
N GLY B 1093 -61.27 30.36 24.95
CA GLY B 1093 -62.05 29.66 23.96
C GLY B 1093 -62.64 30.61 22.95
N VAL B 1094 -63.76 30.21 22.35
CA VAL B 1094 -64.38 30.98 21.27
C VAL B 1094 -65.90 30.89 21.31
N PHE B 1095 -66.51 31.82 20.59
CA PHE B 1095 -67.94 31.81 20.35
C PHE B 1095 -68.26 30.80 19.26
N VAL B 1096 -69.38 30.11 19.43
CA VAL B 1096 -69.95 29.30 18.37
C VAL B 1096 -71.46 29.39 18.48
N SER B 1097 -72.12 28.97 17.42
CA SER B 1097 -73.52 28.63 17.49
C SER B 1097 -73.79 27.43 16.62
N ASN B 1098 -74.79 26.67 17.01
CA ASN B 1098 -75.31 25.60 16.18
C ASN B 1098 -76.28 26.12 15.16
N GLY B 1099 -76.41 27.44 15.05
CA GLY B 1099 -77.30 28.09 14.11
C GLY B 1099 -78.42 28.89 14.75
N THR B 1100 -78.60 28.82 16.06
CA THR B 1100 -79.61 29.63 16.73
C THR B 1100 -79.01 30.45 17.87
N HIS B 1101 -78.51 29.79 18.90
CA HIS B 1101 -78.05 30.45 20.10
C HIS B 1101 -76.54 30.48 20.13
N TRP B 1102 -75.97 31.63 20.41
CA TRP B 1102 -74.53 31.76 20.41
C TRP B 1102 -73.95 31.23 21.71
N PHE B 1103 -72.93 30.40 21.58
CA PHE B 1103 -72.33 29.72 22.70
C PHE B 1103 -70.84 30.00 22.73
N VAL B 1104 -70.36 30.47 23.84
CA VAL B 1104 -68.94 30.49 24.11
C VAL B 1104 -68.55 29.12 24.64
N THR B 1105 -67.38 28.64 24.26
CA THR B 1105 -66.94 27.35 24.75
C THR B 1105 -65.44 27.27 24.68
N GLN B 1106 -64.89 26.31 25.41
CA GLN B 1106 -63.48 26.03 25.35
C GLN B 1106 -63.12 25.40 24.01
N ARG B 1107 -61.86 25.52 23.64
CA ARG B 1107 -61.46 25.20 22.28
C ARG B 1107 -61.48 23.70 22.01
N ASN B 1108 -60.78 22.92 22.83
CA ASN B 1108 -60.46 21.54 22.49
C ASN B 1108 -61.50 20.53 22.95
N PHE B 1109 -62.61 20.99 23.52
CA PHE B 1109 -63.70 20.09 23.85
C PHE B 1109 -64.98 20.91 23.81
N TYR B 1110 -66.08 20.27 23.45
CA TYR B 1110 -67.32 21.00 23.25
C TYR B 1110 -68.12 20.98 24.54
N GLU B 1111 -68.23 22.14 25.16
CA GLU B 1111 -69.06 22.32 26.34
C GLU B 1111 -69.75 23.66 26.22
N PRO B 1112 -70.86 23.71 25.51
CA PRO B 1112 -71.50 25.00 25.26
C PRO B 1112 -71.96 25.65 26.55
N GLN B 1113 -71.85 26.96 26.60
CA GLN B 1113 -72.19 27.72 27.80
C GLN B 1113 -72.88 29.01 27.38
N ILE B 1114 -73.95 29.35 28.09
CA ILE B 1114 -74.61 30.62 27.82
C ILE B 1114 -73.61 31.74 27.99
N ILE B 1115 -73.72 32.75 27.14
CA ILE B 1115 -72.74 33.83 27.11
C ILE B 1115 -73.12 34.87 28.16
N THR B 1116 -72.21 35.10 29.10
CA THR B 1116 -72.38 36.14 30.09
C THR B 1116 -71.10 36.93 30.18
N THR B 1117 -71.19 38.13 30.75
CA THR B 1117 -70.04 39.00 30.82
C THR B 1117 -68.86 38.36 31.53
N ASP B 1118 -69.10 37.37 32.38
CA ASP B 1118 -67.98 36.68 32.98
C ASP B 1118 -67.28 35.75 32.01
N ASN B 1119 -67.87 35.52 30.84
CA ASN B 1119 -67.17 34.77 29.80
C ASN B 1119 -66.44 35.66 28.82
N THR B 1120 -66.68 36.97 28.85
CA THR B 1120 -66.24 37.85 27.77
C THR B 1120 -65.75 39.17 28.32
N PHE B 1121 -64.66 39.66 27.77
CA PHE B 1121 -64.16 40.99 28.10
C PHE B 1121 -64.47 41.94 26.95
N VAL B 1122 -64.81 43.16 27.29
CA VAL B 1122 -65.19 44.14 26.30
C VAL B 1122 -63.94 44.80 25.73
N SER B 1123 -63.98 45.13 24.44
CA SER B 1123 -62.89 45.91 23.85
C SER B 1123 -63.43 46.70 22.68
N GLY B 1124 -62.87 47.91 22.51
CA GLY B 1124 -63.21 48.74 21.37
C GLY B 1124 -64.71 48.92 21.21
N ASN B 1125 -65.16 48.88 19.97
CA ASN B 1125 -66.58 48.85 19.65
C ASN B 1125 -66.74 48.19 18.28
N CYS B 1126 -67.96 48.23 17.74
CA CYS B 1126 -68.33 47.30 16.70
C CYS B 1126 -67.72 47.57 15.34
N ASP B 1127 -67.65 48.81 14.89
CA ASP B 1127 -67.42 49.09 13.49
C ASP B 1127 -66.12 48.51 12.94
N VAL B 1128 -65.22 48.06 13.79
CA VAL B 1128 -63.90 47.61 13.36
C VAL B 1128 -63.89 46.11 13.12
N VAL B 1129 -64.16 45.31 14.16
CA VAL B 1129 -63.95 43.88 14.10
C VAL B 1129 -64.69 43.28 12.91
N ILE B 1130 -63.96 42.56 12.07
CA ILE B 1130 -64.56 41.93 10.91
C ILE B 1130 -65.42 40.75 11.34
N GLY B 1131 -66.62 40.66 10.78
CA GLY B 1131 -67.43 39.49 11.03
C GLY B 1131 -68.07 39.42 12.39
N ILE B 1132 -68.07 40.51 13.14
CA ILE B 1132 -68.79 40.50 14.41
C ILE B 1132 -70.28 40.36 14.15
N VAL B 1133 -70.99 39.72 15.07
CA VAL B 1133 -72.40 39.40 14.87
C VAL B 1133 -73.22 39.95 16.02
N ASN B 1134 -74.51 40.10 15.78
CA ASN B 1134 -75.42 40.54 16.83
C ASN B 1134 -75.75 39.41 17.77
N ASN B 1135 -75.95 39.77 19.03
CA ASN B 1135 -76.54 38.88 20.03
C ASN B 1135 -76.76 39.73 21.28
N THR B 1136 -77.29 39.09 22.32
CA THR B 1136 -77.45 39.71 23.63
C THR B 1136 -76.64 38.90 24.62
N VAL B 1137 -75.66 39.53 25.24
CA VAL B 1137 -74.82 38.85 26.21
C VAL B 1137 -75.50 38.97 27.57
N TYR B 1138 -75.93 37.85 28.09
CA TYR B 1138 -76.70 37.83 29.32
C TYR B 1138 -75.87 38.36 30.47
N ASP B 1139 -76.53 39.02 31.39
CA ASP B 1139 -75.86 39.55 32.58
C ASP B 1139 -76.09 38.62 33.76
N PRO B 1140 -75.03 38.19 34.45
CA PRO B 1140 -75.25 37.54 35.74
C PRO B 1140 -75.93 38.45 36.73
N LEU B 1141 -75.52 39.70 36.77
CA LEU B 1141 -75.94 40.60 37.84
C LEU B 1141 -77.38 41.05 37.68
N GLN B 1142 -77.75 41.52 36.49
CA GLN B 1142 -79.08 42.09 36.24
C GLN B 1142 -80.23 41.30 36.84
N PRO B 1143 -80.33 39.98 36.67
CA PRO B 1143 -81.45 39.27 37.31
C PRO B 1143 -81.39 39.32 38.82
N GLU B 1144 -80.18 39.22 39.38
CA GLU B 1144 -80.03 39.27 40.83
C GLU B 1144 -80.67 40.53 41.39
N LEU B 1145 -80.70 41.60 40.62
CA LEU B 1145 -81.22 42.86 41.10
C LEU B 1145 -82.66 42.74 41.57
N ASP B 1146 -83.57 42.46 40.64
CA ASP B 1146 -84.88 43.11 40.67
C ASP B 1146 -85.54 43.07 42.03
N SER B 1147 -85.27 42.06 42.82
CA SER B 1147 -85.75 42.10 44.18
C SER B 1147 -84.91 43.08 44.99
N GLN C 14 31.11 31.67 -48.53
CA GLN C 14 30.48 32.95 -48.22
C GLN C 14 31.00 33.50 -46.90
N CYS C 15 30.16 33.40 -45.87
CA CYS C 15 30.47 33.93 -44.54
C CYS C 15 30.86 35.41 -44.58
N VAL C 16 30.19 36.16 -45.45
CA VAL C 16 30.42 37.64 -45.48
C VAL C 16 30.07 38.18 -44.09
N ASN C 17 30.90 39.05 -43.52
CA ASN C 17 30.64 39.47 -42.12
C ASN C 17 30.46 40.98 -41.98
N LEU C 18 29.37 41.42 -41.34
CA LEU C 18 29.18 42.86 -41.03
C LEU C 18 28.95 42.95 -39.53
N THR C 19 29.86 43.58 -38.78
CA THR C 19 29.73 43.59 -37.29
C THR C 19 29.08 44.87 -36.79
N THR C 20 29.42 46.03 -37.39
CA THR C 20 28.90 47.36 -36.97
C THR C 20 29.54 47.76 -35.62
N ARG C 21 29.07 48.84 -35.00
CA ARG C 21 29.67 49.32 -33.72
C ARG C 21 28.57 49.64 -32.71
N THR C 22 27.54 48.79 -32.60
CA THR C 22 26.39 49.14 -31.71
C THR C 22 26.48 48.41 -30.37
N GLN C 23 26.63 49.15 -29.27
CA GLN C 23 26.59 48.55 -27.91
C GLN C 23 25.61 49.40 -27.09
N LEU C 24 24.56 48.79 -26.53
CA LEU C 24 23.53 49.62 -25.85
C LEU C 24 22.84 48.85 -24.71
N PRO C 25 22.25 49.50 -23.66
CA PRO C 25 21.49 48.78 -22.66
C PRO C 25 20.27 48.16 -23.31
N PRO C 26 20.04 46.87 -23.14
CA PRO C 26 18.89 46.23 -23.80
C PRO C 26 17.60 46.86 -23.31
N ALA C 27 16.79 47.32 -24.25
CA ALA C 27 15.54 47.99 -23.90
C ALA C 27 14.58 46.90 -23.45
N TYR C 28 14.13 47.01 -22.20
CA TYR C 28 13.28 45.98 -21.64
C TYR C 28 11.82 46.34 -21.80
N THR C 29 10.97 45.42 -21.36
CA THR C 29 9.53 45.62 -21.41
C THR C 29 8.89 44.65 -20.43
N ASN C 30 7.58 44.69 -20.37
CA ASN C 30 6.82 43.93 -19.39
C ASN C 30 5.76 43.13 -20.14
N SER C 31 5.89 41.81 -20.15
CA SER C 31 4.85 40.98 -20.73
C SER C 31 3.71 40.87 -19.73
N PHE C 32 2.54 41.37 -20.10
CA PHE C 32 1.47 41.55 -19.13
C PHE C 32 0.76 40.21 -18.93
N THR C 33 0.00 39.81 -19.94
CA THR C 33 -0.51 38.46 -20.07
C THR C 33 -0.01 37.93 -21.39
N ARG C 34 0.92 36.97 -21.36
CA ARG C 34 1.58 36.59 -22.59
C ARG C 34 2.17 35.20 -22.44
N GLY C 35 2.40 34.56 -23.59
CA GLY C 35 3.08 33.29 -23.64
C GLY C 35 2.33 32.15 -23.00
N VAL C 36 1.01 32.08 -23.16
CA VAL C 36 0.21 30.97 -22.66
C VAL C 36 -0.21 30.13 -23.85
N TYR C 37 0.39 28.94 -23.96
CA TYR C 37 0.09 28.00 -25.02
C TYR C 37 -0.80 26.91 -24.46
N TYR C 38 -1.14 25.95 -25.32
CA TYR C 38 -1.94 24.81 -24.89
C TYR C 38 -1.00 23.65 -24.61
N PRO C 39 -0.77 23.29 -23.36
CA PRO C 39 0.17 22.19 -23.08
C PRO C 39 -0.50 20.82 -23.06
N ASP C 40 -1.28 20.51 -24.09
CA ASP C 40 -1.94 19.22 -24.34
C ASP C 40 -2.79 19.37 -25.60
N LYS C 41 -3.13 18.21 -26.17
CA LYS C 41 -4.10 18.13 -27.26
C LYS C 41 -5.53 17.99 -26.74
N VAL C 42 -5.69 17.68 -25.47
CA VAL C 42 -6.98 17.31 -24.91
C VAL C 42 -7.91 18.51 -24.96
N PHE C 43 -9.09 18.31 -25.53
CA PHE C 43 -10.08 19.37 -25.63
C PHE C 43 -10.83 19.49 -24.31
N ARG C 44 -10.81 20.69 -23.72
CA ARG C 44 -11.55 20.96 -22.51
C ARG C 44 -12.39 22.20 -22.70
N SER C 45 -13.52 22.26 -21.99
CA SER C 45 -14.51 23.31 -22.18
C SER C 45 -14.86 23.94 -20.85
N SER C 46 -14.56 25.24 -20.71
CA SER C 46 -14.98 26.04 -19.56
C SER C 46 -14.66 25.36 -18.23
N VAL C 47 -13.42 24.95 -18.06
CA VAL C 47 -12.96 24.35 -16.81
C VAL C 47 -11.68 25.06 -16.40
N LEU C 48 -11.33 24.97 -15.12
CA LEU C 48 -10.07 25.54 -14.66
C LEU C 48 -9.06 24.41 -14.45
N HIS C 49 -8.08 24.34 -15.35
CA HIS C 49 -7.07 23.29 -15.31
C HIS C 49 -5.76 23.89 -14.84
N SER C 50 -5.01 23.11 -14.07
CA SER C 50 -3.80 23.60 -13.43
C SER C 50 -2.66 22.63 -13.66
N THR C 51 -1.60 23.10 -14.31
CA THR C 51 -0.37 22.34 -14.46
C THR C 51 0.82 23.22 -14.12
N GLN C 52 1.91 22.58 -13.72
CA GLN C 52 3.18 23.24 -13.49
C GLN C 52 4.11 22.86 -14.63
N ASP C 53 4.38 23.82 -15.50
CA ASP C 53 5.15 23.59 -16.71
C ASP C 53 5.99 24.82 -17.00
N LEU C 54 6.93 24.67 -17.94
CA LEU C 54 7.72 25.79 -18.41
C LEU C 54 6.82 26.82 -19.09
N PHE C 55 6.88 28.06 -18.63
CA PHE C 55 6.18 29.17 -19.27
C PHE C 55 7.02 30.42 -19.13
N LEU C 56 6.53 31.51 -19.74
CA LEU C 56 7.07 32.83 -19.47
C LEU C 56 6.18 33.47 -18.42
N PRO C 57 6.63 33.61 -17.19
CA PRO C 57 5.73 34.11 -16.14
C PRO C 57 5.31 35.54 -16.39
N PHE C 58 4.12 35.84 -15.89
CA PHE C 58 3.54 37.16 -16.18
C PHE C 58 4.38 38.27 -15.61
N PHE C 59 4.23 39.46 -16.20
CA PHE C 59 5.00 40.64 -15.74
C PHE C 59 6.48 40.24 -15.61
N SER C 60 7.09 39.82 -16.72
CA SER C 60 8.52 39.44 -16.68
C SER C 60 9.37 40.39 -17.51
N ASN C 61 10.70 40.33 -17.33
CA ASN C 61 11.57 41.26 -18.07
C ASN C 61 11.75 40.68 -19.46
N VAL C 62 11.28 41.41 -20.46
CA VAL C 62 11.37 40.88 -21.84
C VAL C 62 12.32 41.78 -22.61
N THR C 63 13.38 41.19 -23.13
CA THR C 63 14.49 41.98 -23.70
C THR C 63 14.14 42.36 -25.14
N TRP C 64 13.53 43.52 -25.34
CA TRP C 64 13.27 43.97 -26.74
C TRP C 64 14.64 44.05 -27.41
N PHE C 65 14.81 43.43 -28.57
CA PHE C 65 16.12 43.41 -29.27
C PHE C 65 15.93 43.75 -30.74
N HIS C 66 16.72 44.68 -31.27
CA HIS C 66 16.57 45.11 -32.69
C HIS C 66 17.70 44.52 -33.54
N ALA C 67 17.36 43.65 -34.49
CA ALA C 67 18.39 43.08 -35.41
C ALA C 67 18.98 44.18 -36.27
N ILE C 68 18.13 45.07 -36.83
CA ILE C 68 18.62 46.24 -37.63
C ILE C 68 17.97 47.48 -37.01
N HIS C 69 18.75 48.52 -36.70
CA HIS C 69 18.14 49.68 -35.98
C HIS C 69 18.61 51.03 -36.52
N VAL C 70 17.73 51.76 -37.22
CA VAL C 70 18.07 53.11 -37.63
C VAL C 70 17.79 54.09 -36.50
N SER C 71 18.84 54.77 -36.05
CA SER C 71 18.73 55.93 -35.18
C SER C 71 19.16 57.13 -36.03
N GLY C 72 18.19 57.97 -36.36
CA GLY C 72 18.36 58.88 -37.49
C GLY C 72 19.39 59.99 -37.37
N THR C 73 20.33 59.97 -38.31
CA THR C 73 21.03 61.17 -38.75
C THR C 73 20.99 61.14 -40.28
N ASN C 74 21.68 60.19 -40.89
CA ASN C 74 21.29 59.65 -42.18
C ASN C 74 21.68 58.16 -42.16
N GLY C 75 20.73 57.30 -42.50
CA GLY C 75 21.04 55.88 -42.49
C GLY C 75 21.33 55.41 -41.07
N THR C 76 22.54 54.87 -40.87
CA THR C 76 23.01 54.32 -39.60
C THR C 76 22.13 53.14 -39.16
N LYS C 77 22.26 52.06 -39.92
CA LYS C 77 21.61 50.80 -39.60
C LYS C 77 22.50 49.97 -38.68
N ARG C 78 21.96 49.60 -37.53
CA ARG C 78 22.72 48.96 -36.46
C ARG C 78 22.37 47.48 -36.38
N PHE C 79 23.32 46.63 -36.77
CA PHE C 79 23.16 45.19 -36.74
C PHE C 79 23.70 44.69 -35.40
N ASP C 80 22.79 44.43 -34.46
CA ASP C 80 23.17 44.04 -33.11
C ASP C 80 22.92 42.59 -32.74
N ASN C 81 22.22 41.81 -33.56
CA ASN C 81 21.57 40.63 -33.00
C ASN C 81 22.58 39.62 -32.47
N PRO C 82 22.65 39.40 -31.16
CA PRO C 82 23.67 38.53 -30.59
C PRO C 82 23.29 37.06 -30.66
N VAL C 83 24.31 36.21 -30.58
CA VAL C 83 24.06 34.83 -30.20
C VAL C 83 23.53 34.81 -28.78
N LEU C 84 22.41 34.14 -28.58
CA LEU C 84 21.79 34.21 -27.28
C LEU C 84 21.63 32.82 -26.67
N PRO C 85 21.88 32.68 -25.38
CA PRO C 85 21.70 31.37 -24.75
C PRO C 85 20.24 30.95 -24.77
N PHE C 86 20.01 29.65 -24.81
CA PHE C 86 18.65 29.13 -24.75
C PHE C 86 18.12 29.09 -23.32
N ASN C 87 18.99 28.82 -22.35
CA ASN C 87 18.63 28.72 -20.93
C ASN C 87 17.56 27.64 -20.78
N ASP C 88 16.51 27.87 -19.99
CA ASP C 88 15.45 26.89 -19.79
C ASP C 88 14.55 26.75 -21.01
N GLY C 89 13.83 27.80 -21.38
CA GLY C 89 13.07 27.82 -22.61
C GLY C 89 13.07 29.22 -23.17
N VAL C 90 12.55 29.34 -24.38
CA VAL C 90 12.63 30.59 -25.13
C VAL C 90 11.26 30.99 -25.65
N TYR C 91 10.96 32.28 -25.53
CA TYR C 91 9.77 32.90 -26.10
C TYR C 91 10.23 33.88 -27.16
N PHE C 92 9.37 34.17 -28.13
CA PHE C 92 9.72 35.09 -29.21
C PHE C 92 8.48 35.82 -29.70
N ALA C 93 8.66 37.10 -30.07
CA ALA C 93 7.57 37.90 -30.57
C ALA C 93 8.11 38.94 -31.54
N SER C 94 7.33 39.26 -32.57
CA SER C 94 7.73 40.26 -33.55
C SER C 94 6.51 40.80 -34.26
N THR C 95 6.67 41.96 -34.89
CA THR C 95 5.62 42.56 -35.71
C THR C 95 5.98 42.41 -37.18
N GLU C 96 6.92 43.22 -37.65
CA GLU C 96 7.58 43.04 -38.95
C GLU C 96 6.54 42.98 -40.08
N LYS C 97 5.84 44.10 -40.28
CA LYS C 97 4.90 44.16 -41.43
C LYS C 97 5.68 43.70 -42.66
N SER C 98 6.90 44.22 -42.85
CA SER C 98 7.76 43.71 -43.94
C SER C 98 8.68 42.66 -43.30
N ASN C 99 8.47 41.38 -43.62
CA ASN C 99 9.25 40.34 -42.92
C ASN C 99 10.73 40.50 -43.24
N ILE C 100 11.57 40.48 -42.22
CA ILE C 100 13.03 40.52 -42.45
C ILE C 100 13.53 39.33 -41.65
N ILE C 101 12.61 38.68 -40.94
CA ILE C 101 12.95 37.57 -40.06
C ILE C 101 12.44 36.28 -40.68
N ARG C 102 13.23 35.21 -40.57
CA ARG C 102 12.87 33.96 -41.21
C ARG C 102 12.89 32.82 -40.21
N GLY C 103 14.05 32.57 -39.59
CA GLY C 103 14.20 31.42 -38.72
C GLY C 103 15.29 31.69 -37.69
N TRP C 104 15.66 30.62 -37.00
CA TRP C 104 16.64 30.71 -35.92
C TRP C 104 17.66 29.60 -36.06
N ILE C 105 18.82 29.77 -35.45
CA ILE C 105 19.98 28.92 -35.68
C ILE C 105 20.13 27.83 -34.64
N PHE C 106 19.08 27.58 -33.84
CA PHE C 106 19.22 26.96 -32.52
C PHE C 106 20.21 25.80 -32.51
N GLY C 107 21.06 25.78 -31.51
CA GLY C 107 22.10 24.78 -31.41
C GLY C 107 22.84 24.89 -30.10
N THR C 108 24.04 24.32 -30.06
CA THR C 108 24.87 24.40 -28.88
C THR C 108 26.22 25.04 -29.21
N THR C 109 27.03 24.36 -30.00
CA THR C 109 28.31 24.90 -30.42
C THR C 109 28.14 25.98 -31.47
N LEU C 110 26.98 26.04 -32.14
CA LEU C 110 26.72 26.95 -33.26
C LEU C 110 27.72 26.68 -34.37
N ASP C 111 28.04 25.41 -34.54
CA ASP C 111 29.18 24.95 -35.32
C ASP C 111 28.92 23.46 -35.61
N SER C 112 29.91 22.77 -36.15
CA SER C 112 29.88 21.32 -36.15
C SER C 112 30.13 20.81 -34.74
N LYS C 113 30.27 19.48 -34.63
CA LYS C 113 30.45 18.71 -33.40
C LYS C 113 29.13 18.51 -32.65
N THR C 114 28.09 19.28 -32.97
CA THR C 114 26.75 19.05 -32.45
C THR C 114 25.79 19.12 -33.62
N GLN C 115 24.55 18.72 -33.38
CA GLN C 115 23.55 18.93 -34.41
C GLN C 115 23.24 20.43 -34.51
N SER C 116 22.36 20.78 -35.43
CA SER C 116 21.97 22.17 -35.59
C SER C 116 20.49 22.23 -35.94
N LEU C 117 19.76 23.07 -35.22
CA LEU C 117 18.39 23.33 -35.60
C LEU C 117 18.33 24.56 -36.50
N LEU C 118 17.99 24.34 -37.77
CA LEU C 118 17.85 25.49 -38.73
C LEU C 118 16.42 25.52 -39.28
N ILE C 119 15.52 26.26 -38.62
CA ILE C 119 14.10 26.34 -39.07
C ILE C 119 13.96 27.47 -40.10
N VAL C 120 14.40 27.23 -41.34
CA VAL C 120 14.36 28.30 -42.38
C VAL C 120 13.04 28.22 -43.17
N ASN C 121 12.23 29.28 -43.13
CA ASN C 121 10.98 29.31 -43.93
C ASN C 121 11.35 29.22 -45.41
N ASN C 122 12.39 29.96 -45.84
CA ASN C 122 12.82 29.99 -47.26
C ASN C 122 11.84 30.88 -48.06
N ALA C 123 10.84 31.45 -47.38
CA ALA C 123 9.85 32.34 -48.03
C ALA C 123 9.10 31.60 -49.14
N THR C 124 9.01 30.28 -49.04
CA THR C 124 7.99 29.51 -49.77
C THR C 124 7.30 28.56 -48.80
N ASN C 125 7.89 27.38 -48.60
CA ASN C 125 7.35 26.43 -47.61
C ASN C 125 8.46 26.26 -46.59
N VAL C 126 8.13 26.40 -45.31
CA VAL C 126 9.24 26.36 -44.31
C VAL C 126 9.98 25.03 -44.48
N VAL C 127 11.30 25.08 -44.63
CA VAL C 127 12.07 23.80 -44.67
C VAL C 127 12.78 23.67 -43.32
N ILE C 128 12.23 22.85 -42.44
CA ILE C 128 12.81 22.72 -41.08
C ILE C 128 14.02 21.80 -41.21
N LYS C 129 15.17 22.29 -40.79
CA LYS C 129 16.36 21.45 -40.91
C LYS C 129 16.95 21.21 -39.52
N VAL C 130 17.15 19.93 -39.20
CA VAL C 130 17.97 19.52 -38.08
C VAL C 130 19.16 18.77 -38.67
N CYS C 131 20.33 19.40 -38.65
CA CYS C 131 21.49 18.89 -39.36
C CYS C 131 22.74 19.25 -38.57
N GLU C 132 23.90 19.05 -39.21
CA GLU C 132 25.17 19.60 -38.73
C GLU C 132 25.67 20.60 -39.75
N PHE C 133 25.71 21.87 -39.37
CA PHE C 133 26.14 22.93 -40.26
C PHE C 133 27.45 23.55 -39.76
N GLN C 134 27.97 24.48 -40.56
CA GLN C 134 28.99 25.42 -40.10
C GLN C 134 28.38 26.81 -40.18
N PHE C 135 28.03 27.38 -39.03
CA PHE C 135 27.46 28.71 -39.01
C PHE C 135 28.56 29.76 -38.93
N CYS C 136 28.43 30.78 -39.79
CA CYS C 136 29.46 31.79 -39.90
C CYS C 136 29.47 32.67 -38.66
N ASN C 137 30.38 33.64 -38.64
CA ASN C 137 30.44 34.59 -37.54
C ASN C 137 29.28 35.58 -37.55
N ASP C 138 28.74 35.92 -38.71
CA ASP C 138 27.61 36.84 -38.85
C ASP C 138 26.57 36.20 -39.76
N PRO C 139 25.92 35.13 -39.30
CA PRO C 139 25.00 34.41 -40.18
C PRO C 139 23.69 35.14 -40.38
N PHE C 140 23.14 35.02 -41.60
CA PHE C 140 21.82 35.50 -41.97
C PHE C 140 21.60 35.10 -43.43
N LEU C 141 20.33 35.07 -43.82
CA LEU C 141 19.96 34.66 -45.18
C LEU C 141 20.12 35.84 -46.12
N GLY C 142 20.96 35.67 -47.14
CA GLY C 142 21.05 36.67 -48.19
C GLY C 142 19.95 36.48 -49.22
N VAL C 143 19.44 37.59 -49.73
CA VAL C 143 18.44 37.60 -50.79
C VAL C 143 18.98 38.49 -51.91
N TYR C 144 18.81 38.01 -53.14
CA TYR C 144 19.28 38.75 -54.31
C TYR C 144 18.24 38.57 -55.41
N TYR C 145 18.55 39.11 -56.59
CA TYR C 145 17.62 39.04 -57.75
C TYR C 145 18.20 38.04 -58.76
N HIS C 146 17.46 36.97 -59.07
CA HIS C 146 17.99 35.90 -59.96
C HIS C 146 18.12 36.41 -61.40
N LYS C 147 17.37 37.46 -61.77
CA LYS C 147 17.43 38.08 -63.13
C LYS C 147 16.60 37.24 -64.12
N ASN C 148 16.00 36.15 -63.65
CA ASN C 148 15.16 35.29 -64.52
C ASN C 148 13.72 35.35 -64.00
N ASN C 149 12.77 35.75 -64.86
CA ASN C 149 11.34 35.84 -64.46
C ASN C 149 11.18 36.85 -63.31
N LYS C 150 12.06 37.85 -63.24
CA LYS C 150 11.95 38.91 -62.19
C LYS C 150 11.86 38.26 -60.81
N SER C 151 12.72 37.28 -60.50
CA SER C 151 12.59 36.55 -59.23
C SER C 151 13.67 36.90 -58.20
N TRP C 152 13.32 36.87 -56.91
CA TRP C 152 14.25 37.12 -55.83
C TRP C 152 14.59 35.79 -55.15
N MET C 153 15.78 35.28 -55.37
CA MET C 153 16.19 34.07 -54.68
C MET C 153 16.67 34.41 -53.29
N GLU C 154 17.00 33.38 -52.52
CA GLU C 154 17.59 33.53 -51.20
C GLU C 154 18.86 32.70 -51.17
N SER C 155 20.00 33.37 -51.02
CA SER C 155 21.25 32.65 -50.83
C SER C 155 21.28 32.21 -49.37
N GLU C 156 21.26 30.90 -49.15
CA GLU C 156 21.16 30.35 -47.81
C GLU C 156 22.51 30.08 -47.19
N PHE C 157 23.59 30.18 -47.95
CA PHE C 157 24.90 29.90 -47.40
C PHE C 157 25.59 31.17 -46.92
N ARG C 158 24.90 32.31 -46.98
CA ARG C 158 25.37 33.47 -46.24
C ARG C 158 25.15 33.26 -44.75
N VAL C 159 24.25 32.34 -44.39
CA VAL C 159 24.10 31.88 -43.01
C VAL C 159 25.28 30.99 -42.68
N TYR C 160 25.33 29.83 -43.34
CA TYR C 160 26.21 28.74 -42.99
C TYR C 160 26.99 28.27 -44.21
N SER C 161 28.25 27.90 -44.00
CA SER C 161 29.06 27.41 -45.11
C SER C 161 28.69 25.97 -45.45
N SER C 162 28.98 25.04 -44.55
CA SER C 162 28.80 23.61 -44.81
C SER C 162 27.39 23.17 -44.42
N ALA C 163 26.85 22.26 -45.22
CA ALA C 163 25.67 21.50 -44.86
C ALA C 163 25.94 20.03 -45.17
N ASN C 164 25.98 19.20 -44.14
CA ASN C 164 26.33 17.80 -44.29
C ASN C 164 25.90 17.05 -43.04
N ASN C 165 26.07 15.72 -43.07
CA ASN C 165 25.82 14.83 -41.94
C ASN C 165 24.35 14.81 -41.51
N CYS C 166 23.49 15.57 -42.20
CA CYS C 166 22.21 15.99 -41.64
C CYS C 166 21.39 14.84 -41.06
N THR C 167 20.90 15.05 -39.84
CA THR C 167 20.07 14.08 -39.14
C THR C 167 18.61 14.13 -39.54
N PHE C 168 18.02 15.31 -39.69
CA PHE C 168 16.58 15.40 -39.89
C PHE C 168 16.24 16.52 -40.86
N GLU C 169 15.10 16.35 -41.53
CA GLU C 169 14.60 17.33 -42.48
C GLU C 169 13.07 17.27 -42.45
N TYR C 170 12.45 18.43 -42.66
CA TYR C 170 10.99 18.50 -42.70
C TYR C 170 10.56 19.74 -43.46
N VAL C 171 9.33 19.70 -43.97
CA VAL C 171 8.73 20.82 -44.69
C VAL C 171 7.27 20.95 -44.24
N SER C 172 6.78 22.19 -44.19
CA SER C 172 5.39 22.44 -43.81
C SER C 172 4.93 23.74 -44.47
N GLN C 173 3.66 24.08 -44.24
CA GLN C 173 3.12 25.37 -44.63
C GLN C 173 3.74 26.49 -43.81
N PRO C 174 3.95 27.65 -44.42
CA PRO C 174 4.77 28.68 -43.78
C PRO C 174 4.20 29.15 -42.46
N PHE C 175 5.03 29.11 -41.42
CA PHE C 175 4.65 29.62 -40.11
C PHE C 175 4.53 31.13 -40.17
N LEU C 176 5.58 31.78 -40.64
CA LEU C 176 5.54 33.20 -40.97
C LEU C 176 4.56 33.38 -42.12
N MET C 177 3.62 34.30 -41.96
CA MET C 177 2.60 34.54 -42.96
C MET C 177 2.25 36.01 -42.95
N ASP C 178 2.01 36.58 -44.12
CA ASP C 178 1.56 37.96 -44.18
C ASP C 178 0.07 38.01 -44.47
N LEU C 179 -0.48 39.23 -44.36
CA LEU C 179 -1.82 39.55 -44.81
C LEU C 179 -1.73 40.89 -45.55
N GLU C 180 -1.32 41.90 -44.79
CA GLU C 180 -1.02 43.26 -45.22
C GLU C 180 -2.23 43.91 -45.91
N GLY C 181 -2.00 44.78 -46.88
CA GLY C 181 -3.03 45.68 -47.37
C GLY C 181 -3.59 46.62 -46.33
N LYS C 182 -3.10 46.56 -45.09
CA LYS C 182 -3.73 47.22 -43.95
C LYS C 182 -3.10 48.54 -43.54
N GLN C 183 -2.06 48.98 -44.25
CA GLN C 183 -1.33 50.22 -43.93
C GLN C 183 -1.07 50.35 -42.44
N GLY C 184 -0.73 49.23 -41.82
CA GLY C 184 -0.58 49.17 -40.37
C GLY C 184 -1.87 48.76 -39.69
N ASN C 185 -2.01 49.21 -38.44
CA ASN C 185 -3.18 48.98 -37.60
C ASN C 185 -3.31 47.50 -37.22
N PHE C 186 -2.55 46.64 -37.90
CA PHE C 186 -2.32 45.28 -37.46
C PHE C 186 -0.90 45.10 -36.94
N LYS C 187 0.09 45.38 -37.79
CA LYS C 187 1.50 45.12 -37.55
C LYS C 187 1.76 43.63 -37.62
N ASN C 188 0.70 42.84 -37.67
CA ASN C 188 0.75 41.39 -37.71
C ASN C 188 1.72 40.86 -36.66
N LEU C 189 1.35 41.09 -35.39
CA LEU C 189 2.22 40.64 -34.31
C LEU C 189 2.29 39.13 -34.33
N ARG C 190 3.51 38.60 -34.36
CA ARG C 190 3.74 37.18 -34.55
C ARG C 190 4.62 36.66 -33.43
N GLU C 191 4.18 35.59 -32.79
CA GLU C 191 4.86 35.03 -31.62
C GLU C 191 5.21 33.57 -31.90
N PHE C 192 6.36 33.15 -31.39
CA PHE C 192 6.78 31.77 -31.54
C PHE C 192 7.45 31.32 -30.25
N VAL C 193 6.96 30.21 -29.70
CA VAL C 193 7.50 29.64 -28.48
C VAL C 193 8.26 28.38 -28.82
N PHE C 194 9.42 28.20 -28.18
CA PHE C 194 10.33 27.11 -28.49
C PHE C 194 10.72 26.45 -27.18
N LYS C 195 10.31 25.20 -27.00
CA LYS C 195 10.55 24.46 -25.76
C LYS C 195 11.14 23.11 -26.12
N ASN C 196 12.30 22.79 -25.54
CA ASN C 196 13.03 21.59 -25.86
C ASN C 196 13.03 20.67 -24.65
N ILE C 197 12.26 19.57 -24.76
CA ILE C 197 12.11 18.59 -23.69
C ILE C 197 11.98 17.22 -24.32
N ASP C 198 12.33 16.19 -23.53
CA ASP C 198 11.95 14.79 -23.71
C ASP C 198 12.02 14.32 -25.16
N GLY C 199 13.02 14.75 -25.90
CA GLY C 199 13.13 14.36 -27.28
C GLY C 199 12.18 15.07 -28.22
N TYR C 200 11.23 15.83 -27.69
CA TYR C 200 10.30 16.61 -28.52
C TYR C 200 10.56 18.10 -28.29
N PHE C 201 11.12 18.74 -29.30
CA PHE C 201 11.17 20.19 -29.37
C PHE C 201 9.95 20.64 -30.16
N LYS C 202 9.03 21.31 -29.48
CA LYS C 202 7.74 21.67 -30.06
C LYS C 202 7.68 23.15 -30.34
N ILE C 203 7.03 23.50 -31.44
CA ILE C 203 6.94 24.87 -31.90
C ILE C 203 5.50 25.34 -31.71
N TYR C 204 5.36 26.60 -31.31
CA TYR C 204 4.05 27.22 -31.10
C TYR C 204 4.01 28.51 -31.91
N SER C 205 2.82 28.98 -32.21
CA SER C 205 2.69 30.16 -33.07
C SER C 205 1.41 30.89 -32.72
N LYS C 206 1.20 32.02 -33.40
CA LYS C 206 0.05 32.88 -33.23
C LYS C 206 0.21 34.05 -34.20
N HIS C 207 -0.90 34.70 -34.52
CA HIS C 207 -0.89 35.92 -35.31
C HIS C 207 -1.93 36.87 -34.73
N THR C 208 -1.53 38.09 -34.43
CA THR C 208 -2.42 39.00 -33.77
C THR C 208 -2.31 40.41 -34.34
N PRO C 209 -3.43 41.12 -34.49
CA PRO C 209 -3.36 42.55 -34.80
C PRO C 209 -2.94 43.33 -33.56
N ILE C 210 -2.13 44.37 -33.77
CA ILE C 210 -1.79 45.31 -32.70
C ILE C 210 -1.75 46.71 -33.28
N ASN C 211 -2.48 47.63 -32.66
CA ASN C 211 -2.48 49.03 -33.07
C ASN C 211 -1.47 49.88 -32.31
N LEU C 212 -0.86 49.34 -31.25
CA LEU C 212 0.07 50.12 -30.46
C LEU C 212 1.37 50.32 -31.25
N VAL C 213 2.12 51.35 -30.87
CA VAL C 213 3.32 51.72 -31.62
C VAL C 213 4.33 50.58 -31.61
N ARG C 214 4.66 50.07 -30.43
CA ARG C 214 5.62 48.96 -30.36
C ARG C 214 5.15 47.83 -29.46
N ASP C 215 5.11 48.10 -28.15
CA ASP C 215 5.07 47.05 -27.14
C ASP C 215 3.68 46.41 -27.10
N LEU C 216 3.52 45.42 -26.21
CA LEU C 216 2.47 44.42 -26.25
C LEU C 216 1.21 44.90 -25.51
N PRO C 217 0.04 44.41 -25.92
CA PRO C 217 -1.20 44.77 -25.22
C PRO C 217 -1.46 43.91 -23.99
N GLN C 218 -2.65 44.06 -23.42
CA GLN C 218 -3.07 43.31 -22.25
C GLN C 218 -3.76 41.99 -22.59
N GLY C 219 -3.96 41.70 -23.87
CA GLY C 219 -4.71 40.52 -24.27
C GLY C 219 -3.93 39.23 -24.11
N PHE C 220 -4.68 38.14 -24.06
CA PHE C 220 -4.11 36.80 -23.96
C PHE C 220 -3.87 36.23 -25.34
N SER C 221 -2.75 35.52 -25.49
CA SER C 221 -2.37 34.91 -26.75
C SER C 221 -2.22 33.40 -26.55
N ALA C 222 -3.10 32.62 -27.16
CA ALA C 222 -3.00 31.18 -27.07
C ALA C 222 -2.24 30.63 -28.27
N LEU C 223 -1.28 29.75 -28.00
CA LEU C 223 -0.37 29.24 -29.03
C LEU C 223 -0.57 27.74 -29.14
N GLU C 224 -0.98 27.29 -30.30
CA GLU C 224 -1.13 25.86 -30.47
C GLU C 224 0.23 25.26 -30.82
N PRO C 225 0.48 24.00 -30.47
CA PRO C 225 1.69 23.33 -30.96
C PRO C 225 1.59 23.12 -32.47
N LEU C 226 2.63 23.52 -33.19
CA LEU C 226 2.65 23.31 -34.63
C LEU C 226 3.02 21.86 -34.94
N VAL C 227 4.26 21.49 -34.68
CA VAL C 227 4.75 20.14 -34.89
C VAL C 227 5.52 19.71 -33.64
N ASP C 228 5.31 18.46 -33.23
CA ASP C 228 6.06 17.87 -32.14
C ASP C 228 7.15 16.98 -32.72
N LEU C 229 8.39 17.47 -32.73
CA LEU C 229 9.42 16.72 -33.51
C LEU C 229 10.35 15.85 -32.67
N PRO C 230 10.67 14.62 -33.13
CA PRO C 230 11.65 13.76 -32.44
C PRO C 230 13.02 14.41 -32.68
N ILE C 231 13.45 15.25 -31.76
CA ILE C 231 14.71 15.97 -31.93
C ILE C 231 15.87 15.27 -31.23
N GLY C 232 15.91 15.37 -29.91
CA GLY C 232 16.91 14.67 -29.13
C GLY C 232 18.20 15.41 -28.84
N ILE C 233 18.31 16.69 -29.23
CA ILE C 233 19.51 17.47 -28.89
C ILE C 233 19.16 18.50 -27.83
N ASN C 234 20.12 18.78 -26.96
CA ASN C 234 20.07 19.93 -26.07
C ASN C 234 20.54 21.16 -26.82
N ILE C 235 19.75 22.22 -26.78
CA ILE C 235 20.08 23.50 -27.40
C ILE C 235 20.31 24.50 -26.28
N THR C 236 21.55 24.92 -26.08
CA THR C 236 21.86 25.90 -25.05
C THR C 236 22.04 27.32 -25.56
N ARG C 237 22.04 27.54 -26.88
CA ARG C 237 22.33 28.88 -27.38
C ARG C 237 21.82 29.00 -28.81
N PHE C 238 21.60 30.23 -29.26
CA PHE C 238 21.01 30.45 -30.58
C PHE C 238 21.20 31.91 -30.99
N GLN C 239 20.70 32.22 -32.18
CA GLN C 239 20.56 33.55 -32.72
C GLN C 239 19.48 33.47 -33.81
N THR C 240 18.89 34.61 -34.15
CA THR C 240 17.84 34.64 -35.15
C THR C 240 18.47 34.70 -36.54
N LEU C 241 17.63 34.74 -37.56
CA LEU C 241 18.06 34.86 -38.95
C LEU C 241 17.43 36.07 -39.60
N LEU C 242 17.98 36.46 -40.74
CA LEU C 242 17.63 37.72 -41.36
C LEU C 242 17.49 37.53 -42.86
N ALA C 243 16.80 38.48 -43.49
CA ALA C 243 16.69 38.54 -44.94
C ALA C 243 17.07 39.95 -45.38
N LEU C 244 18.18 40.06 -46.10
CA LEU C 244 18.69 41.34 -46.58
C LEU C 244 18.88 41.21 -48.08
N HIS C 245 19.27 42.29 -48.74
CA HIS C 245 19.39 42.26 -50.19
C HIS C 245 20.53 43.15 -50.67
N ARG C 246 20.58 43.37 -51.98
CA ARG C 246 21.61 44.20 -52.57
C ARG C 246 20.98 45.44 -53.22
N SER C 247 21.68 46.56 -53.14
CA SER C 247 21.28 47.75 -53.86
C SER C 247 22.35 48.12 -54.89
N TYR C 248 22.08 49.17 -55.66
CA TYR C 248 22.95 49.57 -56.76
C TYR C 248 23.02 51.09 -56.80
N LEU C 249 23.94 51.60 -57.64
CA LEU C 249 24.69 52.80 -57.26
C LEU C 249 23.79 53.93 -56.81
N THR C 250 23.99 54.35 -55.57
CA THR C 250 23.36 55.48 -54.91
C THR C 250 24.38 56.05 -53.94
N PRO C 251 24.28 57.34 -53.60
CA PRO C 251 25.24 57.88 -52.63
C PRO C 251 25.00 57.36 -51.22
N SER C 256 29.21 46.73 -50.41
CA SER C 256 28.07 46.10 -51.12
C SER C 256 26.75 46.52 -50.44
N GLY C 257 25.65 46.58 -51.19
CA GLY C 257 24.34 46.94 -50.61
C GLY C 257 23.93 45.96 -49.51
N TRP C 258 23.39 46.46 -48.40
CA TRP C 258 22.87 45.58 -47.29
C TRP C 258 21.87 46.38 -46.44
N THR C 259 21.64 45.96 -45.18
CA THR C 259 20.80 46.74 -44.22
C THR C 259 19.39 47.13 -44.71
N ALA C 260 18.52 46.15 -45.01
CA ALA C 260 17.16 46.42 -45.55
C ALA C 260 16.17 46.90 -44.47
N GLY C 261 15.32 47.89 -44.79
CA GLY C 261 14.25 48.40 -43.90
C GLY C 261 14.68 48.44 -42.44
N ALA C 262 13.83 47.93 -41.55
CA ALA C 262 14.14 47.94 -40.09
C ALA C 262 13.79 46.57 -39.50
N ALA C 263 14.20 46.32 -38.25
CA ALA C 263 13.95 45.03 -37.62
C ALA C 263 14.09 45.13 -36.11
N ALA C 264 13.07 44.65 -35.41
CA ALA C 264 13.10 44.54 -33.96
C ALA C 264 12.18 43.41 -33.54
N TYR C 265 12.51 42.78 -32.41
CA TYR C 265 11.71 41.67 -31.92
C TYR C 265 11.82 41.59 -30.40
N TYR C 266 11.09 40.64 -29.84
CA TYR C 266 10.97 40.44 -28.40
C TYR C 266 11.42 39.04 -28.04
N VAL C 267 12.16 38.93 -26.94
CA VAL C 267 12.64 37.66 -26.44
C VAL C 267 12.48 37.63 -24.93
N GLY C 268 12.07 36.47 -24.42
CA GLY C 268 12.02 36.22 -23.00
C GLY C 268 12.24 34.75 -22.74
N TYR C 269 12.69 34.41 -21.53
CA TYR C 269 13.04 33.03 -21.22
C TYR C 269 11.92 32.38 -20.43
N LEU C 270 11.73 31.08 -20.67
CA LEU C 270 10.69 30.33 -19.99
C LEU C 270 11.15 29.95 -18.59
N GLN C 271 10.29 29.24 -17.87
CA GLN C 271 10.46 28.98 -16.45
C GLN C 271 9.31 28.10 -15.95
N PRO C 272 9.57 27.11 -15.10
CA PRO C 272 8.47 26.31 -14.56
C PRO C 272 7.59 27.15 -13.64
N ARG C 273 6.30 27.12 -13.91
CA ARG C 273 5.29 27.82 -13.11
C ARG C 273 3.98 27.06 -13.21
N THR C 274 3.15 27.20 -12.18
CA THR C 274 1.84 26.56 -12.16
C THR C 274 0.81 27.58 -12.61
N PHE C 275 0.14 27.31 -13.74
CA PHE C 275 -0.83 28.29 -14.31
C PHE C 275 -2.27 27.78 -14.15
N LEU C 276 -3.25 28.69 -14.18
CA LEU C 276 -4.69 28.28 -14.12
C LEU C 276 -5.27 28.42 -15.53
N LEU C 277 -5.58 27.32 -16.20
CA LEU C 277 -6.05 27.38 -17.61
C LEU C 277 -7.58 27.45 -17.69
N LYS C 278 -8.17 28.63 -17.89
CA LYS C 278 -9.61 28.72 -18.09
C LYS C 278 -9.91 28.54 -19.57
N TYR C 279 -10.18 27.26 -19.85
CA TYR C 279 -10.51 26.84 -21.22
C TYR C 279 -11.92 27.32 -21.44
N ASN C 280 -12.26 27.74 -22.64
CA ASN C 280 -13.58 28.31 -22.92
C ASN C 280 -14.41 27.15 -23.43
N GLU C 281 -15.69 27.36 -23.63
CA GLU C 281 -16.57 26.23 -24.00
C GLU C 281 -16.03 25.66 -25.30
N ASN C 282 -15.53 26.52 -26.15
CA ASN C 282 -15.07 26.05 -27.47
C ASN C 282 -13.67 25.48 -27.33
N GLY C 283 -13.11 25.43 -26.11
CA GLY C 283 -11.80 24.79 -25.93
C GLY C 283 -10.61 25.72 -25.91
N THR C 284 -10.85 27.02 -25.83
CA THR C 284 -9.80 28.04 -26.04
C THR C 284 -9.54 28.78 -24.75
N ILE C 285 -8.30 29.03 -24.38
CA ILE C 285 -8.00 29.64 -23.06
C ILE C 285 -7.93 31.17 -23.10
N THR C 286 -8.77 31.92 -22.37
CA THR C 286 -8.54 33.35 -22.19
C THR C 286 -7.72 33.60 -20.92
N ASP C 287 -8.34 33.51 -19.75
CA ASP C 287 -7.67 33.85 -18.51
C ASP C 287 -6.76 32.72 -18.07
N ALA C 288 -5.49 33.06 -17.87
CA ALA C 288 -4.53 32.22 -17.18
C ALA C 288 -3.97 33.02 -16.03
N VAL C 289 -3.64 32.33 -14.94
CA VAL C 289 -3.13 32.97 -13.74
C VAL C 289 -1.95 32.17 -13.22
N ASP C 290 -0.82 32.85 -12.99
CA ASP C 290 0.39 32.20 -12.46
C ASP C 290 0.33 32.21 -10.93
N CYS C 291 0.40 31.04 -10.29
CA CYS C 291 0.31 30.95 -8.81
C CYS C 291 1.50 31.66 -8.13
N ALA C 292 2.71 31.50 -8.67
CA ALA C 292 3.91 32.06 -8.00
C ALA C 292 4.14 33.52 -8.44
N LEU C 293 3.07 34.25 -8.76
CA LEU C 293 3.21 35.66 -9.11
C LEU C 293 3.33 36.56 -7.88
N ASP C 294 2.27 36.66 -7.10
CA ASP C 294 2.33 37.39 -5.84
C ASP C 294 1.64 36.57 -4.76
N PRO C 295 1.65 37.01 -3.50
CA PRO C 295 0.87 36.29 -2.49
C PRO C 295 -0.63 36.30 -2.77
N LEU C 296 -1.08 37.15 -3.69
CA LEU C 296 -2.53 37.23 -4.07
C LEU C 296 -2.89 36.11 -5.07
N SER C 297 -2.11 35.93 -6.14
CA SER C 297 -2.44 34.95 -7.21
C SER C 297 -2.54 33.52 -6.65
N GLU C 298 -1.75 33.22 -5.61
CA GLU C 298 -1.79 31.87 -4.98
C GLU C 298 -3.21 31.61 -4.45
N THR C 299 -3.89 32.65 -3.95
CA THR C 299 -5.27 32.50 -3.42
C THR C 299 -6.20 31.99 -4.54
N LYS C 300 -6.04 32.51 -5.75
CA LYS C 300 -6.90 32.11 -6.88
C LYS C 300 -6.68 30.61 -7.15
N CYS C 301 -5.42 30.15 -7.08
CA CYS C 301 -5.13 28.71 -7.27
C CYS C 301 -5.77 27.88 -6.15
N THR C 302 -5.66 28.34 -4.90
CA THR C 302 -6.27 27.61 -3.75
C THR C 302 -7.80 27.62 -3.91
N LEU C 303 -8.37 28.77 -4.26
CA LEU C 303 -9.84 28.89 -4.44
C LEU C 303 -10.28 28.09 -5.67
N LYS C 304 -9.39 27.94 -6.67
CA LYS C 304 -9.76 27.27 -7.94
C LYS C 304 -10.93 28.03 -8.58
N SER C 305 -10.88 29.37 -8.56
CA SER C 305 -11.93 30.20 -9.20
C SER C 305 -11.36 31.58 -9.54
N PHE C 306 -11.47 32.02 -10.80
CA PHE C 306 -11.01 33.33 -11.19
C PHE C 306 -11.71 34.46 -10.46
N THR C 307 -12.78 34.18 -9.74
CA THR C 307 -13.42 35.17 -8.89
C THR C 307 -13.31 34.67 -7.46
N VAL C 308 -12.46 35.33 -6.68
CA VAL C 308 -12.30 34.97 -5.28
C VAL C 308 -13.25 35.86 -4.49
N GLU C 309 -14.28 35.25 -3.94
CA GLU C 309 -15.27 35.99 -3.19
C GLU C 309 -14.69 36.47 -1.86
N LYS C 310 -15.40 37.42 -1.27
CA LYS C 310 -14.94 38.10 -0.06
C LYS C 310 -14.63 37.10 1.03
N GLY C 311 -13.71 37.48 1.91
CA GLY C 311 -13.30 36.67 3.04
C GLY C 311 -11.86 36.19 2.91
N ILE C 312 -11.35 35.73 4.04
CA ILE C 312 -9.94 35.42 4.21
C ILE C 312 -9.67 33.99 3.76
N TYR C 313 -8.52 33.78 3.15
CA TYR C 313 -8.13 32.48 2.65
C TYR C 313 -6.70 32.18 3.06
N GLN C 314 -6.50 31.01 3.64
CA GLN C 314 -5.15 30.50 3.86
C GLN C 314 -4.64 29.96 2.54
N THR C 315 -3.47 30.43 2.13
CA THR C 315 -2.89 30.07 0.83
C THR C 315 -1.65 29.22 0.96
N SER C 316 -0.60 29.76 1.57
CA SER C 316 0.69 29.10 1.63
C SER C 316 1.23 29.17 3.05
N ASN C 317 2.46 28.72 3.22
CA ASN C 317 3.19 28.79 4.47
C ASN C 317 4.59 29.27 4.17
N PHE C 318 5.18 30.04 5.08
CA PHE C 318 6.56 30.45 4.92
C PHE C 318 7.39 29.90 6.07
N ARG C 319 8.53 29.32 5.73
CA ARG C 319 9.44 28.76 6.71
C ARG C 319 10.72 29.58 6.64
N VAL C 320 10.98 30.39 7.66
CA VAL C 320 12.15 31.23 7.64
C VAL C 320 13.38 30.35 7.49
N GLN C 321 14.14 30.58 6.47
CA GLN C 321 15.28 29.72 6.29
C GLN C 321 16.45 30.22 7.14
N PRO C 322 17.39 29.34 7.60
CA PRO C 322 18.50 29.76 8.49
C PRO C 322 19.66 30.44 7.75
N THR C 323 20.24 31.49 8.36
CA THR C 323 21.33 32.25 7.68
C THR C 323 22.60 31.42 7.48
N GLU C 324 23.05 30.67 8.50
CA GLU C 324 24.34 29.92 8.38
C GLU C 324 24.39 28.79 9.42
N SER C 325 25.43 27.94 9.35
CA SER C 325 25.50 26.76 10.26
C SER C 325 26.45 26.96 11.44
N ILE C 326 26.08 26.45 12.63
CA ILE C 326 26.99 26.50 13.78
C ILE C 326 27.44 25.08 14.07
N VAL C 327 28.73 24.83 13.94
CA VAL C 327 29.26 23.51 14.36
C VAL C 327 30.08 23.85 15.60
N ARG C 328 29.64 23.46 16.80
CA ARG C 328 30.39 23.90 18.00
C ARG C 328 30.93 22.69 18.75
N PHE C 329 32.03 22.12 18.25
CA PHE C 329 32.69 20.98 18.96
C PHE C 329 33.38 21.57 20.20
N PRO C 330 33.61 20.80 21.29
CA PRO C 330 34.10 21.39 22.54
C PRO C 330 35.47 22.10 22.49
N ASN C 334 43.06 14.63 15.45
CA ASN C 334 43.89 13.44 15.23
C ASN C 334 43.79 12.97 13.80
N LEU C 335 44.02 11.68 13.62
CA LEU C 335 43.73 10.94 12.40
C LEU C 335 43.41 9.51 12.79
N CYS C 336 42.48 8.92 12.07
CA CYS C 336 42.11 7.53 12.39
C CYS C 336 43.03 6.57 11.66
N PRO C 337 43.50 5.48 12.30
CA PRO C 337 44.56 4.65 11.73
C PRO C 337 44.11 3.72 10.61
N PHE C 338 43.57 4.30 9.55
CA PHE C 338 43.16 3.50 8.40
C PHE C 338 44.35 3.09 7.56
N GLY C 339 45.45 3.83 7.66
CA GLY C 339 46.70 3.35 7.11
C GLY C 339 47.31 2.25 7.93
N GLU C 340 46.89 2.12 9.19
CA GLU C 340 47.36 1.05 10.06
C GLU C 340 46.42 -0.14 10.10
N VAL C 341 45.18 0.03 9.64
CA VAL C 341 44.22 -1.05 9.60
C VAL C 341 44.17 -1.61 8.19
N PHE C 342 44.04 -0.72 7.22
CA PHE C 342 43.76 -1.17 5.85
C PHE C 342 45.04 -1.55 5.14
N ASN C 343 46.15 -0.93 5.48
CA ASN C 343 47.45 -1.36 4.99
C ASN C 343 48.19 -2.24 5.98
N ALA C 344 47.47 -2.90 6.88
CA ALA C 344 48.10 -3.74 7.90
C ALA C 344 48.70 -4.99 7.27
N THR C 345 49.69 -5.56 7.96
CA THR C 345 50.51 -6.59 7.35
C THR C 345 50.05 -8.00 7.69
N ARG C 346 49.20 -8.16 8.71
CA ARG C 346 48.91 -9.49 9.23
C ARG C 346 47.52 -9.50 9.84
N PHE C 347 46.55 -10.00 9.08
CA PHE C 347 45.21 -10.23 9.61
C PHE C 347 45.13 -11.66 10.12
N ALA C 348 44.46 -11.82 11.25
CA ALA C 348 44.24 -13.14 11.78
C ALA C 348 43.09 -13.83 11.05
N SER C 349 42.84 -15.08 11.41
CA SER C 349 41.75 -15.81 10.82
C SER C 349 40.43 -15.43 11.47
N VAL C 350 39.40 -16.22 11.16
CA VAL C 350 38.05 -15.84 11.56
C VAL C 350 37.71 -16.50 12.89
N TYR C 351 38.50 -17.48 13.32
CA TYR C 351 38.22 -18.10 14.63
C TYR C 351 38.70 -17.19 15.74
N ALA C 352 39.67 -16.33 15.46
CA ALA C 352 40.24 -15.38 16.41
C ALA C 352 40.41 -14.00 15.81
N TRP C 353 39.37 -13.46 15.18
CA TRP C 353 39.46 -12.21 14.43
C TRP C 353 39.80 -11.02 15.30
N ASN C 354 40.60 -10.12 14.74
CA ASN C 354 41.08 -8.96 15.46
C ASN C 354 40.04 -7.84 15.41
N ARG C 355 39.89 -7.18 16.55
CA ARG C 355 38.90 -6.12 16.74
C ARG C 355 39.60 -4.91 17.32
N LYS C 356 39.34 -3.74 16.74
CA LYS C 356 40.02 -2.52 17.13
C LYS C 356 38.97 -1.43 17.33
N ARG C 357 38.72 -1.10 18.60
CA ARG C 357 37.82 -0.01 18.94
C ARG C 357 38.47 1.31 18.56
N ILE C 358 37.82 2.07 17.70
CA ILE C 358 38.39 3.32 17.20
C ILE C 358 37.43 4.45 17.50
N SER C 359 37.97 5.54 18.05
CA SER C 359 37.27 6.76 18.39
C SER C 359 38.33 7.85 18.52
N ASN C 360 37.85 9.09 18.70
CA ASN C 360 38.67 10.27 19.02
C ASN C 360 39.71 10.56 17.94
N CYS C 361 39.25 10.60 16.70
CA CYS C 361 40.08 10.88 15.54
C CYS C 361 39.16 11.35 14.40
N VAL C 362 39.71 11.45 13.20
CA VAL C 362 38.93 11.95 12.07
C VAL C 362 38.99 10.97 10.91
N ALA C 363 37.89 10.94 10.15
CA ALA C 363 37.68 9.92 9.13
C ALA C 363 38.23 10.40 7.79
N ASP C 364 38.96 9.53 7.11
CA ASP C 364 39.54 9.82 5.81
C ASP C 364 38.74 9.15 4.69
N TYR C 365 37.41 9.20 4.78
CA TYR C 365 36.48 8.45 3.93
C TYR C 365 36.59 8.66 2.43
N SER C 366 37.32 9.70 2.02
CA SER C 366 37.57 9.97 0.61
C SER C 366 38.30 8.83 -0.10
N VAL C 367 39.50 8.49 0.38
CA VAL C 367 40.35 7.54 -0.35
C VAL C 367 39.85 6.11 -0.23
N LEU C 368 38.89 5.88 0.67
CA LEU C 368 38.14 4.63 0.69
C LEU C 368 37.48 4.37 -0.66
N TYR C 369 36.86 5.40 -1.21
CA TYR C 369 36.20 5.26 -2.50
C TYR C 369 37.22 5.43 -3.62
N ASN C 370 38.27 6.22 -3.35
CA ASN C 370 39.30 6.45 -4.36
C ASN C 370 40.28 5.29 -4.43
N SER C 371 40.17 4.32 -3.53
CA SER C 371 41.01 3.13 -3.59
C SER C 371 40.75 2.32 -4.86
N ALA C 372 39.51 1.81 -4.99
CA ALA C 372 38.97 1.21 -6.21
C ALA C 372 39.76 -0.03 -6.68
N SER C 373 40.51 -0.65 -5.76
CA SER C 373 41.11 -1.94 -5.99
C SER C 373 40.41 -3.03 -5.20
N PHE C 374 39.18 -2.76 -4.73
CA PHE C 374 38.50 -3.60 -3.76
C PHE C 374 37.36 -4.32 -4.46
N SER C 375 37.33 -5.65 -4.29
CA SER C 375 36.33 -6.48 -4.97
C SER C 375 34.90 -6.20 -4.53
N THR C 376 34.60 -6.46 -3.27
CA THR C 376 33.22 -6.37 -2.79
C THR C 376 33.17 -5.34 -1.68
N PHE C 377 32.55 -4.20 -1.97
CA PHE C 377 32.58 -3.03 -1.10
C PHE C 377 31.15 -2.55 -0.94
N LYS C 378 30.50 -2.92 0.15
CA LYS C 378 29.11 -2.52 0.30
C LYS C 378 28.90 -1.85 1.65
N CYS C 379 27.81 -1.08 1.73
CA CYS C 379 27.45 -0.34 2.98
C CYS C 379 25.93 -0.37 3.18
N TYR C 380 25.48 -0.69 4.40
CA TYR C 380 24.03 -0.73 4.71
C TYR C 380 23.70 0.45 5.63
N GLY C 381 22.80 1.33 5.19
CA GLY C 381 22.39 2.51 5.99
C GLY C 381 23.44 3.61 6.00
N VAL C 382 24.41 3.55 5.08
CA VAL C 382 25.50 4.57 5.01
C VAL C 382 25.51 5.21 3.63
N SER C 383 25.61 6.55 3.58
CA SER C 383 25.63 7.30 2.29
C SER C 383 27.05 7.80 2.03
N PRO C 384 27.64 7.57 0.83
CA PRO C 384 29.00 8.01 0.54
C PRO C 384 29.16 9.54 0.61
N THR C 385 28.20 10.27 0.05
CA THR C 385 28.23 11.76 0.06
C THR C 385 28.15 12.27 1.50
N LYS C 386 27.30 11.63 2.32
CA LYS C 386 27.10 12.05 3.73
C LYS C 386 28.05 11.29 4.66
N LEU C 387 28.90 10.41 4.12
CA LEU C 387 29.83 9.63 4.97
C LEU C 387 30.77 10.60 5.71
N ASN C 388 31.29 11.61 5.00
CA ASN C 388 32.17 12.63 5.63
C ASN C 388 31.36 13.41 6.67
N ASP C 389 30.11 13.72 6.32
CA ASP C 389 29.17 14.48 7.19
C ASP C 389 28.86 13.67 8.45
N LEU C 390 28.78 12.34 8.32
CA LEU C 390 28.43 11.46 9.47
C LEU C 390 29.47 11.64 10.59
N CYS C 391 28.99 11.68 11.83
CA CYS C 391 29.80 11.87 13.05
C CYS C 391 29.57 10.69 14.00
N PHE C 392 30.14 9.51 13.71
CA PHE C 392 29.95 8.34 14.55
C PHE C 392 30.46 8.56 15.95
N THR C 393 29.81 7.93 16.93
CA THR C 393 30.25 8.03 18.30
C THR C 393 31.47 7.15 18.54
N ASN C 394 31.39 5.88 18.13
CA ASN C 394 32.39 4.88 18.47
C ASN C 394 32.34 3.72 17.49
N VAL C 395 33.41 3.55 16.73
CA VAL C 395 33.36 2.57 15.66
C VAL C 395 34.15 1.35 16.08
N TYR C 396 33.76 0.22 15.53
CA TYR C 396 34.44 -1.05 15.76
C TYR C 396 34.98 -1.52 14.42
N ALA C 397 36.29 -1.55 14.30
CA ALA C 397 36.95 -2.01 13.08
C ALA C 397 37.49 -3.41 13.33
N ASP C 398 36.82 -4.42 12.80
CA ASP C 398 37.29 -5.78 13.01
C ASP C 398 37.51 -6.48 11.68
N SER C 399 38.63 -7.18 11.55
CA SER C 399 39.04 -7.71 10.25
C SER C 399 39.46 -9.16 10.38
N PHE C 400 39.39 -9.86 9.26
CA PHE C 400 39.77 -11.26 9.16
C PHE C 400 39.96 -11.61 7.70
N VAL C 401 40.30 -12.87 7.45
CA VAL C 401 40.60 -13.37 6.11
C VAL C 401 39.75 -14.61 5.86
N ILE C 402 38.96 -14.59 4.79
CA ILE C 402 38.09 -15.70 4.43
C ILE C 402 38.28 -16.01 2.94
N ARG C 403 37.51 -16.98 2.46
CA ARG C 403 37.67 -17.47 1.11
C ARG C 403 36.89 -16.63 0.11
N GLY C 404 37.26 -16.75 -1.15
CA GLY C 404 36.63 -15.95 -2.18
C GLY C 404 35.24 -16.42 -2.55
N ASP C 405 34.86 -17.61 -2.09
CA ASP C 405 33.51 -18.10 -2.34
C ASP C 405 32.58 -17.76 -1.19
N GLU C 406 33.08 -17.83 0.05
CA GLU C 406 32.23 -17.72 1.22
C GLU C 406 31.91 -16.28 1.59
N VAL C 407 32.41 -15.29 0.84
CA VAL C 407 32.28 -13.90 1.25
C VAL C 407 30.85 -13.41 1.10
N ARG C 408 30.06 -14.08 0.26
CA ARG C 408 28.65 -13.74 0.14
C ARG C 408 27.89 -14.20 1.38
N GLN C 409 28.44 -15.15 2.13
CA GLN C 409 27.93 -15.44 3.46
C GLN C 409 28.04 -14.22 4.36
N ILE C 410 29.13 -13.47 4.22
CA ILE C 410 29.24 -12.21 4.96
C ILE C 410 28.26 -11.22 4.36
N ALA C 411 27.16 -11.03 5.05
CA ALA C 411 26.07 -10.12 4.76
C ALA C 411 25.23 -10.15 6.02
N PRO C 412 24.69 -9.01 6.47
CA PRO C 412 23.94 -8.99 7.73
C PRO C 412 22.63 -9.75 7.62
N GLY C 413 22.57 -10.90 8.27
CA GLY C 413 21.41 -11.75 8.21
C GLY C 413 21.43 -12.75 7.08
N GLN C 414 22.47 -13.56 7.01
CA GLN C 414 22.52 -14.70 6.10
C GLN C 414 23.01 -15.92 6.85
N THR C 415 23.15 -17.03 6.12
CA THR C 415 23.63 -18.28 6.69
C THR C 415 24.88 -18.71 5.95
N GLY C 416 25.34 -19.91 6.27
CA GLY C 416 26.63 -20.38 5.81
C GLY C 416 27.70 -20.21 6.87
N LYS C 417 28.78 -20.98 6.70
CA LYS C 417 29.64 -21.40 7.80
C LYS C 417 30.27 -20.24 8.55
N ILE C 418 30.76 -19.24 7.80
CA ILE C 418 31.42 -18.09 8.40
C ILE C 418 30.42 -17.27 9.21
N ALA C 419 29.21 -17.15 8.71
CA ALA C 419 28.19 -16.48 9.51
C ALA C 419 27.46 -17.43 10.43
N ASP C 420 27.79 -18.71 10.42
CA ASP C 420 27.07 -19.61 11.29
C ASP C 420 27.84 -19.88 12.57
N TYR C 421 29.14 -20.10 12.46
CA TYR C 421 29.91 -20.52 13.61
C TYR C 421 31.17 -19.69 13.82
N ASN C 422 31.50 -18.78 12.90
CA ASN C 422 32.78 -18.11 12.89
C ASN C 422 32.65 -16.64 13.27
N TYR C 423 31.82 -15.89 12.59
CA TYR C 423 31.69 -14.45 12.81
C TYR C 423 30.30 -14.02 12.42
N LYS C 424 29.59 -13.33 13.31
CA LYS C 424 28.16 -13.12 13.12
C LYS C 424 27.83 -11.63 13.07
N LEU C 425 27.42 -11.17 11.90
CA LEU C 425 26.79 -9.87 11.77
C LEU C 425 25.43 -9.89 12.46
N PRO C 426 25.01 -8.78 13.05
CA PRO C 426 23.77 -8.80 13.85
C PRO C 426 22.52 -8.81 13.02
N ASP C 427 21.36 -8.70 13.67
CA ASP C 427 20.11 -8.62 12.93
C ASP C 427 19.84 -7.21 12.41
N ASP C 428 20.32 -6.20 13.13
CA ASP C 428 20.20 -4.82 12.69
C ASP C 428 21.60 -4.22 12.70
N PHE C 429 22.09 -3.86 11.51
CA PHE C 429 23.51 -3.55 11.31
C PHE C 429 23.61 -2.23 10.57
N THR C 430 24.73 -1.53 10.78
CA THR C 430 24.92 -0.22 10.17
C THR C 430 26.10 -0.18 9.21
N GLY C 431 27.18 -0.89 9.53
CA GLY C 431 28.48 -0.63 8.95
C GLY C 431 28.65 -1.11 7.52
N CYS C 432 29.89 -1.00 7.06
CA CYS C 432 30.26 -1.37 5.71
C CYS C 432 31.10 -2.64 5.74
N VAL C 433 30.91 -3.48 4.73
CA VAL C 433 31.74 -4.65 4.52
C VAL C 433 32.71 -4.29 3.41
N ILE C 434 33.97 -4.31 3.74
CA ILE C 434 35.01 -4.02 2.76
C ILE C 434 35.78 -5.29 2.50
N ALA C 435 35.88 -5.65 1.23
CA ALA C 435 36.40 -6.95 0.85
C ALA C 435 37.26 -6.81 -0.39
N TRP C 436 38.46 -7.38 -0.33
CA TRP C 436 39.30 -7.44 -1.52
C TRP C 436 40.15 -8.70 -1.44
N ASN C 437 40.82 -8.97 -2.55
CA ASN C 437 41.72 -10.10 -2.68
C ASN C 437 43.12 -9.70 -2.25
N SER C 438 43.77 -10.62 -1.54
CA SER C 438 45.18 -10.51 -1.24
C SER C 438 45.92 -11.75 -1.70
N ASN C 439 45.69 -12.19 -2.94
CA ASN C 439 46.24 -13.45 -3.41
C ASN C 439 47.75 -13.40 -3.55
N ASN C 440 48.30 -12.22 -3.84
CA ASN C 440 49.74 -12.09 -4.01
C ASN C 440 50.50 -12.12 -2.69
N LEU C 441 49.81 -12.10 -1.55
CA LEU C 441 50.46 -12.12 -0.25
C LEU C 441 50.18 -13.41 0.51
N ASP C 442 48.90 -13.75 0.68
CA ASP C 442 48.48 -14.83 1.56
C ASP C 442 48.82 -16.19 0.99
N SER C 443 48.29 -16.48 -0.20
CA SER C 443 48.48 -17.79 -0.80
C SER C 443 49.91 -17.94 -1.30
N LYS C 444 50.61 -18.92 -0.74
CA LYS C 444 52.03 -19.09 -1.01
C LYS C 444 52.26 -20.45 -1.66
N VAL C 445 53.28 -20.51 -2.52
CA VAL C 445 53.70 -21.79 -3.07
C VAL C 445 54.36 -22.61 -1.98
N GLY C 446 54.18 -23.92 -2.06
CA GLY C 446 54.43 -24.79 -0.92
C GLY C 446 53.27 -24.88 0.04
N GLY C 447 52.23 -24.10 -0.16
CA GLY C 447 51.00 -24.18 0.60
C GLY C 447 50.91 -23.15 1.71
N ASN C 448 49.78 -22.45 1.77
CA ASN C 448 49.43 -21.61 2.91
C ASN C 448 48.44 -22.40 3.76
N TYR C 449 48.83 -22.67 5.00
CA TYR C 449 47.96 -23.27 5.98
C TYR C 449 48.06 -22.57 7.32
N ASN C 450 48.49 -21.30 7.32
CA ASN C 450 48.42 -20.48 8.51
C ASN C 450 46.99 -20.24 8.92
N TYR C 451 46.10 -20.03 7.95
CA TYR C 451 44.76 -19.60 8.25
C TYR C 451 43.89 -20.76 8.71
N LEU C 452 42.87 -20.42 9.49
CA LEU C 452 41.99 -21.41 10.12
C LEU C 452 40.57 -20.86 10.12
N TYR C 453 39.65 -21.67 10.65
CA TYR C 453 38.26 -21.32 10.88
C TYR C 453 37.66 -22.42 11.74
N ARG C 454 36.50 -22.12 12.32
CA ARG C 454 35.75 -23.10 13.07
C ARG C 454 34.67 -23.68 12.18
N LEU C 455 34.58 -25.00 12.14
CA LEU C 455 33.62 -25.67 11.28
C LEU C 455 32.39 -26.16 12.04
N PHE C 456 32.46 -26.31 13.35
CA PHE C 456 31.32 -26.82 14.10
C PHE C 456 31.26 -26.20 15.49
N ARG C 457 30.05 -26.15 16.02
CA ARG C 457 29.72 -25.66 17.36
C ARG C 457 28.29 -26.11 17.61
N LYS C 458 27.94 -26.28 18.88
CA LYS C 458 26.64 -26.83 19.25
C LYS C 458 25.51 -25.79 19.23
N SER C 459 25.75 -24.59 18.70
CA SER C 459 24.70 -23.63 18.44
C SER C 459 25.20 -22.63 17.40
N ASN C 460 24.26 -21.90 16.82
CA ASN C 460 24.63 -20.75 16.02
C ASN C 460 25.26 -19.67 16.88
N LEU C 461 26.02 -18.80 16.25
CA LEU C 461 26.90 -17.89 16.97
C LEU C 461 26.21 -16.58 17.28
N LYS C 462 26.39 -16.13 18.52
CA LYS C 462 25.86 -14.84 18.94
C LYS C 462 26.58 -13.73 18.19
N PRO C 463 25.91 -12.59 17.94
CA PRO C 463 26.49 -11.58 17.04
C PRO C 463 27.70 -10.87 17.64
N PHE C 464 28.72 -10.70 16.80
CA PHE C 464 30.02 -10.09 17.08
C PHE C 464 30.84 -10.80 18.14
N GLU C 465 30.52 -12.02 18.53
CA GLU C 465 31.30 -12.69 19.56
C GLU C 465 32.15 -13.77 18.93
N ARG C 466 33.46 -13.67 19.10
CA ARG C 466 34.38 -14.66 18.58
C ARG C 466 34.28 -15.96 19.38
N ASP C 467 34.95 -16.98 18.88
CA ASP C 467 34.98 -18.28 19.54
C ASP C 467 36.39 -18.83 19.44
N ILE C 468 37.18 -18.61 20.48
CA ILE C 468 38.54 -19.12 20.51
C ILE C 468 38.63 -20.45 21.24
N SER C 469 37.52 -20.90 21.83
CA SER C 469 37.49 -22.15 22.58
C SER C 469 37.65 -23.33 21.64
N THR C 470 38.86 -23.89 21.61
CA THR C 470 39.20 -24.95 20.69
C THR C 470 39.00 -26.35 21.28
N GLU C 471 38.11 -26.49 22.26
CA GLU C 471 37.83 -27.80 22.84
C GLU C 471 37.03 -28.64 21.85
N ILE C 472 36.96 -29.94 22.13
CA ILE C 472 36.29 -30.89 21.26
C ILE C 472 34.79 -30.80 21.49
N TYR C 473 34.03 -30.67 20.40
CA TYR C 473 32.58 -30.78 20.47
C TYR C 473 32.21 -32.25 20.28
N GLN C 474 31.16 -32.68 20.97
CA GLN C 474 30.73 -34.08 20.95
C GLN C 474 29.38 -34.13 20.22
N ALA C 475 29.43 -34.46 18.93
CA ALA C 475 28.20 -34.47 18.13
C ALA C 475 27.30 -35.60 18.55
N GLY C 476 27.81 -36.82 18.55
CA GLY C 476 27.10 -37.92 19.15
C GLY C 476 27.24 -37.90 20.66
N SER C 477 26.50 -38.81 21.30
CA SER C 477 26.40 -38.80 22.75
C SER C 477 27.61 -39.38 23.45
N THR C 478 28.52 -40.05 22.74
CA THR C 478 29.66 -40.70 23.37
C THR C 478 30.69 -39.68 23.83
N PRO C 479 30.96 -39.59 25.13
CA PRO C 479 31.82 -38.50 25.63
C PRO C 479 33.28 -38.73 25.32
N CYS C 480 33.86 -37.82 24.54
CA CYS C 480 35.28 -37.85 24.23
C CYS C 480 36.11 -37.13 25.28
N ASN C 481 35.57 -36.07 25.87
CA ASN C 481 36.10 -35.38 27.05
C ASN C 481 37.51 -34.85 26.81
N GLY C 482 37.61 -33.89 25.89
CA GLY C 482 38.82 -33.14 25.66
C GLY C 482 39.74 -33.74 24.62
N VAL C 483 39.96 -35.04 24.65
CA VAL C 483 40.75 -35.72 23.63
C VAL C 483 39.78 -36.03 22.50
N GLU C 484 40.33 -36.24 21.30
CA GLU C 484 39.52 -36.58 20.14
C GLU C 484 39.01 -38.01 20.25
N GLY C 485 38.09 -38.38 19.35
CA GLY C 485 37.61 -39.74 19.35
C GLY C 485 36.50 -40.01 18.35
N PHE C 486 35.57 -40.88 18.71
CA PHE C 486 34.44 -41.22 17.86
C PHE C 486 33.20 -40.46 18.28
N ASN C 487 32.41 -40.07 17.26
CA ASN C 487 31.21 -39.23 17.25
C ASN C 487 31.57 -37.77 17.47
N CYS C 488 32.84 -37.49 17.73
CA CYS C 488 33.32 -36.16 18.02
C CYS C 488 34.44 -35.83 17.04
N TYR C 489 34.49 -34.57 16.63
CA TYR C 489 35.53 -34.12 15.72
C TYR C 489 36.34 -33.03 16.38
N PHE C 490 37.43 -32.66 15.71
CA PHE C 490 38.17 -31.48 16.11
C PHE C 490 37.35 -30.25 15.71
N PRO C 491 37.43 -29.15 16.48
CA PRO C 491 36.63 -27.97 16.10
C PRO C 491 37.13 -27.24 14.87
N LEU C 492 38.42 -27.02 14.74
CA LEU C 492 38.93 -26.09 13.74
C LEU C 492 39.43 -26.82 12.52
N GLN C 493 39.59 -26.06 11.44
CA GLN C 493 40.15 -26.59 10.20
C GLN C 493 40.86 -25.43 9.51
N SER C 494 41.86 -25.75 8.70
CA SER C 494 42.52 -24.73 7.92
C SER C 494 41.74 -24.44 6.64
N TYR C 495 42.22 -23.46 5.89
CA TYR C 495 41.95 -23.30 4.47
C TYR C 495 43.13 -23.86 3.71
N GLY C 496 42.92 -24.16 2.42
CA GLY C 496 44.04 -24.49 1.56
C GLY C 496 44.28 -23.37 0.57
N PHE C 497 45.33 -22.56 0.80
CA PHE C 497 45.63 -21.47 -0.11
C PHE C 497 46.97 -21.72 -0.80
N GLN C 498 46.95 -21.65 -2.13
CA GLN C 498 48.09 -21.56 -3.02
C GLN C 498 47.65 -20.66 -4.17
N PRO C 499 48.61 -20.07 -4.90
CA PRO C 499 48.23 -19.36 -6.14
C PRO C 499 47.80 -20.29 -7.29
N THR C 500 47.89 -21.61 -7.08
CA THR C 500 47.30 -22.58 -7.99
C THR C 500 45.78 -22.64 -7.87
N ASN C 501 45.20 -21.97 -6.88
CA ASN C 501 43.75 -21.94 -6.76
C ASN C 501 43.13 -21.12 -7.87
N GLY C 502 41.87 -21.42 -8.17
CA GLY C 502 41.11 -20.57 -9.06
C GLY C 502 40.70 -19.26 -8.41
N VAL C 503 39.99 -18.44 -9.18
CA VAL C 503 39.65 -17.09 -8.74
C VAL C 503 38.58 -17.15 -7.65
N GLY C 504 37.79 -18.23 -7.61
CA GLY C 504 36.79 -18.36 -6.58
C GLY C 504 37.36 -18.79 -5.25
N TYR C 505 38.60 -19.29 -5.25
CA TYR C 505 39.24 -19.78 -4.04
C TYR C 505 40.35 -18.86 -3.57
N GLN C 506 40.27 -17.58 -3.88
CA GLN C 506 41.32 -16.64 -3.53
C GLN C 506 41.04 -16.00 -2.17
N PRO C 507 42.06 -15.70 -1.38
CA PRO C 507 41.83 -15.16 -0.04
C PRO C 507 41.42 -13.71 -0.06
N TYR C 508 40.33 -13.41 0.62
CA TYR C 508 39.87 -12.05 0.81
C TYR C 508 40.25 -11.61 2.21
N ARG C 509 40.78 -10.39 2.31
CA ARG C 509 41.05 -9.76 3.59
C ARG C 509 39.87 -8.87 3.92
N VAL C 510 38.80 -9.47 4.43
CA VAL C 510 37.57 -8.75 4.72
C VAL C 510 37.78 -7.97 6.00
N VAL C 511 37.68 -6.65 5.89
CA VAL C 511 37.60 -5.80 7.06
C VAL C 511 36.18 -5.27 7.14
N VAL C 512 35.62 -5.30 8.34
CA VAL C 512 34.24 -4.90 8.57
C VAL C 512 34.26 -3.70 9.49
N LEU C 513 33.56 -2.65 9.09
CA LEU C 513 33.44 -1.46 9.91
C LEU C 513 32.02 -1.39 10.44
N SER C 514 31.91 -1.21 11.75
CA SER C 514 30.59 -1.21 12.38
C SER C 514 30.45 0.06 13.21
N PHE C 515 29.24 0.61 13.21
CA PHE C 515 29.07 1.94 13.75
C PHE C 515 27.92 1.94 14.75
N GLU C 516 27.78 3.05 15.48
CA GLU C 516 26.77 3.16 16.51
C GLU C 516 26.48 4.63 16.79
N LEU C 517 25.60 4.86 17.77
CA LEU C 517 25.23 6.20 18.21
C LEU C 517 24.71 6.14 19.64
N LEU C 518 25.18 7.05 20.49
CA LEU C 518 24.93 6.96 21.92
C LEU C 518 24.76 8.35 22.52
N HIS C 519 24.53 8.38 23.84
CA HIS C 519 24.67 9.58 24.67
C HIS C 519 26.07 10.19 24.59
N ALA C 520 27.08 9.37 24.29
CA ALA C 520 28.42 9.80 23.97
C ALA C 520 28.41 10.66 22.70
N PRO C 521 29.32 11.62 22.59
CA PRO C 521 29.34 12.47 21.40
C PRO C 521 29.99 11.75 20.24
N ALA C 522 29.91 12.39 19.08
CA ALA C 522 30.52 11.88 17.86
C ALA C 522 32.04 12.08 17.97
N THR C 523 32.70 11.16 18.67
CA THR C 523 34.11 11.31 18.94
C THR C 523 34.98 11.09 17.69
N VAL C 524 34.54 10.25 16.77
CA VAL C 524 35.21 10.08 15.48
C VAL C 524 34.37 10.74 14.41
N CYS C 525 34.93 11.72 13.72
CA CYS C 525 34.10 12.47 12.80
C CYS C 525 34.92 13.04 11.65
N GLY C 526 34.34 12.97 10.46
CA GLY C 526 35.00 13.46 9.28
C GLY C 526 35.03 14.98 9.22
N PRO C 527 35.56 15.51 8.10
CA PRO C 527 35.70 16.96 7.93
C PRO C 527 34.38 17.69 7.74
N THR C 531 32.71 26.14 13.87
CA THR C 531 32.35 27.44 13.25
C THR C 531 32.09 28.46 14.36
N ASN C 532 32.33 29.75 14.09
CA ASN C 532 32.20 30.77 15.18
C ASN C 532 30.76 30.74 15.70
N LEU C 533 30.59 30.80 17.03
CA LEU C 533 29.24 30.70 17.62
C LEU C 533 28.42 31.94 17.23
N VAL C 534 27.26 31.73 16.60
CA VAL C 534 26.35 32.86 16.26
C VAL C 534 25.23 32.88 17.32
N LYS C 535 24.81 34.07 17.76
CA LYS C 535 23.76 34.17 18.82
C LYS C 535 22.62 35.10 18.39
N ASN C 536 21.41 34.81 18.88
CA ASN C 536 20.18 35.61 18.60
C ASN C 536 19.88 35.69 17.11
N LYS C 537 20.14 34.61 16.37
CA LYS C 537 19.85 34.58 14.90
C LYS C 537 19.37 33.19 14.48
N CYS C 538 18.52 33.13 13.45
CA CYS C 538 18.03 31.82 12.93
C CYS C 538 19.22 31.12 12.26
N VAL C 539 19.72 30.03 12.86
CA VAL C 539 20.90 29.37 12.34
C VAL C 539 20.60 27.89 12.26
N ASN C 540 21.46 27.16 11.59
CA ASN C 540 21.34 25.72 11.48
C ASN C 540 22.51 25.12 12.24
N PHE C 541 22.27 24.65 13.46
CA PHE C 541 23.37 24.45 14.39
C PHE C 541 23.70 22.98 14.58
N ASN C 542 24.98 22.72 14.84
CA ASN C 542 25.44 21.42 15.30
C ASN C 542 26.27 21.63 16.56
N PHE C 543 25.84 21.04 17.66
CA PHE C 543 26.56 21.10 18.93
C PHE C 543 27.00 19.70 19.32
N ASN C 544 28.30 19.45 19.29
CA ASN C 544 28.88 18.18 19.71
C ASN C 544 28.12 17.00 19.10
N GLY C 545 27.88 17.09 17.80
CA GLY C 545 27.11 16.09 17.10
C GLY C 545 25.61 16.28 17.14
N LEU C 546 25.08 17.07 18.09
CA LEU C 546 23.67 17.38 18.09
C LEU C 546 23.38 18.40 17.01
N THR C 547 22.48 18.06 16.09
CA THR C 547 22.12 18.97 15.02
C THR C 547 20.71 19.49 15.23
N GLY C 548 20.48 20.71 14.79
CA GLY C 548 19.17 21.31 14.88
C GLY C 548 19.22 22.68 14.27
N THR C 549 18.03 23.20 13.98
CA THR C 549 17.89 24.52 13.38
C THR C 549 16.93 25.33 14.22
N GLY C 550 17.41 26.42 14.79
CA GLY C 550 16.55 27.23 15.63
C GLY C 550 17.15 28.59 15.87
N VAL C 551 16.55 29.30 16.81
CA VAL C 551 17.01 30.61 17.21
C VAL C 551 17.72 30.46 18.55
N LEU C 552 19.05 30.56 18.52
CA LEU C 552 19.84 30.36 19.72
C LEU C 552 19.87 31.66 20.51
N THR C 553 19.48 31.61 21.78
CA THR C 553 19.42 32.79 22.61
C THR C 553 20.11 32.51 23.92
N GLU C 554 20.35 33.56 24.69
CA GLU C 554 20.73 33.37 26.08
C GLU C 554 19.52 32.86 26.86
N SER C 555 19.80 32.13 27.94
CA SER C 555 18.71 31.55 28.71
C SER C 555 19.13 31.42 30.17
N ASN C 556 18.15 31.54 31.05
CA ASN C 556 18.41 31.51 32.48
C ASN C 556 18.27 30.13 33.10
N LYS C 557 17.74 29.15 32.37
CA LYS C 557 17.59 27.82 32.94
C LYS C 557 18.96 27.22 33.22
N LYS C 558 19.08 26.54 34.36
CA LYS C 558 20.37 26.18 34.93
C LYS C 558 20.53 24.66 34.93
N PHE C 559 21.50 24.16 34.18
CA PHE C 559 21.73 22.73 34.12
C PHE C 559 22.39 22.20 35.37
N LEU C 560 22.33 20.90 35.52
CA LEU C 560 23.30 20.20 36.33
C LEU C 560 24.58 20.02 35.52
N PRO C 561 25.73 20.04 36.19
CA PRO C 561 27.02 20.09 35.45
C PRO C 561 27.24 18.96 34.45
N PHE C 562 26.92 17.73 34.81
CA PHE C 562 27.22 16.61 33.93
C PHE C 562 26.31 16.56 32.71
N GLN C 563 25.18 17.26 32.76
CA GLN C 563 24.14 17.16 31.76
C GLN C 563 24.58 17.69 30.41
N GLN C 564 23.83 17.33 29.38
CA GLN C 564 24.09 17.82 28.03
C GLN C 564 22.89 18.59 27.48
N PHE C 565 21.81 17.91 27.10
CA PHE C 565 20.66 18.55 26.49
C PHE C 565 19.62 18.89 27.54
N GLY C 566 19.11 20.10 27.50
CA GLY C 566 17.80 20.34 28.03
C GLY C 566 16.74 19.81 27.09
N ARG C 567 15.56 19.52 27.62
CA ARG C 567 14.46 19.08 26.78
C ARG C 567 13.16 19.65 27.31
N ASP C 568 12.07 19.15 26.74
CA ASP C 568 10.75 19.71 26.93
C ASP C 568 9.78 18.54 27.03
N ILE C 569 8.50 18.86 27.23
CA ILE C 569 7.48 17.83 27.41
C ILE C 569 7.42 16.92 26.19
N ALA C 570 7.73 17.44 25.02
CA ALA C 570 7.64 16.68 23.79
C ALA C 570 8.90 15.89 23.48
N ASP C 571 9.89 15.92 24.39
CA ASP C 571 11.19 15.27 24.21
C ASP C 571 12.02 16.04 23.19
N THR C 572 11.38 16.99 22.50
CA THR C 572 12.09 17.85 21.57
C THR C 572 13.19 18.62 22.27
N THR C 573 14.30 18.81 21.57
CA THR C 573 15.44 19.56 22.11
C THR C 573 14.97 20.97 22.43
N ASP C 574 15.31 21.45 23.62
CA ASP C 574 14.90 22.79 24.02
C ASP C 574 16.10 23.66 24.35
N ALA C 575 16.83 23.33 25.40
CA ALA C 575 18.00 24.09 25.80
C ALA C 575 19.24 23.25 25.57
N VAL C 576 20.36 23.93 25.28
CA VAL C 576 21.64 23.26 25.08
C VAL C 576 22.71 24.03 25.83
N ARG C 577 23.86 23.39 25.96
CA ARG C 577 25.00 23.97 26.66
C ARG C 577 26.16 24.10 25.69
N ASP C 578 26.65 25.30 25.52
CA ASP C 578 27.73 25.52 24.58
C ASP C 578 28.98 24.87 25.11
N PRO C 579 29.54 23.87 24.41
CA PRO C 579 30.70 23.18 24.97
C PRO C 579 31.94 24.05 25.16
N GLN C 580 32.33 24.87 24.17
CA GLN C 580 33.60 25.58 24.28
C GLN C 580 33.61 26.56 25.43
N THR C 581 32.47 27.18 25.71
CA THR C 581 32.28 27.90 26.95
C THR C 581 30.88 27.58 27.46
N LEU C 582 30.80 27.09 28.68
CA LEU C 582 29.55 26.53 29.13
C LEU C 582 28.55 27.66 29.30
N GLU C 583 27.47 27.59 28.53
CA GLU C 583 26.40 28.57 28.67
C GLU C 583 25.14 27.89 28.17
N ILE C 584 24.01 28.33 28.69
CA ILE C 584 22.76 27.64 28.46
C ILE C 584 22.01 28.39 27.39
N LEU C 585 21.92 27.79 26.22
CA LEU C 585 21.27 28.41 25.09
C LEU C 585 19.88 27.81 24.92
N ASP C 586 18.87 28.67 24.75
CA ASP C 586 17.57 28.17 24.34
C ASP C 586 17.59 27.76 22.88
N ILE C 587 16.46 27.23 22.43
CA ILE C 587 16.17 27.00 21.04
C ILE C 587 14.73 27.45 20.82
N THR C 588 14.29 27.54 19.56
CA THR C 588 12.92 28.04 19.25
C THR C 588 12.57 27.72 17.79
N PRO C 589 11.28 27.64 17.38
CA PRO C 589 10.91 27.41 15.97
C PRO C 589 11.27 28.62 15.11
N CYS C 590 11.26 28.45 13.78
CA CYS C 590 11.39 29.63 12.89
C CYS C 590 10.02 30.33 12.91
N SER C 591 9.82 31.39 12.12
CA SER C 591 8.54 32.14 12.24
C SER C 591 7.34 31.25 11.90
N PHE C 592 7.42 30.45 10.83
CA PHE C 592 6.34 29.49 10.47
C PHE C 592 4.98 30.19 10.31
N GLY C 593 3.91 29.63 10.89
CA GLY C 593 2.56 30.21 10.75
C GLY C 593 2.01 30.04 9.35
N GLY C 594 0.75 30.44 9.10
CA GLY C 594 0.27 30.35 7.74
C GLY C 594 0.10 31.73 7.13
N VAL C 595 0.25 31.80 5.82
CA VAL C 595 -0.08 33.02 5.12
C VAL C 595 -1.58 33.07 4.95
N SER C 596 -2.16 34.26 5.02
CA SER C 596 -3.59 34.41 4.84
C SER C 596 -3.83 35.64 4.01
N VAL C 597 -4.60 35.50 2.93
CA VAL C 597 -4.87 36.59 2.03
C VAL C 597 -6.24 37.13 2.37
N ILE C 598 -6.27 38.32 2.97
CA ILE C 598 -7.51 39.00 3.26
C ILE C 598 -7.90 39.78 2.03
N THR C 599 -9.06 39.47 1.47
CA THR C 599 -9.49 40.22 0.31
C THR C 599 -10.96 40.57 0.37
N PRO C 600 -11.32 41.77 -0.05
CA PRO C 600 -12.67 41.99 -0.56
C PRO C 600 -12.83 41.15 -1.80
N GLY C 601 -14.09 40.94 -2.18
CA GLY C 601 -14.35 40.16 -3.37
C GLY C 601 -13.55 40.69 -4.55
N THR C 602 -13.04 39.78 -5.37
CA THR C 602 -12.39 40.21 -6.60
C THR C 602 -13.32 41.02 -7.47
N ASN C 603 -14.62 41.03 -7.15
CA ASN C 603 -15.57 41.89 -7.85
C ASN C 603 -15.39 43.34 -7.45
N THR C 604 -15.03 43.59 -6.19
CA THR C 604 -14.77 44.95 -5.71
C THR C 604 -13.37 45.41 -6.09
N SER C 605 -12.35 44.73 -5.58
CA SER C 605 -10.98 45.12 -5.79
C SER C 605 -10.13 43.92 -6.16
N ASN C 606 -8.98 44.21 -6.77
CA ASN C 606 -7.89 43.27 -6.91
C ASN C 606 -6.83 43.45 -5.83
N GLN C 607 -7.05 44.37 -4.90
CA GLN C 607 -6.10 44.61 -3.84
C GLN C 607 -6.34 43.63 -2.69
N VAL C 608 -5.25 43.16 -2.10
CA VAL C 608 -5.34 42.22 -0.99
C VAL C 608 -4.41 42.68 0.12
N ALA C 609 -4.76 42.33 1.35
CA ALA C 609 -3.90 42.53 2.50
C ALA C 609 -3.50 41.18 3.05
N VAL C 610 -2.19 40.93 3.09
CA VAL C 610 -1.65 39.65 3.51
C VAL C 610 -1.50 39.66 5.02
N LEU C 611 -1.98 38.61 5.67
CA LEU C 611 -1.73 38.38 7.07
C LEU C 611 -0.75 37.23 7.23
N TYR C 612 0.42 37.53 7.77
CA TYR C 612 1.32 36.49 8.25
C TYR C 612 0.89 36.14 9.67
N GLN C 613 0.54 34.89 9.90
CA GLN C 613 -0.03 34.48 11.18
C GLN C 613 1.06 34.14 12.18
N ASP C 614 0.89 34.62 13.40
CA ASP C 614 1.71 34.20 14.53
C ASP C 614 3.20 34.39 14.25
N VAL C 615 3.57 35.60 13.86
CA VAL C 615 4.98 35.95 13.68
C VAL C 615 5.20 37.34 14.22
N ASN C 616 6.47 37.69 14.34
CA ASN C 616 6.86 39.05 14.68
C ASN C 616 7.29 39.71 13.38
N CYS C 617 7.02 41.01 13.24
CA CYS C 617 7.29 41.61 11.94
C CYS C 617 8.76 41.99 11.94
N THR C 618 9.57 41.08 11.42
CA THR C 618 10.95 41.31 11.02
C THR C 618 11.22 40.52 9.75
N GLU C 619 11.14 39.19 9.87
CA GLU C 619 11.58 38.25 8.84
C GLU C 619 10.86 38.44 7.51
N VAL C 620 9.81 39.23 7.48
CA VAL C 620 9.14 39.53 6.24
C VAL C 620 10.12 40.10 5.22
N ASN C 641 3.36 49.00 3.84
CA ASN C 641 2.62 49.44 5.02
C ASN C 641 2.31 48.30 5.96
N VAL C 642 3.05 48.24 7.06
CA VAL C 642 3.04 47.09 7.95
C VAL C 642 2.40 47.47 9.28
N PHE C 643 1.75 46.49 9.89
CA PHE C 643 1.11 46.65 11.19
C PHE C 643 1.26 45.33 11.94
N GLN C 644 1.50 45.43 13.25
CA GLN C 644 1.60 44.26 14.10
C GLN C 644 0.28 44.05 14.83
N THR C 645 -0.16 42.80 14.88
CA THR C 645 -1.46 42.46 15.43
C THR C 645 -1.28 41.53 16.62
N ARG C 646 -2.40 41.08 17.16
CA ARG C 646 -2.38 39.93 18.06
C ARG C 646 -2.22 38.63 17.28
N ALA C 647 -2.78 38.56 16.08
CA ALA C 647 -2.81 37.30 15.34
C ALA C 647 -1.61 37.12 14.45
N GLY C 648 -0.81 38.15 14.26
CA GLY C 648 0.39 38.01 13.47
C GLY C 648 0.72 39.31 12.76
N CYS C 649 1.58 39.17 11.75
CA CYS C 649 2.09 40.32 11.02
C CYS C 649 1.18 40.57 9.83
N LEU C 650 0.52 41.71 9.82
CA LEU C 650 -0.41 42.07 8.76
C LEU C 650 0.26 43.07 7.85
N ILE C 651 -0.01 42.96 6.55
CA ILE C 651 0.65 43.78 5.54
C ILE C 651 -0.38 44.27 4.55
N GLY C 652 -0.33 45.57 4.25
CA GLY C 652 -1.19 46.10 3.22
C GLY C 652 -2.58 46.43 3.67
N ALA C 653 -2.80 46.66 4.96
CA ALA C 653 -4.06 47.20 5.43
C ALA C 653 -3.78 48.24 6.49
N GLU C 654 -4.27 49.45 6.27
CA GLU C 654 -4.00 50.56 7.16
C GLU C 654 -4.81 50.38 8.43
N HIS C 655 -4.13 50.38 9.57
CA HIS C 655 -4.78 50.32 10.86
C HIS C 655 -5.77 51.47 11.00
N VAL C 656 -6.85 51.23 11.76
CA VAL C 656 -7.85 52.26 12.01
C VAL C 656 -8.18 52.24 13.49
N ASN C 657 -7.98 53.37 14.15
CA ASN C 657 -8.38 53.49 15.55
C ASN C 657 -9.88 53.39 15.75
N ASN C 658 -10.67 53.75 14.75
CA ASN C 658 -12.11 53.57 14.84
C ASN C 658 -12.43 52.09 14.90
N SER C 659 -13.63 51.77 15.37
CA SER C 659 -14.06 50.39 15.54
C SER C 659 -15.45 50.21 14.97
N TYR C 660 -15.59 49.25 14.07
CA TYR C 660 -16.84 49.04 13.35
C TYR C 660 -17.28 47.59 13.51
N GLU C 661 -18.34 47.19 12.82
CA GLU C 661 -18.78 45.80 12.90
C GLU C 661 -17.76 44.87 12.27
N CYS C 662 -17.60 43.70 12.87
CA CYS C 662 -16.71 42.71 12.30
C CYS C 662 -17.23 42.25 10.96
N ASP C 663 -16.36 42.27 9.96
CA ASP C 663 -16.77 42.11 8.57
C ASP C 663 -16.07 40.92 7.95
N ILE C 664 -14.75 40.99 7.84
CA ILE C 664 -13.95 39.82 7.48
C ILE C 664 -13.19 39.39 8.73
N PRO C 665 -13.58 38.29 9.38
CA PRO C 665 -12.94 37.92 10.65
C PRO C 665 -11.50 37.48 10.40
N ILE C 666 -10.60 37.95 11.25
CA ILE C 666 -9.19 37.64 11.09
C ILE C 666 -8.72 36.81 12.28
N GLY C 667 -8.53 37.46 13.41
CA GLY C 667 -8.24 36.77 14.63
C GLY C 667 -8.23 37.75 15.78
N ALA C 668 -8.50 37.22 16.97
CA ALA C 668 -8.38 37.97 18.22
C ALA C 668 -9.04 39.34 18.13
N GLY C 669 -10.19 39.40 17.49
CA GLY C 669 -10.94 40.63 17.41
C GLY C 669 -10.62 41.50 16.23
N ILE C 670 -9.47 41.31 15.59
CA ILE C 670 -9.13 42.09 14.40
C ILE C 670 -10.06 41.68 13.27
N CYS C 671 -10.76 42.65 12.69
CA CYS C 671 -11.67 42.39 11.59
C CYS C 671 -11.47 43.44 10.52
N ALA C 672 -11.35 42.99 9.28
CA ALA C 672 -11.00 43.85 8.16
C ALA C 672 -12.20 44.10 7.27
N SER C 673 -12.23 45.29 6.67
CA SER C 673 -13.25 45.64 5.69
C SER C 673 -12.61 46.52 4.63
N TYR C 674 -13.28 46.64 3.50
CA TYR C 674 -12.65 47.25 2.33
C TYR C 674 -12.69 48.78 2.33
N GLN C 675 -13.75 49.39 2.84
CA GLN C 675 -14.03 50.78 2.54
C GLN C 675 -12.95 51.70 3.08
N THR C 676 -12.93 52.93 2.55
CA THR C 676 -12.12 54.01 3.13
C THR C 676 -12.30 54.10 4.64
N SER C 689 -8.63 55.71 -3.87
CA SER C 689 -8.73 56.20 -2.50
C SER C 689 -8.77 55.05 -1.51
N GLN C 690 -9.65 54.10 -1.79
CA GLN C 690 -9.98 53.08 -0.81
C GLN C 690 -8.82 52.14 -0.54
N SER C 691 -8.82 51.56 0.65
CA SER C 691 -7.81 50.62 1.08
C SER C 691 -8.42 49.67 2.08
N ILE C 692 -7.95 48.43 2.07
CA ILE C 692 -8.32 47.47 3.10
C ILE C 692 -7.88 48.00 4.44
N ILE C 693 -8.76 47.95 5.43
CA ILE C 693 -8.42 48.42 6.76
C ILE C 693 -8.41 47.25 7.73
N ALA C 694 -7.96 47.53 8.94
CA ALA C 694 -7.97 46.53 10.01
C ALA C 694 -8.23 47.29 11.30
N TYR C 695 -9.13 46.77 12.12
CA TYR C 695 -9.57 47.50 13.28
C TYR C 695 -10.08 46.51 14.31
N THR C 696 -10.08 46.94 15.56
CA THR C 696 -10.69 46.13 16.60
C THR C 696 -12.18 46.09 16.38
N MET C 697 -12.73 44.89 16.25
CA MET C 697 -14.15 44.78 16.00
C MET C 697 -14.93 45.30 17.19
N SER C 698 -15.90 46.17 16.92
CA SER C 698 -16.89 46.49 17.93
C SER C 698 -17.88 45.35 17.99
N LEU C 699 -18.00 44.72 19.15
CA LEU C 699 -19.06 43.75 19.31
C LEU C 699 -20.32 44.58 19.50
N GLY C 700 -21.23 44.51 18.55
CA GLY C 700 -22.48 45.22 18.67
C GLY C 700 -22.34 46.73 18.64
N ALA C 701 -23.46 47.43 18.50
CA ALA C 701 -23.55 48.81 18.88
C ALA C 701 -23.83 48.91 20.38
N GLU C 702 -23.45 50.02 20.98
CA GLU C 702 -23.59 50.17 22.42
C GLU C 702 -24.92 50.81 22.77
N ASN C 703 -25.51 50.35 23.86
CA ASN C 703 -26.70 50.95 24.45
C ASN C 703 -26.57 50.86 25.96
N SER C 704 -27.23 51.79 26.64
CA SER C 704 -27.39 51.70 28.09
C SER C 704 -28.85 51.92 28.39
N VAL C 705 -29.52 50.89 28.90
CA VAL C 705 -30.93 51.01 29.19
C VAL C 705 -31.13 52.05 30.28
N ALA C 706 -32.14 52.90 30.10
CA ALA C 706 -32.42 53.94 31.09
C ALA C 706 -33.36 53.32 32.11
N TYR C 707 -32.84 53.07 33.30
CA TYR C 707 -33.47 52.18 34.24
C TYR C 707 -33.66 52.87 35.58
N SER C 708 -34.87 52.82 36.10
CA SER C 708 -35.12 53.24 37.46
C SER C 708 -36.28 52.44 38.00
N ASN C 709 -36.23 52.19 39.30
CA ASN C 709 -37.09 51.21 39.93
C ASN C 709 -38.58 51.44 39.68
N ASN C 710 -38.98 52.62 39.27
CA ASN C 710 -40.36 52.82 38.83
C ASN C 710 -40.53 52.91 37.33
N SER C 711 -39.48 52.70 36.55
CA SER C 711 -39.51 52.98 35.12
C SER C 711 -39.80 51.73 34.31
N ILE C 712 -40.89 51.76 33.54
CA ILE C 712 -41.26 50.67 32.64
C ILE C 712 -41.55 51.25 31.26
N ALA C 713 -41.25 50.47 30.23
CA ALA C 713 -41.49 50.85 28.85
C ALA C 713 -42.28 49.75 28.17
N ILE C 714 -43.53 50.05 27.82
CA ILE C 714 -44.47 49.10 27.26
C ILE C 714 -44.70 49.45 25.79
N PRO C 715 -44.49 48.51 24.87
CA PRO C 715 -44.62 48.84 23.44
C PRO C 715 -46.06 49.19 23.08
N THR C 716 -46.22 50.26 22.32
CA THR C 716 -47.52 50.72 21.87
C THR C 716 -47.92 50.15 20.52
N ASN C 717 -46.99 49.52 19.81
CA ASN C 717 -47.22 49.14 18.43
C ASN C 717 -46.22 48.07 18.08
N PHE C 718 -46.50 47.35 17.02
CA PHE C 718 -45.73 46.16 16.72
C PHE C 718 -45.48 46.05 15.23
N THR C 719 -44.59 45.13 14.89
CA THR C 719 -44.45 44.67 13.52
C THR C 719 -44.65 43.17 13.49
N ILE C 720 -44.91 42.66 12.30
CA ILE C 720 -44.96 41.22 12.05
C ILE C 720 -43.88 40.95 11.02
N SER C 721 -42.81 40.28 11.45
CA SER C 721 -41.69 40.04 10.57
C SER C 721 -41.67 38.58 10.17
N VAL C 722 -41.27 38.33 8.93
CA VAL C 722 -41.13 36.98 8.43
C VAL C 722 -39.65 36.74 8.20
N THR C 723 -39.05 35.91 9.04
CA THR C 723 -37.63 35.63 8.98
C THR C 723 -37.40 34.23 8.45
N THR C 724 -36.82 34.15 7.26
CA THR C 724 -36.45 32.87 6.68
C THR C 724 -35.47 32.15 7.58
N GLU C 725 -35.67 30.85 7.77
CA GLU C 725 -34.73 30.01 8.46
C GLU C 725 -34.56 28.73 7.65
N ILE C 726 -33.31 28.31 7.47
CA ILE C 726 -32.99 27.32 6.46
C ILE C 726 -32.16 26.22 7.09
N LEU C 727 -32.52 24.97 6.83
CA LEU C 727 -31.88 23.83 7.45
C LEU C 727 -31.71 22.72 6.42
N PRO C 728 -30.60 22.00 6.45
CA PRO C 728 -30.51 20.78 5.66
C PRO C 728 -31.44 19.72 6.22
N VAL C 729 -31.77 18.75 5.38
CA VAL C 729 -32.59 17.63 5.82
C VAL C 729 -31.89 16.36 5.43
N SER C 730 -31.69 16.16 4.14
CA SER C 730 -30.98 15.01 3.64
C SER C 730 -29.82 15.47 2.78
N MET C 731 -28.92 14.55 2.51
CA MET C 731 -27.78 14.77 1.64
C MET C 731 -27.82 13.74 0.52
N THR C 732 -27.05 13.99 -0.52
CA THR C 732 -27.11 13.15 -1.71
C THR C 732 -26.72 11.72 -1.35
N LYS C 733 -27.61 10.78 -1.65
CA LYS C 733 -27.36 9.38 -1.38
C LYS C 733 -26.38 8.82 -2.40
N THR C 734 -25.48 7.96 -1.93
CA THR C 734 -24.55 7.31 -2.83
C THR C 734 -24.38 5.86 -2.42
N SER C 735 -23.88 5.08 -3.38
CA SER C 735 -23.30 3.79 -3.12
C SER C 735 -22.08 3.64 -4.01
N VAL C 736 -21.06 2.98 -3.48
CA VAL C 736 -19.79 2.87 -4.16
C VAL C 736 -19.37 1.41 -4.16
N ASP C 737 -19.06 0.87 -5.32
CA ASP C 737 -18.68 -0.53 -5.42
C ASP C 737 -17.18 -0.61 -5.22
N CYS C 738 -16.78 -1.13 -4.07
CA CYS C 738 -15.37 -1.29 -3.77
C CYS C 738 -14.65 -2.09 -4.83
N THR C 739 -15.19 -3.25 -5.19
CA THR C 739 -14.50 -4.12 -6.12
C THR C 739 -14.17 -3.39 -7.42
N MET C 740 -15.15 -2.70 -7.98
CA MET C 740 -14.90 -1.99 -9.24
C MET C 740 -14.07 -0.74 -9.01
N TYR C 741 -14.36 0.01 -7.95
CA TYR C 741 -13.63 1.24 -7.70
C TYR C 741 -12.15 0.97 -7.53
N ILE C 742 -11.80 0.14 -6.55
CA ILE C 742 -10.40 -0.16 -6.30
C ILE C 742 -9.77 -0.81 -7.52
N CYS C 743 -10.35 -1.91 -7.96
CA CYS C 743 -9.80 -2.72 -9.04
C CYS C 743 -10.64 -2.46 -10.27
N GLY C 744 -10.11 -1.71 -11.22
CA GLY C 744 -10.95 -1.52 -12.39
C GLY C 744 -11.09 -2.80 -13.16
N ASP C 745 -12.28 -3.38 -13.15
CA ASP C 745 -12.72 -4.45 -14.06
C ASP C 745 -11.63 -5.48 -14.35
N SER C 746 -10.81 -5.82 -13.37
CA SER C 746 -9.66 -6.68 -13.63
C SER C 746 -9.50 -7.66 -12.48
N THR C 747 -9.47 -8.94 -12.81
CA THR C 747 -9.43 -9.95 -11.76
C THR C 747 -8.09 -9.98 -11.04
N GLU C 748 -7.01 -9.63 -11.74
CA GLU C 748 -5.69 -9.58 -11.11
C GLU C 748 -5.75 -8.80 -9.81
N CYS C 749 -6.39 -7.64 -9.84
CA CYS C 749 -6.60 -6.88 -8.62
C CYS C 749 -7.75 -7.44 -7.80
N SER C 750 -8.75 -8.02 -8.45
CA SER C 750 -9.90 -8.54 -7.71
C SER C 750 -9.49 -9.65 -6.77
N ASN C 751 -8.56 -10.51 -7.19
CA ASN C 751 -8.11 -11.59 -6.32
C ASN C 751 -7.54 -11.04 -5.02
N LEU C 752 -6.59 -10.11 -5.14
CA LEU C 752 -5.95 -9.56 -3.95
C LEU C 752 -6.96 -8.94 -3.01
N LEU C 753 -7.98 -8.27 -3.55
CA LEU C 753 -8.99 -7.64 -2.70
C LEU C 753 -9.66 -8.66 -1.79
N LEU C 754 -9.74 -9.91 -2.23
CA LEU C 754 -10.33 -10.96 -1.39
C LEU C 754 -9.53 -11.16 -0.12
N GLN C 755 -8.26 -10.79 -0.13
CA GLN C 755 -7.43 -11.02 1.05
C GLN C 755 -7.66 -9.99 2.13
N TYR C 756 -8.20 -8.83 1.80
CA TYR C 756 -8.56 -7.84 2.81
C TYR C 756 -9.95 -8.09 3.38
N GLY C 757 -10.62 -9.15 2.95
CA GLY C 757 -11.85 -9.56 3.59
C GLY C 757 -13.00 -8.60 3.44
N SER C 758 -13.56 -8.18 4.56
CA SER C 758 -14.79 -7.43 4.59
C SER C 758 -14.61 -5.96 4.22
N PHE C 759 -13.37 -5.48 4.16
CA PHE C 759 -13.13 -4.07 3.80
C PHE C 759 -13.93 -3.68 2.59
N CYS C 760 -14.01 -4.56 1.59
CA CYS C 760 -14.84 -4.27 0.44
C CYS C 760 -16.30 -4.17 0.84
N THR C 761 -16.82 -5.19 1.50
CA THR C 761 -18.25 -5.24 1.79
C THR C 761 -18.65 -4.22 2.82
N GLN C 762 -17.97 -4.21 3.98
CA GLN C 762 -18.47 -3.40 5.09
C GLN C 762 -18.60 -1.95 4.74
N LEU C 763 -17.84 -1.47 3.75
CA LEU C 763 -18.06 -0.11 3.27
C LEU C 763 -19.47 0.03 2.72
N ASN C 764 -19.87 -0.88 1.83
CA ASN C 764 -21.24 -0.86 1.35
C ASN C 764 -22.22 -0.88 2.50
N ARG C 765 -21.96 -1.71 3.51
CA ARG C 765 -22.82 -1.70 4.69
C ARG C 765 -22.83 -0.33 5.35
N ALA C 766 -21.68 0.33 5.40
CA ALA C 766 -21.64 1.68 5.95
C ALA C 766 -22.42 2.64 5.08
N LEU C 767 -22.11 2.67 3.78
CA LEU C 767 -22.80 3.59 2.88
C LEU C 767 -24.30 3.31 2.84
N THR C 768 -24.66 2.05 2.64
CA THR C 768 -26.08 1.69 2.74
C THR C 768 -26.64 2.13 4.07
N GLY C 769 -25.89 1.94 5.15
CA GLY C 769 -26.34 2.44 6.44
C GLY C 769 -26.66 3.92 6.42
N ILE C 770 -25.85 4.70 5.69
CA ILE C 770 -26.17 6.10 5.50
C ILE C 770 -27.41 6.26 4.62
N ALA C 771 -27.35 5.70 3.41
CA ALA C 771 -28.38 6.00 2.43
C ALA C 771 -29.74 5.50 2.88
N VAL C 772 -29.79 4.43 3.66
CA VAL C 772 -31.06 3.98 4.21
C VAL C 772 -31.70 5.06 5.04
N GLU C 773 -30.96 5.58 6.02
CA GLU C 773 -31.56 6.56 6.91
C GLU C 773 -31.73 7.91 6.25
N GLN C 774 -30.98 8.19 5.18
CA GLN C 774 -31.16 9.46 4.48
C GLN C 774 -32.60 9.67 4.09
N ASP C 775 -33.32 8.61 3.78
CA ASP C 775 -34.75 8.72 3.55
C ASP C 775 -35.53 8.72 4.84
N LYS C 776 -34.98 8.20 5.93
CA LYS C 776 -35.67 8.35 7.21
C LYS C 776 -35.68 9.80 7.65
N ASN C 777 -34.59 10.52 7.39
CA ASN C 777 -34.57 11.96 7.64
C ASN C 777 -35.76 12.62 6.95
N THR C 778 -35.75 12.60 5.62
CA THR C 778 -36.85 13.18 4.86
C THR C 778 -38.18 12.60 5.27
N GLN C 779 -38.19 11.35 5.74
CA GLN C 779 -39.44 10.74 6.18
C GLN C 779 -40.04 11.51 7.34
N GLU C 780 -39.27 11.67 8.42
CA GLU C 780 -39.82 12.26 9.62
C GLU C 780 -39.97 13.76 9.51
N VAL C 781 -39.07 14.42 8.79
CA VAL C 781 -39.17 15.87 8.65
C VAL C 781 -40.44 16.23 7.90
N PHE C 782 -40.55 15.76 6.66
CA PHE C 782 -41.64 16.24 5.81
C PHE C 782 -42.95 15.51 6.06
N ALA C 783 -42.93 14.19 6.20
CA ALA C 783 -44.19 13.49 6.40
C ALA C 783 -44.33 13.20 7.88
N GLN C 784 -44.97 14.14 8.57
CA GLN C 784 -45.61 13.92 9.85
C GLN C 784 -47.11 13.89 9.72
N VAL C 785 -47.61 14.12 8.52
CA VAL C 785 -49.02 14.41 8.32
C VAL C 785 -49.70 13.16 7.82
N LYS C 786 -50.86 12.86 8.41
CA LYS C 786 -51.57 11.64 8.08
C LYS C 786 -52.18 11.70 6.69
N GLN C 787 -52.73 12.84 6.32
CA GLN C 787 -53.49 12.97 5.09
C GLN C 787 -52.96 14.17 4.31
N ILE C 788 -53.15 14.16 3.01
CA ILE C 788 -52.72 15.28 2.18
C ILE C 788 -53.90 16.24 2.08
N TYR C 789 -53.79 17.36 2.77
CA TYR C 789 -54.78 18.40 2.68
C TYR C 789 -54.58 19.20 1.40
N LYS C 790 -55.63 19.90 1.00
CA LYS C 790 -55.47 20.92 -0.01
C LYS C 790 -56.41 22.07 0.31
N THR C 791 -55.94 23.28 0.05
CA THR C 791 -56.70 24.47 0.35
C THR C 791 -58.04 24.43 -0.39
N PRO C 792 -59.04 25.14 0.11
CA PRO C 792 -60.28 25.26 -0.63
C PRO C 792 -60.03 25.99 -1.94
N PRO C 793 -60.97 25.93 -2.88
CA PRO C 793 -60.75 26.62 -4.14
C PRO C 793 -60.61 28.12 -3.98
N ILE C 794 -61.32 28.70 -3.02
CA ILE C 794 -61.40 30.15 -2.85
C ILE C 794 -60.71 30.55 -1.56
N LYS C 795 -59.97 31.65 -1.61
CA LYS C 795 -59.20 32.13 -0.47
C LYS C 795 -59.80 33.45 0.02
N ASP C 796 -60.44 33.43 1.18
CA ASP C 796 -60.55 34.64 1.99
C ASP C 796 -59.94 34.32 3.35
N PHE C 797 -58.74 34.82 3.58
CA PHE C 797 -58.07 34.65 4.85
C PHE C 797 -58.12 35.90 5.69
N GLY C 798 -58.85 36.91 5.25
CA GLY C 798 -58.85 38.18 5.92
C GLY C 798 -57.87 39.18 5.37
N GLY C 799 -57.40 38.98 4.15
CA GLY C 799 -56.42 39.85 3.56
C GLY C 799 -55.01 39.34 3.60
N PHE C 800 -54.81 38.11 4.05
CA PHE C 800 -53.48 37.51 4.08
C PHE C 800 -53.28 36.79 2.76
N ASN C 801 -52.35 37.25 1.96
CA ASN C 801 -52.18 36.74 0.61
C ASN C 801 -51.13 35.65 0.65
N PHE C 802 -51.56 34.41 0.50
CA PHE C 802 -50.64 33.28 0.50
C PHE C 802 -50.28 32.81 -0.89
N SER C 803 -50.80 33.45 -1.93
CA SER C 803 -50.59 32.98 -3.28
C SER C 803 -49.12 32.87 -3.63
N GLN C 804 -48.24 33.44 -2.83
CA GLN C 804 -46.82 33.18 -2.99
C GLN C 804 -46.47 31.79 -2.50
N ILE C 805 -46.87 31.46 -1.26
CA ILE C 805 -46.45 30.21 -0.64
C ILE C 805 -47.26 29.00 -1.06
N LEU C 806 -48.48 29.18 -1.54
CA LEU C 806 -49.27 28.03 -1.89
C LEU C 806 -48.76 27.40 -3.17
N PRO C 807 -49.08 26.14 -3.45
CA PRO C 807 -48.60 25.51 -4.67
C PRO C 807 -49.04 26.30 -5.89
N ASP C 808 -48.13 26.48 -6.82
CA ASP C 808 -48.50 27.11 -8.08
C ASP C 808 -49.30 26.12 -8.91
N PRO C 809 -50.59 26.38 -9.16
CA PRO C 809 -51.37 25.40 -9.92
C PRO C 809 -50.89 25.23 -11.34
N SER C 810 -50.30 26.28 -11.90
CA SER C 810 -49.90 26.28 -13.32
C SER C 810 -48.57 25.57 -13.56
N LYS C 811 -47.57 25.78 -12.72
CA LYS C 811 -46.31 25.01 -12.92
C LYS C 811 -46.59 23.50 -13.04
N PRO C 812 -46.00 22.74 -13.98
CA PRO C 812 -46.19 21.28 -14.05
C PRO C 812 -45.95 20.61 -12.72
N SER C 813 -44.83 20.93 -12.06
CA SER C 813 -44.64 20.57 -10.66
C SER C 813 -45.25 21.68 -9.83
N LYS C 814 -46.25 21.33 -9.03
CA LYS C 814 -46.93 22.36 -8.26
C LYS C 814 -46.04 22.71 -7.08
N ARG C 815 -45.55 23.94 -7.09
CA ARG C 815 -44.57 24.42 -6.13
C ARG C 815 -44.83 25.89 -5.93
N SER C 816 -44.69 26.36 -4.69
CA SER C 816 -44.92 27.76 -4.43
C SER C 816 -43.99 28.61 -5.28
N PHE C 817 -44.45 29.79 -5.63
CA PHE C 817 -43.58 30.73 -6.34
C PHE C 817 -42.26 30.87 -5.62
N ILE C 818 -42.28 30.80 -4.28
CA ILE C 818 -41.06 30.94 -3.51
C ILE C 818 -40.13 29.75 -3.78
N GLU C 819 -40.65 28.54 -3.65
CA GLU C 819 -39.82 27.36 -3.78
C GLU C 819 -38.99 27.39 -5.06
N ASP C 820 -39.58 27.86 -6.15
CA ASP C 820 -38.85 27.87 -7.42
C ASP C 820 -37.66 28.82 -7.36
N LEU C 821 -37.77 29.91 -6.61
CA LEU C 821 -36.61 30.76 -6.38
C LEU C 821 -35.46 29.93 -5.83
N LEU C 822 -35.77 29.08 -4.85
CA LEU C 822 -34.75 28.24 -4.24
C LEU C 822 -34.13 27.32 -5.28
N PHE C 823 -34.96 26.58 -6.01
CA PHE C 823 -34.43 25.63 -6.98
C PHE C 823 -33.57 26.31 -8.03
N ASN C 824 -33.72 27.61 -8.22
CA ASN C 824 -32.77 28.33 -9.05
C ASN C 824 -31.45 28.53 -8.31
N LYS C 825 -31.52 29.01 -7.07
CA LYS C 825 -30.33 29.46 -6.39
C LYS C 825 -29.40 28.30 -6.05
N VAL C 826 -29.96 27.17 -5.67
CA VAL C 826 -29.15 25.98 -5.48
C VAL C 826 -28.94 25.33 -6.84
N THR C 827 -27.84 24.59 -6.99
CA THR C 827 -27.58 23.85 -8.20
C THR C 827 -27.41 22.36 -7.90
N ASP C 848 -19.96 15.19 -17.68
CA ASP C 848 -20.53 15.86 -16.48
C ASP C 848 -19.90 15.25 -15.22
N LEU C 849 -20.02 15.93 -14.09
CA LEU C 849 -19.39 15.43 -12.83
C LEU C 849 -19.98 14.06 -12.50
N ILE C 850 -21.31 13.97 -12.56
CA ILE C 850 -22.00 12.69 -12.25
C ILE C 850 -21.46 11.63 -13.21
N CYS C 851 -21.22 11.97 -14.47
CA CYS C 851 -20.83 10.91 -15.45
C CYS C 851 -19.53 10.23 -15.03
N ALA C 852 -18.46 10.98 -14.69
CA ALA C 852 -17.17 10.33 -14.36
C ALA C 852 -17.38 9.50 -13.10
N GLN C 853 -18.06 10.05 -12.11
CA GLN C 853 -18.47 9.34 -10.91
C GLN C 853 -19.21 8.07 -11.28
N LYS C 854 -20.27 8.22 -12.08
CA LYS C 854 -21.03 7.07 -12.56
C LYS C 854 -20.11 6.06 -13.22
N PHE C 855 -18.94 6.49 -13.68
CA PHE C 855 -18.07 5.62 -14.43
C PHE C 855 -17.10 4.80 -13.60
N ASN C 856 -16.81 5.22 -12.37
CA ASN C 856 -15.85 4.49 -11.55
C ASN C 856 -16.48 3.57 -10.52
N GLY C 857 -17.79 3.43 -10.52
CA GLY C 857 -18.47 2.72 -9.47
C GLY C 857 -19.17 3.62 -8.48
N LEU C 858 -19.12 4.91 -8.69
CA LEU C 858 -19.80 5.87 -7.81
C LEU C 858 -21.17 6.15 -8.38
N THR C 859 -22.20 5.70 -7.67
CA THR C 859 -23.57 5.84 -8.13
C THR C 859 -24.34 6.75 -7.19
N VAL C 860 -25.33 7.45 -7.68
CA VAL C 860 -26.03 8.40 -6.77
C VAL C 860 -27.47 7.95 -6.79
N LEU C 861 -27.85 7.15 -5.81
CA LEU C 861 -29.21 6.57 -5.81
C LEU C 861 -30.28 7.67 -5.77
N PRO C 862 -31.52 7.47 -6.27
CA PRO C 862 -32.50 8.55 -6.30
C PRO C 862 -33.12 8.74 -4.94
N PRO C 863 -33.34 9.98 -4.52
CA PRO C 863 -34.04 10.21 -3.26
C PRO C 863 -35.44 9.62 -3.33
N LEU C 864 -35.78 8.82 -2.33
CA LEU C 864 -37.03 8.07 -2.35
C LEU C 864 -38.22 8.95 -2.68
N LEU C 865 -38.22 10.19 -2.19
CA LEU C 865 -39.30 11.12 -2.43
C LEU C 865 -38.85 12.12 -3.48
N THR C 866 -39.51 12.12 -4.62
CA THR C 866 -39.23 13.12 -5.64
C THR C 866 -39.67 14.49 -5.16
N ASP C 867 -39.11 15.53 -5.78
CA ASP C 867 -39.44 16.89 -5.40
C ASP C 867 -40.93 17.15 -5.53
N GLU C 868 -41.58 16.55 -6.52
CA GLU C 868 -43.02 16.73 -6.62
C GLU C 868 -43.75 16.13 -5.44
N MET C 869 -43.18 15.10 -4.81
CA MET C 869 -43.81 14.54 -3.63
C MET C 869 -43.60 15.45 -2.43
N ILE C 870 -42.35 15.86 -2.21
CA ILE C 870 -42.06 16.81 -1.14
C ILE C 870 -43.00 18.00 -1.22
N ALA C 871 -43.23 18.48 -2.45
CA ALA C 871 -44.10 19.62 -2.65
C ALA C 871 -45.55 19.31 -2.34
N GLN C 872 -45.95 18.04 -2.24
CA GLN C 872 -47.27 17.77 -1.71
C GLN C 872 -47.30 17.87 -0.20
N TYR C 873 -46.32 17.28 0.48
CA TYR C 873 -46.23 17.43 1.93
C TYR C 873 -46.19 18.89 2.32
N THR C 874 -45.13 19.60 1.91
CA THR C 874 -45.02 21.01 2.23
C THR C 874 -46.19 21.80 1.70
N SER C 875 -47.02 21.22 0.84
CA SER C 875 -48.33 21.80 0.57
C SER C 875 -49.33 21.42 1.67
N ALA C 876 -49.34 20.15 2.05
CA ALA C 876 -50.34 19.69 3.01
C ALA C 876 -50.16 20.37 4.36
N LEU C 877 -48.98 20.23 4.95
CA LEU C 877 -48.66 20.94 6.18
C LEU C 877 -49.00 22.41 6.06
N LEU C 878 -48.60 23.01 4.95
CA LEU C 878 -48.91 24.41 4.74
C LEU C 878 -50.38 24.65 4.53
N ALA C 879 -51.09 23.71 3.89
CA ALA C 879 -52.51 23.90 3.71
C ALA C 879 -53.30 23.51 4.95
N GLY C 880 -52.72 22.69 5.81
CA GLY C 880 -53.41 22.35 7.04
C GLY C 880 -53.30 23.49 8.02
N THR C 881 -52.10 24.04 8.14
CA THR C 881 -51.86 25.13 9.08
C THR C 881 -52.75 26.32 8.79
N ILE C 882 -52.97 26.61 7.51
CA ILE C 882 -53.80 27.74 7.15
C ILE C 882 -55.23 27.54 7.63
N THR C 883 -55.87 26.50 7.16
CA THR C 883 -57.29 26.29 7.44
C THR C 883 -57.52 25.77 8.85
N SER C 884 -56.86 24.69 9.19
CA SER C 884 -57.25 23.86 10.32
C SER C 884 -56.62 24.28 11.63
N GLY C 885 -55.89 25.39 11.65
CA GLY C 885 -55.19 25.68 12.87
C GLY C 885 -54.05 24.69 13.04
N TRP C 886 -53.66 24.47 14.29
CA TRP C 886 -52.61 23.51 14.58
C TRP C 886 -53.16 22.12 14.88
N THR C 887 -54.48 21.98 14.98
CA THR C 887 -55.06 20.78 15.52
C THR C 887 -54.84 19.55 14.67
N PHE C 888 -54.31 19.68 13.45
CA PHE C 888 -54.13 18.48 12.66
C PHE C 888 -52.91 17.69 13.09
N GLY C 889 -51.98 18.30 13.82
CA GLY C 889 -50.91 17.52 14.40
C GLY C 889 -51.33 16.67 15.58
N ALA C 890 -52.38 17.08 16.26
CA ALA C 890 -52.91 16.36 17.42
C ALA C 890 -54.08 15.45 17.08
N GLY C 891 -54.48 15.37 15.83
CA GLY C 891 -55.67 14.59 15.53
C GLY C 891 -56.31 15.08 14.23
N ALA C 892 -57.61 14.87 14.15
CA ALA C 892 -58.35 15.28 12.96
C ALA C 892 -58.31 16.79 12.80
N ALA C 893 -57.94 17.24 11.60
CA ALA C 893 -57.89 18.66 11.31
C ALA C 893 -59.27 19.28 11.51
N LEU C 894 -59.27 20.49 12.06
CA LEU C 894 -60.51 21.18 12.39
C LEU C 894 -60.55 22.50 11.62
N GLN C 895 -61.44 22.61 10.65
CA GLN C 895 -61.56 23.87 9.95
C GLN C 895 -61.93 24.96 10.95
N ILE C 896 -61.18 26.05 10.92
CA ILE C 896 -61.40 27.18 11.81
C ILE C 896 -61.10 28.43 10.99
N PRO C 897 -61.85 29.51 11.16
CA PRO C 897 -61.55 30.72 10.39
C PRO C 897 -60.14 31.17 10.69
N PHE C 898 -59.34 31.41 9.65
CA PHE C 898 -57.96 31.77 9.88
C PHE C 898 -57.88 33.00 10.75
N ALA C 899 -58.65 34.03 10.42
CA ALA C 899 -58.63 35.26 11.21
C ALA C 899 -58.97 35.01 12.66
N MET C 900 -59.61 33.89 12.97
CA MET C 900 -59.72 33.49 14.36
C MET C 900 -58.46 32.77 14.83
N GLN C 901 -57.90 31.91 13.97
CA GLN C 901 -56.69 31.20 14.36
C GLN C 901 -55.62 32.13 14.88
N MET C 902 -55.54 33.33 14.31
CA MET C 902 -54.59 34.30 14.83
C MET C 902 -55.02 34.81 16.20
N ALA C 903 -56.32 34.96 16.43
CA ALA C 903 -56.75 35.37 17.76
C ALA C 903 -56.30 34.40 18.81
N TYR C 904 -56.02 33.14 18.45
CA TYR C 904 -55.37 32.25 19.40
C TYR C 904 -53.88 32.57 19.46
N ARG C 905 -53.19 32.42 18.34
CA ARG C 905 -51.74 32.48 18.36
C ARG C 905 -51.22 33.76 18.99
N PHE C 906 -52.05 34.79 19.15
CA PHE C 906 -51.67 35.89 20.01
C PHE C 906 -51.75 35.51 21.48
N ASN C 907 -52.84 34.86 21.89
CA ASN C 907 -52.89 34.38 23.27
C ASN C 907 -51.69 33.51 23.59
N GLY C 908 -51.12 32.86 22.58
CA GLY C 908 -49.90 32.11 22.79
C GLY C 908 -48.73 32.99 23.14
N ILE C 909 -48.68 34.22 22.62
CA ILE C 909 -47.61 35.13 22.94
C ILE C 909 -48.00 36.11 24.04
N GLY C 910 -49.19 36.00 24.60
CA GLY C 910 -49.59 36.85 25.68
C GLY C 910 -50.31 38.11 25.27
N VAL C 911 -50.45 38.36 23.99
CA VAL C 911 -51.19 39.52 23.50
C VAL C 911 -52.66 39.16 23.45
N THR C 912 -53.49 39.90 24.17
CA THR C 912 -54.91 39.65 24.14
C THR C 912 -55.46 39.82 22.74
N GLN C 913 -56.35 38.91 22.34
CA GLN C 913 -56.84 38.85 20.98
C GLN C 913 -57.55 40.11 20.53
N ASN C 914 -58.07 40.92 21.45
CA ASN C 914 -58.73 42.14 21.02
C ASN C 914 -57.79 43.05 20.25
N VAL C 915 -56.50 42.77 20.30
CA VAL C 915 -55.57 43.56 19.45
C VAL C 915 -55.79 43.17 17.98
N LEU C 916 -55.84 41.86 17.69
CA LEU C 916 -55.93 41.41 16.27
C LEU C 916 -57.21 41.85 15.55
N TYR C 917 -58.39 41.68 16.15
CA TYR C 917 -59.65 41.98 15.40
C TYR C 917 -59.69 43.45 15.05
N GLU C 918 -59.07 44.29 15.88
CA GLU C 918 -59.01 45.73 15.69
C GLU C 918 -57.90 46.10 14.72
N ASN C 919 -56.75 45.46 14.84
CA ASN C 919 -55.61 45.74 13.98
C ASN C 919 -55.52 44.80 12.79
N GLN C 920 -56.56 44.01 12.53
CA GLN C 920 -56.50 42.96 11.53
C GLN C 920 -55.94 43.46 10.21
N LYS C 921 -56.53 44.54 9.67
CA LYS C 921 -56.05 45.07 8.39
C LYS C 921 -54.58 45.43 8.46
N LEU C 922 -54.20 46.25 9.43
CA LEU C 922 -52.82 46.65 9.59
C LEU C 922 -51.89 45.44 9.70
N ILE C 923 -52.38 44.37 10.32
CA ILE C 923 -51.54 43.18 10.41
C ILE C 923 -51.46 42.50 9.05
N ALA C 924 -52.51 42.62 8.24
CA ALA C 924 -52.48 41.99 6.93
C ALA C 924 -51.37 42.56 6.08
N ASN C 925 -51.35 43.87 5.90
CA ASN C 925 -50.32 44.48 5.06
C ASN C 925 -48.94 44.22 5.62
N GLN C 926 -48.78 44.30 6.94
CA GLN C 926 -47.50 43.97 7.54
C GLN C 926 -47.11 42.53 7.22
N PHE C 927 -48.06 41.60 7.24
CA PHE C 927 -47.74 40.25 6.82
C PHE C 927 -47.46 40.21 5.32
N ASN C 928 -48.41 40.68 4.52
CA ASN C 928 -48.28 40.56 3.07
C ASN C 928 -47.01 41.21 2.57
N SER C 929 -46.73 42.43 3.02
CA SER C 929 -45.50 43.10 2.61
C SER C 929 -44.28 42.32 3.06
N ALA C 930 -44.28 41.85 4.31
CA ALA C 930 -43.14 41.09 4.80
C ALA C 930 -42.89 39.86 3.97
N ILE C 931 -43.93 39.30 3.36
CA ILE C 931 -43.74 38.24 2.39
C ILE C 931 -42.98 38.77 1.19
N GLY C 932 -43.43 39.90 0.66
CA GLY C 932 -42.80 40.45 -0.54
C GLY C 932 -41.32 40.69 -0.34
N LYS C 933 -40.91 41.07 0.86
CA LYS C 933 -39.48 41.26 1.12
C LYS C 933 -38.73 39.96 0.96
N ILE C 934 -39.34 38.83 1.32
CA ILE C 934 -38.64 37.55 1.22
C ILE C 934 -38.23 37.29 -0.21
N GLN C 935 -39.15 37.48 -1.14
CA GLN C 935 -38.90 37.13 -2.53
C GLN C 935 -37.87 38.04 -3.17
N ASP C 936 -37.76 39.27 -2.66
CA ASP C 936 -36.72 40.20 -3.16
C ASP C 936 -35.38 39.70 -2.66
N SER C 937 -35.31 39.36 -1.36
CA SER C 937 -34.07 38.82 -0.78
C SER C 937 -33.60 37.66 -1.66
N LEU C 938 -34.42 36.62 -1.80
CA LEU C 938 -33.96 35.41 -2.55
C LEU C 938 -33.58 35.82 -3.97
N SER C 939 -34.36 36.70 -4.61
CA SER C 939 -34.06 37.14 -6.00
C SER C 939 -32.58 37.47 -6.17
N SER C 940 -31.94 38.11 -5.18
CA SER C 940 -30.55 38.49 -5.37
C SER C 940 -29.60 37.85 -4.37
N THR C 941 -30.11 37.05 -3.42
CA THR C 941 -29.29 36.48 -2.36
C THR C 941 -28.85 35.08 -2.78
N ALA C 942 -27.56 34.92 -3.04
CA ALA C 942 -26.96 33.59 -3.12
C ALA C 942 -26.60 33.04 -1.75
N SER C 943 -26.37 33.90 -0.76
CA SER C 943 -25.76 33.48 0.50
C SER C 943 -26.75 32.83 1.46
N ALA C 944 -27.99 33.31 1.52
CA ALA C 944 -28.94 32.79 2.51
C ALA C 944 -29.09 31.29 2.40
N LEU C 945 -28.84 30.73 1.23
CA LEU C 945 -28.83 29.29 1.03
C LEU C 945 -27.47 28.68 1.28
N GLY C 946 -26.51 29.48 1.77
CA GLY C 946 -25.18 28.97 2.02
C GLY C 946 -25.16 27.66 2.79
N LYS C 947 -26.08 27.52 3.75
CA LYS C 947 -26.16 26.28 4.50
C LYS C 947 -26.40 25.09 3.57
N LEU C 948 -27.40 25.21 2.71
CA LEU C 948 -27.65 24.17 1.71
C LEU C 948 -26.52 24.09 0.72
N GLN C 949 -26.15 25.23 0.13
CA GLN C 949 -25.13 25.21 -0.92
C GLN C 949 -23.82 24.61 -0.42
N ASP C 950 -23.51 24.80 0.86
CA ASP C 950 -22.32 24.19 1.43
C ASP C 950 -22.45 22.68 1.47
N VAL C 951 -23.60 22.18 1.91
CA VAL C 951 -23.79 20.74 2.03
C VAL C 951 -23.65 20.08 0.67
N VAL C 952 -24.29 20.63 -0.35
CA VAL C 952 -24.14 20.08 -1.69
C VAL C 952 -22.69 20.14 -2.13
N ASN C 953 -22.03 21.27 -1.88
CA ASN C 953 -20.62 21.39 -2.22
C ASN C 953 -19.80 20.29 -1.55
N GLN C 954 -19.78 20.30 -0.21
CA GLN C 954 -18.85 19.44 0.52
C GLN C 954 -18.93 17.98 0.09
N ASN C 955 -20.11 17.53 -0.35
CA ASN C 955 -20.22 16.17 -0.83
C ASN C 955 -19.50 16.01 -2.17
N ALA C 956 -19.88 16.83 -3.15
CA ALA C 956 -19.20 16.80 -4.43
C ALA C 956 -17.72 17.06 -4.28
N GLN C 957 -17.34 17.86 -3.29
CA GLN C 957 -15.93 18.03 -2.99
C GLN C 957 -15.27 16.69 -2.67
N ALA C 958 -15.66 16.09 -1.55
CA ALA C 958 -15.11 14.79 -1.20
C ALA C 958 -15.36 13.76 -2.29
N LEU C 959 -16.45 13.89 -3.03
CA LEU C 959 -16.64 13.02 -4.18
C LEU C 959 -15.57 13.25 -5.22
N ASN C 960 -15.32 14.51 -5.58
CA ASN C 960 -14.20 14.81 -6.47
C ASN C 960 -12.91 14.20 -5.95
N THR C 961 -12.47 14.66 -4.78
CA THR C 961 -11.24 14.16 -4.19
C THR C 961 -11.18 12.64 -4.18
N LEU C 962 -12.31 12.00 -3.90
CA LEU C 962 -12.35 10.54 -4.01
C LEU C 962 -11.95 10.09 -5.40
N VAL C 963 -12.39 10.81 -6.42
CA VAL C 963 -12.09 10.40 -7.79
C VAL C 963 -10.64 10.65 -8.11
N LYS C 964 -10.14 11.87 -7.83
CA LYS C 964 -8.74 12.19 -8.09
C LYS C 964 -7.81 11.15 -7.50
N GLN C 965 -8.17 10.57 -6.36
CA GLN C 965 -7.31 9.56 -5.77
C GLN C 965 -7.15 8.35 -6.68
N LEU C 966 -7.93 8.23 -7.73
CA LEU C 966 -7.67 7.18 -8.71
C LEU C 966 -6.50 7.50 -9.62
N SER C 967 -6.04 8.74 -9.64
CA SER C 967 -4.91 9.13 -10.47
C SER C 967 -3.59 9.15 -9.73
N SER C 968 -3.57 8.80 -8.45
CA SER C 968 -2.36 8.94 -7.65
C SER C 968 -1.56 7.66 -7.64
N ASN C 969 -0.24 7.82 -7.65
CA ASN C 969 0.65 6.67 -7.69
C ASN C 969 0.57 5.86 -6.40
N PHE C 970 0.45 6.52 -5.26
CA PHE C 970 0.49 5.88 -3.96
C PHE C 970 1.79 5.15 -3.73
N GLY C 971 2.85 5.54 -4.43
CA GLY C 971 4.12 4.86 -4.37
C GLY C 971 4.31 3.81 -5.45
N ALA C 972 3.23 3.29 -6.00
CA ALA C 972 3.36 2.32 -7.08
C ALA C 972 3.78 3.02 -8.37
N ILE C 973 4.29 2.22 -9.31
CA ILE C 973 4.95 2.80 -10.48
C ILE C 973 3.98 3.51 -11.40
N SER C 974 2.68 3.26 -11.29
CA SER C 974 1.71 4.03 -12.06
C SER C 974 0.36 3.93 -11.40
N SER C 975 -0.52 4.87 -11.76
CA SER C 975 -1.88 4.90 -11.23
C SER C 975 -2.88 4.22 -12.15
N VAL C 976 -2.45 3.72 -13.29
CA VAL C 976 -3.31 2.91 -14.14
C VAL C 976 -3.12 1.46 -13.73
N LEU C 977 -4.23 0.75 -13.53
CA LEU C 977 -4.13 -0.62 -13.04
C LEU C 977 -3.47 -1.52 -14.06
N ASN C 978 -3.96 -1.51 -15.30
CA ASN C 978 -3.47 -2.43 -16.30
C ASN C 978 -2.05 -2.09 -16.73
N ASP C 979 -1.71 -0.80 -16.76
CA ASP C 979 -0.40 -0.40 -17.27
C ASP C 979 0.72 -0.86 -16.33
N ILE C 980 0.40 -1.17 -15.08
CA ILE C 980 1.39 -1.86 -14.26
C ILE C 980 1.50 -3.31 -14.70
N LEU C 981 0.39 -3.94 -15.00
CA LEU C 981 0.39 -5.33 -15.43
C LEU C 981 1.23 -5.51 -16.68
N SER C 982 0.75 -4.98 -17.81
CA SER C 982 1.39 -5.25 -19.09
C SER C 982 2.84 -4.79 -19.13
N ARG C 983 3.27 -3.99 -18.17
CA ARG C 983 4.69 -3.65 -18.10
C ARG C 983 5.53 -4.74 -17.46
N LEU C 984 4.97 -5.47 -16.48
CA LEU C 984 5.76 -6.34 -15.64
C LEU C 984 5.15 -7.73 -15.58
N ASP C 985 5.98 -8.68 -15.21
CA ASP C 985 5.39 -10.00 -15.01
C ASP C 985 4.67 -10.06 -13.67
N LYS C 986 3.48 -10.64 -13.67
CA LYS C 986 2.53 -10.44 -12.57
C LYS C 986 3.13 -10.65 -11.19
N VAL C 987 3.97 -11.66 -10.95
CA VAL C 987 4.52 -11.82 -9.60
C VAL C 987 5.13 -10.53 -9.04
N GLU C 988 5.53 -9.60 -9.90
CA GLU C 988 5.86 -8.27 -9.42
C GLU C 988 4.60 -7.41 -9.23
N ALA C 989 3.65 -7.53 -10.15
CA ALA C 989 2.44 -6.74 -10.04
C ALA C 989 1.70 -7.00 -8.74
N GLU C 990 1.72 -8.25 -8.27
CA GLU C 990 1.11 -8.56 -7.00
C GLU C 990 1.66 -7.65 -5.91
N VAL C 991 2.93 -7.28 -6.00
CA VAL C 991 3.52 -6.36 -5.05
C VAL C 991 3.02 -4.94 -5.28
N GLN C 992 3.10 -4.48 -6.52
CA GLN C 992 2.71 -3.10 -6.80
C GLN C 992 1.23 -2.88 -6.49
N ILE C 993 0.37 -3.74 -7.03
CA ILE C 993 -1.07 -3.55 -6.87
C ILE C 993 -1.46 -3.43 -5.41
N ASP C 994 -0.65 -3.97 -4.50
CA ASP C 994 -0.82 -3.63 -3.09
C ASP C 994 -0.82 -2.12 -2.92
N ARG C 995 0.30 -1.47 -3.23
CA ARG C 995 0.41 -0.04 -3.05
C ARG C 995 -0.68 0.72 -3.78
N LEU C 996 -1.27 0.15 -4.83
CA LEU C 996 -2.50 0.72 -5.35
C LEU C 996 -3.67 0.44 -4.41
N ILE C 997 -3.89 -0.83 -4.08
CA ILE C 997 -5.04 -1.16 -3.25
C ILE C 997 -4.89 -0.52 -1.88
N THR C 998 -3.75 -0.73 -1.24
CA THR C 998 -3.51 -0.11 0.05
C THR C 998 -3.77 1.38 -0.01
N GLY C 999 -3.42 2.02 -1.11
CA GLY C 999 -3.75 3.41 -1.28
C GLY C 999 -5.23 3.65 -1.46
N ARG C 1000 -5.83 3.01 -2.46
CA ARG C 1000 -7.22 3.29 -2.77
C ARG C 1000 -8.14 2.86 -1.64
N LEU C 1001 -7.93 1.65 -1.14
CA LEU C 1001 -8.73 1.16 -0.03
C LEU C 1001 -8.73 2.15 1.12
N GLN C 1002 -7.56 2.66 1.46
CA GLN C 1002 -7.49 3.73 2.44
C GLN C 1002 -8.35 4.91 2.02
N SER C 1003 -8.11 5.41 0.81
CA SER C 1003 -8.81 6.61 0.35
C SER C 1003 -10.32 6.45 0.43
N LEU C 1004 -10.83 5.23 0.26
CA LEU C 1004 -12.23 4.99 0.56
C LEU C 1004 -12.51 5.20 2.03
N GLN C 1005 -11.78 4.48 2.89
CA GLN C 1005 -12.08 4.55 4.31
C GLN C 1005 -11.95 5.97 4.83
N THR C 1006 -11.07 6.77 4.24
CA THR C 1006 -11.10 8.19 4.52
C THR C 1006 -12.44 8.78 4.10
N TYR C 1007 -12.79 8.60 2.81
CA TYR C 1007 -14.04 9.17 2.32
C TYR C 1007 -15.23 8.62 3.07
N VAL C 1008 -15.26 7.32 3.32
CA VAL C 1008 -16.39 6.74 4.00
C VAL C 1008 -16.52 7.32 5.40
N THR C 1009 -15.45 7.21 6.19
CA THR C 1009 -15.48 7.74 7.54
C THR C 1009 -15.86 9.20 7.56
N GLN C 1010 -15.48 9.96 6.53
CA GLN C 1010 -16.01 11.30 6.38
C GLN C 1010 -17.54 11.27 6.35
N GLN C 1011 -18.09 10.59 5.36
CA GLN C 1011 -19.54 10.59 5.16
C GLN C 1011 -20.28 10.27 6.44
N LEU C 1012 -19.85 9.23 7.15
CA LEU C 1012 -20.48 8.89 8.42
C LEU C 1012 -20.52 10.09 9.35
N ILE C 1013 -19.38 10.74 9.53
CA ILE C 1013 -19.35 11.94 10.36
C ILE C 1013 -20.27 13.00 9.78
N ARG C 1014 -20.12 13.26 8.48
CA ARG C 1014 -20.97 14.27 7.86
C ARG C 1014 -22.42 13.87 7.89
N ALA C 1015 -22.71 12.57 7.76
CA ALA C 1015 -24.09 12.12 7.84
C ALA C 1015 -24.70 12.49 9.18
N ALA C 1016 -23.98 12.21 10.27
CA ALA C 1016 -24.49 12.57 11.58
C ALA C 1016 -24.73 14.05 11.70
N GLU C 1017 -23.85 14.87 11.09
CA GLU C 1017 -24.04 16.31 11.11
C GLU C 1017 -25.38 16.68 10.50
N ILE C 1018 -25.70 16.10 9.34
CA ILE C 1018 -27.02 16.29 8.76
C ILE C 1018 -28.07 15.68 9.66
N ARG C 1019 -27.76 14.48 10.19
CA ARG C 1019 -28.64 13.72 11.12
C ARG C 1019 -29.17 14.64 12.23
N ALA C 1020 -28.26 15.33 12.94
CA ALA C 1020 -28.65 16.25 14.03
C ALA C 1020 -29.50 17.38 13.44
N SER C 1021 -29.09 17.90 12.27
CA SER C 1021 -29.82 19.00 11.59
C SER C 1021 -31.24 18.51 11.21
N ALA C 1022 -31.34 17.27 10.74
CA ALA C 1022 -32.64 16.66 10.34
C ALA C 1022 -33.51 16.54 11.59
N ASN C 1023 -32.91 16.15 12.72
CA ASN C 1023 -33.66 16.04 14.01
C ASN C 1023 -34.18 17.44 14.37
N LEU C 1024 -33.34 18.47 14.20
CA LEU C 1024 -33.73 19.87 14.52
C LEU C 1024 -34.91 20.28 13.61
N ALA C 1025 -34.84 19.90 12.33
CA ALA C 1025 -35.90 20.21 11.35
C ALA C 1025 -37.21 19.54 11.77
N ALA C 1026 -37.13 18.28 12.22
CA ALA C 1026 -38.33 17.55 12.68
C ALA C 1026 -38.89 18.25 13.91
N THR C 1027 -38.00 18.70 14.81
CA THR C 1027 -38.37 19.44 16.03
C THR C 1027 -39.06 20.74 15.63
N LYS C 1028 -38.50 21.48 14.67
CA LYS C 1028 -39.15 22.72 14.27
C LYS C 1028 -40.43 22.44 13.51
N MET C 1029 -40.37 21.52 12.56
CA MET C 1029 -41.57 21.12 11.85
C MET C 1029 -42.66 20.71 12.81
N SER C 1030 -42.30 19.92 13.82
CA SER C 1030 -43.29 19.47 14.79
C SER C 1030 -43.77 20.63 15.65
N GLU C 1031 -42.86 21.32 16.31
CA GLU C 1031 -43.25 22.30 17.31
C GLU C 1031 -43.64 23.62 16.68
N CYS C 1032 -42.86 24.09 15.71
CA CYS C 1032 -43.04 25.46 15.24
C CYS C 1032 -44.27 25.45 14.35
N VAL C 1033 -44.20 24.67 13.26
CA VAL C 1033 -45.32 24.69 12.27
C VAL C 1033 -46.59 24.09 12.88
N LEU C 1034 -46.52 22.87 13.42
CA LEU C 1034 -47.75 22.15 13.86
C LEU C 1034 -48.25 22.69 15.19
N GLY C 1035 -47.39 23.36 15.95
CA GLY C 1035 -47.78 24.00 17.17
C GLY C 1035 -47.64 25.50 17.12
N GLN C 1036 -47.49 26.08 18.31
CA GLN C 1036 -46.92 27.42 18.49
C GLN C 1036 -45.89 27.32 19.58
N SER C 1037 -44.66 27.69 19.28
CA SER C 1037 -43.55 27.37 20.17
C SER C 1037 -43.45 28.42 21.27
N LYS C 1038 -43.67 27.98 22.51
CA LYS C 1038 -43.39 28.84 23.65
C LYS C 1038 -41.90 29.06 23.84
N ARG C 1039 -41.07 28.14 23.33
CA ARG C 1039 -39.64 28.32 23.39
C ARG C 1039 -39.26 29.64 22.75
N VAL C 1040 -38.28 30.31 23.32
CA VAL C 1040 -37.88 31.64 22.87
C VAL C 1040 -36.73 31.52 21.89
N ASP C 1041 -36.84 32.22 20.77
CA ASP C 1041 -35.80 32.28 19.74
C ASP C 1041 -35.43 30.90 19.23
N PHE C 1042 -36.32 29.93 19.41
CA PHE C 1042 -36.19 28.68 18.71
C PHE C 1042 -36.72 28.82 17.29
N CYS C 1043 -37.82 29.56 17.13
CA CYS C 1043 -38.40 29.86 15.84
C CYS C 1043 -37.95 31.19 15.28
N GLY C 1044 -36.98 31.85 15.89
CA GLY C 1044 -36.48 33.12 15.41
C GLY C 1044 -36.88 34.27 16.33
N LYS C 1045 -36.18 35.39 16.16
CA LYS C 1045 -36.34 36.52 17.05
C LYS C 1045 -37.79 36.99 17.08
N GLY C 1046 -38.23 37.45 18.24
CA GLY C 1046 -39.60 37.83 18.44
C GLY C 1046 -40.44 36.67 18.92
N TYR C 1047 -41.61 37.01 19.45
CA TYR C 1047 -42.58 36.00 19.81
C TYR C 1047 -43.13 35.36 18.55
N HIS C 1048 -43.30 34.06 18.58
CA HIS C 1048 -43.62 33.31 17.37
C HIS C 1048 -45.11 33.13 17.19
N LEU C 1049 -45.57 33.34 15.96
CA LEU C 1049 -46.96 33.12 15.59
C LEU C 1049 -47.14 31.80 14.83
N MET C 1050 -46.55 31.69 13.65
CA MET C 1050 -46.64 30.44 12.93
C MET C 1050 -45.48 30.37 11.97
N SER C 1051 -45.23 29.17 11.45
CA SER C 1051 -44.22 28.98 10.44
C SER C 1051 -44.81 28.28 9.23
N PHE C 1052 -44.29 28.62 8.07
CA PHE C 1052 -44.67 28.01 6.81
C PHE C 1052 -43.47 27.29 6.22
N PRO C 1053 -43.42 25.98 6.21
CA PRO C 1053 -42.26 25.31 5.61
C PRO C 1053 -42.29 25.46 4.10
N GLN C 1054 -41.11 25.41 3.51
CA GLN C 1054 -40.97 25.43 2.06
C GLN C 1054 -39.84 24.49 1.70
N SER C 1055 -40.09 23.60 0.75
CA SER C 1055 -39.06 22.65 0.37
C SER C 1055 -37.92 23.37 -0.35
N ALA C 1056 -36.74 22.80 -0.24
CA ALA C 1056 -35.58 23.24 -0.98
C ALA C 1056 -34.71 22.01 -1.25
N PRO C 1057 -33.86 22.04 -2.26
CA PRO C 1057 -33.14 20.81 -2.61
C PRO C 1057 -32.32 20.34 -1.43
N HIS C 1058 -32.56 19.10 -1.03
CA HIS C 1058 -31.86 18.51 0.11
C HIS C 1058 -31.94 19.44 1.32
N GLY C 1059 -33.15 19.86 1.67
CA GLY C 1059 -33.31 20.74 2.81
C GLY C 1059 -34.74 21.21 2.91
N VAL C 1060 -34.95 22.06 3.91
CA VAL C 1060 -36.25 22.66 4.15
C VAL C 1060 -36.05 24.11 4.53
N VAL C 1061 -37.03 24.94 4.23
CA VAL C 1061 -36.96 26.36 4.51
C VAL C 1061 -38.25 26.76 5.22
N PHE C 1062 -38.11 27.24 6.44
CA PHE C 1062 -39.25 27.74 7.19
C PHE C 1062 -39.37 29.23 6.99
N LEU C 1063 -40.59 29.72 6.91
CA LEU C 1063 -40.85 31.14 6.99
C LEU C 1063 -41.50 31.38 8.34
N HIS C 1064 -40.75 31.95 9.27
CA HIS C 1064 -41.26 32.15 10.62
C HIS C 1064 -41.97 33.49 10.66
N VAL C 1065 -43.22 33.47 11.06
CA VAL C 1065 -44.00 34.69 11.22
C VAL C 1065 -43.98 35.03 12.70
N THR C 1066 -43.25 36.09 13.06
CA THR C 1066 -42.98 36.41 14.44
C THR C 1066 -43.49 37.80 14.77
N TYR C 1067 -43.90 37.99 16.02
CA TYR C 1067 -44.53 39.22 16.48
C TYR C 1067 -43.50 40.06 17.23
N VAL C 1068 -43.06 41.16 16.64
CA VAL C 1068 -42.01 42.00 17.22
C VAL C 1068 -42.62 43.33 17.62
N PRO C 1069 -42.55 43.73 18.89
CA PRO C 1069 -43.03 45.05 19.29
C PRO C 1069 -42.16 46.15 18.71
N ALA C 1070 -42.71 47.37 18.69
CA ALA C 1070 -42.03 48.45 17.99
C ALA C 1070 -41.84 49.72 18.80
N GLN C 1071 -42.93 50.46 19.05
CA GLN C 1071 -42.85 51.80 19.60
C GLN C 1071 -43.11 51.78 21.11
N GLU C 1072 -42.21 52.37 21.87
CA GLU C 1072 -42.26 52.31 23.33
C GLU C 1072 -42.50 53.68 23.90
N LYS C 1073 -43.04 53.71 25.11
CA LYS C 1073 -43.26 54.96 25.82
C LYS C 1073 -42.92 54.78 27.29
N ASN C 1074 -42.00 55.60 27.78
CA ASN C 1074 -41.60 55.53 29.17
C ASN C 1074 -42.78 55.75 30.08
N PHE C 1075 -42.99 54.83 31.02
CA PHE C 1075 -44.13 54.88 31.93
C PHE C 1075 -43.65 54.76 33.37
N THR C 1076 -44.18 55.62 34.23
CA THR C 1076 -44.08 55.37 35.65
C THR C 1076 -44.97 54.21 35.99
N THR C 1077 -44.47 53.29 36.82
CA THR C 1077 -45.20 52.09 37.16
C THR C 1077 -45.19 51.88 38.65
N ALA C 1078 -46.08 51.01 39.13
CA ALA C 1078 -45.99 50.57 40.51
C ALA C 1078 -46.39 49.10 40.59
N PRO C 1079 -45.70 48.31 41.42
CA PRO C 1079 -46.07 46.90 41.56
C PRO C 1079 -47.38 46.69 42.27
N ALA C 1080 -47.92 47.70 42.93
CA ALA C 1080 -49.11 47.49 43.73
C ALA C 1080 -49.85 48.80 43.90
N ILE C 1081 -51.10 48.70 44.33
CA ILE C 1081 -51.91 49.87 44.61
C ILE C 1081 -52.71 49.65 45.88
N CYS C 1082 -52.48 50.50 46.89
CA CYS C 1082 -53.36 50.53 48.03
C CYS C 1082 -54.73 51.05 47.63
N HIS C 1083 -55.76 50.53 48.27
CA HIS C 1083 -57.03 51.25 48.15
C HIS C 1083 -57.50 51.66 49.53
N ASP C 1084 -58.04 50.72 50.29
CA ASP C 1084 -58.48 50.96 51.64
C ASP C 1084 -57.44 50.56 52.66
N GLY C 1085 -56.26 50.20 52.21
CA GLY C 1085 -55.30 49.48 53.01
C GLY C 1085 -55.12 48.04 52.56
N LYS C 1086 -56.09 47.51 51.84
CA LYS C 1086 -55.83 46.31 51.08
C LYS C 1086 -54.83 46.64 49.97
N ALA C 1087 -54.14 45.60 49.50
CA ALA C 1087 -53.29 45.77 48.34
C ALA C 1087 -54.01 45.18 47.14
N HIS C 1088 -53.81 45.80 45.98
CA HIS C 1088 -54.39 45.32 44.74
C HIS C 1088 -53.27 45.03 43.77
N PHE C 1089 -53.28 43.83 43.21
CA PHE C 1089 -52.31 43.44 42.22
C PHE C 1089 -53.03 43.10 40.93
N PRO C 1090 -52.40 43.32 39.78
CA PRO C 1090 -53.05 43.00 38.52
C PRO C 1090 -53.17 41.50 38.34
N ARG C 1091 -54.29 41.05 37.78
CA ARG C 1091 -54.35 39.65 37.38
C ARG C 1091 -53.35 39.37 36.28
N GLU C 1092 -53.39 40.14 35.20
CA GLU C 1092 -52.41 40.02 34.13
C GLU C 1092 -52.04 41.40 33.68
N GLY C 1093 -50.75 41.65 33.54
CA GLY C 1093 -50.26 42.96 33.20
C GLY C 1093 -49.78 43.71 34.42
N VAL C 1094 -49.59 45.01 34.24
CA VAL C 1094 -49.00 45.82 35.29
C VAL C 1094 -49.68 47.17 35.41
N PHE C 1095 -49.68 47.68 36.63
CA PHE C 1095 -50.11 49.03 36.88
C PHE C 1095 -49.12 49.98 36.26
N VAL C 1096 -49.61 50.90 35.44
CA VAL C 1096 -48.78 51.96 34.91
C VAL C 1096 -49.52 53.26 35.07
N SER C 1097 -48.80 54.34 34.87
CA SER C 1097 -49.45 55.62 34.64
C SER C 1097 -48.53 56.46 33.78
N ASN C 1098 -49.16 57.35 33.03
CA ASN C 1098 -48.45 58.35 32.26
C ASN C 1098 -48.07 59.53 33.13
N GLY C 1099 -48.25 59.39 34.45
CA GLY C 1099 -47.96 60.41 35.43
C GLY C 1099 -49.14 60.93 36.20
N THR C 1100 -50.38 60.57 35.87
CA THR C 1100 -51.46 60.93 36.78
C THR C 1100 -52.37 59.75 37.08
N HIS C 1101 -53.07 59.27 36.06
CA HIS C 1101 -54.09 58.26 36.24
C HIS C 1101 -53.48 56.88 36.11
N TRP C 1102 -53.64 56.08 37.13
CA TRP C 1102 -53.05 54.76 37.12
C TRP C 1102 -53.85 53.83 36.26
N PHE C 1103 -53.18 53.21 35.31
CA PHE C 1103 -53.79 52.28 34.38
C PHE C 1103 -53.11 50.94 34.51
N VAL C 1104 -53.90 49.88 34.49
CA VAL C 1104 -53.39 48.54 34.33
C VAL C 1104 -53.48 48.17 32.87
N THR C 1105 -52.43 47.56 32.34
CA THR C 1105 -52.41 47.20 30.95
C THR C 1105 -51.73 45.86 30.77
N GLN C 1106 -52.07 45.18 29.68
CA GLN C 1106 -51.38 43.97 29.29
C GLN C 1106 -49.92 44.30 28.96
N ARG C 1107 -49.07 43.29 29.05
CA ARG C 1107 -47.64 43.58 29.06
C ARG C 1107 -47.09 43.86 27.66
N ASN C 1108 -47.38 43.02 26.70
CA ASN C 1108 -46.67 43.10 25.43
C ASN C 1108 -47.29 44.09 24.46
N PHE C 1109 -48.31 44.82 24.88
CA PHE C 1109 -48.93 45.84 24.04
C PHE C 1109 -49.52 46.87 24.97
N TYR C 1110 -49.54 48.12 24.54
CA TYR C 1110 -50.01 49.19 25.42
C TYR C 1110 -51.50 49.38 25.19
N GLU C 1111 -52.30 48.98 26.17
CA GLU C 1111 -53.75 49.02 26.07
C GLU C 1111 -54.29 49.38 27.44
N PRO C 1112 -54.23 50.65 27.80
CA PRO C 1112 -54.59 51.05 29.15
C PRO C 1112 -56.07 50.86 29.43
N GLN C 1113 -56.36 50.48 30.67
CA GLN C 1113 -57.72 50.28 31.12
C GLN C 1113 -57.83 50.78 32.55
N ILE C 1114 -58.99 51.36 32.88
CA ILE C 1114 -59.21 51.84 34.23
C ILE C 1114 -59.17 50.64 35.17
N ILE C 1115 -58.78 50.90 36.41
CA ILE C 1115 -58.46 49.84 37.35
C ILE C 1115 -59.68 49.55 38.19
N THR C 1116 -60.23 48.36 38.05
CA THR C 1116 -61.37 47.91 38.84
C THR C 1116 -61.06 46.53 39.37
N THR C 1117 -61.91 46.06 40.29
CA THR C 1117 -61.70 44.76 40.91
C THR C 1117 -61.55 43.65 39.87
N ASP C 1118 -62.25 43.75 38.75
CA ASP C 1118 -62.09 42.72 37.74
C ASP C 1118 -60.68 42.72 37.16
N ASN C 1119 -59.97 43.85 37.27
CA ASN C 1119 -58.58 43.89 36.85
C ASN C 1119 -57.64 43.36 37.92
N THR C 1120 -58.01 43.49 39.19
CA THR C 1120 -57.06 43.36 40.28
C THR C 1120 -57.59 42.42 41.36
N PHE C 1121 -56.68 41.67 41.96
CA PHE C 1121 -57.05 40.83 43.09
C PHE C 1121 -56.37 41.34 44.35
N VAL C 1122 -56.99 41.05 45.48
CA VAL C 1122 -56.57 41.57 46.78
C VAL C 1122 -55.68 40.56 47.47
N SER C 1123 -54.57 41.02 48.02
CA SER C 1123 -53.71 40.16 48.82
C SER C 1123 -52.96 41.01 49.84
N GLY C 1124 -52.78 40.48 51.04
CA GLY C 1124 -52.00 41.17 52.04
C GLY C 1124 -52.60 42.51 52.43
N ASN C 1125 -51.73 43.45 52.78
CA ASN C 1125 -52.13 44.83 53.02
C ASN C 1125 -50.96 45.74 52.70
N CYS C 1126 -51.11 47.02 53.04
CA CYS C 1126 -50.26 48.06 52.48
C CYS C 1126 -48.87 48.15 53.08
N ASP C 1127 -48.56 47.39 54.13
CA ASP C 1127 -47.25 47.56 54.73
C ASP C 1127 -46.15 46.94 53.89
N VAL C 1128 -46.35 45.71 53.45
CA VAL C 1128 -45.22 44.88 53.07
C VAL C 1128 -44.68 45.27 51.71
N VAL C 1129 -45.57 45.50 50.75
CA VAL C 1129 -45.13 45.74 49.38
C VAL C 1129 -44.15 46.91 49.34
N ILE C 1130 -43.11 46.77 48.55
CA ILE C 1130 -42.12 47.81 48.37
C ILE C 1130 -42.41 48.49 47.04
N GLY C 1131 -42.90 49.72 47.10
CA GLY C 1131 -43.28 50.43 45.91
C GLY C 1131 -44.76 50.61 45.69
N ILE C 1132 -45.59 50.15 46.62
CA ILE C 1132 -47.01 50.38 46.47
C ILE C 1132 -47.28 51.88 46.54
N VAL C 1133 -48.29 52.32 45.77
CA VAL C 1133 -48.64 53.77 45.74
C VAL C 1133 -50.04 53.96 46.33
N ASN C 1134 -50.47 55.22 46.47
CA ASN C 1134 -51.81 55.55 47.00
C ASN C 1134 -52.74 55.88 45.83
N ASN C 1135 -53.83 55.12 45.68
CA ASN C 1135 -54.77 55.35 44.55
C ASN C 1135 -56.15 54.80 44.93
N THR C 1136 -57.12 54.95 44.02
CA THR C 1136 -58.48 54.49 44.24
C THR C 1136 -58.86 53.55 43.11
N VAL C 1137 -59.18 52.32 43.43
CA VAL C 1137 -59.55 51.33 42.45
C VAL C 1137 -61.06 51.39 42.30
N TYR C 1138 -61.49 51.88 41.14
CA TYR C 1138 -62.90 52.02 40.87
C TYR C 1138 -63.60 50.67 40.97
N ASP C 1139 -64.86 50.70 41.38
CA ASP C 1139 -65.64 49.49 41.55
C ASP C 1139 -66.73 49.40 40.49
N PRO C 1140 -66.78 48.31 39.73
CA PRO C 1140 -67.92 48.13 38.83
C PRO C 1140 -69.23 48.16 39.56
N LEU C 1141 -69.28 47.52 40.72
CA LEU C 1141 -70.56 47.22 41.36
C LEU C 1141 -71.17 48.43 42.04
N GLN C 1142 -70.36 49.20 42.78
CA GLN C 1142 -70.87 50.33 43.55
C GLN C 1142 -71.84 51.23 42.79
N PRO C 1143 -71.53 51.72 41.60
CA PRO C 1143 -72.53 52.53 40.89
C PRO C 1143 -73.78 51.74 40.56
N GLU C 1144 -73.59 50.49 40.11
CA GLU C 1144 -74.72 49.64 39.74
C GLU C 1144 -75.77 49.62 40.84
N LEU C 1145 -75.32 49.70 42.10
CA LEU C 1145 -76.27 49.76 43.20
C LEU C 1145 -77.15 50.99 43.10
N ASP C 1146 -76.55 52.16 42.95
CA ASP C 1146 -77.10 53.37 43.55
C ASP C 1146 -78.56 53.59 43.26
N SER C 1147 -79.07 53.04 42.16
CA SER C 1147 -80.50 53.07 41.96
C SER C 1147 -81.18 52.08 42.91
N GLN D 1 36.31 5.77 -71.51
CA GLN D 1 36.05 5.14 -72.80
C GLN D 1 36.85 5.78 -73.92
N GLN D 2 37.10 7.08 -73.82
CA GLN D 2 37.56 7.83 -74.97
C GLN D 2 38.46 8.96 -74.51
N LEU D 3 39.47 9.28 -75.32
CA LEU D 3 40.46 10.30 -75.01
C LEU D 3 40.56 11.25 -76.18
N VAL D 4 40.58 12.55 -75.89
CA VAL D 4 40.75 13.56 -76.93
C VAL D 4 41.95 14.42 -76.58
N GLU D 5 42.60 14.99 -77.60
CA GLU D 5 43.89 15.64 -77.45
C GLU D 5 43.81 17.09 -77.92
N SER D 6 44.71 17.92 -77.40
CA SER D 6 44.85 19.27 -77.91
C SER D 6 45.50 19.25 -79.29
N GLY D 7 45.41 20.38 -79.99
CA GLY D 7 45.87 20.41 -81.37
C GLY D 7 47.39 20.47 -81.47
N GLY D 8 47.90 19.64 -82.37
CA GLY D 8 49.31 19.69 -82.72
C GLY D 8 49.56 20.74 -83.78
N GLY D 9 50.84 21.03 -84.00
CA GLY D 9 51.21 22.06 -84.94
C GLY D 9 52.71 22.22 -85.03
N VAL D 10 53.11 23.19 -85.84
CA VAL D 10 54.52 23.48 -86.08
C VAL D 10 54.93 24.62 -85.15
N VAL D 11 55.89 24.35 -84.28
CA VAL D 11 56.38 25.28 -83.28
C VAL D 11 57.88 25.42 -83.47
N GLN D 12 58.40 26.68 -83.34
CA GLN D 12 59.83 26.91 -83.39
C GLN D 12 60.51 26.32 -82.16
N PRO D 13 61.77 25.88 -82.30
CA PRO D 13 62.49 25.28 -81.16
C PRO D 13 62.72 26.27 -80.02
N GLY D 14 62.94 25.71 -78.83
CA GLY D 14 63.09 26.48 -77.62
C GLY D 14 61.80 26.98 -77.00
N ARG D 15 60.66 26.77 -77.64
CA ARG D 15 59.40 27.32 -77.19
C ARG D 15 58.69 26.33 -76.27
N SER D 16 57.41 26.62 -76.02
CA SER D 16 56.58 25.82 -75.13
C SER D 16 55.19 25.66 -75.73
N LEU D 17 54.57 24.51 -75.52
CA LEU D 17 53.23 24.26 -76.02
C LEU D 17 52.48 23.32 -75.10
N ARG D 18 51.50 23.85 -74.38
CA ARG D 18 50.71 23.05 -73.43
C ARG D 18 49.88 22.01 -74.15
N LEU D 19 49.93 20.78 -73.63
CA LEU D 19 49.22 19.64 -74.20
C LEU D 19 48.05 19.28 -73.31
N SER D 20 46.85 19.35 -73.89
CA SER D 20 45.60 19.05 -73.22
C SER D 20 45.06 17.73 -73.72
N CYS D 21 44.58 16.90 -72.81
CA CYS D 21 43.99 15.62 -73.20
C CYS D 21 42.87 15.30 -72.23
N ALA D 22 41.63 15.29 -72.72
CA ALA D 22 40.47 15.10 -71.89
C ALA D 22 39.94 13.68 -72.02
N ALA D 23 39.42 13.16 -70.92
CA ALA D 23 38.88 11.80 -70.89
C ALA D 23 37.36 11.83 -71.06
N SER D 24 36.79 10.63 -71.23
CA SER D 24 35.35 10.44 -71.39
C SER D 24 35.05 8.98 -71.13
N GLY D 25 33.83 8.72 -70.69
CA GLY D 25 33.42 7.40 -70.29
C GLY D 25 33.73 7.04 -68.86
N PHE D 26 34.99 6.93 -68.48
CA PHE D 26 35.34 6.93 -67.08
C PHE D 26 36.37 8.02 -66.84
N THR D 27 36.39 8.50 -65.60
CA THR D 27 37.24 9.59 -65.17
C THR D 27 38.73 9.27 -65.30
N PHE D 28 39.51 10.33 -65.53
CA PHE D 28 40.91 10.35 -65.18
C PHE D 28 41.15 10.06 -63.70
N SER D 29 40.25 10.54 -62.84
CA SER D 29 40.55 10.84 -61.44
C SER D 29 41.09 9.64 -60.66
N SER D 30 40.45 8.49 -60.81
CA SER D 30 40.87 7.35 -60.00
C SER D 30 42.14 6.70 -60.54
N TYR D 31 42.55 7.03 -61.75
CA TYR D 31 43.70 6.35 -62.33
C TYR D 31 44.92 7.25 -62.36
N ALA D 32 45.99 6.73 -62.94
CA ALA D 32 47.13 7.52 -63.40
C ALA D 32 46.89 7.88 -64.86
N MET D 33 47.86 8.50 -65.51
CA MET D 33 47.83 8.62 -66.96
C MET D 33 49.25 8.89 -67.43
N HIS D 34 49.51 8.56 -68.69
CA HIS D 34 50.84 8.67 -69.25
C HIS D 34 50.82 9.46 -70.55
N TRP D 35 52.02 9.80 -71.01
CA TRP D 35 52.27 10.25 -72.36
C TRP D 35 53.36 9.40 -72.99
N VAL D 36 53.18 9.05 -74.27
CA VAL D 36 54.24 8.41 -75.03
C VAL D 36 54.40 9.14 -76.35
N ARG D 37 55.49 8.82 -77.02
CA ARG D 37 55.95 9.46 -78.25
C ARG D 37 56.12 8.41 -79.33
N GLN D 38 55.70 8.74 -80.55
CA GLN D 38 56.04 7.94 -81.71
C GLN D 38 56.55 8.86 -82.81
N ALA D 39 57.84 8.82 -83.06
CA ALA D 39 58.41 9.40 -84.25
C ALA D 39 58.12 8.49 -85.44
N PRO D 40 58.04 9.03 -86.66
CA PRO D 40 57.70 8.19 -87.82
C PRO D 40 58.79 7.17 -88.11
N GLY D 41 58.39 5.90 -88.13
CA GLY D 41 59.33 4.82 -88.27
C GLY D 41 60.06 4.43 -87.00
N LYS D 42 59.85 5.14 -85.90
CA LYS D 42 60.51 4.85 -84.64
C LYS D 42 59.55 4.17 -83.69
N GLY D 43 60.11 3.46 -82.72
CA GLY D 43 59.31 2.76 -81.74
C GLY D 43 58.62 3.71 -80.80
N LEU D 44 57.69 3.14 -80.04
CA LEU D 44 56.93 3.89 -79.04
C LEU D 44 57.83 4.13 -77.83
N GLU D 45 58.12 5.39 -77.54
CA GLU D 45 59.00 5.75 -76.45
C GLU D 45 58.20 6.45 -75.37
N TRP D 46 58.23 5.89 -74.17
CA TRP D 46 57.52 6.47 -73.04
C TRP D 46 58.10 7.84 -72.67
N VAL D 47 57.23 8.74 -72.23
CA VAL D 47 57.64 10.11 -71.95
C VAL D 47 57.55 10.45 -70.46
N ALA D 48 56.33 10.44 -69.91
CA ALA D 48 56.15 10.91 -68.54
C ALA D 48 54.85 10.37 -67.98
N VAL D 49 54.78 10.28 -66.64
CA VAL D 49 53.58 9.80 -65.94
C VAL D 49 52.84 10.99 -65.37
N ILE D 50 51.64 10.73 -64.89
CA ILE D 50 50.99 11.56 -63.88
C ILE D 50 50.40 10.58 -62.88
N SER D 51 50.33 10.99 -61.62
CA SER D 51 49.78 10.16 -60.56
C SER D 51 48.88 11.02 -59.70
N TYR D 52 47.58 11.01 -59.98
CA TYR D 52 46.68 11.89 -59.25
C TYR D 52 46.38 11.36 -57.84
N ASP D 53 46.46 10.06 -57.62
CA ASP D 53 45.95 9.47 -56.38
C ASP D 53 46.79 9.85 -55.15
N GLY D 54 48.02 10.30 -55.39
CA GLY D 54 48.70 11.13 -54.42
C GLY D 54 48.95 12.49 -55.03
N SER D 55 50.22 12.77 -55.29
CA SER D 55 50.67 13.69 -56.32
C SER D 55 52.15 13.46 -56.55
N ASN D 56 52.51 13.06 -57.76
CA ASN D 56 53.90 12.82 -58.12
C ASN D 56 54.02 12.84 -59.62
N LYS D 57 55.15 13.32 -60.10
CA LYS D 57 55.41 13.45 -61.52
C LYS D 57 56.79 12.89 -61.85
N TYR D 58 56.83 11.90 -62.72
CA TYR D 58 58.08 11.32 -63.19
C TYR D 58 58.23 11.55 -64.68
N TYR D 59 59.46 11.87 -65.06
CA TYR D 59 59.82 12.21 -66.44
C TYR D 59 60.86 11.21 -66.91
N ALA D 60 60.90 11.00 -68.22
CA ALA D 60 62.02 10.24 -68.78
C ALA D 60 63.27 11.10 -68.74
N ASP D 61 64.36 10.54 -68.25
CA ASP D 61 65.64 11.24 -68.32
C ASP D 61 66.27 11.13 -69.69
N SER D 62 65.76 10.25 -70.55
CA SER D 62 66.20 10.20 -71.94
C SER D 62 65.83 11.49 -72.66
N VAL D 63 64.61 11.96 -72.47
CA VAL D 63 64.19 13.27 -72.93
C VAL D 63 63.80 14.02 -71.66
N LYS D 64 64.77 14.66 -71.04
CA LYS D 64 64.60 15.35 -69.77
C LYS D 64 64.60 16.84 -70.09
N GLY D 65 63.45 17.35 -70.47
CA GLY D 65 63.32 18.74 -70.85
C GLY D 65 62.42 19.55 -69.96
N ARG D 66 62.07 19.04 -68.78
CA ARG D 66 61.08 19.62 -67.86
C ARG D 66 59.75 19.84 -68.56
N PHE D 67 59.33 18.81 -69.29
CA PHE D 67 57.99 18.77 -69.86
C PHE D 67 56.99 18.58 -68.74
N THR D 68 56.40 19.67 -68.27
CA THR D 68 55.67 19.62 -67.01
C THR D 68 54.28 19.02 -67.19
N ILE D 69 53.87 18.25 -66.19
CA ILE D 69 52.62 17.50 -66.23
C ILE D 69 51.82 17.80 -64.96
N SER D 70 50.56 18.12 -65.15
CA SER D 70 49.60 18.25 -64.06
C SER D 70 48.21 18.07 -64.64
N ARG D 71 47.20 18.40 -63.87
CA ARG D 71 45.85 17.93 -64.09
C ARG D 71 44.92 19.06 -64.44
N ASP D 72 43.76 18.66 -64.95
CA ASP D 72 42.48 19.28 -64.65
C ASP D 72 41.53 18.11 -64.41
N ASN D 73 41.51 17.63 -63.17
CA ASN D 73 40.79 16.42 -62.80
C ASN D 73 39.28 16.59 -62.95
N SER D 74 38.78 17.79 -62.67
CA SER D 74 37.35 18.03 -62.71
C SER D 74 36.83 18.13 -64.14
N LYS D 75 37.73 18.30 -65.10
CA LYS D 75 37.38 18.15 -66.51
C LYS D 75 37.87 16.84 -67.10
N ASN D 76 38.47 15.98 -66.27
CA ASN D 76 39.07 14.70 -66.67
C ASN D 76 40.11 14.90 -67.77
N THR D 77 40.97 15.87 -67.56
CA THR D 77 41.86 16.39 -68.58
C THR D 77 43.25 16.48 -67.96
N LEU D 78 44.28 16.51 -68.80
CA LEU D 78 45.64 16.45 -68.34
C LEU D 78 46.53 17.31 -69.25
N TYR D 79 47.47 18.01 -68.62
CA TYR D 79 48.21 19.11 -69.24
C TYR D 79 49.70 18.84 -69.08
N LEU D 80 50.40 18.71 -70.20
CA LEU D 80 51.85 18.61 -70.22
C LEU D 80 52.40 19.63 -71.20
N GLN D 81 53.12 20.62 -70.68
CA GLN D 81 53.58 21.74 -71.48
C GLN D 81 54.92 21.39 -72.11
N MET D 82 54.99 21.50 -73.43
CA MET D 82 56.19 21.20 -74.18
C MET D 82 57.22 22.30 -73.99
N ASN D 83 58.22 22.01 -73.14
CA ASN D 83 59.23 23.00 -72.78
C ASN D 83 60.58 22.53 -73.30
N SER D 84 61.42 23.51 -73.67
CA SER D 84 62.80 23.32 -74.13
C SER D 84 62.86 22.38 -75.34
N LEU D 85 62.28 22.86 -76.44
CA LEU D 85 62.06 22.01 -77.61
C LEU D 85 63.36 21.78 -78.39
N ARG D 86 63.35 20.70 -79.17
CA ARG D 86 64.43 20.34 -80.08
C ARG D 86 63.88 19.36 -81.10
N ALA D 87 64.43 19.45 -82.32
CA ALA D 87 63.70 19.09 -83.54
C ALA D 87 63.39 17.60 -83.63
N GLU D 88 64.23 16.77 -83.01
CA GLU D 88 64.03 15.32 -83.04
C GLU D 88 62.82 14.89 -82.21
N ASP D 89 62.27 15.78 -81.38
CA ASP D 89 61.02 15.51 -80.69
C ASP D 89 59.81 15.67 -81.60
N THR D 90 60.01 16.08 -82.85
CA THR D 90 58.93 16.18 -83.84
C THR D 90 58.34 14.80 -84.10
N ALA D 91 57.11 14.59 -83.63
CA ALA D 91 56.53 13.25 -83.55
C ALA D 91 55.04 13.38 -83.27
N VAL D 92 54.40 12.24 -83.05
CA VAL D 92 53.00 12.19 -82.59
C VAL D 92 53.02 11.77 -81.13
N TYR D 93 52.11 12.32 -80.32
CA TYR D 93 52.03 11.90 -78.93
C TYR D 93 50.73 11.15 -78.66
N TYR D 94 50.76 10.30 -77.64
CA TYR D 94 49.60 9.56 -77.18
C TYR D 94 49.39 9.70 -75.68
N CYS D 95 48.12 9.77 -75.29
CA CYS D 95 47.71 9.68 -73.91
C CYS D 95 47.55 8.21 -73.56
N ALA D 96 48.16 7.75 -72.46
CA ALA D 96 48.35 6.32 -72.28
C ALA D 96 47.96 5.83 -70.89
N ARG D 97 47.83 4.51 -70.78
CA ARG D 97 47.53 3.83 -69.54
C ARG D 97 48.07 2.40 -69.63
N HIS D 98 48.62 1.91 -68.52
CA HIS D 98 49.29 0.61 -68.46
C HIS D 98 48.50 -0.34 -67.57
N ALA D 99 48.20 -1.52 -68.09
CA ALA D 99 47.59 -2.55 -67.26
C ALA D 99 48.66 -3.14 -66.34
N THR D 100 48.64 -2.75 -65.07
CA THR D 100 49.69 -3.13 -64.13
C THR D 100 49.21 -4.36 -63.35
N LEU D 101 48.95 -5.45 -64.09
CA LEU D 101 48.61 -6.79 -63.60
C LEU D 101 47.25 -6.85 -62.89
N MET D 102 46.61 -5.71 -62.69
CA MET D 102 45.39 -5.61 -61.92
C MET D 102 44.27 -5.18 -62.85
N ASN D 103 44.46 -4.07 -63.54
CA ASN D 103 43.42 -3.52 -64.37
C ASN D 103 43.54 -4.04 -65.79
N ASN D 104 42.55 -3.68 -66.59
CA ASN D 104 42.68 -3.65 -68.05
C ASN D 104 42.12 -2.30 -68.46
N LYS D 105 42.93 -1.26 -68.34
CA LYS D 105 42.46 0.08 -68.63
C LYS D 105 43.29 0.79 -69.68
N ASP D 106 44.05 0.06 -70.48
CA ASP D 106 44.96 0.68 -71.44
C ASP D 106 44.17 1.34 -72.56
N ILE D 107 43.99 2.66 -72.44
CA ILE D 107 43.21 3.45 -73.38
C ILE D 107 44.11 4.51 -73.96
N TRP D 108 44.01 4.72 -75.27
CA TRP D 108 44.97 5.50 -76.03
C TRP D 108 44.23 6.60 -76.77
N GLY D 109 44.81 7.79 -76.79
CA GLY D 109 44.23 8.90 -77.52
C GLY D 109 44.34 8.72 -79.02
N GLN D 110 43.91 9.75 -79.74
CA GLN D 110 43.87 9.63 -81.19
C GLN D 110 45.24 9.92 -81.80
N GLY D 111 46.05 10.71 -81.13
CA GLY D 111 47.36 11.05 -81.63
C GLY D 111 47.38 12.37 -82.38
N THR D 112 48.21 13.30 -81.90
CA THR D 112 48.42 14.58 -82.56
C THR D 112 49.90 14.83 -82.75
N LEU D 113 50.22 15.55 -83.84
CA LEU D 113 51.60 15.81 -84.19
C LEU D 113 52.10 17.09 -83.56
N VAL D 114 53.12 16.97 -82.73
CA VAL D 114 53.97 18.09 -82.35
C VAL D 114 55.10 18.16 -83.37
N THR D 115 55.38 19.36 -83.86
CA THR D 115 56.46 19.58 -84.82
C THR D 115 57.38 20.65 -84.24
N VAL D 116 58.67 20.36 -84.21
CA VAL D 116 59.67 21.30 -83.72
C VAL D 116 60.57 21.68 -84.89
N SER D 117 60.32 22.86 -85.46
CA SER D 117 61.06 23.34 -86.61
C SER D 117 60.84 24.84 -86.75
N SER D 118 61.85 25.53 -87.29
CA SER D 118 61.73 26.94 -87.61
C SER D 118 61.01 27.18 -88.92
N ALA D 119 60.85 26.15 -89.75
CA ALA D 119 60.17 26.25 -91.03
C ALA D 119 58.75 25.72 -90.87
N SER D 120 57.77 26.60 -91.05
CA SER D 120 56.37 26.23 -90.87
C SER D 120 55.87 25.34 -91.99
N GLN E 1 20.80 -44.79 -30.92
CA GLN E 1 22.21 -44.92 -31.27
C GLN E 1 22.40 -45.70 -32.57
N GLN E 2 21.53 -46.67 -32.80
CA GLN E 2 21.81 -47.68 -33.81
C GLN E 2 20.51 -48.15 -34.44
N LEU E 3 20.57 -48.47 -35.74
CA LEU E 3 19.41 -48.88 -36.51
C LEU E 3 19.74 -50.17 -37.23
N VAL E 4 18.82 -51.13 -37.19
CA VAL E 4 18.99 -52.40 -37.89
C VAL E 4 17.80 -52.59 -38.83
N GLU E 5 18.02 -53.32 -39.92
CA GLU E 5 17.06 -53.41 -41.00
C GLU E 5 16.67 -54.86 -41.25
N SER E 6 15.49 -55.06 -41.84
CA SER E 6 15.09 -56.38 -42.29
C SER E 6 15.89 -56.77 -43.53
N GLY E 7 15.85 -58.06 -43.85
CA GLY E 7 16.68 -58.56 -44.93
C GLY E 7 16.16 -58.19 -46.30
N GLY E 8 17.07 -57.75 -47.15
CA GLY E 8 16.77 -57.51 -48.53
C GLY E 8 16.92 -58.78 -49.34
N GLY E 9 16.43 -58.72 -50.58
CA GLY E 9 16.45 -59.90 -51.42
C GLY E 9 15.86 -59.62 -52.77
N VAL E 10 15.78 -60.67 -53.59
CA VAL E 10 15.27 -60.59 -54.94
C VAL E 10 13.81 -61.01 -54.92
N VAL E 11 12.93 -60.09 -55.31
CA VAL E 11 11.48 -60.28 -55.31
C VAL E 11 10.98 -60.03 -56.72
N GLN E 12 10.00 -60.87 -57.17
CA GLN E 12 9.38 -60.65 -58.47
C GLN E 12 8.52 -59.39 -58.43
N PRO E 13 8.36 -58.70 -59.57
CA PRO E 13 7.55 -57.47 -59.60
C PRO E 13 6.08 -57.72 -59.31
N GLY E 14 5.40 -56.66 -58.89
CA GLY E 14 4.01 -56.73 -58.48
C GLY E 14 3.78 -57.26 -57.09
N ARG E 15 4.81 -57.72 -56.40
CA ARG E 15 4.65 -58.37 -55.11
C ARG E 15 4.78 -57.35 -53.97
N SER E 16 4.92 -57.87 -52.76
CA SER E 16 5.00 -57.05 -51.55
C SER E 16 6.06 -57.62 -50.62
N LEU E 17 6.76 -56.74 -49.91
CA LEU E 17 7.79 -57.17 -48.97
C LEU E 17 7.89 -56.19 -47.81
N ARG E 18 7.43 -56.62 -46.63
CA ARG E 18 7.45 -55.77 -45.44
C ARG E 18 8.87 -55.47 -45.00
N LEU E 19 9.12 -54.19 -44.72
CA LEU E 19 10.43 -53.69 -44.31
C LEU E 19 10.40 -53.37 -42.83
N SER E 20 11.26 -54.05 -42.08
CA SER E 20 11.38 -53.88 -40.64
C SER E 20 12.69 -53.16 -40.34
N CYS E 21 12.63 -52.19 -39.43
CA CYS E 21 13.84 -51.48 -39.02
C CYS E 21 13.71 -51.12 -37.55
N ALA E 22 14.56 -51.70 -36.73
CA ALA E 22 14.48 -51.53 -35.28
C ALA E 22 15.55 -50.57 -34.80
N ALA E 23 15.20 -49.79 -33.78
CA ALA E 23 16.11 -48.80 -33.22
C ALA E 23 16.80 -49.36 -31.98
N SER E 24 17.79 -48.62 -31.50
CA SER E 24 18.55 -48.96 -30.30
C SER E 24 19.27 -47.71 -29.84
N GLY E 25 19.55 -47.67 -28.53
CA GLY E 25 20.12 -46.50 -27.90
C GLY E 25 19.10 -45.47 -27.45
N PHE E 26 18.40 -44.82 -28.37
CA PHE E 26 17.21 -44.09 -27.98
C PHE E 26 16.05 -44.58 -28.83
N THR E 27 14.86 -44.43 -28.28
CA THR E 27 13.63 -44.90 -28.88
C THR E 27 13.33 -44.23 -30.21
N PHE E 28 12.63 -44.99 -31.05
CA PHE E 28 11.82 -44.41 -32.12
C PHE E 28 10.77 -43.45 -31.59
N SER E 29 10.20 -43.73 -30.41
CA SER E 29 8.87 -43.27 -30.01
C SER E 29 8.74 -41.76 -30.03
N SER E 30 9.71 -41.05 -29.48
CA SER E 30 9.56 -39.60 -29.38
C SER E 30 9.82 -38.90 -30.71
N TYR E 31 10.40 -39.59 -31.68
CA TYR E 31 10.76 -38.92 -32.92
C TYR E 31 9.83 -39.33 -34.05
N ALA E 32 10.13 -38.83 -35.24
CA ALA E 32 9.62 -39.33 -36.49
C ALA E 32 10.61 -40.36 -37.01
N MET E 33 10.39 -40.88 -38.22
CA MET E 33 11.44 -41.63 -38.91
C MET E 33 11.10 -41.63 -40.39
N HIS E 34 12.12 -41.84 -41.22
CA HIS E 34 11.98 -41.77 -42.66
C HIS E 34 12.54 -43.01 -43.32
N TRP E 35 12.25 -43.13 -44.61
CA TRP E 35 12.92 -44.04 -45.52
C TRP E 35 13.45 -43.27 -46.72
N VAL E 36 14.65 -43.61 -47.15
CA VAL E 36 15.17 -43.08 -48.40
C VAL E 36 15.71 -44.23 -49.23
N ARG E 37 15.96 -43.92 -50.50
CA ARG E 37 16.37 -44.87 -51.53
C ARG E 37 17.68 -44.41 -52.14
N GLN E 38 18.58 -45.36 -52.39
CA GLN E 38 19.75 -45.10 -53.21
C GLN E 38 19.88 -46.21 -54.24
N ALA E 39 19.60 -45.88 -55.48
CA ALA E 39 19.97 -46.74 -56.60
C ALA E 39 21.46 -46.58 -56.86
N PRO E 40 22.12 -47.61 -57.42
CA PRO E 40 23.58 -47.52 -57.64
C PRO E 40 23.93 -46.45 -58.67
N GLY E 41 24.77 -45.52 -58.26
CA GLY E 41 25.09 -44.38 -59.07
C GLY E 41 24.08 -43.27 -59.07
N LYS E 42 22.95 -43.45 -58.39
CA LYS E 42 21.90 -42.44 -58.35
C LYS E 42 21.92 -41.74 -57.00
N GLY E 43 21.36 -40.54 -56.97
CA GLY E 43 21.30 -39.76 -55.76
C GLY E 43 20.34 -40.35 -54.75
N LEU E 44 20.43 -39.82 -53.53
CA LEU E 44 19.57 -40.24 -52.44
C LEU E 44 18.20 -39.63 -52.65
N GLU E 45 17.19 -40.46 -52.83
CA GLU E 45 15.83 -40.01 -53.09
C GLU E 45 14.96 -40.37 -51.91
N TRP E 46 14.34 -39.36 -51.32
CA TRP E 46 13.45 -39.57 -50.19
C TRP E 46 12.22 -40.37 -50.60
N VAL E 47 11.73 -41.19 -49.67
CA VAL E 47 10.63 -42.11 -49.98
C VAL E 47 9.38 -41.75 -49.20
N ALA E 48 9.42 -41.86 -47.87
CA ALA E 48 8.21 -41.71 -47.08
C ALA E 48 8.57 -41.41 -45.62
N VAL E 49 7.64 -40.76 -44.92
CA VAL E 49 7.83 -40.41 -43.51
C VAL E 49 7.05 -41.37 -42.64
N ILE E 50 7.29 -41.32 -41.35
CA ILE E 50 6.33 -41.76 -40.35
C ILE E 50 6.33 -40.68 -39.29
N SER E 51 5.19 -40.49 -38.63
CA SER E 51 5.05 -39.48 -37.59
C SER E 51 4.29 -40.09 -36.44
N TYR E 52 5.00 -40.62 -35.45
CA TYR E 52 4.32 -41.30 -34.36
C TYR E 52 3.67 -40.34 -33.37
N ASP E 53 4.17 -39.11 -33.25
CA ASP E 53 3.74 -38.21 -32.18
C ASP E 53 2.30 -37.73 -32.34
N GLY E 54 1.76 -37.84 -33.54
CA GLY E 54 0.33 -37.89 -33.71
C GLY E 54 -0.04 -39.24 -34.31
N SER E 55 -0.49 -39.20 -35.57
CA SER E 55 -0.37 -40.30 -36.51
C SER E 55 -0.64 -39.75 -37.90
N ASN E 56 0.35 -39.84 -38.78
CA ASN E 56 0.21 -39.37 -40.14
C ASN E 56 1.29 -40.02 -40.99
N LYS E 57 0.95 -40.29 -42.24
CA LYS E 57 1.85 -40.96 -43.17
C LYS E 57 1.88 -40.20 -44.48
N TYR E 58 3.05 -39.74 -44.89
CA TYR E 58 3.23 -39.08 -46.16
C TYR E 58 4.17 -39.88 -47.05
N TYR E 59 3.82 -39.96 -48.33
CA TYR E 59 4.53 -40.74 -49.32
C TYR E 59 5.03 -39.80 -50.40
N ALA E 60 6.11 -40.18 -51.06
CA ALA E 60 6.50 -39.46 -52.25
C ALA E 60 5.53 -39.78 -53.39
N ASP E 61 5.05 -38.74 -54.06
CA ASP E 61 4.24 -38.98 -55.25
C ASP E 61 5.08 -39.31 -56.47
N SER E 62 6.39 -39.10 -56.38
CA SER E 62 7.31 -39.54 -57.44
C SER E 62 7.30 -41.06 -57.54
N VAL E 63 7.37 -41.75 -56.41
CA VAL E 63 7.16 -43.19 -56.36
C VAL E 63 5.96 -43.38 -55.44
N LYS E 64 4.78 -43.34 -56.04
CA LYS E 64 3.52 -43.40 -55.30
C LYS E 64 2.95 -44.79 -55.55
N GLY E 65 3.40 -45.76 -54.76
CA GLY E 65 3.00 -47.13 -54.91
C GLY E 65 2.25 -47.69 -53.74
N ARG E 66 1.75 -46.84 -52.83
CA ARG E 66 1.13 -47.23 -51.56
C ARG E 66 2.06 -48.13 -50.75
N PHE E 67 3.31 -47.72 -50.68
CA PHE E 67 4.27 -48.35 -49.79
C PHE E 67 3.92 -48.00 -48.36
N THR E 68 3.21 -48.88 -47.68
CA THR E 68 2.56 -48.51 -46.43
C THR E 68 3.55 -48.50 -45.27
N ILE E 69 3.37 -47.54 -44.38
CA ILE E 69 4.28 -47.31 -43.27
C ILE E 69 3.48 -47.24 -41.98
N SER E 70 3.92 -47.99 -40.98
CA SER E 70 3.40 -47.90 -39.62
C SER E 70 4.48 -48.44 -38.69
N ARG E 71 4.09 -48.68 -37.45
CA ARG E 71 5.03 -48.79 -36.35
C ARG E 71 5.05 -50.19 -35.77
N ASP E 72 6.09 -50.44 -35.00
CA ASP E 72 6.02 -51.22 -33.77
C ASP E 72 6.83 -50.42 -32.75
N ASN E 73 6.16 -49.46 -32.11
CA ASN E 73 6.81 -48.51 -31.22
C ASN E 73 7.42 -49.18 -29.99
N SER E 74 6.75 -50.21 -29.50
CA SER E 74 7.20 -50.87 -28.28
C SER E 74 8.42 -51.75 -28.54
N LYS E 75 8.71 -52.04 -29.79
CA LYS E 75 9.98 -52.65 -30.16
C LYS E 75 10.93 -51.66 -30.80
N ASN E 76 10.55 -50.37 -30.87
CA ASN E 76 11.32 -49.30 -31.51
C ASN E 76 11.64 -49.64 -32.96
N THR E 77 10.61 -50.10 -33.66
CA THR E 77 10.77 -50.73 -34.96
C THR E 77 9.72 -50.09 -35.88
N LEU E 78 9.95 -50.17 -37.19
CA LEU E 78 9.11 -49.50 -38.16
C LEU E 78 8.99 -50.36 -39.41
N TYR E 79 7.78 -50.38 -39.97
CA TYR E 79 7.38 -51.35 -40.99
C TYR E 79 6.83 -50.61 -42.19
N LEU E 80 7.48 -50.78 -43.34
CA LEU E 80 6.98 -50.26 -44.61
C LEU E 80 6.96 -51.38 -45.62
N GLN E 81 5.76 -51.76 -46.06
CA GLN E 81 5.58 -52.92 -46.91
C GLN E 81 5.74 -52.49 -48.37
N MET E 82 6.65 -53.15 -49.07
CA MET E 82 6.91 -52.86 -50.48
C MET E 82 5.79 -53.38 -51.34
N ASN E 83 4.91 -52.48 -51.78
CA ASN E 83 3.73 -52.82 -52.55
C ASN E 83 3.85 -52.25 -53.94
N SER E 84 3.29 -52.98 -54.91
CA SER E 84 3.20 -52.59 -56.33
C SER E 84 4.60 -52.33 -56.92
N LEU E 85 5.39 -53.39 -56.98
CA LEU E 85 6.80 -53.27 -57.30
C LEU E 85 7.02 -53.03 -58.80
N ARG E 86 8.19 -52.48 -59.10
CA ARG E 86 8.65 -52.23 -60.47
C ARG E 86 10.16 -52.04 -60.43
N ALA E 87 10.82 -52.48 -61.50
CA ALA E 87 12.20 -52.94 -61.44
C ALA E 87 13.18 -51.83 -61.12
N GLU E 88 12.85 -50.60 -61.50
CA GLU E 88 13.73 -49.46 -61.25
C GLU E 88 13.80 -49.10 -59.78
N ASP E 89 12.91 -49.64 -58.94
CA ASP E 89 13.02 -49.50 -57.50
C ASP E 89 14.08 -50.40 -56.90
N THR E 90 14.72 -51.25 -57.72
CA THR E 90 15.81 -52.10 -57.26
C THR E 90 16.98 -51.24 -56.78
N ALA E 91 17.21 -51.23 -55.47
CA ALA E 91 18.10 -50.24 -54.85
C ALA E 91 18.38 -50.69 -53.42
N VAL E 92 19.07 -49.81 -52.68
CA VAL E 92 19.29 -50.00 -51.24
C VAL E 92 18.41 -48.99 -50.52
N TYR E 93 17.86 -49.38 -49.37
CA TYR E 93 17.07 -48.43 -48.59
C TYR E 93 17.77 -48.08 -47.29
N TYR E 94 17.44 -46.89 -46.77
CA TYR E 94 17.94 -46.43 -45.48
C TYR E 94 16.81 -45.94 -44.59
N CYS E 95 16.97 -46.22 -43.29
CA CYS E 95 16.14 -45.65 -42.25
C CYS E 95 16.73 -44.31 -41.86
N ALA E 96 15.93 -43.25 -41.83
CA ALA E 96 16.48 -41.90 -41.81
C ALA E 96 15.85 -40.99 -40.77
N ARG E 97 16.52 -39.87 -40.53
CA ARG E 97 16.06 -38.83 -39.62
C ARG E 97 16.70 -37.51 -40.05
N HIS E 98 15.92 -36.44 -39.95
CA HIS E 98 16.31 -35.11 -40.42
C HIS E 98 16.45 -34.16 -39.25
N ALA E 99 17.59 -33.49 -39.17
CA ALA E 99 17.76 -32.44 -38.17
C ALA E 99 16.97 -31.21 -38.62
N THR E 100 15.82 -30.97 -38.01
CA THR E 100 14.91 -29.91 -38.44
C THR E 100 15.17 -28.68 -37.58
N LEU E 101 16.40 -28.18 -37.64
CA LEU E 101 16.88 -26.93 -37.02
C LEU E 101 16.91 -26.98 -35.50
N MET E 102 16.38 -28.04 -34.91
CA MET E 102 16.23 -28.16 -33.48
C MET E 102 17.12 -29.28 -32.97
N ASN E 103 16.96 -30.46 -33.55
CA ASN E 103 17.69 -31.61 -33.07
C ASN E 103 18.99 -31.78 -33.85
N ASN E 104 19.78 -32.73 -33.40
CA ASN E 104 20.81 -33.37 -34.21
C ASN E 104 20.61 -34.86 -34.01
N LYS E 105 19.65 -35.44 -34.72
CA LYS E 105 19.34 -36.83 -34.52
C LYS E 105 19.43 -37.65 -35.81
N ASP E 106 20.13 -37.15 -36.82
CA ASP E 106 20.17 -37.82 -38.11
C ASP E 106 20.95 -39.12 -38.00
N ILE E 107 20.22 -40.23 -37.88
CA ILE E 107 20.81 -41.55 -37.70
C ILE E 107 20.33 -42.44 -38.83
N TRP E 108 21.24 -43.21 -39.39
CA TRP E 108 21.01 -43.92 -40.64
C TRP E 108 21.27 -45.39 -40.42
N GLY E 109 20.43 -46.23 -41.01
CA GLY E 109 20.61 -47.67 -40.93
C GLY E 109 21.79 -48.15 -41.75
N GLN E 110 21.93 -49.47 -41.78
CA GLN E 110 23.10 -50.02 -42.45
C GLN E 110 22.89 -50.12 -43.95
N GLY E 111 21.65 -50.24 -44.39
CA GLY E 111 21.34 -50.35 -45.79
C GLY E 111 21.19 -51.79 -46.25
N THR E 112 20.01 -52.09 -46.78
CA THR E 112 19.74 -53.40 -47.38
C THR E 112 19.17 -53.25 -48.78
N LEU E 113 19.50 -54.23 -49.63
CA LEU E 113 19.09 -54.19 -51.02
C LEU E 113 17.73 -54.84 -51.22
N VAL E 114 16.78 -54.05 -51.70
CA VAL E 114 15.58 -54.57 -52.32
C VAL E 114 15.88 -54.73 -53.81
N THR E 115 15.48 -55.87 -54.37
CA THR E 115 15.67 -56.15 -55.78
C THR E 115 14.32 -56.51 -56.37
N VAL E 116 13.95 -55.85 -57.47
CA VAL E 116 12.70 -56.13 -58.15
C VAL E 116 13.03 -56.70 -59.52
N SER E 117 12.92 -58.01 -59.66
CA SER E 117 13.24 -58.70 -60.90
C SER E 117 12.63 -60.10 -60.86
N SER E 118 12.27 -60.60 -62.04
CA SER E 118 11.80 -61.97 -62.18
C SER E 118 12.94 -62.98 -62.20
N ALA E 119 14.17 -62.52 -62.41
CA ALA E 119 15.34 -63.39 -62.45
C ALA E 119 16.05 -63.30 -61.10
N SER E 120 16.09 -64.42 -60.38
CA SER E 120 16.68 -64.46 -59.05
C SER E 120 18.20 -64.37 -59.11
N GLN F 1 55.65 -26.47 13.69
CA GLN F 1 56.53 -26.90 12.60
C GLN F 1 57.51 -27.97 13.06
N GLN F 2 57.95 -27.88 14.32
CA GLN F 2 59.12 -28.63 14.74
C GLN F 2 58.98 -28.99 16.21
N LEU F 3 59.49 -30.17 16.57
CA LEU F 3 59.40 -30.69 17.92
C LEU F 3 60.79 -31.10 18.39
N VAL F 4 61.13 -30.73 19.62
CA VAL F 4 62.42 -31.11 20.20
C VAL F 4 62.14 -31.86 21.51
N GLU F 5 63.07 -32.74 21.89
CA GLU F 5 62.85 -33.68 22.97
C GLU F 5 63.93 -33.53 24.03
N SER F 6 63.60 -33.93 25.26
CA SER F 6 64.61 -33.99 26.30
C SER F 6 65.55 -35.16 26.05
N GLY F 7 66.68 -35.16 26.75
CA GLY F 7 67.71 -36.15 26.49
C GLY F 7 67.37 -37.51 27.05
N GLY F 8 67.58 -38.52 26.22
CA GLY F 8 67.47 -39.89 26.66
C GLY F 8 68.76 -40.37 27.28
N GLY F 9 68.69 -41.52 27.93
CA GLY F 9 69.84 -42.05 28.63
C GLY F 9 69.53 -43.37 29.28
N VAL F 10 70.53 -43.89 30.00
CA VAL F 10 70.44 -45.17 30.68
C VAL F 10 70.06 -44.90 32.13
N VAL F 11 68.91 -45.43 32.55
CA VAL F 11 68.36 -45.24 33.87
C VAL F 11 68.12 -46.62 34.49
N GLN F 12 68.44 -46.75 35.82
CA GLN F 12 68.15 -48.00 36.51
C GLN F 12 66.65 -48.19 36.67
N PRO F 13 66.18 -49.45 36.71
CA PRO F 13 64.74 -49.70 36.84
C PRO F 13 64.17 -49.22 38.17
N GLY F 14 62.86 -49.02 38.17
CA GLY F 14 62.15 -48.48 39.31
C GLY F 14 62.25 -46.98 39.48
N ARG F 15 63.04 -46.30 38.66
CA ARG F 15 63.29 -44.88 38.84
C ARG F 15 62.29 -44.05 38.03
N SER F 16 62.59 -42.76 37.89
CA SER F 16 61.73 -41.81 37.21
C SER F 16 62.58 -40.88 36.36
N LEU F 17 62.06 -40.47 35.21
CA LEU F 17 62.78 -39.56 34.33
C LEU F 17 61.80 -38.69 33.55
N ARG F 18 61.74 -37.41 33.90
CA ARG F 18 60.82 -36.48 33.25
C ARG F 18 61.19 -36.26 31.79
N LEU F 19 60.18 -36.33 30.93
CA LEU F 19 60.35 -36.19 29.49
C LEU F 19 59.80 -34.84 29.05
N SER F 20 60.68 -34.02 28.49
CA SER F 20 60.35 -32.68 28.00
C SER F 20 60.34 -32.70 26.48
N CYS F 21 59.33 -32.06 25.90
CA CYS F 21 59.26 -31.96 24.44
C CYS F 21 58.64 -30.61 24.09
N ALA F 22 59.42 -29.75 23.46
CA ALA F 22 58.98 -28.39 23.16
C ALA F 22 58.61 -28.27 21.69
N ALA F 23 57.61 -27.45 21.42
CA ALA F 23 57.12 -27.24 20.06
C ALA F 23 57.74 -25.97 19.47
N SER F 24 57.51 -25.78 18.17
CA SER F 24 57.99 -24.63 17.43
C SER F 24 57.19 -24.54 16.13
N GLY F 25 57.07 -23.33 15.62
CA GLY F 25 56.25 -23.06 14.46
C GLY F 25 54.80 -22.78 14.75
N PHE F 26 54.06 -23.77 15.25
CA PHE F 26 52.77 -23.47 15.85
C PHE F 26 52.76 -24.05 17.25
N THR F 27 51.93 -23.45 18.10
CA THR F 27 51.82 -23.79 19.50
C THR F 27 51.34 -25.22 19.72
N PHE F 28 51.78 -25.78 20.84
CA PHE F 28 51.06 -26.87 21.50
C PHE F 28 49.64 -26.50 21.85
N SER F 29 49.39 -25.25 22.22
CA SER F 29 48.27 -24.84 23.07
C SER F 29 46.92 -25.23 22.49
N SER F 30 46.70 -24.97 21.21
CA SER F 30 45.38 -25.22 20.65
C SER F 30 45.15 -26.69 20.37
N TYR F 31 46.19 -27.52 20.39
CA TYR F 31 46.01 -28.91 20.02
C TYR F 31 46.09 -29.81 21.24
N ALA F 32 46.01 -31.11 20.99
CA ALA F 32 46.39 -32.14 21.92
C ALA F 32 47.86 -32.48 21.64
N MET F 33 48.40 -33.50 22.32
CA MET F 33 49.68 -34.07 21.91
C MET F 33 49.76 -35.47 22.51
N HIS F 34 50.59 -36.31 21.89
CA HIS F 34 50.70 -37.70 22.27
C HIS F 34 52.15 -38.09 22.50
N TRP F 35 52.33 -39.27 23.07
CA TRP F 35 53.60 -39.97 23.10
C TRP F 35 53.41 -41.37 22.54
N VAL F 36 54.37 -41.82 21.74
CA VAL F 36 54.39 -43.22 21.31
C VAL F 36 55.78 -43.78 21.55
N ARG F 37 55.87 -45.10 21.44
CA ARG F 37 57.04 -45.88 21.75
C ARG F 37 57.42 -46.71 20.52
N GLN F 38 58.72 -46.81 20.24
CA GLN F 38 59.22 -47.77 19.28
C GLN F 38 60.41 -48.50 19.89
N ALA F 39 60.20 -49.75 20.23
CA ALA F 39 61.30 -50.65 20.54
C ALA F 39 61.96 -51.08 19.24
N PRO F 40 63.25 -51.43 19.26
CA PRO F 40 63.93 -51.80 18.00
C PRO F 40 63.38 -53.08 17.42
N GLY F 41 62.94 -53.00 16.17
CA GLY F 41 62.27 -54.10 15.53
C GLY F 41 60.82 -54.28 15.90
N LYS F 42 60.29 -53.48 16.81
CA LYS F 42 58.90 -53.59 17.23
C LYS F 42 58.09 -52.46 16.62
N GLY F 43 56.78 -52.69 16.54
CA GLY F 43 55.88 -51.71 15.98
C GLY F 43 55.74 -50.49 16.88
N LEU F 44 55.12 -49.47 16.30
CA LEU F 44 54.86 -48.23 17.02
C LEU F 44 53.69 -48.45 17.96
N GLU F 45 53.93 -48.32 19.25
CA GLU F 45 52.92 -48.56 20.26
C GLU F 45 52.59 -47.25 20.95
N TRP F 46 51.32 -46.87 20.89
CA TRP F 46 50.85 -45.64 21.51
C TRP F 46 50.99 -45.72 23.03
N VAL F 47 51.30 -44.58 23.65
CA VAL F 47 51.57 -44.55 25.08
C VAL F 47 50.50 -43.77 25.84
N ALA F 48 50.40 -42.46 25.60
CA ALA F 48 49.53 -41.62 26.39
C ALA F 48 49.20 -40.34 25.64
N VAL F 49 48.07 -39.72 26.00
CA VAL F 49 47.63 -38.47 25.39
C VAL F 49 47.91 -37.33 26.35
N ILE F 50 47.76 -36.11 25.84
CA ILE F 50 47.48 -34.95 26.67
C ILE F 50 46.39 -34.19 25.94
N SER F 51 45.54 -33.51 26.71
CA SER F 51 44.43 -32.74 26.14
C SER F 51 44.37 -31.40 26.85
N TYR F 52 45.01 -30.39 26.28
CA TYR F 52 45.06 -29.10 26.96
C TYR F 52 43.74 -28.33 26.88
N ASP F 53 42.94 -28.56 25.86
CA ASP F 53 41.78 -27.72 25.58
C ASP F 53 40.68 -27.86 26.63
N GLY F 54 40.71 -28.94 27.39
CA GLY F 54 40.07 -28.96 28.69
C GLY F 54 41.13 -29.16 29.75
N SER F 55 41.08 -30.34 30.37
CA SER F 55 42.24 -30.99 30.98
C SER F 55 41.87 -32.44 31.24
N ASN F 56 42.60 -33.35 30.61
CA ASN F 56 42.37 -34.78 30.79
C ASN F 56 43.60 -35.53 30.33
N LYS F 57 43.88 -36.63 31.00
CA LYS F 57 45.05 -37.44 30.72
C LYS F 57 44.64 -38.90 30.63
N TYR F 58 44.91 -39.52 29.49
CA TYR F 58 44.65 -40.94 29.28
C TYR F 58 45.96 -41.67 29.03
N TYR F 59 46.07 -42.85 29.62
CA TYR F 59 47.26 -43.68 29.58
C TYR F 59 46.88 -45.00 28.93
N ALA F 60 47.86 -45.65 28.31
CA ALA F 60 47.65 -47.02 27.87
C ALA F 60 47.63 -47.93 29.09
N ASP F 61 46.63 -48.79 29.17
CA ASP F 61 46.62 -49.81 30.22
C ASP F 61 47.53 -50.98 29.89
N SER F 62 48.00 -51.08 28.64
CA SER F 62 49.00 -52.07 28.28
C SER F 62 50.32 -51.79 29.01
N VAL F 63 50.74 -50.53 29.04
CA VAL F 63 51.85 -50.10 29.87
C VAL F 63 51.26 -49.07 30.82
N LYS F 64 50.73 -49.53 31.93
CA LYS F 64 50.04 -48.69 32.90
C LYS F 64 50.98 -48.53 34.08
N GLY F 65 51.89 -47.57 33.98
CA GLY F 65 52.88 -47.34 35.00
C GLY F 65 52.78 -45.99 35.68
N ARG F 66 51.66 -45.29 35.52
CA ARG F 66 51.46 -43.91 35.98
C ARG F 66 52.54 -42.99 35.42
N PHE F 67 52.82 -43.14 34.14
CA PHE F 67 53.67 -42.22 33.43
C PHE F 67 52.94 -40.89 33.27
N THR F 68 53.23 -39.95 34.16
CA THR F 68 52.37 -38.77 34.29
C THR F 68 52.67 -37.76 33.20
N ILE F 69 51.61 -37.11 32.73
CA ILE F 69 51.67 -36.19 31.61
C ILE F 69 50.99 -34.88 32.01
N SER F 70 51.69 -33.78 31.76
CA SER F 70 51.12 -32.44 31.90
C SER F 70 51.94 -31.51 31.02
N ARG F 71 51.75 -30.22 31.21
CA ARG F 71 52.13 -29.23 30.23
C ARG F 71 53.22 -28.32 30.75
N ASP F 72 53.82 -27.60 29.81
CA ASP F 72 54.24 -26.22 29.98
C ASP F 72 53.79 -25.52 28.72
N ASN F 73 52.53 -25.07 28.71
CA ASN F 73 51.89 -24.52 27.53
C ASN F 73 52.55 -23.22 27.07
N SER F 74 53.01 -22.42 28.01
CA SER F 74 53.59 -21.12 27.69
C SER F 74 54.99 -21.26 27.10
N LYS F 75 55.60 -22.44 27.24
CA LYS F 75 56.81 -22.74 26.51
C LYS F 75 56.56 -23.70 25.35
N ASN F 76 55.29 -24.06 25.10
CA ASN F 76 54.85 -25.01 24.08
C ASN F 76 55.56 -26.36 24.25
N THR F 77 55.57 -26.83 25.49
CA THR F 77 56.39 -27.94 25.91
C THR F 77 55.50 -28.88 26.71
N LEU F 78 55.90 -30.14 26.82
CA LEU F 78 55.07 -31.17 27.42
C LEU F 78 55.95 -32.16 28.18
N TYR F 79 55.46 -32.58 29.35
CA TYR F 79 56.26 -33.27 30.35
C TYR F 79 55.56 -34.57 30.72
N LEU F 80 56.23 -35.69 30.48
CA LEU F 80 55.76 -37.00 30.92
C LEU F 80 56.88 -37.69 31.67
N GLN F 81 56.67 -37.91 32.96
CA GLN F 81 57.71 -38.43 33.84
C GLN F 81 57.67 -39.95 33.80
N MET F 82 58.81 -40.56 33.46
CA MET F 82 58.93 -42.00 33.39
C MET F 82 58.97 -42.60 34.78
N ASN F 83 57.83 -43.17 35.20
CA ASN F 83 57.67 -43.71 36.54
C ASN F 83 57.48 -45.21 36.44
N SER F 84 57.98 -45.91 37.47
CA SER F 84 57.86 -47.36 37.65
C SER F 84 58.43 -48.13 36.44
N LEU F 85 59.74 -47.99 36.27
CA LEU F 85 60.41 -48.47 35.06
C LEU F 85 60.56 -49.99 35.07
N ARG F 86 60.73 -50.54 33.87
CA ARG F 86 60.98 -51.96 33.63
C ARG F 86 61.56 -52.10 32.23
N ALA F 87 62.45 -53.09 32.09
CA ALA F 87 63.53 -53.05 31.11
C ALA F 87 63.01 -53.11 29.67
N GLU F 88 61.86 -53.75 29.46
CA GLU F 88 61.29 -53.88 28.13
C GLU F 88 60.77 -52.54 27.60
N ASP F 89 60.65 -51.53 28.45
CA ASP F 89 60.33 -50.19 27.99
C ASP F 89 61.52 -49.47 27.38
N THR F 90 62.70 -50.11 27.38
CA THR F 90 63.88 -49.56 26.74
C THR F 90 63.66 -49.43 25.25
N ALA F 91 63.54 -48.19 24.77
CA ALA F 91 63.04 -47.91 23.43
C ALA F 91 63.31 -46.45 23.10
N VAL F 92 62.80 -46.01 21.94
CA VAL F 92 62.82 -44.61 21.55
C VAL F 92 61.39 -44.08 21.69
N TYR F 93 61.25 -42.82 22.11
CA TYR F 93 59.91 -42.24 22.20
C TYR F 93 59.74 -41.14 21.17
N TYR F 94 58.48 -40.90 20.79
CA TYR F 94 58.12 -39.82 19.88
C TYR F 94 56.99 -38.97 20.44
N CYS F 95 57.08 -37.67 20.17
CA CYS F 95 56.01 -36.73 20.41
C CYS F 95 55.09 -36.75 19.20
N ALA F 96 53.78 -36.90 19.39
CA ALA F 96 52.92 -37.27 18.30
C ALA F 96 51.65 -36.44 18.20
N ARG F 97 50.99 -36.55 17.04
CA ARG F 97 49.73 -35.89 16.77
C ARG F 97 48.99 -36.68 15.70
N HIS F 98 47.67 -36.79 15.86
CA HIS F 98 46.82 -37.61 14.99
C HIS F 98 45.89 -36.74 14.19
N ALA F 99 45.87 -36.93 12.88
CA ALA F 99 44.88 -36.25 12.05
C ALA F 99 43.53 -36.91 12.24
N THR F 100 42.64 -36.27 13.00
CA THR F 100 41.37 -36.87 13.38
C THR F 100 40.30 -36.37 12.41
N LEU F 101 40.50 -36.67 11.12
CA LEU F 101 39.58 -36.43 10.00
C LEU F 101 39.37 -34.94 9.68
N MET F 102 39.91 -34.06 10.53
CA MET F 102 39.70 -32.64 10.42
C MET F 102 41.00 -31.96 10.06
N ASN F 103 42.02 -32.21 10.86
CA ASN F 103 43.28 -31.53 10.67
C ASN F 103 44.20 -32.36 9.79
N ASN F 104 45.34 -31.75 9.46
CA ASN F 104 46.52 -32.48 9.04
C ASN F 104 47.66 -31.89 9.86
N LYS F 105 47.79 -32.35 11.10
CA LYS F 105 48.78 -31.78 11.98
C LYS F 105 49.74 -32.82 12.54
N ASP F 106 49.85 -33.99 11.92
CA ASP F 106 50.66 -35.07 12.46
C ASP F 106 52.13 -34.72 12.36
N ILE F 107 52.69 -34.25 13.48
CA ILE F 107 54.07 -33.80 13.55
C ILE F 107 54.77 -34.63 14.61
N TRP F 108 55.99 -35.06 14.29
CA TRP F 108 56.69 -36.07 15.07
C TRP F 108 58.04 -35.52 15.49
N GLY F 109 58.43 -35.80 16.73
CA GLY F 109 59.72 -35.37 17.23
C GLY F 109 60.86 -36.15 16.61
N GLN F 110 62.07 -35.87 17.09
CA GLN F 110 63.23 -36.48 16.48
C GLN F 110 63.46 -37.90 17.01
N GLY F 111 63.02 -38.17 18.23
CA GLY F 111 63.20 -39.47 18.82
C GLY F 111 64.42 -39.53 19.73
N THR F 112 64.19 -39.86 20.99
CA THR F 112 65.27 -40.08 21.96
C THR F 112 65.10 -41.42 22.65
N LEU F 113 66.23 -42.02 23.01
CA LEU F 113 66.23 -43.34 23.63
C LEU F 113 66.14 -43.24 25.13
N VAL F 114 65.08 -43.80 25.69
CA VAL F 114 65.03 -44.17 27.09
C VAL F 114 65.57 -45.59 27.22
N THR F 115 66.43 -45.81 28.20
CA THR F 115 67.01 -47.12 28.45
C THR F 115 66.74 -47.47 29.91
N VAL F 116 66.20 -48.65 30.13
CA VAL F 116 65.91 -49.13 31.49
C VAL F 116 66.79 -50.35 31.74
N SER F 117 67.89 -50.13 32.48
CA SER F 117 68.84 -51.19 32.78
C SER F 117 69.72 -50.74 33.94
N SER F 118 70.17 -51.72 34.72
CA SER F 118 71.12 -51.47 35.79
C SER F 118 72.55 -51.35 35.29
N ALA F 119 72.82 -51.78 34.06
CA ALA F 119 74.14 -51.71 33.46
C ALA F 119 74.18 -50.49 32.54
N SER F 120 75.04 -49.53 32.87
CA SER F 120 75.13 -48.29 32.11
C SER F 120 75.82 -48.51 30.76
N GLY G 1 3.17 -27.66 -56.99
CA GLY G 1 4.07 -28.74 -57.38
C GLY G 1 5.17 -29.00 -56.38
N ASP G 2 6.14 -29.81 -56.78
CA ASP G 2 7.27 -30.12 -55.92
C ASP G 2 8.23 -28.95 -55.85
N ILE G 3 9.15 -29.01 -54.91
CA ILE G 3 10.22 -28.03 -54.81
C ILE G 3 11.47 -28.59 -55.46
N GLN G 4 11.96 -27.92 -56.49
CA GLN G 4 13.13 -28.36 -57.20
C GLN G 4 14.39 -27.89 -56.48
N LEU G 5 15.38 -28.76 -56.45
CA LEU G 5 16.71 -28.39 -55.98
C LEU G 5 17.65 -28.25 -57.18
N THR G 6 18.71 -27.50 -56.99
CA THR G 6 19.72 -27.30 -58.01
C THR G 6 21.07 -27.32 -57.32
N GLN G 7 21.76 -28.45 -57.41
CA GLN G 7 23.05 -28.63 -56.79
C GLN G 7 24.13 -28.43 -57.85
N SER G 8 25.00 -27.46 -57.64
CA SER G 8 25.98 -27.14 -58.65
C SER G 8 27.33 -26.90 -57.99
N PRO G 9 28.43 -27.44 -58.55
CA PRO G 9 28.43 -28.41 -59.65
C PRO G 9 28.13 -29.81 -59.13
N SER G 10 27.70 -30.71 -60.00
CA SER G 10 27.36 -32.05 -59.57
C SER G 10 28.60 -32.92 -59.36
N SER G 11 29.78 -32.44 -59.74
CA SER G 11 31.04 -33.04 -59.34
C SER G 11 32.12 -31.97 -59.42
N LEU G 12 33.19 -32.18 -58.65
CA LEU G 12 34.35 -31.31 -58.75
C LEU G 12 35.57 -32.09 -58.27
N SER G 13 36.43 -32.44 -59.21
CA SER G 13 37.68 -33.15 -58.94
C SER G 13 38.69 -32.15 -58.40
N ALA G 14 39.15 -32.38 -57.17
CA ALA G 14 39.83 -31.34 -56.43
C ALA G 14 41.18 -31.84 -55.92
N SER G 15 41.88 -30.94 -55.23
CA SER G 15 43.25 -31.18 -54.79
C SER G 15 43.37 -30.87 -53.30
N VAL G 16 44.61 -30.98 -52.80
CA VAL G 16 44.84 -30.91 -51.37
C VAL G 16 44.83 -29.46 -50.91
N GLY G 17 44.09 -29.18 -49.84
CA GLY G 17 44.09 -27.86 -49.23
C GLY G 17 43.20 -26.84 -49.91
N ASP G 18 42.26 -27.28 -50.74
CA ASP G 18 41.41 -26.37 -51.48
C ASP G 18 40.38 -25.71 -50.57
N ARG G 19 39.56 -24.86 -51.17
CA ARG G 19 38.40 -24.27 -50.51
C ARG G 19 37.25 -24.31 -51.51
N VAL G 20 36.50 -25.41 -51.50
CA VAL G 20 35.49 -25.71 -52.51
C VAL G 20 34.16 -25.16 -52.02
N THR G 21 33.43 -24.50 -52.92
CA THR G 21 32.12 -23.95 -52.62
C THR G 21 31.10 -24.77 -53.42
N ILE G 22 30.49 -25.75 -52.77
CA ILE G 22 29.47 -26.57 -53.41
C ILE G 22 28.11 -25.93 -53.17
N THR G 23 27.51 -25.44 -54.24
CA THR G 23 26.28 -24.66 -54.17
C THR G 23 25.08 -25.55 -54.32
N CYS G 24 24.07 -25.33 -53.48
CA CYS G 24 22.77 -25.96 -53.63
C CYS G 24 21.78 -24.81 -53.76
N ARG G 25 21.18 -24.69 -54.94
CA ARG G 25 20.19 -23.65 -55.19
C ARG G 25 18.81 -24.24 -55.09
N ALA G 26 17.83 -23.39 -54.83
CA ALA G 26 16.48 -23.83 -54.57
C ALA G 26 15.49 -23.16 -55.51
N SER G 27 14.42 -23.88 -55.80
CA SER G 27 13.37 -23.31 -56.65
C SER G 27 12.47 -22.35 -55.89
N GLN G 28 12.38 -22.47 -54.58
CA GLN G 28 11.57 -21.58 -53.76
C GLN G 28 12.46 -20.87 -52.75
N SER G 29 11.85 -19.99 -51.97
CA SER G 29 12.55 -19.32 -50.88
C SER G 29 12.38 -20.15 -49.61
N ILE G 30 13.42 -20.89 -49.25
CA ILE G 30 13.45 -21.75 -48.08
C ILE G 30 14.27 -21.04 -47.02
N SER G 31 13.73 -20.94 -45.80
CA SER G 31 14.26 -20.10 -44.73
C SER G 31 15.71 -20.40 -44.38
N SER G 32 15.97 -21.56 -43.79
CA SER G 32 17.31 -22.10 -43.72
C SER G 32 17.35 -23.61 -43.83
N TYR G 33 16.25 -24.23 -44.25
CA TYR G 33 16.03 -25.65 -44.00
C TYR G 33 16.80 -26.46 -45.02
N LEU G 34 18.11 -26.51 -44.87
CA LEU G 34 18.95 -27.26 -45.80
C LEU G 34 20.14 -27.81 -45.05
N ASN G 35 20.56 -29.00 -45.46
CA ASN G 35 21.56 -29.73 -44.73
C ASN G 35 22.66 -30.18 -45.68
N TRP G 36 23.62 -30.93 -45.16
CA TRP G 36 24.74 -31.44 -45.94
C TRP G 36 25.19 -32.78 -45.39
N TYR G 37 25.65 -33.65 -46.28
CA TYR G 37 25.98 -35.01 -45.86
C TYR G 37 27.32 -35.47 -46.39
N GLN G 38 28.01 -36.30 -45.61
CA GLN G 38 29.17 -37.03 -46.13
C GLN G 38 28.74 -38.45 -46.50
N GLN G 39 29.06 -38.87 -47.73
CA GLN G 39 28.89 -40.26 -48.11
C GLN G 39 30.08 -40.74 -48.94
N LYS G 40 30.98 -41.50 -48.30
CA LYS G 40 31.77 -42.35 -49.17
C LYS G 40 30.87 -43.45 -49.70
N PRO G 41 31.03 -43.87 -50.97
CA PRO G 41 30.02 -44.72 -51.62
C PRO G 41 29.90 -46.10 -50.99
N GLY G 42 28.79 -46.32 -50.31
CA GLY G 42 28.56 -47.51 -49.50
C GLY G 42 28.41 -47.25 -48.03
N LYS G 43 28.58 -46.00 -47.58
CA LYS G 43 28.50 -45.67 -46.17
C LYS G 43 27.11 -45.13 -45.84
N ALA G 44 26.95 -44.71 -44.60
CA ALA G 44 25.73 -44.03 -44.19
C ALA G 44 25.95 -42.53 -44.33
N PRO G 45 24.93 -41.77 -44.72
CA PRO G 45 25.13 -40.32 -44.93
C PRO G 45 25.31 -39.58 -43.61
N LYS G 46 26.55 -39.20 -43.33
CA LYS G 46 26.93 -38.52 -42.12
C LYS G 46 26.61 -37.04 -42.27
N LEU G 47 25.69 -36.54 -41.44
CA LEU G 47 25.24 -35.16 -41.50
C LEU G 47 26.37 -34.18 -41.19
N LEU G 48 26.43 -33.10 -41.97
CA LEU G 48 27.52 -32.13 -41.84
C LEU G 48 27.04 -30.80 -41.29
N ILE G 49 26.04 -30.19 -41.89
CA ILE G 49 25.49 -28.90 -41.45
C ILE G 49 24.01 -29.07 -41.23
N TYR G 50 23.48 -28.48 -40.16
CA TYR G 50 22.04 -28.44 -39.98
C TYR G 50 21.60 -26.99 -39.96
N ALA G 51 20.42 -26.74 -40.53
CA ALA G 51 19.83 -25.42 -40.76
C ALA G 51 20.74 -24.49 -41.58
N ALA G 52 21.60 -25.07 -42.41
CA ALA G 52 22.44 -24.42 -43.42
C ALA G 52 23.46 -23.43 -42.88
N SER G 53 23.52 -23.23 -41.56
CA SER G 53 24.44 -22.26 -40.97
C SER G 53 25.01 -22.72 -39.64
N SER G 54 25.07 -24.01 -39.36
CA SER G 54 25.50 -24.48 -38.06
C SER G 54 26.32 -25.75 -38.19
N LEU G 55 27.44 -25.80 -37.48
CA LEU G 55 28.36 -26.94 -37.56
C LEU G 55 27.79 -28.15 -36.82
N GLN G 56 28.57 -29.22 -36.81
CA GLN G 56 28.11 -30.46 -36.19
C GLN G 56 29.25 -31.08 -35.40
N SER G 57 28.87 -31.84 -34.36
CA SER G 57 29.81 -32.60 -33.54
C SER G 57 30.62 -33.58 -34.40
N GLY G 58 31.92 -33.67 -34.08
CA GLY G 58 32.84 -34.48 -34.84
C GLY G 58 33.36 -33.85 -36.12
N VAL G 59 32.65 -32.87 -36.67
CA VAL G 59 33.01 -32.23 -37.92
C VAL G 59 33.55 -30.84 -37.59
N PRO G 60 34.85 -30.58 -37.77
CA PRO G 60 35.39 -29.25 -37.49
C PRO G 60 34.93 -28.21 -38.51
N SER G 61 35.47 -27.00 -38.34
CA SER G 61 35.06 -25.87 -39.17
C SER G 61 35.75 -25.82 -40.52
N ARG G 62 36.43 -26.89 -40.93
CA ARG G 62 36.84 -27.04 -42.32
C ARG G 62 35.66 -27.08 -43.28
N PHE G 63 34.49 -27.50 -42.80
CA PHE G 63 33.23 -27.32 -43.48
C PHE G 63 32.53 -26.14 -42.81
N SER G 64 31.74 -25.39 -43.57
CA SER G 64 31.15 -24.14 -43.11
C SER G 64 29.98 -23.75 -44.00
N GLY G 65 28.79 -23.72 -43.43
CA GLY G 65 27.61 -23.42 -44.22
C GLY G 65 27.13 -21.99 -44.08
N SER G 66 26.48 -21.50 -45.12
CA SER G 66 25.80 -20.21 -45.11
C SER G 66 24.79 -20.19 -46.24
N GLY G 67 23.95 -19.16 -46.22
CA GLY G 67 22.95 -18.94 -47.25
C GLY G 67 21.54 -19.07 -46.69
N SER G 68 20.60 -18.55 -47.48
CA SER G 68 19.19 -18.57 -47.12
C SER G 68 18.37 -18.31 -48.38
N GLY G 69 17.05 -18.46 -48.24
CA GLY G 69 16.16 -18.16 -49.35
C GLY G 69 16.22 -19.24 -50.41
N THR G 70 16.83 -18.89 -51.54
CA THR G 70 17.03 -19.84 -52.62
C THR G 70 18.45 -20.37 -52.66
N ASP G 71 19.38 -19.58 -52.15
CA ASP G 71 20.80 -19.80 -52.38
C ASP G 71 21.42 -20.40 -51.14
N PHE G 72 22.07 -21.55 -51.29
CA PHE G 72 22.70 -22.22 -50.16
C PHE G 72 24.10 -22.66 -50.56
N THR G 73 25.00 -22.63 -49.59
CA THR G 73 26.42 -22.72 -49.87
C THR G 73 27.09 -23.71 -48.94
N LEU G 74 27.88 -24.62 -49.51
CA LEU G 74 28.75 -25.52 -48.79
C LEU G 74 30.16 -24.97 -48.89
N THR G 75 30.68 -24.49 -47.77
CA THR G 75 31.98 -23.82 -47.72
C THR G 75 32.99 -24.82 -47.15
N ILE G 76 33.56 -25.64 -48.01
CA ILE G 76 34.62 -26.54 -47.61
C ILE G 76 35.93 -25.75 -47.66
N SER G 77 36.70 -25.81 -46.58
CA SER G 77 37.93 -25.05 -46.48
C SER G 77 39.05 -25.96 -45.99
N SER G 78 40.26 -25.73 -46.51
CA SER G 78 41.47 -26.49 -46.19
C SER G 78 41.28 -27.98 -46.43
N LEU G 79 41.09 -28.32 -47.71
CA LEU G 79 40.51 -29.60 -48.10
C LEU G 79 41.42 -30.77 -47.76
N GLN G 80 40.89 -31.70 -46.98
CA GLN G 80 41.63 -32.76 -46.33
C GLN G 80 41.54 -34.04 -47.15
N PRO G 81 42.57 -34.91 -47.07
CA PRO G 81 42.54 -36.17 -47.84
C PRO G 81 41.42 -37.13 -47.49
N GLU G 82 40.75 -36.97 -46.34
CA GLU G 82 39.58 -37.77 -46.04
C GLU G 82 38.29 -37.15 -46.54
N ASP G 83 38.31 -35.88 -46.93
CA ASP G 83 37.08 -35.19 -47.30
C ASP G 83 36.65 -35.48 -48.74
N PHE G 84 37.39 -36.30 -49.47
CA PHE G 84 37.09 -36.58 -50.87
C PHE G 84 36.05 -37.69 -50.94
N ALA G 85 34.78 -37.34 -51.09
CA ALA G 85 33.67 -38.28 -51.10
C ALA G 85 32.49 -37.66 -51.83
N THR G 86 31.35 -38.35 -51.78
CA THR G 86 30.13 -37.91 -52.45
C THR G 86 29.21 -37.24 -51.46
N TYR G 87 28.87 -35.98 -51.72
CA TYR G 87 28.17 -35.16 -50.74
C TYR G 87 26.80 -34.80 -51.26
N TYR G 88 25.97 -34.24 -50.38
CA TYR G 88 24.56 -34.01 -50.66
C TYR G 88 24.03 -32.81 -49.89
N CYS G 89 23.15 -32.05 -50.54
CA CYS G 89 22.32 -31.07 -49.85
C CYS G 89 20.92 -31.65 -49.60
N GLN G 90 20.11 -30.87 -48.90
CA GLN G 90 18.87 -31.38 -48.33
C GLN G 90 17.90 -30.28 -47.96
N GLN G 91 16.68 -30.35 -48.50
CA GLN G 91 15.59 -29.51 -48.01
C GLN G 91 14.87 -30.23 -46.88
N SER G 92 14.24 -29.44 -46.02
CA SER G 92 13.21 -29.94 -45.12
C SER G 92 12.06 -28.96 -45.01
N TYR G 93 11.87 -28.15 -46.05
CA TYR G 93 10.91 -27.05 -46.01
C TYR G 93 9.50 -27.58 -46.06
N SER G 94 9.16 -28.33 -47.10
CA SER G 94 7.83 -28.86 -47.30
C SER G 94 7.88 -30.38 -47.36
N THR G 95 6.75 -30.95 -47.58
CA THR G 95 6.65 -32.34 -47.99
C THR G 95 6.22 -32.37 -49.45
N PRO G 96 6.92 -33.09 -50.36
CA PRO G 96 8.06 -34.01 -50.22
C PRO G 96 9.42 -33.36 -50.00
N ARG G 97 10.27 -34.06 -49.28
CA ARG G 97 11.67 -33.69 -49.19
C ARG G 97 12.40 -34.25 -50.41
N THR G 98 13.27 -33.44 -50.98
CA THR G 98 14.17 -33.93 -52.01
C THR G 98 15.59 -33.64 -51.56
N PHE G 99 16.52 -34.38 -52.13
CA PHE G 99 17.92 -34.20 -51.82
C PHE G 99 18.59 -33.79 -53.12
N GLY G 100 19.77 -33.19 -53.03
CA GLY G 100 20.50 -32.87 -54.24
C GLY G 100 21.02 -34.12 -54.93
N GLN G 101 21.48 -33.94 -56.16
CA GLN G 101 21.98 -35.09 -56.91
C GLN G 101 23.35 -35.55 -56.44
N GLY G 102 24.02 -34.80 -55.60
CA GLY G 102 25.31 -35.20 -55.07
C GLY G 102 26.44 -34.47 -55.75
N THR G 103 27.52 -34.25 -55.00
CA THR G 103 28.74 -33.67 -55.54
C THR G 103 29.91 -34.48 -55.04
N LYS G 104 30.61 -35.15 -55.94
CA LYS G 104 31.74 -36.00 -55.61
C LYS G 104 33.01 -35.17 -55.67
N VAL G 105 33.56 -34.83 -54.52
CA VAL G 105 34.87 -34.21 -54.44
C VAL G 105 35.90 -35.32 -54.41
N GLU G 106 36.85 -35.27 -55.33
CA GLU G 106 37.73 -36.40 -55.58
C GLU G 106 39.10 -35.89 -55.98
N ILE G 107 40.10 -36.76 -55.81
CA ILE G 107 41.50 -36.35 -55.88
C ILE G 107 41.91 -36.16 -57.33
N LYS G 108 42.52 -35.02 -57.61
CA LYS G 108 42.94 -34.66 -58.96
C LYS G 108 44.20 -35.40 -59.37
N GLY H 1 71.02 2.40 -63.32
CA GLY H 1 70.70 2.85 -64.66
C GLY H 1 69.33 2.41 -65.13
N ASP H 2 69.06 2.59 -66.42
CA ASP H 2 67.77 2.20 -66.99
C ASP H 2 67.71 0.69 -67.15
N ILE H 3 66.52 0.19 -67.42
CA ILE H 3 66.33 -1.22 -67.73
C ILE H 3 66.24 -1.37 -69.23
N GLN H 4 67.16 -2.14 -69.80
CA GLN H 4 67.19 -2.36 -71.24
C GLN H 4 66.22 -3.46 -71.62
N LEU H 5 65.55 -3.27 -72.75
CA LEU H 5 64.76 -4.33 -73.35
C LEU H 5 65.47 -4.87 -74.56
N THR H 6 65.13 -6.09 -74.94
CA THR H 6 65.69 -6.74 -76.10
C THR H 6 64.57 -7.48 -76.80
N GLN H 7 64.04 -6.88 -77.85
CA GLN H 7 62.95 -7.49 -78.61
C GLN H 7 63.52 -8.15 -79.84
N SER H 8 63.31 -9.46 -79.96
CA SER H 8 63.90 -10.19 -81.05
C SER H 8 62.89 -11.16 -81.64
N PRO H 9 62.79 -11.26 -82.98
CA PRO H 9 63.46 -10.38 -83.95
C PRO H 9 62.69 -9.08 -84.08
N SER H 10 63.34 -8.03 -84.58
CA SER H 10 62.67 -6.75 -84.73
C SER H 10 61.76 -6.69 -85.94
N SER H 11 61.78 -7.71 -86.80
CA SER H 11 60.76 -7.91 -87.82
C SER H 11 60.75 -9.37 -88.19
N LEU H 12 59.61 -9.83 -88.71
CA LEU H 12 59.52 -11.17 -89.25
C LEU H 12 58.39 -11.21 -90.27
N SER H 13 58.78 -11.31 -91.55
CA SER H 13 57.84 -11.40 -92.66
C SER H 13 57.29 -12.81 -92.71
N ALA H 14 55.98 -12.94 -92.55
CA ALA H 14 55.38 -14.23 -92.25
C ALA H 14 54.28 -14.56 -93.24
N SER H 15 53.68 -15.74 -93.04
CA SER H 15 52.70 -16.31 -93.96
C SER H 15 51.45 -16.72 -93.19
N VAL H 16 50.51 -17.32 -93.92
CA VAL H 16 49.19 -17.59 -93.36
C VAL H 16 49.24 -18.83 -92.49
N GLY H 17 48.67 -18.73 -91.28
CA GLY H 17 48.55 -19.87 -90.41
C GLY H 17 49.79 -20.22 -89.62
N ASP H 18 50.74 -19.30 -89.51
CA ASP H 18 52.00 -19.56 -88.82
C ASP H 18 51.80 -19.61 -87.31
N ARG H 19 52.90 -19.86 -86.60
CA ARG H 19 52.95 -19.77 -85.15
C ARG H 19 54.24 -19.06 -84.79
N VAL H 20 54.19 -17.73 -84.72
CA VAL H 20 55.35 -16.87 -84.58
C VAL H 20 55.61 -16.65 -83.10
N THR H 21 56.87 -16.76 -82.69
CA THR H 21 57.29 -16.53 -81.32
C THR H 21 58.12 -15.25 -81.29
N ILE H 22 57.49 -14.13 -80.96
CA ILE H 22 58.19 -12.86 -80.88
C ILE H 22 58.69 -12.69 -79.45
N THR H 23 60.00 -12.69 -79.30
CA THR H 23 60.65 -12.71 -78.00
C THR H 23 60.96 -11.30 -77.56
N CYS H 24 60.69 -11.01 -76.29
CA CYS H 24 61.12 -9.77 -75.67
C CYS H 24 61.97 -10.19 -74.47
N ARG H 25 63.26 -9.90 -74.55
CA ARG H 25 64.18 -10.23 -73.47
C ARG H 25 64.44 -8.99 -72.64
N ALA H 26 64.86 -9.21 -71.40
CA ALA H 26 65.00 -8.12 -70.45
C ALA H 26 66.40 -8.11 -69.87
N SER H 27 66.85 -6.90 -69.52
CA SER H 27 68.16 -6.77 -68.89
C SER H 27 68.14 -7.14 -67.42
N GLN H 28 66.99 -7.06 -66.77
CA GLN H 28 66.87 -7.43 -65.37
C GLN H 28 65.87 -8.55 -65.23
N SER H 29 65.69 -9.02 -64.00
CA SER H 29 64.68 -10.03 -63.70
C SER H 29 63.38 -9.32 -63.32
N ILE H 30 62.44 -9.28 -64.26
CA ILE H 30 61.14 -8.63 -64.09
C ILE H 30 60.13 -9.75 -63.87
N SER H 31 59.31 -9.61 -62.83
CA SER H 31 58.43 -10.67 -62.34
C SER H 31 57.48 -11.21 -63.40
N SER H 32 56.50 -10.41 -63.81
CA SER H 32 55.76 -10.69 -65.02
C SER H 32 55.38 -9.43 -65.78
N TYR H 33 55.98 -8.29 -65.44
CA TYR H 33 55.41 -6.99 -65.78
C TYR H 33 55.76 -6.65 -67.21
N LEU H 34 55.11 -7.32 -68.16
CA LEU H 34 55.37 -7.10 -69.56
C LEU H 34 54.08 -7.30 -70.34
N ASN H 35 53.93 -6.51 -71.39
CA ASN H 35 52.67 -6.48 -72.12
C ASN H 35 52.95 -6.63 -73.60
N TRP H 36 51.89 -6.54 -74.40
CA TRP H 36 52.00 -6.68 -75.85
C TRP H 36 50.93 -5.82 -76.51
N TYR H 37 51.25 -5.28 -77.69
CA TYR H 37 50.35 -4.34 -78.33
C TYR H 37 50.16 -4.64 -79.81
N GLN H 38 48.96 -4.36 -80.31
CA GLN H 38 48.74 -4.33 -81.75
C GLN H 38 48.81 -2.89 -82.24
N GLN H 39 49.62 -2.64 -83.27
CA GLN H 39 49.59 -1.35 -83.95
C GLN H 39 49.71 -1.54 -85.46
N LYS H 40 48.58 -1.41 -86.16
CA LYS H 40 48.77 -1.07 -87.55
C LYS H 40 49.25 0.37 -87.64
N PRO H 41 50.15 0.71 -88.56
CA PRO H 41 50.84 2.01 -88.49
C PRO H 41 49.92 3.20 -88.72
N GLY H 42 49.68 3.95 -87.64
CA GLY H 42 48.70 5.01 -87.60
C GLY H 42 47.55 4.78 -86.66
N LYS H 43 47.48 3.62 -86.02
CA LYS H 43 46.39 3.29 -85.12
C LYS H 43 46.80 3.57 -83.68
N ALA H 44 45.91 3.23 -82.76
CA ALA H 44 46.23 3.28 -81.35
C ALA H 44 46.72 1.91 -80.91
N PRO H 45 47.69 1.84 -79.99
CA PRO H 45 48.23 0.53 -79.61
C PRO H 45 47.25 -0.27 -78.76
N LYS H 46 46.64 -1.27 -79.40
CA LYS H 46 45.64 -2.13 -78.79
C LYS H 46 46.36 -3.19 -77.95
N LEU H 47 46.14 -3.17 -76.64
CA LEU H 47 46.78 -4.09 -75.71
C LEU H 47 46.38 -5.53 -75.98
N LEU H 48 47.37 -6.43 -75.93
CA LEU H 48 47.14 -7.83 -76.24
C LEU H 48 47.26 -8.73 -75.04
N ILE H 49 48.36 -8.67 -74.29
CA ILE H 49 48.56 -9.49 -73.10
C ILE H 49 48.89 -8.56 -71.95
N TYR H 50 48.35 -8.84 -70.77
CA TYR H 50 48.74 -8.11 -69.59
C TYR H 50 49.34 -9.09 -68.60
N ALA H 51 50.37 -8.64 -67.88
CA ALA H 51 51.19 -9.42 -66.96
C ALA H 51 51.85 -10.63 -67.63
N ALA H 52 52.07 -10.56 -68.94
CA ALA H 52 52.84 -11.50 -69.77
C ALA H 52 52.27 -12.92 -69.84
N SER H 53 51.15 -13.20 -69.15
CA SER H 53 50.59 -14.53 -69.12
C SER H 53 49.07 -14.54 -69.10
N SER H 54 48.41 -13.50 -69.60
CA SER H 54 46.96 -13.41 -69.48
C SER H 54 46.38 -12.77 -70.73
N LEU H 55 45.31 -13.38 -71.25
CA LEU H 55 44.68 -12.92 -72.49
C LEU H 55 43.88 -11.64 -72.24
N GLN H 56 43.24 -11.15 -73.29
CA GLN H 56 42.50 -9.90 -73.20
C GLN H 56 41.18 -10.03 -73.95
N SER H 57 40.19 -9.26 -73.50
CA SER H 57 38.89 -9.17 -74.14
C SER H 57 39.02 -8.73 -75.60
N GLY H 58 38.23 -9.37 -76.47
CA GLY H 58 38.29 -9.13 -77.89
C GLY H 58 39.40 -9.87 -78.62
N VAL H 59 40.45 -10.27 -77.92
CA VAL H 59 41.60 -10.94 -78.51
C VAL H 59 41.52 -12.42 -78.14
N PRO H 60 41.26 -13.31 -79.08
CA PRO H 60 41.22 -14.75 -78.76
C PRO H 60 42.60 -15.32 -78.45
N SER H 61 42.62 -16.63 -78.24
CA SER H 61 43.84 -17.31 -77.83
C SER H 61 44.77 -17.63 -78.99
N ARG H 62 44.55 -17.07 -80.18
CA ARG H 62 45.56 -17.09 -81.23
C ARG H 62 46.83 -16.36 -80.83
N PHE H 63 46.73 -15.41 -79.90
CA PHE H 63 47.87 -14.84 -79.20
C PHE H 63 47.91 -15.51 -77.82
N SER H 64 49.11 -15.67 -77.26
CA SER H 64 49.31 -16.43 -76.04
C SER H 64 50.65 -16.08 -75.44
N GLY H 65 50.63 -15.50 -74.24
CA GLY H 65 51.85 -15.07 -73.60
C GLY H 65 52.34 -16.02 -72.53
N SER H 66 53.66 -16.03 -72.34
CA SER H 66 54.30 -16.75 -71.24
C SER H 66 55.68 -16.16 -71.02
N GLY H 67 56.30 -16.57 -69.93
CA GLY H 67 57.64 -16.15 -69.57
C GLY H 67 57.67 -15.32 -68.30
N SER H 68 58.87 -15.20 -67.75
CA SER H 68 59.10 -14.45 -66.52
C SER H 68 60.58 -14.15 -66.40
N GLY H 69 60.92 -13.33 -65.41
CA GLY H 69 62.32 -13.04 -65.16
C GLY H 69 62.88 -12.10 -66.19
N THR H 70 63.75 -12.65 -67.05
CA THR H 70 64.32 -11.88 -68.15
C THR H 70 63.65 -12.21 -69.46
N ASP H 71 63.08 -13.40 -69.57
CA ASP H 71 62.68 -13.97 -70.84
C ASP H 71 61.17 -13.87 -70.97
N PHE H 72 60.70 -13.25 -72.04
CA PHE H 72 59.28 -13.08 -72.27
C PHE H 72 58.95 -13.45 -73.70
N THR H 73 57.78 -14.01 -73.90
CA THR H 73 57.45 -14.68 -75.15
C THR H 73 56.07 -14.26 -75.64
N LEU H 74 56.00 -13.88 -76.91
CA LEU H 74 54.76 -13.63 -77.62
C LEU H 74 54.47 -14.85 -78.49
N THR H 75 53.45 -15.61 -78.12
CA THR H 75 53.11 -16.87 -78.77
C THR H 75 51.92 -16.61 -79.69
N ILE H 76 52.20 -16.18 -80.90
CA ILE H 76 51.17 -16.00 -81.91
C ILE H 76 50.95 -17.36 -82.57
N SER H 77 49.70 -17.80 -82.64
CA SER H 77 49.37 -19.10 -83.19
C SER H 77 48.24 -18.96 -84.20
N SER H 78 48.30 -19.77 -85.26
CA SER H 78 47.33 -19.82 -86.35
C SER H 78 47.15 -18.43 -86.99
N LEU H 79 48.23 -17.97 -87.61
CA LEU H 79 48.40 -16.56 -87.94
C LEU H 79 47.40 -16.09 -88.98
N GLN H 80 46.63 -15.07 -88.61
CA GLN H 80 45.46 -14.61 -89.33
C GLN H 80 45.82 -13.44 -90.23
N PRO H 81 45.09 -13.26 -91.33
CA PRO H 81 45.39 -12.14 -92.26
C PRO H 81 45.22 -10.74 -91.67
N GLU H 82 44.52 -10.59 -90.54
CA GLU H 82 44.45 -9.31 -89.88
C GLU H 82 45.58 -9.11 -88.87
N ASP H 83 46.30 -10.17 -88.51
CA ASP H 83 47.30 -10.06 -87.47
C ASP H 83 48.62 -9.50 -87.96
N PHE H 84 48.73 -9.16 -89.25
CA PHE H 84 49.99 -8.68 -89.81
C PHE H 84 50.10 -7.18 -89.56
N ALA H 85 50.84 -6.79 -88.52
CA ALA H 85 50.97 -5.40 -88.13
C ALA H 85 52.25 -5.25 -87.31
N THR H 86 52.42 -4.06 -86.73
CA THR H 86 53.62 -3.73 -85.96
C THR H 86 53.31 -3.86 -84.47
N TYR H 87 54.04 -4.72 -83.78
CA TYR H 87 53.72 -5.10 -82.42
C TYR H 87 54.81 -4.62 -81.48
N TYR H 88 54.53 -4.71 -80.18
CA TYR H 88 55.38 -4.13 -79.15
C TYR H 88 55.29 -4.90 -77.85
N CYS H 89 56.42 -5.03 -77.15
CA CYS H 89 56.44 -5.44 -75.77
C CYS H 89 56.58 -4.23 -74.85
N GLN H 90 56.51 -4.48 -73.55
CA GLN H 90 56.34 -3.42 -72.57
C GLN H 90 56.73 -3.85 -71.17
N GLN H 91 57.64 -3.11 -70.54
CA GLN H 91 57.89 -3.26 -69.12
C GLN H 91 56.96 -2.35 -68.35
N SER H 92 56.68 -2.72 -67.10
CA SER H 92 56.15 -1.79 -66.12
C SER H 92 56.80 -2.01 -64.76
N TYR H 93 58.02 -2.53 -64.77
CA TYR H 93 58.69 -2.94 -63.54
C TYR H 93 59.11 -1.73 -62.72
N SER H 94 59.91 -0.86 -63.33
CA SER H 94 60.44 0.32 -62.66
C SER H 94 60.00 1.56 -63.40
N THR H 95 60.45 2.68 -62.90
CA THR H 95 60.43 3.92 -63.65
C THR H 95 61.85 4.26 -64.05
N PRO H 96 62.15 4.55 -65.33
CA PRO H 96 61.31 4.70 -66.53
C PRO H 96 60.81 3.41 -67.16
N ARG H 97 59.62 3.50 -67.76
CA ARG H 97 59.13 2.43 -68.61
C ARG H 97 59.75 2.58 -69.99
N THR H 98 60.15 1.47 -70.57
CA THR H 98 60.56 1.46 -71.96
C THR H 98 59.72 0.43 -72.68
N PHE H 99 59.62 0.58 -73.98
CA PHE H 99 58.88 -0.33 -74.82
C PHE H 99 59.88 -0.96 -75.77
N GLY H 100 59.54 -2.11 -76.34
CA GLY H 100 60.41 -2.70 -77.33
C GLY H 100 60.43 -1.89 -78.62
N GLN H 101 61.38 -2.21 -79.49
CA GLN H 101 61.48 -1.46 -80.74
C GLN H 101 60.40 -1.83 -81.74
N GLY H 102 59.65 -2.89 -81.50
CA GLY H 102 58.58 -3.27 -82.40
C GLY H 102 58.96 -4.45 -83.26
N THR H 103 57.96 -5.25 -83.61
CA THR H 103 58.14 -6.37 -84.52
C THR H 103 57.01 -6.35 -85.52
N LYS H 104 57.33 -6.10 -86.78
CA LYS H 104 56.33 -6.02 -87.84
C LYS H 104 56.17 -7.40 -88.46
N VAL H 105 55.05 -8.03 -88.17
CA VAL H 105 54.67 -9.27 -88.83
C VAL H 105 53.91 -8.89 -90.09
N GLU H 106 54.37 -9.39 -91.23
CA GLU H 106 53.91 -8.90 -92.51
C GLU H 106 53.87 -10.04 -93.51
N ILE H 107 53.09 -9.84 -94.57
CA ILE H 107 52.73 -10.93 -95.47
C ILE H 107 53.89 -11.23 -96.40
N LYS H 108 54.26 -12.51 -96.49
CA LYS H 108 55.38 -12.96 -97.29
C LYS H 108 55.03 -12.99 -98.77
N GLY I 1 36.77 -54.19 26.23
CA GLY I 1 38.19 -54.40 26.05
C GLY I 1 38.81 -53.47 25.01
N ASP I 2 40.05 -53.75 24.63
CA ASP I 2 40.72 -52.94 23.62
C ASP I 2 40.20 -53.27 22.24
N ILE I 3 40.55 -52.43 21.28
CA ILE I 3 40.22 -52.68 19.88
C ILE I 3 41.44 -53.28 19.20
N GLN I 4 41.28 -54.48 18.68
CA GLN I 4 42.37 -55.17 18.02
C GLN I 4 42.49 -54.71 16.57
N LEU I 5 43.72 -54.56 16.10
CA LEU I 5 43.98 -54.33 14.70
C LEU I 5 44.53 -55.59 14.07
N THR I 6 44.39 -55.70 12.77
CA THR I 6 44.89 -56.83 12.01
C THR I 6 45.48 -56.28 10.71
N GLN I 7 46.79 -56.15 10.67
CA GLN I 7 47.48 -55.64 9.50
C GLN I 7 48.03 -56.81 8.71
N SER I 8 47.60 -56.93 7.46
CA SER I 8 47.99 -58.07 6.67
C SER I 8 48.35 -57.63 5.25
N PRO I 9 49.45 -58.14 4.68
CA PRO I 9 50.47 -58.95 5.35
C PRO I 9 51.41 -58.08 6.16
N SER I 10 52.10 -58.65 7.12
CA SER I 10 53.01 -57.87 7.94
C SER I 10 54.33 -57.57 7.24
N SER I 11 54.57 -58.15 6.08
CA SER I 11 55.65 -57.74 5.20
C SER I 11 55.29 -58.19 3.79
N LEU I 12 55.86 -57.49 2.80
CA LEU I 12 55.73 -57.92 1.42
C LEU I 12 56.91 -57.37 0.63
N SER I 13 57.81 -58.28 0.24
CA SER I 13 58.98 -57.94 -0.55
C SER I 13 58.55 -57.77 -1.99
N ALA I 14 58.75 -56.58 -2.54
CA ALA I 14 58.09 -56.18 -3.76
C ALA I 14 59.10 -55.70 -4.80
N SER I 15 58.57 -55.31 -5.96
CA SER I 15 59.37 -54.97 -7.12
C SER I 15 58.92 -53.62 -7.68
N VAL I 16 59.55 -53.23 -8.79
CA VAL I 16 59.36 -51.88 -9.32
C VAL I 16 58.04 -51.80 -10.08
N GLY I 17 57.24 -50.77 -9.78
CA GLY I 17 56.03 -50.52 -10.51
C GLY I 17 54.83 -51.34 -10.09
N ASP I 18 54.87 -51.93 -8.91
CA ASP I 18 53.80 -52.79 -8.44
C ASP I 18 52.57 -51.98 -8.05
N ARG I 19 51.54 -52.70 -7.61
CA ARG I 19 50.36 -52.11 -7.02
C ARG I 19 49.98 -52.96 -5.81
N VAL I 20 50.55 -52.60 -4.65
CA VAL I 20 50.47 -53.40 -3.43
C VAL I 20 49.26 -52.94 -2.64
N THR I 21 48.48 -53.90 -2.15
CA THR I 21 47.31 -53.63 -1.32
C THR I 21 47.63 -54.10 0.09
N ILE I 22 48.06 -53.18 0.95
CA ILE I 22 48.36 -53.49 2.34
C ILE I 22 47.09 -53.29 3.16
N THR I 23 46.57 -54.38 3.67
CA THR I 23 45.27 -54.40 4.34
C THR I 23 45.45 -54.21 5.84
N CYS I 24 44.61 -53.36 6.42
CA CYS I 24 44.52 -53.22 7.87
C CYS I 24 43.08 -53.54 8.21
N ARG I 25 42.88 -54.65 8.91
CA ARG I 25 41.55 -55.06 9.33
C ARG I 25 41.34 -54.69 10.79
N ALA I 26 40.09 -54.56 11.17
CA ALA I 26 39.74 -54.07 12.49
C ALA I 26 38.84 -55.05 13.22
N SER I 27 38.96 -55.06 14.54
CA SER I 27 38.11 -55.91 15.35
C SER I 27 36.71 -55.34 15.52
N GLN I 28 36.54 -54.03 15.39
CA GLN I 28 35.23 -53.40 15.51
C GLN I 28 34.91 -52.68 14.21
N SER I 29 33.72 -52.10 14.17
CA SER I 29 33.32 -51.27 13.04
C SER I 29 33.72 -49.83 13.30
N ILE I 30 34.81 -49.40 12.67
CA ILE I 30 35.35 -48.05 12.82
C ILE I 30 34.97 -47.29 11.56
N SER I 31 34.41 -46.08 11.74
CA SER I 31 33.78 -45.32 10.66
C SER I 31 34.71 -45.04 9.48
N SER I 32 35.71 -44.20 9.68
CA SER I 32 36.82 -44.12 8.75
C SER I 32 38.14 -43.86 9.45
N TYR I 33 38.20 -44.01 10.76
CA TYR I 33 39.25 -43.39 11.57
C TYR I 33 40.50 -44.25 11.49
N LEU I 34 41.18 -44.21 10.36
CA LEU I 34 42.37 -45.01 10.17
C LEU I 34 43.32 -44.25 9.25
N ASN I 35 44.61 -44.39 9.52
CA ASN I 35 45.61 -43.59 8.84
C ASN I 35 46.70 -44.50 8.30
N TRP I 36 47.74 -43.90 7.72
CA TRP I 36 48.85 -44.65 7.15
C TRP I 36 50.12 -43.81 7.28
N TYR I 37 51.24 -44.49 7.46
CA TYR I 37 52.49 -43.78 7.72
C TYR I 37 53.64 -44.31 6.89
N GLN I 38 54.56 -43.42 6.52
CA GLN I 38 55.84 -43.83 5.98
C GLN I 38 56.90 -43.81 7.07
N GLN I 39 57.62 -44.92 7.25
CA GLN I 39 58.79 -44.92 8.11
C GLN I 39 59.92 -45.70 7.48
N LYS I 40 60.91 -45.00 6.93
CA LYS I 40 62.18 -45.69 6.82
C LYS I 40 62.76 -45.85 8.23
N PRO I 41 63.41 -46.97 8.53
CA PRO I 41 63.74 -47.29 9.93
C PRO I 41 64.75 -46.34 10.54
N GLY I 42 64.26 -45.51 11.47
CA GLY I 42 65.02 -44.43 12.04
C GLY I 42 64.47 -43.05 11.76
N LYS I 43 63.43 -42.95 10.94
CA LYS I 43 62.86 -41.66 10.57
C LYS I 43 61.65 -41.35 11.45
N ALA I 44 61.01 -40.25 11.13
CA ALA I 44 59.75 -39.91 11.78
C ALA I 44 58.59 -40.43 10.93
N PRO I 45 57.51 -40.91 11.52
CA PRO I 45 56.42 -41.48 10.73
C PRO I 45 55.65 -40.42 9.96
N LYS I 46 55.90 -40.36 8.66
CA LYS I 46 55.30 -39.38 7.76
C LYS I 46 53.91 -39.88 7.39
N LEU I 47 52.89 -39.11 7.78
CA LEU I 47 51.49 -39.47 7.54
C LEU I 47 51.18 -39.53 6.05
N LEU I 48 50.42 -40.56 5.65
CA LEU I 48 50.13 -40.77 4.24
C LEU I 48 48.65 -40.53 3.92
N ILE I 49 47.73 -41.17 4.62
CA ILE I 49 46.30 -41.01 4.40
C ILE I 49 45.67 -40.61 5.72
N TYR I 50 44.72 -39.69 5.68
CA TYR I 50 43.94 -39.39 6.87
C TYR I 50 42.49 -39.68 6.56
N ALA I 51 41.78 -40.19 7.58
CA ALA I 51 40.40 -40.68 7.52
C ALA I 51 40.21 -41.78 6.48
N ALA I 52 41.27 -42.52 6.17
CA ALA I 52 41.30 -43.74 5.36
C ALA I 52 40.89 -43.55 3.90
N SER I 53 40.51 -42.34 3.49
CA SER I 53 40.05 -42.10 2.14
C SER I 53 40.49 -40.76 1.57
N SER I 54 41.58 -40.18 2.07
CA SER I 54 41.97 -38.84 1.65
C SER I 54 43.48 -38.73 1.56
N LEU I 55 43.96 -38.14 0.48
CA LEU I 55 45.39 -38.02 0.23
C LEU I 55 46.01 -36.95 1.12
N GLN I 56 47.31 -36.74 0.95
CA GLN I 56 48.03 -35.80 1.80
C GLN I 56 48.99 -34.98 0.94
N SER I 57 49.27 -33.76 1.41
CA SER I 57 50.25 -32.87 0.79
C SER I 57 51.62 -33.52 0.71
N GLY I 58 52.29 -33.32 -0.42
CA GLY I 58 53.58 -33.94 -0.68
C GLY I 58 53.51 -35.37 -1.16
N VAL I 59 52.42 -36.09 -0.89
CA VAL I 59 52.27 -37.49 -1.25
C VAL I 59 51.31 -37.56 -2.43
N PRO I 60 51.76 -37.91 -3.63
CA PRO I 60 50.85 -38.03 -4.77
C PRO I 60 49.91 -39.23 -4.65
N SER I 61 49.13 -39.43 -5.71
CA SER I 61 48.10 -40.46 -5.72
C SER I 61 48.64 -41.84 -6.05
N ARG I 62 49.96 -42.03 -6.06
CA ARG I 62 50.53 -43.38 -6.06
C ARG I 62 50.14 -44.18 -4.82
N PHE I 63 49.83 -43.50 -3.72
CA PHE I 63 49.16 -44.08 -2.58
C PHE I 63 47.69 -43.67 -2.66
N SER I 64 46.80 -44.52 -2.17
CA SER I 64 45.36 -44.32 -2.35
C SER I 64 44.60 -45.18 -1.35
N GLY I 65 43.88 -44.52 -0.44
CA GLY I 65 43.17 -45.24 0.60
C GLY I 65 41.70 -45.41 0.31
N SER I 66 41.13 -46.49 0.86
CA SER I 66 39.69 -46.73 0.84
C SER I 66 39.36 -47.73 1.94
N GLY I 67 38.07 -47.89 2.17
CA GLY I 67 37.56 -48.84 3.15
C GLY I 67 36.86 -48.14 4.30
N SER I 68 36.10 -48.94 5.04
CA SER I 68 35.35 -48.47 6.20
C SER I 68 34.94 -49.66 7.03
N GLY I 69 34.39 -49.36 8.21
CA GLY I 69 33.87 -50.43 9.06
C GLY I 69 35.00 -51.18 9.73
N THR I 70 35.20 -52.43 9.27
CA THR I 70 36.30 -53.25 9.77
C THR I 70 37.45 -53.28 8.80
N ASP I 71 37.17 -53.06 7.52
CA ASP I 71 38.08 -53.37 6.44
C ASP I 71 38.70 -52.08 5.94
N PHE I 72 40.03 -52.00 5.94
CA PHE I 72 40.71 -50.81 5.48
C PHE I 72 41.86 -51.21 4.56
N THR I 73 42.12 -50.37 3.57
CA THR I 73 42.95 -50.75 2.46
C THR I 73 43.97 -49.67 2.13
N LEU I 74 45.22 -50.07 2.01
CA LEU I 74 46.32 -49.23 1.52
C LEU I 74 46.56 -49.61 0.06
N THR I 75 46.23 -48.69 -0.84
CA THR I 75 46.29 -48.93 -2.26
C THR I 75 47.54 -48.22 -2.79
N ILE I 76 48.66 -48.90 -2.73
CA ILE I 76 49.90 -48.39 -3.31
C ILE I 76 49.89 -48.76 -4.78
N SER I 77 50.13 -47.77 -5.64
CA SER I 77 50.10 -47.98 -7.08
C SER I 77 51.34 -47.39 -7.71
N SER I 78 51.84 -48.07 -8.76
CA SER I 78 53.03 -47.69 -9.53
C SER I 78 54.25 -47.51 -8.61
N LEU I 79 54.66 -48.65 -8.03
CA LEU I 79 55.52 -48.65 -6.85
C LEU I 79 56.91 -48.12 -7.17
N GLN I 80 57.30 -47.08 -6.44
CA GLN I 80 58.46 -46.27 -6.71
C GLN I 80 59.64 -46.73 -5.88
N PRO I 81 60.87 -46.52 -6.37
CA PRO I 81 62.07 -46.96 -5.61
C PRO I 81 62.27 -46.27 -4.26
N GLU I 82 61.60 -45.14 -4.00
CA GLU I 82 61.65 -44.54 -2.67
C GLU I 82 60.56 -45.05 -1.76
N ASP I 83 59.56 -45.75 -2.28
CA ASP I 83 58.43 -46.17 -1.46
C ASP I 83 58.70 -47.44 -0.67
N PHE I 84 59.90 -48.01 -0.77
CA PHE I 84 60.21 -49.26 -0.10
C PHE I 84 60.66 -48.96 1.33
N ALA I 85 59.74 -49.08 2.28
CA ALA I 85 60.01 -48.74 3.68
C ALA I 85 59.01 -49.49 4.56
N THR I 86 59.02 -49.16 5.85
CA THR I 86 58.16 -49.80 6.84
C THR I 86 56.95 -48.92 7.12
N TYR I 87 55.76 -49.46 6.88
CA TYR I 87 54.55 -48.66 6.90
C TYR I 87 53.64 -49.12 8.03
N TYR I 88 52.60 -48.33 8.29
CA TYR I 88 51.75 -48.53 9.45
C TYR I 88 50.34 -48.03 9.21
N CYS I 89 49.36 -48.77 9.74
CA CYS I 89 48.00 -48.26 9.86
C CYS I 89 47.75 -47.75 11.27
N GLN I 90 46.56 -47.19 11.48
CA GLN I 90 46.29 -46.40 12.68
C GLN I 90 44.80 -46.24 12.92
N GLN I 91 44.35 -46.62 14.11
CA GLN I 91 43.00 -46.25 14.56
C GLN I 91 43.06 -44.91 15.28
N SER I 92 41.94 -44.22 15.28
CA SER I 92 41.69 -43.14 16.22
C SER I 92 40.26 -43.17 16.73
N TYR I 93 39.66 -44.36 16.73
CA TYR I 93 38.24 -44.50 17.03
C TYR I 93 37.99 -44.28 18.52
N SER I 94 38.65 -45.06 19.36
CA SER I 94 38.46 -45.00 20.80
C SER I 94 39.79 -44.69 21.47
N THR I 95 39.74 -44.65 22.75
CA THR I 95 40.95 -44.70 23.57
C THR I 95 41.01 -46.05 24.25
N PRO I 96 42.12 -46.81 24.17
CA PRO I 96 43.45 -46.55 23.59
C PRO I 96 43.54 -46.63 22.07
N ARG I 97 44.43 -45.83 21.51
CA ARG I 97 44.81 -45.98 20.12
C ARG I 97 45.84 -47.08 20.00
N THR I 98 45.69 -47.92 18.99
CA THR I 98 46.74 -48.87 18.65
C THR I 98 47.12 -48.65 17.20
N PHE I 99 48.31 -49.10 16.85
CA PHE I 99 48.80 -48.98 15.49
C PHE I 99 49.00 -50.39 15.00
N GLY I 100 49.07 -50.57 13.68
CA GLY I 100 49.37 -51.89 13.16
C GLY I 100 50.80 -52.28 13.43
N GLN I 101 51.10 -53.57 13.20
CA GLN I 101 52.45 -54.04 13.45
C GLN I 101 53.45 -53.59 12.39
N GLY I 102 52.99 -53.04 11.29
CA GLY I 102 53.90 -52.55 10.26
C GLY I 102 53.95 -53.50 9.09
N THR I 103 54.19 -52.93 7.91
CA THR I 103 54.39 -53.71 6.69
C THR I 103 55.57 -53.13 5.95
N LYS I 104 56.65 -53.91 5.86
CA LYS I 104 57.87 -53.47 5.21
C LYS I 104 57.81 -53.86 3.74
N VAL I 105 57.60 -52.88 2.87
CA VAL I 105 57.71 -53.08 1.44
C VAL I 105 59.17 -52.88 1.06
N GLU I 106 59.75 -53.87 0.41
CA GLU I 106 61.19 -53.92 0.22
C GLU I 106 61.52 -54.55 -1.12
N ILE I 107 62.73 -54.26 -1.60
CA ILE I 107 63.08 -54.56 -2.98
C ILE I 107 63.38 -56.05 -3.14
N LYS I 108 62.76 -56.66 -4.14
CA LYS I 108 62.88 -58.08 -4.39
C LYS I 108 64.21 -58.41 -5.05
#